data_9SHL
#
_entry.id   9SHL
#
_cell.length_a   1.00
_cell.length_b   1.00
_cell.length_c   1.00
_cell.angle_alpha   90.00
_cell.angle_beta   90.00
_cell.angle_gamma   90.00
#
_symmetry.space_group_name_H-M   'P 1'
#
loop_
_entity.id
_entity.type
_entity.pdbx_description
1 polymer '60 kDa heat shock protein, mitochondrial'
2 non-polymer "ADENOSINE-5'-TRIPHOSPHATE"
3 non-polymer 'MAGNESIUM ION'
4 non-polymer 'POTASSIUM ION'
5 water water
#
_entity_poly.entity_id   1
_entity_poly.type   'polypeptide(L)'
_entity_poly.pdbx_seq_one_letter_code
;GSAKDVKFGADARALMLQGVDLLADAVAVTMGPKGRTVIIEQSWGSPKVTKDGVTVAKSIDLKDKYKNIGAKLVQDVANN
TNEEAGDGTTTATVLARSIAKEGFEKISKGANPVEIRRGVMLAVDAVIAELKKQSKPVTTPEEIAQVATISANGDKEIGN
IISDAMKKVGRKGVITVKDGKTLNDELEIIEGMKFDRGYISPYFINTSKGQKCEFQDAYVLLSEKKISSIQSIVPALEIA
NAHRKPLVIIAEDVDGEALSTLVLNRLKVGLQVVAVKAPGFGDNRKNQLKDMAIATGGAVFGEEGLTLNLEDVQPHDLGK
VGEVIVTKDDAMLLKGKGDKAQIEKRIQEIIEQLDVTTSEYEKEKLNERLAKLSDGVAVLKVGGTSDVEVNEKKDRVTDA
LNATRAAVEEGIVLGGGCALLRCIPALDSLTPANEDQKIGIEIIKRTLKIPAMTIAKNAGVEGSLIVEKIMQSSSEVGYD
AMAGDFVNMVEKGIIDPTKVVRTALLDAAGVASLLTTAEVVVTEIPK
;
_entity_poly.pdbx_strand_id   A,B,C,D,E,F,G
#
# COMPACT_ATOMS: atom_id res chain seq x y z
N GLY A 1 26.74 6.22 2.74
CA GLY A 1 25.55 6.68 3.44
C GLY A 1 25.17 5.78 4.61
N SER A 2 25.44 4.49 4.46
CA SER A 2 25.12 3.52 5.50
C SER A 2 26.28 3.41 6.49
N ALA A 3 25.95 3.06 7.73
CA ALA A 3 26.95 2.90 8.76
C ALA A 3 27.83 1.68 8.47
N LYS A 4 29.10 1.80 8.83
CA LYS A 4 30.11 0.83 8.45
C LYS A 4 30.83 0.26 9.66
N ASP A 5 31.22 -1.01 9.56
CA ASP A 5 32.07 -1.66 10.55
C ASP A 5 33.46 -1.84 9.94
N VAL A 6 34.47 -1.31 10.62
CA VAL A 6 35.84 -1.33 10.12
C VAL A 6 36.69 -2.16 11.07
N LYS A 7 37.35 -3.18 10.54
CA LYS A 7 38.28 -4.01 11.29
C LYS A 7 39.68 -3.86 10.73
N PHE A 8 40.67 -4.07 11.60
CA PHE A 8 42.07 -3.87 11.29
C PHE A 8 42.85 -5.15 11.56
N GLY A 9 43.97 -5.30 10.85
CA GLY A 9 44.98 -6.27 11.23
C GLY A 9 44.56 -7.71 10.96
N ALA A 10 45.00 -8.59 11.85
CA ALA A 10 44.85 -10.02 11.64
C ALA A 10 43.49 -10.57 12.05
N ASP A 11 42.64 -9.77 12.68
CA ASP A 11 41.28 -10.23 12.98
C ASP A 11 40.42 -10.27 11.72
N ALA A 12 40.49 -9.19 10.93
CA ALA A 12 39.79 -9.17 9.64
C ALA A 12 40.35 -10.23 8.71
N ARG A 13 41.67 -10.41 8.69
CA ARG A 13 42.29 -11.46 7.90
C ARG A 13 41.85 -12.84 8.36
N ALA A 14 41.74 -13.05 9.68
CA ALA A 14 41.30 -14.33 10.21
C ALA A 14 39.86 -14.64 9.82
N LEU A 15 38.98 -13.63 9.88
CA LEU A 15 37.59 -13.84 9.47
C LEU A 15 37.47 -14.09 7.97
N MET A 16 38.28 -13.39 7.17
CA MET A 16 38.27 -13.58 5.73
C MET A 16 38.78 -14.97 5.36
N LEU A 17 39.93 -15.36 5.93
CA LEU A 17 40.42 -16.74 5.86
C LEU A 17 39.37 -17.76 6.28
N GLN A 18 38.57 -17.46 7.31
CA GLN A 18 37.53 -18.38 7.75
C GLN A 18 36.47 -18.58 6.66
N GLY A 19 36.03 -17.50 6.01
CA GLY A 19 35.11 -17.63 4.90
C GLY A 19 35.71 -18.38 3.71
N VAL A 20 36.97 -18.08 3.40
CA VAL A 20 37.70 -18.78 2.34
C VAL A 20 37.80 -20.27 2.66
N ASP A 21 38.09 -20.60 3.91
CA ASP A 21 38.26 -21.99 4.32
C ASP A 21 36.94 -22.73 4.29
N LEU A 22 35.83 -22.06 4.64
CA LEU A 22 34.53 -22.74 4.59
C LEU A 22 34.13 -23.06 3.16
N LEU A 23 34.24 -22.06 2.26
CA LEU A 23 33.85 -22.31 0.87
C LEU A 23 34.78 -23.32 0.20
N ALA A 24 36.08 -23.24 0.47
CA ALA A 24 37.02 -24.15 -0.17
C ALA A 24 36.96 -25.54 0.44
N ASP A 25 36.60 -25.67 1.73
CA ASP A 25 36.37 -26.99 2.31
C ASP A 25 35.12 -27.63 1.74
N ALA A 26 34.09 -26.84 1.44
CA ALA A 26 32.93 -27.40 0.77
C ALA A 26 33.25 -27.79 -0.68
N VAL A 27 34.15 -27.05 -1.33
CA VAL A 27 34.47 -27.35 -2.73
C VAL A 27 35.46 -28.52 -2.85
N ALA A 28 36.40 -28.66 -1.90
CA ALA A 28 37.50 -29.60 -2.04
C ALA A 28 37.07 -31.05 -1.88
N VAL A 29 35.87 -31.32 -1.35
CA VAL A 29 35.40 -32.70 -1.24
C VAL A 29 35.05 -33.28 -2.60
N THR A 30 34.93 -32.43 -3.63
CA THR A 30 34.46 -32.83 -4.94
C THR A 30 35.60 -33.22 -5.89
N MET A 31 36.85 -33.15 -5.46
CA MET A 31 37.99 -33.26 -6.36
C MET A 31 38.44 -34.70 -6.54
N GLY A 32 38.66 -35.09 -7.79
CA GLY A 32 39.32 -36.34 -8.11
C GLY A 32 38.34 -37.44 -8.47
N PRO A 33 38.85 -38.67 -8.58
CA PRO A 33 37.97 -39.79 -8.90
C PRO A 33 37.35 -40.44 -7.68
N LYS A 34 37.82 -40.11 -6.48
CA LYS A 34 37.14 -40.45 -5.24
C LYS A 34 36.48 -39.24 -4.60
N GLY A 35 36.21 -38.20 -5.38
CA GLY A 35 35.48 -37.07 -4.88
C GLY A 35 34.00 -37.36 -4.73
N ARG A 36 33.38 -36.64 -3.82
CA ARG A 36 32.00 -36.84 -3.45
C ARG A 36 31.17 -35.65 -3.94
N THR A 37 29.85 -35.76 -3.82
CA THR A 37 28.98 -34.73 -4.36
C THR A 37 28.51 -33.78 -3.26
N VAL A 38 27.91 -32.68 -3.70
CA VAL A 38 27.39 -31.64 -2.81
C VAL A 38 25.94 -31.40 -3.17
N ILE A 39 25.06 -31.48 -2.17
CA ILE A 39 23.64 -31.23 -2.36
C ILE A 39 23.36 -29.78 -2.00
N ILE A 40 22.76 -29.04 -2.93
CA ILE A 40 22.43 -27.63 -2.75
C ILE A 40 20.92 -27.50 -2.76
N GLU A 41 20.36 -26.90 -1.71
CA GLU A 41 18.93 -26.71 -1.61
C GLU A 41 18.47 -25.65 -2.60
N GLN A 42 17.50 -26.01 -3.45
CA GLN A 42 16.92 -25.08 -4.41
C GLN A 42 15.60 -24.56 -3.85
N SER A 43 15.38 -23.25 -4.02
CA SER A 43 14.23 -22.61 -3.38
C SER A 43 12.91 -23.02 -4.03
N TRP A 44 12.90 -23.29 -5.33
CA TRP A 44 11.63 -23.62 -5.99
C TRP A 44 11.26 -25.08 -5.79
N GLY A 45 12.09 -26.00 -6.27
CA GLY A 45 11.72 -27.40 -6.28
C GLY A 45 12.71 -28.36 -5.66
N SER A 46 13.16 -29.32 -6.46
CA SER A 46 14.04 -30.38 -5.99
C SER A 46 15.46 -29.84 -5.79
N PRO A 47 16.18 -30.34 -4.78
CA PRO A 47 17.56 -29.88 -4.56
C PRO A 47 18.51 -30.39 -5.63
N LYS A 48 19.64 -29.70 -5.74
CA LYS A 48 20.61 -29.94 -6.79
C LYS A 48 21.81 -30.71 -6.23
N VAL A 49 22.12 -31.84 -6.84
CA VAL A 49 23.29 -32.64 -6.49
C VAL A 49 24.36 -32.38 -7.53
N THR A 50 25.54 -31.95 -7.09
CA THR A 50 26.58 -31.57 -8.03
C THR A 50 27.95 -31.99 -7.50
N LYS A 51 28.87 -32.18 -8.45
CA LYS A 51 30.29 -32.34 -8.18
C LYS A 51 31.10 -31.19 -8.75
N ASP A 52 30.49 -30.32 -9.56
CA ASP A 52 31.17 -29.20 -10.17
C ASP A 52 31.53 -28.15 -9.13
N GLY A 53 32.77 -27.66 -9.19
CA GLY A 53 33.27 -26.79 -8.13
C GLY A 53 32.66 -25.40 -8.14
N VAL A 54 32.44 -24.83 -9.34
CA VAL A 54 31.96 -23.46 -9.41
C VAL A 54 30.50 -23.38 -8.97
N THR A 55 29.73 -24.46 -9.10
CA THR A 55 28.35 -24.46 -8.63
C THR A 55 28.30 -24.43 -7.10
N VAL A 56 29.18 -25.19 -6.45
CA VAL A 56 29.28 -25.17 -5.00
C VAL A 56 29.80 -23.81 -4.53
N ALA A 57 30.74 -23.22 -5.27
CA ALA A 57 31.27 -21.91 -4.90
C ALA A 57 30.20 -20.82 -5.02
N LYS A 58 29.43 -20.84 -6.10
CA LYS A 58 28.40 -19.82 -6.29
C LYS A 58 27.18 -20.05 -5.42
N SER A 59 26.99 -21.26 -4.89
CA SER A 59 25.83 -21.54 -4.05
C SER A 59 26.02 -21.13 -2.60
N ILE A 60 27.19 -20.61 -2.21
CA ILE A 60 27.52 -20.39 -0.80
C ILE A 60 27.67 -18.90 -0.56
N ASP A 61 26.86 -18.37 0.34
CA ASP A 61 27.00 -17.03 0.89
C ASP A 61 26.88 -17.12 2.40
N LEU A 62 27.45 -16.13 3.09
CA LEU A 62 27.54 -16.19 4.55
C LEU A 62 26.90 -14.96 5.18
N LYS A 63 26.40 -15.15 6.40
CA LYS A 63 25.82 -14.05 7.16
C LYS A 63 26.90 -13.08 7.64
N ASP A 64 28.00 -13.62 8.16
CA ASP A 64 29.15 -12.80 8.51
C ASP A 64 29.74 -12.18 7.26
N LYS A 65 29.80 -10.85 7.22
CA LYS A 65 30.22 -10.17 6.00
C LYS A 65 31.73 -10.23 5.80
N TYR A 66 32.49 -10.29 6.88
CA TYR A 66 33.94 -10.45 6.76
C TYR A 66 34.29 -11.82 6.17
N LYS A 67 33.56 -12.86 6.58
CA LYS A 67 33.73 -14.16 5.94
C LYS A 67 33.16 -14.16 4.53
N ASN A 68 32.08 -13.42 4.30
CA ASN A 68 31.45 -13.38 2.98
C ASN A 68 32.34 -12.70 1.94
N ILE A 69 33.22 -11.78 2.36
CA ILE A 69 34.15 -11.15 1.42
C ILE A 69 35.12 -12.19 0.86
N GLY A 70 35.68 -13.03 1.73
CA GLY A 70 36.54 -14.09 1.27
C GLY A 70 35.81 -15.14 0.47
N ALA A 71 34.56 -15.43 0.85
CA ALA A 71 33.73 -16.34 0.06
C ALA A 71 33.49 -15.80 -1.35
N LYS A 72 33.18 -14.50 -1.46
CA LYS A 72 32.95 -13.90 -2.78
C LYS A 72 34.24 -13.84 -3.59
N LEU A 73 35.40 -13.66 -2.95
CA LEU A 73 36.64 -13.62 -3.70
C LEU A 73 37.00 -14.99 -4.26
N VAL A 74 36.86 -16.05 -3.46
CA VAL A 74 37.12 -17.39 -3.99
C VAL A 74 36.05 -17.78 -5.01
N GLN A 75 34.82 -17.30 -4.83
CA GLN A 75 33.78 -17.47 -5.84
C GLN A 75 34.15 -16.78 -7.15
N ASP A 76 34.81 -15.61 -7.06
CA ASP A 76 35.29 -14.93 -8.25
C ASP A 76 36.40 -15.73 -8.93
N VAL A 77 37.26 -16.37 -8.14
CA VAL A 77 38.28 -17.27 -8.70
C VAL A 77 37.62 -18.40 -9.49
N ALA A 78 36.65 -19.07 -8.87
CA ALA A 78 35.99 -20.21 -9.51
C ALA A 78 35.23 -19.76 -10.76
N ASN A 79 34.58 -18.60 -10.70
CA ASN A 79 33.83 -18.10 -11.84
C ASN A 79 34.75 -17.71 -12.99
N ASN A 80 35.88 -17.06 -12.70
CA ASN A 80 36.83 -16.71 -13.74
C ASN A 80 37.44 -17.95 -14.39
N THR A 81 37.69 -19.00 -13.60
CA THR A 81 38.22 -20.23 -14.17
C THR A 81 37.17 -20.94 -15.03
N ASN A 82 35.91 -20.92 -14.58
CA ASN A 82 34.84 -21.52 -15.38
C ASN A 82 34.60 -20.75 -16.67
N GLU A 83 34.80 -19.43 -16.64
CA GLU A 83 34.62 -18.63 -17.86
C GLU A 83 35.79 -18.82 -18.83
N GLU A 84 37.01 -18.87 -18.32
CA GLU A 84 38.16 -18.89 -19.23
C GLU A 84 38.49 -20.30 -19.71
N ALA A 85 38.08 -21.33 -18.97
CA ALA A 85 38.42 -22.69 -19.34
C ALA A 85 37.25 -23.67 -19.33
N GLY A 86 36.22 -23.42 -18.53
CA GLY A 86 35.12 -24.35 -18.41
C GLY A 86 35.40 -25.57 -17.55
N ASP A 87 36.57 -25.63 -16.92
CA ASP A 87 36.99 -26.78 -16.14
C ASP A 87 38.08 -26.34 -15.19
N GLY A 88 38.34 -27.16 -14.17
CA GLY A 88 39.40 -26.87 -13.23
C GLY A 88 39.05 -25.87 -12.14
N THR A 89 37.76 -25.73 -11.81
CA THR A 89 37.35 -24.76 -10.81
C THR A 89 37.66 -25.21 -9.38
N THR A 90 37.56 -26.52 -9.11
CA THR A 90 37.96 -27.04 -7.81
C THR A 90 39.45 -26.87 -7.57
N THR A 91 40.26 -27.06 -8.62
CA THR A 91 41.70 -26.87 -8.50
C THR A 91 42.04 -25.41 -8.27
N ALA A 92 41.36 -24.50 -8.99
CA ALA A 92 41.56 -23.07 -8.76
C ALA A 92 41.14 -22.67 -7.35
N THR A 93 40.07 -23.27 -6.84
CA THR A 93 39.60 -22.96 -5.50
C THR A 93 40.60 -23.40 -4.43
N VAL A 94 41.13 -24.62 -4.55
CA VAL A 94 42.08 -25.07 -3.52
C VAL A 94 43.41 -24.34 -3.65
N LEU A 95 43.82 -23.97 -4.88
CA LEU A 95 45.04 -23.18 -5.04
C LEU A 95 44.87 -21.78 -4.43
N ALA A 96 43.70 -21.17 -4.64
CA ALA A 96 43.43 -19.85 -4.07
C ALA A 96 43.41 -19.90 -2.54
N ARG A 97 42.81 -20.96 -1.98
CA ARG A 97 42.86 -21.15 -0.53
C ARG A 97 44.29 -21.27 -0.03
N SER A 98 45.11 -22.07 -0.72
CA SER A 98 46.50 -22.26 -0.29
C SER A 98 47.29 -20.96 -0.35
N ILE A 99 47.15 -20.18 -1.42
CA ILE A 99 47.88 -18.93 -1.53
C ILE A 99 47.38 -17.93 -0.49
N ALA A 100 46.06 -17.86 -0.26
CA ALA A 100 45.53 -16.95 0.74
C ALA A 100 46.01 -17.30 2.15
N LYS A 101 46.03 -18.60 2.48
CA LYS A 101 46.47 -19.02 3.81
C LYS A 101 47.96 -18.78 3.99
N GLU A 102 48.78 -19.16 3.01
CA GLU A 102 50.23 -18.98 3.13
C GLU A 102 50.63 -17.52 3.07
N GLY A 103 49.81 -16.66 2.46
CA GLY A 103 50.09 -15.24 2.47
C GLY A 103 49.64 -14.57 3.75
N PHE A 104 48.52 -15.02 4.32
CA PHE A 104 48.09 -14.48 5.62
C PHE A 104 49.06 -14.89 6.73
N GLU A 105 49.62 -16.09 6.65
CA GLU A 105 50.56 -16.53 7.67
C GLU A 105 51.87 -15.76 7.61
N LYS A 106 52.24 -15.23 6.45
CA LYS A 106 53.55 -14.62 6.25
C LYS A 106 53.55 -13.11 6.46
N ILE A 107 52.44 -12.51 6.86
CA ILE A 107 52.38 -11.07 7.02
C ILE A 107 52.90 -10.69 8.40
N SER A 108 53.93 -9.84 8.43
CA SER A 108 54.48 -9.30 9.66
C SER A 108 54.58 -7.79 9.57
N LYS A 109 55.25 -7.16 10.54
CA LYS A 109 55.37 -5.71 10.53
C LYS A 109 56.33 -5.24 9.44
N GLY A 110 57.47 -5.90 9.31
CA GLY A 110 58.45 -5.57 8.30
C GLY A 110 58.20 -6.15 6.92
N ALA A 111 57.08 -6.85 6.72
CA ALA A 111 56.78 -7.48 5.45
C ALA A 111 56.01 -6.53 4.54
N ASN A 112 56.31 -6.61 3.25
CA ASN A 112 55.59 -5.85 2.23
C ASN A 112 54.74 -6.80 1.41
N PRO A 113 53.44 -6.89 1.66
CA PRO A 113 52.60 -7.84 0.90
C PRO A 113 52.48 -7.53 -0.59
N VAL A 114 52.75 -6.30 -1.03
CA VAL A 114 52.69 -6.01 -2.45
C VAL A 114 53.90 -6.58 -3.17
N GLU A 115 55.07 -6.52 -2.54
CA GLU A 115 56.24 -7.21 -3.10
C GLU A 115 56.10 -8.72 -3.01
N ILE A 116 55.39 -9.22 -1.97
CA ILE A 116 55.05 -10.63 -1.90
C ILE A 116 54.15 -11.02 -3.08
N ARG A 117 53.19 -10.16 -3.42
CA ARG A 117 52.33 -10.41 -4.57
C ARG A 117 53.11 -10.37 -5.88
N ARG A 118 54.10 -9.48 -5.96
CA ARG A 118 54.98 -9.45 -7.13
C ARG A 118 55.77 -10.74 -7.27
N GLY A 119 56.33 -11.23 -6.16
CA GLY A 119 56.99 -12.53 -6.17
C GLY A 119 56.06 -13.67 -6.57
N VAL A 120 54.82 -13.65 -6.04
CA VAL A 120 53.79 -14.63 -6.40
C VAL A 120 53.54 -14.63 -7.91
N MET A 121 53.37 -13.45 -8.50
CA MET A 121 53.05 -13.38 -9.92
C MET A 121 54.26 -13.78 -10.77
N LEU A 122 55.47 -13.42 -10.35
CA LEU A 122 56.68 -13.86 -11.04
C LEU A 122 56.83 -15.38 -11.02
N ALA A 123 56.56 -16.00 -9.86
CA ALA A 123 56.67 -17.45 -9.75
C ALA A 123 55.60 -18.16 -10.58
N VAL A 124 54.38 -17.62 -10.59
CA VAL A 124 53.33 -18.19 -11.42
C VAL A 124 53.65 -18.05 -12.90
N ASP A 125 54.30 -16.94 -13.29
CA ASP A 125 54.74 -16.79 -14.68
C ASP A 125 55.78 -17.84 -15.04
N ALA A 126 56.72 -18.09 -14.14
CA ALA A 126 57.71 -19.16 -14.34
C ALA A 126 57.03 -20.53 -14.48
N VAL A 127 56.07 -20.83 -13.59
CA VAL A 127 55.39 -22.12 -13.63
C VAL A 127 54.54 -22.26 -14.90
N ILE A 128 53.97 -21.17 -15.39
CA ILE A 128 53.18 -21.25 -16.62
C ILE A 128 54.08 -21.41 -17.84
N ALA A 129 55.28 -20.82 -17.79
CA ALA A 129 56.27 -21.08 -18.84
C ALA A 129 56.69 -22.55 -18.84
N GLU A 130 56.87 -23.13 -17.66
CA GLU A 130 57.24 -24.55 -17.59
C GLU A 130 56.09 -25.46 -17.99
N LEU A 131 54.84 -25.04 -17.73
CA LEU A 131 53.68 -25.80 -18.20
C LEU A 131 53.58 -25.78 -19.72
N LYS A 132 53.86 -24.62 -20.34
CA LYS A 132 53.88 -24.56 -21.80
C LYS A 132 55.07 -25.32 -22.36
N LYS A 133 56.14 -25.47 -21.57
CA LYS A 133 57.27 -26.28 -22.00
C LYS A 133 56.93 -27.77 -21.98
N GLN A 134 56.30 -28.24 -20.90
CA GLN A 134 55.99 -29.66 -20.74
C GLN A 134 54.80 -30.12 -21.59
N SER A 135 54.05 -29.21 -22.19
CA SER A 135 52.83 -29.58 -22.90
C SER A 135 53.14 -30.36 -24.17
N LYS A 136 52.31 -31.36 -24.46
CA LYS A 136 52.43 -32.13 -25.69
C LYS A 136 51.14 -32.04 -26.49
N PRO A 137 51.21 -32.00 -27.82
CA PRO A 137 50.00 -31.84 -28.62
C PRO A 137 49.21 -33.13 -28.73
N VAL A 138 47.89 -33.01 -28.61
CA VAL A 138 46.98 -34.13 -28.78
C VAL A 138 46.94 -34.53 -30.25
N THR A 139 47.43 -35.73 -30.56
CA THR A 139 47.50 -36.18 -31.94
C THR A 139 46.85 -37.55 -32.15
N THR A 140 46.04 -38.01 -31.17
CA THR A 140 45.32 -39.27 -31.30
C THR A 140 43.92 -39.09 -30.76
N PRO A 141 42.90 -39.68 -31.41
CA PRO A 141 41.55 -39.68 -30.81
C PRO A 141 41.47 -40.50 -29.53
N GLU A 142 42.41 -41.42 -29.29
CA GLU A 142 42.50 -42.09 -28.01
C GLU A 142 42.77 -41.09 -26.89
N GLU A 143 43.62 -40.10 -27.15
CA GLU A 143 43.85 -39.03 -26.18
C GLU A 143 42.61 -38.17 -25.99
N ILE A 144 41.81 -38.00 -27.05
CA ILE A 144 40.53 -37.30 -26.93
C ILE A 144 39.61 -38.04 -25.97
N ALA A 145 39.47 -39.36 -26.18
CA ALA A 145 38.62 -40.17 -25.31
C ALA A 145 39.15 -40.18 -23.89
N GLN A 146 40.48 -40.17 -23.73
CA GLN A 146 41.08 -40.17 -22.40
C GLN A 146 40.82 -38.86 -21.66
N VAL A 147 40.96 -37.74 -22.35
CA VAL A 147 40.70 -36.43 -21.75
C VAL A 147 39.24 -36.33 -21.34
N ALA A 148 38.33 -36.70 -22.23
CA ALA A 148 36.91 -36.59 -21.92
C ALA A 148 36.48 -37.62 -20.87
N THR A 149 37.19 -38.74 -20.77
CA THR A 149 36.89 -39.72 -19.72
C THR A 149 37.35 -39.22 -18.35
N ILE A 150 38.57 -38.66 -18.29
CA ILE A 150 39.11 -38.16 -17.03
C ILE A 150 38.28 -36.98 -16.53
N SER A 151 37.90 -36.07 -17.43
CA SER A 151 37.16 -34.88 -17.05
C SER A 151 35.71 -35.17 -16.68
N ALA A 152 35.19 -36.35 -16.98
CA ALA A 152 33.83 -36.74 -16.63
C ALA A 152 33.80 -37.77 -15.52
N ASN A 153 34.76 -37.68 -14.58
CA ASN A 153 34.87 -38.58 -13.41
C ASN A 153 35.00 -40.04 -13.83
N GLY A 154 35.95 -40.31 -14.71
CA GLY A 154 36.26 -41.67 -15.12
C GLY A 154 35.14 -42.38 -15.84
N ASP A 155 34.24 -41.66 -16.50
CA ASP A 155 33.15 -42.27 -17.24
C ASP A 155 33.62 -42.52 -18.66
N LYS A 156 33.79 -43.79 -19.02
CA LYS A 156 34.27 -44.13 -20.35
C LYS A 156 33.20 -43.95 -21.42
N GLU A 157 31.92 -44.04 -21.04
CA GLU A 157 30.85 -43.85 -22.02
C GLU A 157 30.81 -42.41 -22.52
N ILE A 158 30.98 -41.44 -21.61
CA ILE A 158 30.98 -40.03 -21.98
C ILE A 158 32.18 -39.70 -22.85
N GLY A 159 33.35 -40.24 -22.50
CA GLY A 159 34.54 -40.02 -23.31
C GLY A 159 34.44 -40.65 -24.68
N ASN A 160 33.90 -41.87 -24.76
CA ASN A 160 33.70 -42.53 -26.04
C ASN A 160 32.72 -41.77 -26.92
N ILE A 161 31.60 -41.31 -26.34
CA ILE A 161 30.61 -40.61 -27.15
C ILE A 161 31.11 -39.24 -27.59
N ILE A 162 31.92 -38.56 -26.76
CA ILE A 162 32.48 -37.27 -27.16
C ILE A 162 33.53 -37.46 -28.25
N SER A 163 34.36 -38.50 -28.12
CA SER A 163 35.34 -38.80 -29.16
C SER A 163 34.67 -39.16 -30.47
N ASP A 164 33.58 -39.94 -30.41
CA ASP A 164 32.84 -40.26 -31.62
C ASP A 164 32.15 -39.03 -32.21
N ALA A 165 31.70 -38.12 -31.34
CA ALA A 165 31.04 -36.90 -31.80
C ALA A 165 32.01 -36.02 -32.59
N MET A 166 33.19 -35.77 -32.05
CA MET A 166 34.16 -35.01 -32.83
C MET A 166 34.90 -35.86 -33.85
N LYS A 167 34.68 -37.17 -33.88
CA LYS A 167 35.04 -37.94 -35.06
C LYS A 167 34.06 -37.68 -36.20
N LYS A 168 32.80 -37.38 -35.87
CA LYS A 168 31.79 -37.12 -36.88
C LYS A 168 31.71 -35.64 -37.27
N VAL A 169 31.82 -34.72 -36.31
CA VAL A 169 31.67 -33.30 -36.61
C VAL A 169 33.01 -32.57 -36.70
N GLY A 170 34.10 -33.20 -36.29
CA GLY A 170 35.39 -32.55 -36.30
C GLY A 170 35.80 -32.06 -34.91
N ARG A 171 37.11 -31.94 -34.72
CA ARG A 171 37.64 -31.55 -33.41
C ARG A 171 37.27 -30.11 -33.07
N LYS A 172 37.25 -29.22 -34.06
CA LYS A 172 36.76 -27.87 -33.87
C LYS A 172 35.28 -27.73 -34.20
N GLY A 173 34.61 -28.84 -34.50
CA GLY A 173 33.17 -28.85 -34.66
C GLY A 173 32.45 -28.49 -33.38
N VAL A 174 31.13 -28.33 -33.52
CA VAL A 174 30.27 -27.91 -32.42
C VAL A 174 29.49 -29.12 -31.89
N ILE A 175 29.49 -29.28 -30.57
CA ILE A 175 28.79 -30.36 -29.88
C ILE A 175 27.97 -29.74 -28.75
N THR A 176 26.69 -30.07 -28.69
CA THR A 176 25.77 -29.50 -27.72
C THR A 176 25.23 -30.55 -26.77
N VAL A 177 24.82 -30.10 -25.59
CA VAL A 177 24.28 -30.96 -24.53
C VAL A 177 22.87 -30.51 -24.22
N LYS A 178 21.93 -31.46 -24.21
CA LYS A 178 20.55 -31.17 -23.83
C LYS A 178 19.96 -32.37 -23.12
N ASP A 179 18.77 -32.15 -22.54
CA ASP A 179 18.09 -33.19 -21.77
C ASP A 179 17.65 -34.35 -22.65
N GLY A 180 17.73 -35.55 -22.10
CA GLY A 180 17.28 -36.75 -22.79
C GLY A 180 16.21 -37.46 -21.98
N LYS A 181 15.22 -38.00 -22.68
CA LYS A 181 14.11 -38.71 -22.05
C LYS A 181 14.37 -40.21 -21.90
N THR A 182 15.52 -40.70 -22.36
CA THR A 182 15.85 -42.11 -22.26
C THR A 182 16.75 -42.35 -21.05
N LEU A 183 17.07 -43.62 -20.82
CA LEU A 183 17.97 -43.99 -19.73
C LEU A 183 19.44 -43.78 -20.09
N ASN A 184 19.82 -44.11 -21.31
CA ASN A 184 21.21 -44.01 -21.76
C ASN A 184 21.41 -42.79 -22.64
N ASP A 185 22.68 -42.44 -22.84
CA ASP A 185 23.03 -41.31 -23.68
C ASP A 185 23.06 -41.70 -25.15
N GLU A 186 22.84 -40.71 -26.01
CA GLU A 186 22.84 -40.94 -27.45
C GLU A 186 23.36 -39.71 -28.17
N LEU A 187 23.81 -39.91 -29.40
CA LEU A 187 24.45 -38.88 -30.20
C LEU A 187 23.67 -38.69 -31.49
N GLU A 188 23.30 -37.44 -31.79
CA GLU A 188 22.53 -37.11 -32.98
C GLU A 188 23.25 -36.02 -33.75
N ILE A 189 23.35 -36.20 -35.07
CA ILE A 189 24.07 -35.28 -35.95
C ILE A 189 23.04 -34.53 -36.78
N ILE A 190 22.82 -33.26 -36.44
CA ILE A 190 21.90 -32.40 -37.18
C ILE A 190 22.74 -31.42 -38.00
N GLU A 191 22.13 -30.83 -39.03
CA GLU A 191 22.76 -29.74 -39.78
C GLU A 191 22.23 -28.42 -39.23
N GLY A 192 23.15 -27.56 -38.81
CA GLY A 192 22.75 -26.32 -38.15
C GLY A 192 23.83 -25.27 -38.22
N MET A 193 23.46 -24.06 -37.80
CA MET A 193 24.34 -22.91 -37.81
C MET A 193 24.81 -22.58 -36.39
N LYS A 194 25.94 -21.89 -36.30
CA LYS A 194 26.43 -21.34 -35.03
C LYS A 194 27.47 -20.27 -35.33
N PHE A 195 27.30 -19.10 -34.71
CA PHE A 195 28.20 -17.98 -34.87
C PHE A 195 28.44 -17.33 -33.51
N ASP A 196 29.48 -16.49 -33.45
CA ASP A 196 30.01 -15.99 -32.18
C ASP A 196 29.42 -14.64 -31.78
N ARG A 197 28.15 -14.38 -32.13
CA ARG A 197 27.44 -13.19 -31.69
C ARG A 197 26.27 -13.59 -30.81
N GLY A 198 26.15 -12.93 -29.66
CA GLY A 198 25.09 -13.20 -28.71
C GLY A 198 23.95 -12.20 -28.81
N TYR A 199 23.10 -12.23 -27.78
CA TYR A 199 22.00 -11.28 -27.72
C TYR A 199 22.52 -9.89 -27.38
N ILE A 200 21.74 -8.88 -27.74
CA ILE A 200 22.17 -7.50 -27.57
C ILE A 200 21.65 -6.91 -26.27
N SER A 201 20.37 -7.15 -25.95
CA SER A 201 19.81 -6.71 -24.68
C SER A 201 19.57 -7.91 -23.76
N PRO A 202 19.81 -7.76 -22.47
CA PRO A 202 19.66 -8.90 -21.54
C PRO A 202 18.23 -9.15 -21.08
N TYR A 203 17.24 -8.43 -21.61
CA TYR A 203 15.84 -8.66 -21.30
C TYR A 203 15.22 -9.76 -22.15
N PHE A 204 15.97 -10.31 -23.10
CA PHE A 204 15.45 -11.31 -24.04
C PHE A 204 15.48 -12.73 -23.48
N ILE A 205 16.02 -12.92 -22.28
CA ILE A 205 16.17 -14.27 -21.74
C ILE A 205 14.83 -14.77 -21.21
N ASN A 206 14.47 -16.00 -21.59
CA ASN A 206 13.29 -16.67 -21.08
C ASN A 206 13.61 -17.82 -20.14
N THR A 207 14.67 -18.58 -20.42
CA THR A 207 15.10 -19.68 -19.57
C THR A 207 16.25 -19.20 -18.69
N SER A 208 16.00 -19.10 -17.39
CA SER A 208 16.99 -18.60 -16.44
C SER A 208 17.86 -19.71 -15.87
N LYS A 209 17.93 -20.87 -16.52
CA LYS A 209 18.78 -21.94 -16.03
C LYS A 209 20.19 -21.83 -16.58
N GLY A 210 20.35 -21.41 -17.83
CA GLY A 210 21.66 -21.21 -18.41
C GLY A 210 21.83 -19.83 -19.00
N GLN A 211 20.95 -18.90 -18.63
CA GLN A 211 20.92 -17.52 -19.12
C GLN A 211 20.95 -17.46 -20.65
N LYS A 212 19.99 -18.14 -21.27
CA LYS A 212 19.93 -18.23 -22.72
C LYS A 212 18.48 -18.05 -23.18
N CYS A 213 18.34 -17.65 -24.44
CA CYS A 213 17.03 -17.48 -25.06
C CYS A 213 16.78 -18.66 -26.00
N GLU A 214 15.76 -19.45 -25.68
CA GLU A 214 15.47 -20.68 -26.42
C GLU A 214 14.05 -20.62 -26.99
N PHE A 215 13.95 -20.67 -28.31
CA PHE A 215 12.67 -20.81 -29.00
C PHE A 215 12.72 -22.07 -29.86
N GLN A 216 11.55 -22.48 -30.33
CA GLN A 216 11.43 -23.61 -31.25
C GLN A 216 10.46 -23.23 -32.36
N ASP A 217 10.83 -23.60 -33.59
CA ASP A 217 10.04 -23.35 -34.81
C ASP A 217 9.74 -21.85 -34.96
N ALA A 218 10.83 -21.10 -35.17
CA ALA A 218 10.83 -19.65 -35.08
C ALA A 218 11.15 -19.02 -36.42
N TYR A 219 10.57 -17.83 -36.63
CA TYR A 219 10.91 -17.01 -37.79
C TYR A 219 12.33 -16.47 -37.66
N VAL A 220 12.95 -16.16 -38.80
CA VAL A 220 14.28 -15.60 -38.85
C VAL A 220 14.28 -14.44 -39.84
N LEU A 221 14.71 -13.27 -39.39
CA LEU A 221 14.70 -12.04 -40.18
C LEU A 221 16.15 -11.54 -40.33
N LEU A 222 16.65 -11.59 -41.56
CA LEU A 222 18.00 -11.13 -41.87
C LEU A 222 17.94 -9.86 -42.71
N SER A 223 18.80 -8.89 -42.37
CA SER A 223 18.93 -7.69 -43.16
C SER A 223 20.40 -7.32 -43.31
N GLU A 224 20.81 -7.01 -44.55
CA GLU A 224 22.18 -6.56 -44.79
C GLU A 224 22.45 -5.23 -44.10
N LYS A 225 21.49 -4.32 -44.13
CA LYS A 225 21.58 -3.07 -43.41
C LYS A 225 21.02 -3.23 -41.99
N LYS A 226 21.22 -2.20 -41.19
CA LYS A 226 20.69 -2.20 -39.83
C LYS A 226 19.16 -2.11 -39.88
N ILE A 227 18.49 -2.98 -39.12
CA ILE A 227 17.04 -2.89 -38.99
C ILE A 227 16.76 -1.70 -38.09
N SER A 228 16.43 -0.56 -38.71
CA SER A 228 16.66 0.73 -38.09
C SER A 228 15.40 1.53 -37.75
N SER A 229 14.31 1.38 -38.47
CA SER A 229 13.19 2.28 -38.24
C SER A 229 12.01 1.54 -37.62
N ILE A 230 11.13 2.32 -36.99
CA ILE A 230 9.85 1.79 -36.53
C ILE A 230 9.04 1.28 -37.71
N GLN A 231 9.08 1.99 -38.83
CA GLN A 231 8.41 1.50 -40.03
C GLN A 231 9.19 0.38 -40.72
N SER A 232 10.33 -0.05 -40.17
CA SER A 232 11.01 -1.26 -40.63
C SER A 232 10.65 -2.46 -39.77
N ILE A 233 10.46 -2.27 -38.46
CA ILE A 233 10.25 -3.38 -37.55
C ILE A 233 8.76 -3.63 -37.37
N VAL A 234 7.92 -2.61 -37.56
CA VAL A 234 6.48 -2.77 -37.32
C VAL A 234 5.80 -3.60 -38.40
N PRO A 235 6.15 -3.52 -39.70
CA PRO A 235 5.72 -4.61 -40.61
C PRO A 235 6.23 -5.97 -40.18
N ALA A 236 7.50 -6.07 -39.78
CA ALA A 236 8.05 -7.34 -39.31
C ALA A 236 7.39 -7.78 -38.00
N LEU A 237 7.15 -6.83 -37.09
CA LEU A 237 6.49 -7.19 -35.84
C LEU A 237 5.02 -7.52 -36.06
N GLU A 238 4.38 -6.95 -37.08
CA GLU A 238 3.00 -7.34 -37.38
C GLU A 238 2.94 -8.69 -38.06
N ILE A 239 3.99 -9.08 -38.79
CA ILE A 239 4.03 -10.44 -39.32
C ILE A 239 4.26 -11.44 -38.20
N ALA A 240 5.23 -11.18 -37.32
CA ALA A 240 5.46 -12.05 -36.17
C ALA A 240 4.34 -11.96 -35.14
N ASN A 241 3.54 -10.91 -35.21
CA ASN A 241 2.36 -10.69 -34.37
C ASN A 241 1.18 -11.49 -34.90
N ALA A 242 0.93 -11.41 -36.20
CA ALA A 242 -0.11 -12.24 -36.81
C ALA A 242 0.37 -13.66 -37.02
N HIS A 243 1.34 -13.85 -37.91
CA HIS A 243 1.67 -15.18 -38.44
C HIS A 243 2.30 -16.10 -37.40
N ARG A 244 2.67 -15.56 -36.23
CA ARG A 244 2.82 -16.31 -34.99
C ARG A 244 3.89 -17.41 -35.10
N LYS A 245 5.13 -16.97 -35.29
CA LYS A 245 6.31 -17.78 -35.03
C LYS A 245 7.30 -16.79 -34.42
N PRO A 246 8.10 -17.24 -33.44
CA PRO A 246 9.03 -16.31 -32.76
C PRO A 246 10.03 -15.70 -33.73
N LEU A 247 10.33 -14.42 -33.51
CA LEU A 247 11.14 -13.64 -34.44
C LEU A 247 12.59 -13.65 -33.99
N VAL A 248 13.48 -14.11 -34.86
CA VAL A 248 14.92 -14.04 -34.65
C VAL A 248 15.46 -12.97 -35.59
N ILE A 249 16.10 -11.96 -35.01
CA ILE A 249 16.53 -10.77 -35.74
C ILE A 249 18.04 -10.80 -35.87
N ILE A 250 18.52 -10.86 -37.11
CA ILE A 250 19.94 -10.78 -37.43
C ILE A 250 20.15 -9.44 -38.12
N ALA A 251 20.90 -8.55 -37.48
CA ALA A 251 21.12 -7.19 -37.96
C ALA A 251 22.55 -6.77 -37.67
N GLU A 252 22.96 -5.65 -38.27
CA GLU A 252 24.34 -5.19 -38.13
C GLU A 252 24.58 -4.62 -36.73
N ASP A 253 23.86 -3.56 -36.36
CA ASP A 253 23.95 -2.97 -35.04
C ASP A 253 22.57 -2.55 -34.57
N VAL A 254 22.27 -2.87 -33.31
CA VAL A 254 20.95 -2.65 -32.72
C VAL A 254 21.15 -1.93 -31.39
N ASP A 255 20.94 -0.61 -31.38
CA ASP A 255 21.08 0.18 -30.16
C ASP A 255 20.24 1.44 -30.28
N GLY A 256 19.19 1.56 -29.47
CA GLY A 256 18.28 2.69 -29.58
C GLY A 256 16.86 2.42 -29.15
N GLU A 257 15.90 2.70 -30.04
CA GLU A 257 14.47 2.75 -29.71
C GLU A 257 13.72 1.48 -30.03
N ALA A 258 13.96 0.85 -31.18
CA ALA A 258 13.17 -0.31 -31.58
C ALA A 258 13.42 -1.51 -30.69
N LEU A 259 14.65 -1.68 -30.19
CA LEU A 259 14.89 -2.73 -29.21
C LEU A 259 14.23 -2.42 -27.88
N SER A 260 14.05 -1.14 -27.54
CA SER A 260 13.32 -0.82 -26.32
C SER A 260 11.83 -1.12 -26.49
N THR A 261 11.29 -0.89 -27.68
CA THR A 261 9.93 -1.33 -27.99
C THR A 261 9.82 -2.85 -27.94
N LEU A 262 10.87 -3.53 -28.40
CA LEU A 262 10.90 -4.99 -28.33
C LEU A 262 10.91 -5.48 -26.88
N VAL A 263 11.67 -4.83 -26.01
CA VAL A 263 11.68 -5.16 -24.59
C VAL A 263 10.32 -4.85 -23.97
N LEU A 264 9.68 -3.76 -24.41
CA LEU A 264 8.37 -3.41 -23.89
C LEU A 264 7.32 -4.44 -24.28
N ASN A 265 7.43 -4.99 -25.49
CA ASN A 265 6.55 -6.10 -25.87
C ASN A 265 6.98 -7.42 -25.22
N ARG A 266 8.25 -7.53 -24.84
CA ARG A 266 8.74 -8.72 -24.14
C ARG A 266 8.20 -8.80 -22.72
N LEU A 267 8.08 -7.66 -22.05
CA LEU A 267 7.79 -7.63 -20.62
C LEU A 267 6.30 -7.43 -20.31
N LYS A 268 5.59 -6.62 -21.11
CA LYS A 268 4.20 -6.33 -20.81
C LYS A 268 3.27 -7.40 -21.35
N VAL A 269 3.39 -7.75 -22.63
CA VAL A 269 2.46 -8.69 -23.25
C VAL A 269 3.16 -10.02 -23.52
N GLY A 270 4.50 -10.00 -23.53
CA GLY A 270 5.27 -11.21 -23.72
C GLY A 270 5.47 -11.62 -25.17
N LEU A 271 6.10 -10.76 -25.96
CA LEU A 271 6.45 -11.11 -27.33
C LEU A 271 7.74 -11.91 -27.34
N GLN A 272 7.69 -13.10 -27.96
CA GLN A 272 8.84 -14.00 -27.99
C GLN A 272 9.74 -13.60 -29.15
N VAL A 273 10.73 -12.74 -28.86
CA VAL A 273 11.61 -12.18 -29.87
C VAL A 273 13.04 -12.23 -29.35
N VAL A 274 14.00 -12.18 -30.27
CA VAL A 274 15.42 -12.11 -29.94
C VAL A 274 16.15 -11.42 -31.09
N ALA A 275 17.19 -10.67 -30.75
CA ALA A 275 17.97 -9.93 -31.74
C ALA A 275 19.45 -10.27 -31.56
N VAL A 276 20.12 -10.62 -32.67
CA VAL A 276 21.51 -11.01 -32.67
C VAL A 276 22.28 -10.14 -33.66
N LYS A 277 23.43 -9.65 -33.24
CA LYS A 277 24.30 -8.88 -34.13
C LYS A 277 24.83 -9.76 -35.26
N ALA A 278 25.12 -9.13 -36.40
CA ALA A 278 25.62 -9.86 -37.56
C ALA A 278 27.12 -10.16 -37.40
N PRO A 279 27.55 -11.37 -37.74
CA PRO A 279 28.96 -11.71 -37.63
C PRO A 279 29.76 -11.25 -38.85
N GLY A 280 31.07 -11.25 -38.68
CA GLY A 280 31.98 -10.89 -39.76
C GLY A 280 32.20 -9.40 -39.88
N PHE A 281 33.25 -9.05 -40.64
CA PHE A 281 33.62 -7.66 -40.88
C PHE A 281 34.02 -7.52 -42.35
N GLY A 282 33.09 -7.03 -43.17
CA GLY A 282 33.33 -6.81 -44.58
C GLY A 282 32.37 -7.62 -45.45
N ASP A 283 32.89 -8.12 -46.57
CA ASP A 283 32.09 -8.94 -47.47
C ASP A 283 31.76 -10.31 -46.87
N ASN A 284 32.54 -10.75 -45.88
CA ASN A 284 32.24 -12.01 -45.20
C ASN A 284 30.93 -11.92 -44.42
N ARG A 285 30.61 -10.74 -43.89
CA ARG A 285 29.32 -10.52 -43.24
C ARG A 285 28.17 -10.76 -44.21
N LYS A 286 28.24 -10.15 -45.39
CA LYS A 286 27.20 -10.31 -46.39
C LYS A 286 27.12 -11.75 -46.88
N ASN A 287 28.27 -12.40 -47.05
CA ASN A 287 28.30 -13.79 -47.47
C ASN A 287 27.65 -14.71 -46.43
N GLN A 288 27.91 -14.45 -45.14
CA GLN A 288 27.33 -15.28 -44.08
C GLN A 288 25.83 -15.05 -43.96
N LEU A 289 25.37 -13.81 -44.11
CA LEU A 289 23.92 -13.57 -44.07
C LEU A 289 23.22 -14.17 -45.29
N LYS A 290 23.86 -14.15 -46.45
CA LYS A 290 23.28 -14.80 -47.62
C LYS A 290 23.24 -16.32 -47.44
N ASP A 291 24.28 -16.89 -46.84
CA ASP A 291 24.29 -18.33 -46.56
C ASP A 291 23.19 -18.70 -45.57
N MET A 292 23.00 -17.89 -44.53
CA MET A 292 21.95 -18.16 -43.55
C MET A 292 20.56 -18.00 -44.15
N ALA A 293 20.36 -17.02 -45.03
CA ALA A 293 19.07 -16.87 -45.68
C ALA A 293 18.79 -17.99 -46.68
N ILE A 294 19.84 -18.53 -47.29
CA ILE A 294 19.68 -19.69 -48.16
C ILE A 294 19.32 -20.92 -47.33
N ALA A 295 20.01 -21.12 -46.20
CA ALA A 295 19.79 -22.31 -45.38
C ALA A 295 18.43 -22.27 -44.67
N THR A 296 17.96 -21.08 -44.29
CA THR A 296 16.68 -20.98 -43.60
C THR A 296 15.51 -20.73 -44.54
N GLY A 297 15.76 -20.35 -45.79
CA GLY A 297 14.72 -20.12 -46.77
C GLY A 297 14.27 -18.68 -46.91
N GLY A 298 14.69 -17.80 -46.00
CA GLY A 298 14.31 -16.40 -46.08
C GLY A 298 15.18 -15.62 -47.04
N ALA A 299 15.04 -14.31 -46.98
CA ALA A 299 15.78 -13.40 -47.84
C ALA A 299 16.59 -12.43 -47.00
N VAL A 300 17.46 -11.68 -47.66
CA VAL A 300 18.27 -10.66 -47.03
C VAL A 300 17.70 -9.29 -47.39
N PHE A 301 17.39 -8.49 -46.38
CA PHE A 301 16.85 -7.15 -46.62
C PHE A 301 17.96 -6.11 -46.60
N GLY A 302 17.63 -4.93 -47.12
CA GLY A 302 18.58 -3.82 -47.15
C GLY A 302 19.83 -4.07 -47.95
N GLU A 303 19.75 -4.88 -49.00
CA GLU A 303 20.93 -5.23 -49.78
C GLU A 303 21.23 -4.12 -50.80
N GLU A 304 22.49 -4.12 -51.25
CA GLU A 304 22.91 -3.15 -52.26
C GLU A 304 22.36 -3.49 -53.64
N GLY A 305 22.37 -4.77 -54.00
CA GLY A 305 21.95 -5.19 -55.32
C GLY A 305 20.46 -5.11 -55.58
N LEU A 306 19.68 -5.94 -54.87
CA LEU A 306 18.25 -6.03 -55.15
C LEU A 306 17.46 -4.91 -54.49
N THR A 307 17.99 -4.36 -53.38
CA THR A 307 17.34 -3.30 -52.60
C THR A 307 15.94 -3.70 -52.13
N LEU A 308 15.88 -4.81 -51.40
CA LEU A 308 14.64 -5.26 -50.78
C LEU A 308 14.52 -4.59 -49.41
N ASN A 309 13.47 -3.80 -49.23
CA ASN A 309 13.35 -2.94 -48.07
C ASN A 309 12.63 -3.66 -46.94
N LEU A 310 12.85 -3.15 -45.72
CA LEU A 310 12.23 -3.68 -44.52
C LEU A 310 10.84 -3.11 -44.27
N GLU A 311 10.35 -2.26 -45.17
CA GLU A 311 8.98 -1.76 -45.05
C GLU A 311 7.98 -2.75 -45.66
N ASP A 312 8.28 -3.26 -46.85
CA ASP A 312 7.44 -4.25 -47.52
C ASP A 312 8.00 -5.64 -47.25
N VAL A 313 7.52 -6.27 -46.18
CA VAL A 313 7.94 -7.60 -45.77
C VAL A 313 6.77 -8.56 -45.96
N GLN A 314 7.06 -9.75 -46.47
CA GLN A 314 6.07 -10.78 -46.75
C GLN A 314 6.35 -12.01 -45.90
N PRO A 315 5.32 -12.85 -45.65
CA PRO A 315 5.56 -14.11 -44.91
C PRO A 315 6.56 -15.04 -45.58
N HIS A 316 6.68 -15.00 -46.90
CA HIS A 316 7.61 -15.85 -47.64
C HIS A 316 8.97 -15.20 -47.83
N ASP A 317 9.36 -14.28 -46.95
CA ASP A 317 10.69 -13.69 -46.96
C ASP A 317 11.42 -13.90 -45.64
N LEU A 318 10.84 -14.67 -44.72
CA LEU A 318 11.45 -14.96 -43.43
C LEU A 318 11.87 -16.41 -43.36
N GLY A 319 13.05 -16.65 -42.82
CA GLY A 319 13.50 -18.02 -42.65
C GLY A 319 12.83 -18.72 -41.49
N LYS A 320 12.81 -20.05 -41.56
CA LYS A 320 12.17 -20.88 -40.55
C LYS A 320 13.18 -21.89 -40.01
N VAL A 321 13.65 -21.67 -38.79
CA VAL A 321 14.45 -22.65 -38.08
C VAL A 321 13.52 -23.56 -37.30
N GLY A 322 14.07 -24.68 -36.82
CA GLY A 322 13.32 -25.57 -35.95
C GLY A 322 13.64 -25.31 -34.48
N GLU A 323 14.82 -24.76 -34.23
CA GLU A 323 15.23 -24.41 -32.87
C GLU A 323 16.30 -23.32 -32.96
N VAL A 324 16.25 -22.38 -32.03
CA VAL A 324 17.24 -21.31 -31.95
C VAL A 324 17.66 -21.14 -30.49
N ILE A 325 18.96 -21.05 -30.26
CA ILE A 325 19.52 -20.84 -28.93
C ILE A 325 20.47 -19.66 -29.01
N VAL A 326 20.19 -18.61 -28.25
CA VAL A 326 21.01 -17.40 -28.21
C VAL A 326 21.49 -17.20 -26.79
N THR A 327 22.80 -17.38 -26.57
CA THR A 327 23.42 -17.10 -25.30
C THR A 327 24.06 -15.72 -25.33
N LYS A 328 24.85 -15.39 -24.31
CA LYS A 328 25.45 -14.07 -24.21
C LYS A 328 26.53 -13.85 -25.27
N ASP A 329 27.32 -14.88 -25.56
CA ASP A 329 28.47 -14.73 -26.45
C ASP A 329 28.31 -15.41 -27.79
N ASP A 330 27.32 -16.29 -27.96
CA ASP A 330 27.13 -16.97 -29.24
C ASP A 330 25.67 -17.35 -29.41
N ALA A 331 25.26 -17.50 -30.66
CA ALA A 331 23.91 -17.89 -31.03
C ALA A 331 23.96 -19.12 -31.93
N MET A 332 22.79 -19.70 -32.19
CA MET A 332 22.74 -21.01 -32.82
C MET A 332 21.38 -21.19 -33.50
N LEU A 333 21.41 -21.78 -34.70
CA LEU A 333 20.20 -22.07 -35.47
C LEU A 333 20.15 -23.56 -35.79
N LEU A 334 18.98 -24.17 -35.57
CA LEU A 334 18.79 -25.59 -35.79
C LEU A 334 17.65 -25.82 -36.79
N LYS A 335 17.92 -26.67 -37.78
CA LYS A 335 16.92 -27.17 -38.73
C LYS A 335 16.22 -26.03 -39.49
N GLY A 336 17.02 -25.31 -40.28
CA GLY A 336 16.46 -24.27 -41.12
C GLY A 336 15.64 -24.86 -42.25
N LYS A 337 14.41 -24.37 -42.41
CA LYS A 337 13.48 -24.89 -43.43
C LYS A 337 13.72 -24.20 -44.78
N GLY A 338 14.93 -24.39 -45.30
CA GLY A 338 15.28 -23.92 -46.62
C GLY A 338 15.19 -25.03 -47.66
N ASP A 339 15.40 -24.64 -48.91
CA ASP A 339 15.38 -25.60 -50.00
C ASP A 339 16.72 -26.34 -50.07
N LYS A 340 16.65 -27.67 -50.21
CA LYS A 340 17.87 -28.47 -50.31
C LYS A 340 18.64 -28.15 -51.58
N ALA A 341 17.92 -27.88 -52.68
CA ALA A 341 18.58 -27.53 -53.93
C ALA A 341 19.32 -26.20 -53.82
N GLN A 342 18.72 -25.21 -53.13
CA GLN A 342 19.38 -23.92 -52.96
C GLN A 342 20.61 -24.04 -52.06
N ILE A 343 20.53 -24.86 -51.01
CA ILE A 343 21.67 -25.10 -50.14
C ILE A 343 22.80 -25.80 -50.90
N GLU A 344 22.44 -26.79 -51.73
CA GLU A 344 23.46 -27.48 -52.53
C GLU A 344 24.08 -26.54 -53.57
N LYS A 345 23.28 -25.65 -54.15
CA LYS A 345 23.80 -24.68 -55.11
C LYS A 345 24.76 -23.71 -54.43
N ARG A 346 24.44 -23.27 -53.21
CA ARG A 346 25.35 -22.41 -52.48
C ARG A 346 26.62 -23.14 -52.06
N ILE A 347 26.51 -24.44 -51.74
CA ILE A 347 27.68 -25.22 -51.39
C ILE A 347 28.60 -25.40 -52.59
N GLN A 348 28.00 -25.59 -53.78
CA GLN A 348 28.82 -25.72 -54.98
C GLN A 348 29.40 -24.37 -55.41
N GLU A 349 28.69 -23.28 -55.17
CA GLU A 349 29.24 -21.95 -55.41
C GLU A 349 30.42 -21.67 -54.47
N ILE A 350 30.33 -22.12 -53.22
CA ILE A 350 31.43 -21.98 -52.27
C ILE A 350 32.62 -22.83 -52.71
N ILE A 351 32.35 -24.03 -53.24
CA ILE A 351 33.42 -24.88 -53.78
C ILE A 351 34.11 -24.19 -54.95
N GLU A 352 33.33 -23.62 -55.87
CA GLU A 352 33.92 -22.95 -57.03
C GLU A 352 34.59 -21.63 -56.66
N GLN A 353 34.24 -21.05 -55.52
CA GLN A 353 34.99 -19.90 -55.00
C GLN A 353 36.27 -20.34 -54.33
N LEU A 354 36.26 -21.51 -53.68
CA LEU A 354 37.48 -22.07 -53.11
C LEU A 354 38.45 -22.51 -54.18
N ASP A 355 37.96 -22.79 -55.39
CA ASP A 355 38.83 -23.23 -56.46
C ASP A 355 39.51 -22.07 -57.19
N VAL A 356 39.24 -20.83 -56.81
CA VAL A 356 39.85 -19.67 -57.46
C VAL A 356 40.48 -18.73 -56.44
N THR A 357 40.81 -19.24 -55.26
CA THR A 357 41.41 -18.44 -54.20
C THR A 357 42.72 -19.06 -53.76
N THR A 358 43.74 -18.20 -53.55
CA THR A 358 45.04 -18.68 -53.10
C THR A 358 45.68 -17.76 -52.06
N SER A 359 44.91 -16.86 -51.44
CA SER A 359 45.46 -15.93 -50.48
C SER A 359 45.64 -16.53 -49.09
N GLU A 360 45.13 -17.74 -48.86
CA GLU A 360 45.26 -18.50 -47.61
C GLU A 360 44.67 -17.78 -46.39
N TYR A 361 43.82 -16.78 -46.60
CA TYR A 361 43.05 -16.19 -45.52
C TYR A 361 41.56 -16.14 -45.83
N GLU A 362 41.20 -15.90 -47.09
CA GLU A 362 39.82 -16.09 -47.52
C GLU A 362 39.49 -17.56 -47.72
N LYS A 363 40.50 -18.39 -47.93
CA LYS A 363 40.28 -19.83 -48.10
C LYS A 363 39.78 -20.48 -46.82
N GLU A 364 40.27 -20.02 -45.67
CA GLU A 364 39.80 -20.59 -44.42
C GLU A 364 38.41 -20.07 -44.06
N LYS A 365 38.08 -18.85 -44.49
CA LYS A 365 36.71 -18.36 -44.32
C LYS A 365 35.73 -19.14 -45.19
N LEU A 366 36.12 -19.43 -46.44
CA LEU A 366 35.27 -20.25 -47.30
C LEU A 366 35.14 -21.67 -46.77
N ASN A 367 36.23 -22.22 -46.22
CA ASN A 367 36.16 -23.54 -45.61
C ASN A 367 35.29 -23.54 -44.35
N GLU A 368 35.30 -22.44 -43.60
CA GLU A 368 34.42 -22.33 -42.44
C GLU A 368 32.95 -22.25 -42.86
N ARG A 369 32.67 -21.51 -43.94
CA ARG A 369 31.30 -21.49 -44.47
C ARG A 369 30.87 -22.86 -44.98
N LEU A 370 31.80 -23.60 -45.60
CA LEU A 370 31.49 -24.93 -46.08
C LEU A 370 31.24 -25.90 -44.94
N ALA A 371 32.03 -25.82 -43.86
CA ALA A 371 31.79 -26.65 -42.69
C ALA A 371 30.55 -26.22 -41.93
N LYS A 372 30.15 -24.94 -42.04
CA LYS A 372 28.89 -24.50 -41.47
C LYS A 372 27.71 -25.14 -42.21
N LEU A 373 27.72 -25.05 -43.54
CA LEU A 373 26.60 -25.53 -44.34
C LEU A 373 26.59 -27.04 -44.55
N SER A 374 27.69 -27.74 -44.30
CA SER A 374 27.77 -29.15 -44.66
C SER A 374 28.08 -30.08 -43.49
N ASP A 375 28.97 -29.68 -42.58
CA ASP A 375 29.40 -30.61 -41.53
C ASP A 375 28.36 -30.74 -40.42
N GLY A 376 27.61 -29.68 -40.15
CA GLY A 376 26.48 -29.77 -39.23
C GLY A 376 26.85 -29.59 -37.77
N VAL A 377 25.94 -30.05 -36.91
CA VAL A 377 26.08 -29.89 -35.47
C VAL A 377 25.97 -31.27 -34.83
N ALA A 378 26.49 -31.38 -33.61
CA ALA A 378 26.38 -32.59 -32.82
C ALA A 378 25.56 -32.33 -31.57
N VAL A 379 24.71 -33.30 -31.22
CA VAL A 379 23.79 -33.19 -30.09
C VAL A 379 24.00 -34.39 -29.17
N LEU A 380 24.40 -34.13 -27.93
CA LEU A 380 24.47 -35.16 -26.90
C LEU A 380 23.24 -35.07 -26.02
N LYS A 381 22.43 -36.13 -26.01
CA LYS A 381 21.29 -36.25 -25.12
C LYS A 381 21.72 -37.06 -23.91
N VAL A 382 21.52 -36.51 -22.72
CA VAL A 382 21.99 -37.10 -21.48
C VAL A 382 20.84 -37.86 -20.85
N GLY A 383 21.06 -39.15 -20.58
CA GLY A 383 20.01 -40.00 -20.05
C GLY A 383 20.01 -40.07 -18.53
N GLY A 384 18.97 -40.72 -18.01
CA GLY A 384 18.77 -40.80 -16.58
C GLY A 384 17.31 -40.95 -16.24
N THR A 385 17.06 -41.32 -14.99
CA THR A 385 15.69 -41.59 -14.54
C THR A 385 15.06 -40.43 -13.80
N SER A 386 15.84 -39.42 -13.41
CA SER A 386 15.31 -38.26 -12.73
C SER A 386 16.13 -37.05 -13.16
N ASP A 387 15.60 -35.86 -12.85
CA ASP A 387 16.22 -34.63 -13.32
C ASP A 387 17.52 -34.33 -12.58
N VAL A 388 17.71 -34.89 -11.39
CA VAL A 388 18.92 -34.59 -10.62
C VAL A 388 20.10 -35.39 -11.14
N GLU A 389 19.87 -36.67 -11.47
CA GLU A 389 20.91 -37.48 -12.10
C GLU A 389 21.28 -36.92 -13.48
N VAL A 390 20.27 -36.51 -14.25
CA VAL A 390 20.50 -35.92 -15.56
C VAL A 390 21.28 -34.62 -15.42
N ASN A 391 20.96 -33.80 -14.42
CA ASN A 391 21.66 -32.53 -14.25
C ASN A 391 23.11 -32.73 -13.83
N GLU A 392 23.38 -33.72 -12.97
CA GLU A 392 24.75 -33.97 -12.54
C GLU A 392 25.58 -34.57 -13.68
N LYS A 393 24.97 -35.46 -14.47
CA LYS A 393 25.66 -35.99 -15.64
C LYS A 393 25.86 -34.94 -16.71
N LYS A 394 24.93 -33.99 -16.85
CA LYS A 394 25.12 -32.89 -17.79
C LYS A 394 26.25 -31.98 -17.36
N ASP A 395 26.40 -31.75 -16.06
CA ASP A 395 27.56 -31.00 -15.57
C ASP A 395 28.86 -31.72 -15.90
N ARG A 396 28.89 -33.05 -15.73
CA ARG A 396 30.09 -33.80 -16.08
C ARG A 396 30.37 -33.80 -17.59
N VAL A 397 29.32 -33.88 -18.39
CA VAL A 397 29.49 -33.88 -19.85
C VAL A 397 29.97 -32.51 -20.34
N THR A 398 29.46 -31.43 -19.72
CA THR A 398 29.94 -30.09 -20.05
C THR A 398 31.40 -29.92 -19.66
N ASP A 399 31.80 -30.46 -18.50
CA ASP A 399 33.21 -30.43 -18.12
C ASP A 399 34.08 -31.17 -19.12
N ALA A 400 33.63 -32.35 -19.55
CA ALA A 400 34.42 -33.16 -20.48
C ALA A 400 34.54 -32.49 -21.85
N LEU A 401 33.45 -31.89 -22.34
CA LEU A 401 33.49 -31.17 -23.61
C LEU A 401 34.40 -29.96 -23.54
N ASN A 402 34.31 -29.18 -22.44
CA ASN A 402 35.16 -28.02 -22.27
C ASN A 402 36.64 -28.41 -22.21
N ALA A 403 36.95 -29.48 -21.47
CA ALA A 403 38.34 -29.93 -21.37
C ALA A 403 38.86 -30.49 -22.68
N THR A 404 38.00 -31.16 -23.46
CA THR A 404 38.46 -31.65 -24.76
C THR A 404 38.70 -30.51 -25.73
N ARG A 405 37.87 -29.45 -25.67
CA ARG A 405 38.13 -28.25 -26.46
C ARG A 405 39.44 -27.58 -26.04
N ALA A 406 39.69 -27.51 -24.73
CA ALA A 406 40.94 -26.92 -24.26
C ALA A 406 42.15 -27.77 -24.63
N ALA A 407 41.97 -29.09 -24.73
CA ALA A 407 43.08 -29.97 -25.06
C ALA A 407 43.36 -30.00 -26.56
N VAL A 408 42.36 -29.74 -27.41
CA VAL A 408 42.67 -29.53 -28.81
C VAL A 408 43.16 -28.11 -29.07
N GLU A 409 42.89 -27.18 -28.16
CA GLU A 409 43.41 -25.83 -28.32
C GLU A 409 44.89 -25.75 -27.94
N GLU A 410 45.26 -26.31 -26.78
CA GLU A 410 46.60 -26.04 -26.24
C GLU A 410 47.36 -27.28 -25.81
N GLY A 411 46.87 -28.49 -26.10
CA GLY A 411 47.60 -29.68 -25.74
C GLY A 411 47.28 -30.19 -24.34
N ILE A 412 48.05 -31.19 -23.94
CA ILE A 412 47.81 -31.87 -22.66
C ILE A 412 49.09 -31.91 -21.84
N VAL A 413 48.90 -32.08 -20.53
CA VAL A 413 49.94 -32.32 -19.55
C VAL A 413 49.54 -33.51 -18.68
N LEU A 414 50.37 -33.79 -17.68
CA LEU A 414 50.06 -34.88 -16.76
C LEU A 414 48.88 -34.53 -15.87
N GLY A 415 48.10 -35.55 -15.52
CA GLY A 415 46.95 -35.39 -14.64
C GLY A 415 47.28 -35.65 -13.19
N GLY A 416 46.26 -35.51 -12.35
CA GLY A 416 46.41 -35.78 -10.93
C GLY A 416 47.19 -34.74 -10.15
N GLY A 417 47.29 -33.52 -10.67
CA GLY A 417 48.09 -32.51 -10.01
C GLY A 417 49.58 -32.72 -10.12
N CYS A 418 50.02 -33.55 -11.06
CA CYS A 418 51.44 -33.86 -11.22
C CYS A 418 52.16 -32.86 -12.12
N ALA A 419 51.44 -32.19 -13.02
CA ALA A 419 52.08 -31.20 -13.87
C ALA A 419 52.43 -29.94 -13.09
N LEU A 420 51.75 -29.71 -11.97
CA LEU A 420 52.17 -28.64 -11.05
C LEU A 420 53.30 -29.11 -10.15
N LEU A 421 53.35 -30.41 -9.86
CA LEU A 421 54.46 -30.94 -9.06
C LEU A 421 55.75 -30.94 -9.84
N ARG A 422 55.68 -31.05 -11.17
CA ARG A 422 56.88 -31.07 -11.99
C ARG A 422 57.46 -29.68 -12.27
N CYS A 423 56.76 -28.62 -11.87
CA CYS A 423 57.24 -27.25 -12.07
C CYS A 423 57.98 -26.70 -10.85
N ILE A 424 58.11 -27.49 -9.78
CA ILE A 424 58.91 -27.05 -8.63
C ILE A 424 60.37 -26.81 -8.95
N PRO A 425 61.10 -27.67 -9.71
CA PRO A 425 62.48 -27.31 -10.06
C PRO A 425 62.62 -26.06 -10.93
N ALA A 426 61.56 -25.63 -11.62
CA ALA A 426 61.59 -24.34 -12.28
C ALA A 426 61.61 -23.21 -11.26
N LEU A 427 60.88 -23.37 -10.15
CA LEU A 427 60.92 -22.40 -9.07
C LEU A 427 62.20 -22.51 -8.25
N ASP A 428 62.90 -23.64 -8.33
CA ASP A 428 64.17 -23.82 -7.63
C ASP A 428 65.36 -23.26 -8.39
N SER A 429 65.13 -22.38 -9.37
CA SER A 429 66.20 -21.72 -10.09
C SER A 429 66.00 -20.22 -10.22
N LEU A 430 64.82 -19.70 -9.87
CA LEU A 430 64.59 -18.27 -9.86
C LEU A 430 65.38 -17.63 -8.72
N THR A 431 65.96 -16.46 -9.00
CA THR A 431 66.61 -15.66 -7.98
C THR A 431 65.72 -14.49 -7.58
N PRO A 432 65.32 -14.40 -6.32
CA PRO A 432 64.43 -13.30 -5.91
C PRO A 432 65.14 -11.96 -5.91
N ALA A 433 64.38 -10.92 -6.21
CA ALA A 433 64.88 -9.55 -6.10
C ALA A 433 65.19 -9.20 -4.64
N ASN A 434 64.27 -9.54 -3.73
CA ASN A 434 64.42 -9.24 -2.32
C ASN A 434 63.73 -10.34 -1.50
N GLU A 435 63.53 -10.08 -0.21
CA GLU A 435 63.05 -11.11 0.70
C GLU A 435 61.56 -11.37 0.52
N ASP A 436 60.77 -10.32 0.28
CA ASP A 436 59.33 -10.50 0.09
C ASP A 436 59.01 -11.24 -1.20
N GLN A 437 59.78 -11.00 -2.27
CA GLN A 437 59.62 -11.79 -3.49
C GLN A 437 59.99 -13.24 -3.26
N LYS A 438 61.00 -13.49 -2.43
CA LYS A 438 61.35 -14.85 -2.04
C LYS A 438 60.22 -15.51 -1.26
N ILE A 439 59.54 -14.73 -0.40
CA ILE A 439 58.40 -15.24 0.35
C ILE A 439 57.26 -15.63 -0.60
N GLY A 440 57.00 -14.78 -1.60
CA GLY A 440 55.96 -15.12 -2.58
C GLY A 440 56.31 -16.34 -3.42
N ILE A 441 57.58 -16.47 -3.80
CA ILE A 441 58.02 -17.64 -4.56
C ILE A 441 57.86 -18.90 -3.72
N GLU A 442 58.22 -18.84 -2.44
CA GLU A 442 58.02 -19.98 -1.55
C GLU A 442 56.54 -20.29 -1.33
N ILE A 443 55.69 -19.26 -1.33
CA ILE A 443 54.25 -19.48 -1.21
C ILE A 443 53.74 -20.28 -2.41
N ILE A 444 54.16 -19.89 -3.62
CA ILE A 444 53.75 -20.64 -4.81
C ILE A 444 54.36 -22.04 -4.82
N LYS A 445 55.59 -22.17 -4.32
CA LYS A 445 56.24 -23.48 -4.29
C LYS A 445 55.54 -24.44 -3.34
N ARG A 446 55.00 -23.91 -2.23
CA ARG A 446 54.19 -24.75 -1.35
C ARG A 446 52.80 -24.98 -1.92
N THR A 447 52.28 -24.03 -2.70
CA THR A 447 50.96 -24.16 -3.30
C THR A 447 50.95 -25.21 -4.41
N LEU A 448 52.09 -25.45 -5.05
CA LEU A 448 52.12 -26.38 -6.18
C LEU A 448 51.95 -27.84 -5.77
N LYS A 449 51.95 -28.15 -4.47
CA LYS A 449 51.71 -29.51 -3.99
C LYS A 449 50.26 -29.76 -3.63
N ILE A 450 49.39 -28.76 -3.73
CA ILE A 450 48.05 -28.79 -3.15
C ILE A 450 47.04 -29.64 -3.94
N PRO A 451 46.90 -29.54 -5.28
CA PRO A 451 45.89 -30.38 -5.95
C PRO A 451 46.14 -31.88 -5.83
N ALA A 452 47.40 -32.30 -5.90
CA ALA A 452 47.72 -33.72 -5.72
C ALA A 452 47.41 -34.18 -4.30
N MET A 453 47.71 -33.33 -3.30
CA MET A 453 47.40 -33.66 -1.92
C MET A 453 45.90 -33.74 -1.69
N THR A 454 45.12 -32.84 -2.31
CA THR A 454 43.67 -32.88 -2.15
C THR A 454 43.07 -34.12 -2.83
N ILE A 455 43.58 -34.46 -4.02
CA ILE A 455 43.16 -35.67 -4.71
C ILE A 455 43.43 -36.90 -3.86
N ALA A 456 44.65 -37.03 -3.34
CA ALA A 456 44.99 -38.16 -2.48
C ALA A 456 44.21 -38.16 -1.17
N LYS A 457 43.90 -36.97 -0.62
CA LYS A 457 43.10 -36.88 0.59
C LYS A 457 41.69 -37.41 0.36
N ASN A 458 41.08 -37.05 -0.78
CA ASN A 458 39.75 -37.57 -1.09
C ASN A 458 39.75 -39.06 -1.38
N ALA A 459 40.93 -39.65 -1.62
CA ALA A 459 41.05 -41.08 -1.88
C ALA A 459 41.34 -41.88 -0.63
N GLY A 460 41.27 -41.27 0.56
CA GLY A 460 41.42 -41.99 1.80
C GLY A 460 42.85 -42.22 2.27
N VAL A 461 43.85 -41.72 1.55
CA VAL A 461 45.24 -41.90 1.96
C VAL A 461 45.82 -40.56 2.39
N GLU A 462 47.04 -40.57 2.89
CA GLU A 462 47.71 -39.37 3.37
C GLU A 462 48.50 -38.77 2.21
N GLY A 463 48.16 -37.54 1.84
CA GLY A 463 48.63 -36.97 0.58
C GLY A 463 50.08 -36.50 0.57
N SER A 464 50.67 -36.27 1.74
CA SER A 464 52.04 -35.78 1.76
C SER A 464 53.03 -36.90 1.42
N LEU A 465 52.74 -38.13 1.86
CA LEU A 465 53.57 -39.26 1.47
C LEU A 465 53.44 -39.53 -0.03
N ILE A 466 52.22 -39.42 -0.56
CA ILE A 466 51.99 -39.58 -2.00
C ILE A 466 52.80 -38.54 -2.79
N VAL A 467 52.74 -37.28 -2.37
CA VAL A 467 53.44 -36.22 -3.09
C VAL A 467 54.95 -36.40 -2.97
N GLU A 468 55.42 -36.87 -1.81
CA GLU A 468 56.85 -37.11 -1.62
C GLU A 468 57.33 -38.27 -2.49
N LYS A 469 56.49 -39.29 -2.69
CA LYS A 469 56.89 -40.39 -3.56
C LYS A 469 56.78 -40.03 -5.04
N ILE A 470 55.84 -39.15 -5.40
CA ILE A 470 55.77 -38.68 -6.78
C ILE A 470 56.99 -37.82 -7.11
N MET A 471 57.42 -36.98 -6.17
CA MET A 471 58.55 -36.09 -6.42
C MET A 471 59.88 -36.85 -6.47
N GLN A 472 59.96 -38.01 -5.82
CA GLN A 472 61.15 -38.85 -5.90
C GLN A 472 61.15 -39.79 -7.09
N SER A 473 60.03 -39.90 -7.80
CA SER A 473 59.92 -40.81 -8.93
C SER A 473 60.41 -40.13 -10.20
N SER A 474 60.27 -40.83 -11.32
CA SER A 474 60.65 -40.26 -12.61
C SER A 474 59.58 -39.29 -13.09
N SER A 475 59.86 -38.64 -14.22
CA SER A 475 58.99 -37.57 -14.72
C SER A 475 57.68 -38.09 -15.29
N GLU A 476 57.57 -39.40 -15.52
CA GLU A 476 56.36 -39.99 -16.09
C GLU A 476 55.58 -40.82 -15.08
N VAL A 477 55.86 -40.68 -13.78
CA VAL A 477 55.21 -41.49 -12.76
C VAL A 477 54.44 -40.57 -11.82
N GLY A 478 53.14 -40.83 -11.70
CA GLY A 478 52.31 -40.11 -10.75
C GLY A 478 51.42 -41.07 -10.00
N TYR A 479 50.42 -40.55 -9.30
CA TYR A 479 49.52 -41.38 -8.50
C TYR A 479 48.23 -41.62 -9.26
N ASP A 480 47.77 -42.87 -9.24
CA ASP A 480 46.45 -43.24 -9.72
C ASP A 480 45.56 -43.34 -8.49
N ALA A 481 44.77 -42.30 -8.24
CA ALA A 481 43.95 -42.28 -7.03
C ALA A 481 42.74 -43.19 -7.15
N MET A 482 42.31 -43.51 -8.36
CA MET A 482 41.26 -44.51 -8.53
C MET A 482 41.79 -45.91 -8.24
N ALA A 483 42.97 -46.25 -8.77
CA ALA A 483 43.54 -47.58 -8.59
C ALA A 483 44.38 -47.71 -7.32
N GLY A 484 44.76 -46.60 -6.70
CA GLY A 484 45.61 -46.67 -5.52
C GLY A 484 47.02 -47.14 -5.79
N ASP A 485 47.61 -46.74 -6.92
CA ASP A 485 48.93 -47.20 -7.30
C ASP A 485 49.66 -46.10 -8.05
N PHE A 486 50.97 -46.25 -8.16
CA PHE A 486 51.83 -45.31 -8.87
C PHE A 486 52.12 -45.87 -10.27
N VAL A 487 51.66 -45.16 -11.30
CA VAL A 487 51.63 -45.68 -12.66
C VAL A 487 52.20 -44.63 -13.60
N ASN A 488 52.30 -45.01 -14.88
CA ASN A 488 52.58 -44.08 -15.96
C ASN A 488 51.28 -43.35 -16.32
N MET A 489 51.26 -42.04 -16.11
CA MET A 489 50.02 -41.29 -16.28
C MET A 489 49.64 -41.09 -17.74
N VAL A 490 50.63 -41.01 -18.64
CA VAL A 490 50.31 -40.94 -20.07
C VAL A 490 49.80 -42.28 -20.57
N GLU A 491 50.42 -43.37 -20.12
CA GLU A 491 50.02 -44.70 -20.58
C GLU A 491 48.64 -45.09 -20.04
N LYS A 492 48.35 -44.70 -18.80
CA LYS A 492 47.04 -44.99 -18.21
C LYS A 492 45.99 -43.93 -18.55
N GLY A 493 46.38 -42.85 -19.23
CA GLY A 493 45.42 -41.88 -19.71
C GLY A 493 45.00 -40.81 -18.73
N ILE A 494 45.66 -40.70 -17.57
CA ILE A 494 45.32 -39.65 -16.62
C ILE A 494 46.03 -38.37 -17.06
N ILE A 495 45.36 -37.58 -17.89
CA ILE A 495 45.94 -36.40 -18.50
C ILE A 495 44.98 -35.23 -18.34
N ASP A 496 45.55 -34.03 -18.23
CA ASP A 496 44.80 -32.80 -18.12
C ASP A 496 45.16 -31.87 -19.27
N PRO A 497 44.21 -31.02 -19.70
CA PRO A 497 44.57 -29.97 -20.65
C PRO A 497 45.49 -28.95 -20.01
N THR A 498 46.44 -28.44 -20.81
CA THR A 498 47.39 -27.44 -20.31
C THR A 498 46.68 -26.13 -19.97
N LYS A 499 45.74 -25.73 -20.83
CA LYS A 499 45.02 -24.47 -20.68
C LYS A 499 44.24 -24.42 -19.37
N VAL A 500 43.58 -25.53 -19.02
CA VAL A 500 42.83 -25.61 -17.77
C VAL A 500 43.74 -25.40 -16.56
N VAL A 501 44.90 -26.05 -16.57
CA VAL A 501 45.82 -25.98 -15.44
C VAL A 501 46.37 -24.57 -15.28
N ARG A 502 46.85 -23.96 -16.38
CA ARG A 502 47.41 -22.62 -16.26
C ARG A 502 46.34 -21.59 -15.95
N THR A 503 45.13 -21.75 -16.49
CA THR A 503 44.03 -20.84 -16.19
C THR A 503 43.66 -20.90 -14.71
N ALA A 504 43.57 -22.12 -14.16
CA ALA A 504 43.25 -22.28 -12.74
C ALA A 504 44.33 -21.67 -11.86
N LEU A 505 45.60 -21.92 -12.18
CA LEU A 505 46.69 -21.40 -11.37
C LEU A 505 46.74 -19.86 -11.42
N LEU A 506 46.61 -19.28 -12.62
CA LEU A 506 46.67 -17.83 -12.75
C LEU A 506 45.49 -17.14 -12.06
N ASP A 507 44.28 -17.66 -12.28
CA ASP A 507 43.09 -17.06 -11.66
C ASP A 507 43.10 -17.21 -10.15
N ALA A 508 43.67 -18.30 -9.63
CA ALA A 508 43.81 -18.43 -8.18
C ALA A 508 44.84 -17.44 -7.65
N ALA A 509 46.00 -17.37 -8.29
CA ALA A 509 47.12 -16.60 -7.77
C ALA A 509 46.83 -15.11 -7.75
N GLY A 510 46.21 -14.59 -8.82
CA GLY A 510 45.95 -13.15 -8.88
C GLY A 510 45.05 -12.66 -7.77
N VAL A 511 43.91 -13.32 -7.59
CA VAL A 511 42.94 -12.87 -6.60
C VAL A 511 43.43 -13.17 -5.19
N ALA A 512 44.12 -14.30 -4.98
CA ALA A 512 44.58 -14.61 -3.64
C ALA A 512 45.73 -13.71 -3.20
N SER A 513 46.66 -13.41 -4.12
CA SER A 513 47.74 -12.48 -3.79
C SER A 513 47.26 -11.04 -3.69
N LEU A 514 46.13 -10.69 -4.32
CA LEU A 514 45.55 -9.38 -4.04
C LEU A 514 44.82 -9.36 -2.70
N LEU A 515 44.21 -10.49 -2.30
CA LEU A 515 43.58 -10.59 -1.00
C LEU A 515 44.59 -10.52 0.14
N THR A 516 45.78 -11.07 -0.06
CA THR A 516 46.75 -11.10 1.03
C THR A 516 47.50 -9.78 1.19
N THR A 517 47.11 -8.72 0.49
CA THR A 517 47.68 -7.39 0.64
C THR A 517 46.82 -6.45 1.49
N ALA A 518 45.87 -6.99 2.25
CA ALA A 518 44.84 -6.17 2.89
C ALA A 518 45.13 -5.99 4.37
N GLU A 519 45.18 -4.73 4.81
CA GLU A 519 45.29 -4.39 6.22
C GLU A 519 43.97 -3.98 6.84
N VAL A 520 43.06 -3.39 6.08
CA VAL A 520 41.80 -2.86 6.60
C VAL A 520 40.66 -3.43 5.78
N VAL A 521 39.63 -3.93 6.46
CA VAL A 521 38.44 -4.46 5.81
C VAL A 521 37.23 -3.66 6.30
N VAL A 522 36.49 -3.07 5.36
CA VAL A 522 35.34 -2.24 5.66
C VAL A 522 34.09 -2.95 5.17
N THR A 523 33.16 -3.22 6.10
CA THR A 523 31.90 -3.87 5.80
C THR A 523 30.74 -2.98 6.26
N GLU A 524 29.53 -3.43 5.96
CA GLU A 524 28.32 -2.72 6.36
C GLU A 524 27.79 -3.26 7.68
N ILE A 525 27.18 -2.37 8.45
CA ILE A 525 26.49 -2.81 9.68
C ILE A 525 25.23 -3.59 9.29
N PRO A 526 25.06 -4.82 9.76
CA PRO A 526 23.85 -5.58 9.43
C PRO A 526 22.62 -5.00 10.13
N LYS A 527 21.54 -4.90 9.37
CA LYS A 527 20.29 -4.34 9.88
C LYS A 527 19.32 -5.43 10.32
N GLY B 1 13.18 20.41 12.57
CA GLY B 1 11.95 19.85 13.11
C GLY B 1 12.18 18.64 13.99
N SER B 2 13.20 17.85 13.65
CA SER B 2 13.51 16.66 14.43
C SER B 2 14.17 17.04 15.75
N ALA B 3 14.04 16.16 16.74
CA ALA B 3 14.68 16.38 18.03
C ALA B 3 16.19 16.25 17.90
N LYS B 4 16.91 17.07 18.65
CA LYS B 4 18.36 17.20 18.48
C LYS B 4 19.08 16.84 19.76
N ASP B 5 20.29 16.31 19.59
CA ASP B 5 21.22 16.07 20.68
C ASP B 5 22.34 17.10 20.58
N VAL B 6 22.61 17.79 21.68
CA VAL B 6 23.58 18.88 21.71
C VAL B 6 24.65 18.55 22.75
N LYS B 7 25.91 18.59 22.34
CA LYS B 7 27.04 18.38 23.23
C LYS B 7 27.93 19.61 23.24
N PHE B 8 28.70 19.75 24.32
CA PHE B 8 29.49 20.95 24.56
C PHE B 8 30.93 20.56 24.85
N GLY B 9 31.84 21.49 24.56
CA GLY B 9 33.20 21.40 25.08
C GLY B 9 34.02 20.27 24.48
N ALA B 10 34.74 19.57 25.35
CA ALA B 10 35.75 18.62 24.91
C ALA B 10 35.22 17.20 24.73
N ASP B 11 33.99 16.92 25.16
CA ASP B 11 33.40 15.61 24.89
C ASP B 11 33.01 15.47 23.43
N ALA B 12 32.36 16.50 22.89
CA ALA B 12 32.03 16.52 21.47
C ALA B 12 33.28 16.53 20.61
N ARG B 13 34.29 17.31 21.02
CA ARG B 13 35.56 17.34 20.32
C ARG B 13 36.26 15.99 20.36
N ALA B 14 36.19 15.30 21.51
CA ALA B 14 36.79 13.97 21.63
C ALA B 14 36.09 12.97 20.71
N LEU B 15 34.76 13.02 20.63
CA LEU B 15 34.03 12.12 19.75
C LEU B 15 34.33 12.42 18.27
N MET B 16 34.43 13.70 17.92
CA MET B 16 34.78 14.08 16.55
C MET B 16 36.18 13.62 16.19
N LEU B 17 37.16 13.90 17.06
CA LEU B 17 38.50 13.33 16.97
C LEU B 17 38.49 11.81 16.81
N GLN B 18 37.60 11.12 17.52
CA GLN B 18 37.50 9.67 17.39
C GLN B 18 37.09 9.25 15.98
N GLY B 19 36.10 9.94 15.41
CA GLY B 19 35.71 9.64 14.03
C GLY B 19 36.82 9.96 13.02
N VAL B 20 37.48 11.12 13.21
CA VAL B 20 38.60 11.51 12.38
C VAL B 20 39.72 10.48 12.46
N ASP B 21 39.98 10.00 13.68
CA ASP B 21 41.05 9.03 13.90
C ASP B 21 40.72 7.68 13.27
N LEU B 22 39.45 7.27 13.33
CA LEU B 22 39.05 6.01 12.70
C LEU B 22 39.24 6.07 11.19
N LEU B 23 38.71 7.12 10.55
CA LEU B 23 38.82 7.21 9.10
C LEU B 23 40.27 7.40 8.66
N ALA B 24 41.04 8.21 9.39
CA ALA B 24 42.41 8.46 8.98
C ALA B 24 43.32 7.28 9.30
N ASP B 25 43.04 6.50 10.34
CA ASP B 25 43.79 5.27 10.56
C ASP B 25 43.49 4.23 9.50
N ALA B 26 42.26 4.19 9.00
CA ALA B 26 41.97 3.30 7.89
C ALA B 26 42.66 3.77 6.60
N VAL B 27 42.77 5.08 6.42
CA VAL B 27 43.39 5.60 5.20
C VAL B 27 44.92 5.52 5.26
N ALA B 28 45.53 5.68 6.44
CA ALA B 28 46.97 5.82 6.56
C ALA B 28 47.73 4.52 6.31
N VAL B 29 47.04 3.37 6.35
CA VAL B 29 47.70 2.10 6.04
C VAL B 29 48.05 1.97 4.57
N THR B 30 47.46 2.81 3.71
CA THR B 30 47.64 2.76 2.28
C THR B 30 48.82 3.60 1.80
N MET B 31 49.51 4.31 2.69
CA MET B 31 50.44 5.35 2.31
C MET B 31 51.83 4.79 2.01
N GLY B 32 52.36 5.15 0.85
CA GLY B 32 53.76 4.94 0.54
C GLY B 32 54.02 3.72 -0.31
N PRO B 33 55.30 3.34 -0.45
CA PRO B 33 55.63 2.17 -1.26
C PRO B 33 55.48 0.86 -0.51
N LYS B 34 55.43 0.88 0.82
CA LYS B 34 55.10 -0.28 1.61
C LYS B 34 53.71 -0.18 2.22
N GLY B 35 52.84 0.65 1.63
CA GLY B 35 51.46 0.69 2.05
C GLY B 35 50.69 -0.54 1.58
N ARG B 36 49.61 -0.82 2.29
CA ARG B 36 48.81 -2.01 2.08
C ARG B 36 47.44 -1.60 1.56
N THR B 37 46.63 -2.59 1.19
CA THR B 37 45.35 -2.30 0.55
C THR B 37 44.21 -2.38 1.55
N VAL B 38 43.06 -1.88 1.13
CA VAL B 38 41.84 -1.87 1.92
C VAL B 38 40.75 -2.55 1.11
N ILE B 39 40.08 -3.52 1.73
CA ILE B 39 38.97 -4.21 1.10
C ILE B 39 37.67 -3.57 1.57
N ILE B 40 36.85 -3.15 0.63
CA ILE B 40 35.57 -2.49 0.91
C ILE B 40 34.47 -3.39 0.37
N GLU B 41 33.53 -3.76 1.24
CA GLU B 41 32.42 -4.61 0.83
C GLU B 41 31.44 -3.84 -0.05
N GLN B 42 31.09 -4.43 -1.18
CA GLN B 42 30.12 -3.87 -2.10
C GLN B 42 28.83 -4.66 -2.02
N SER B 43 27.70 -3.97 -2.11
CA SER B 43 26.41 -4.66 -1.99
C SER B 43 26.06 -5.44 -3.24
N TRP B 44 26.51 -5.00 -4.41
CA TRP B 44 26.20 -5.65 -5.67
C TRP B 44 27.26 -6.67 -6.08
N GLY B 45 27.65 -7.56 -5.18
CA GLY B 45 28.57 -8.62 -5.55
C GLY B 45 29.96 -8.54 -4.96
N SER B 46 30.97 -8.52 -5.83
CA SER B 46 32.35 -8.70 -5.41
C SER B 46 32.86 -7.45 -4.71
N PRO B 47 33.64 -7.61 -3.63
CA PRO B 47 34.15 -6.46 -2.90
C PRO B 47 35.27 -5.73 -3.64
N LYS B 48 35.50 -4.50 -3.22
CA LYS B 48 36.49 -3.62 -3.84
C LYS B 48 37.77 -3.61 -3.02
N VAL B 49 38.89 -3.88 -3.68
CA VAL B 49 40.21 -3.80 -3.08
C VAL B 49 40.90 -2.55 -3.62
N THR B 50 41.38 -1.70 -2.72
CA THR B 50 41.92 -0.41 -3.16
C THR B 50 43.07 0.01 -2.26
N LYS B 51 43.90 0.89 -2.82
CA LYS B 51 44.95 1.60 -2.09
C LYS B 51 44.72 3.12 -2.16
N ASP B 52 43.76 3.56 -2.97
CA ASP B 52 43.47 4.98 -3.11
C ASP B 52 42.79 5.51 -1.85
N GLY B 53 43.32 6.63 -1.34
CA GLY B 53 42.87 7.15 -0.06
C GLY B 53 41.45 7.69 -0.05
N VAL B 54 41.05 8.37 -1.12
CA VAL B 54 39.71 8.97 -1.15
C VAL B 54 38.65 7.88 -1.31
N THR B 55 39.01 6.74 -1.93
CA THR B 55 38.06 5.63 -2.03
C THR B 55 37.84 4.99 -0.67
N VAL B 56 38.88 4.91 0.15
CA VAL B 56 38.73 4.42 1.51
C VAL B 56 37.94 5.42 2.36
N ALA B 57 38.19 6.72 2.15
CA ALA B 57 37.51 7.75 2.93
C ALA B 57 36.01 7.78 2.63
N LYS B 58 35.64 7.79 1.35
CA LYS B 58 34.23 7.88 0.97
C LYS B 58 33.42 6.65 1.37
N SER B 59 34.08 5.52 1.62
CA SER B 59 33.39 4.28 1.94
C SER B 59 33.08 4.14 3.43
N ILE B 60 33.53 5.06 4.27
CA ILE B 60 33.44 4.92 5.72
C ILE B 60 32.43 5.91 6.26
N ASP B 61 31.39 5.39 6.92
CA ASP B 61 30.44 6.17 7.69
C ASP B 61 30.20 5.48 9.02
N LEU B 62 29.92 6.27 10.05
CA LEU B 62 29.74 5.73 11.40
C LEU B 62 28.30 5.92 11.87
N LYS B 63 27.87 5.02 12.76
CA LYS B 63 26.54 5.13 13.35
C LYS B 63 26.47 6.28 14.34
N ASP B 64 27.47 6.42 15.20
CA ASP B 64 27.55 7.57 16.10
C ASP B 64 27.79 8.83 15.28
N LYS B 65 26.84 9.75 15.32
CA LYS B 65 26.87 10.91 14.44
C LYS B 65 27.92 11.94 14.84
N TYR B 66 28.35 11.94 16.10
CA TYR B 66 29.44 12.83 16.50
C TYR B 66 30.76 12.39 15.89
N LYS B 67 30.99 11.07 15.80
CA LYS B 67 32.13 10.58 15.04
C LYS B 67 31.92 10.74 13.54
N ASN B 68 30.68 10.63 13.08
CA ASN B 68 30.39 10.73 11.65
C ASN B 68 30.61 12.14 11.12
N ILE B 69 30.44 13.17 11.95
CA ILE B 69 30.73 14.54 11.52
C ILE B 69 32.21 14.70 11.19
N GLY B 70 33.08 14.21 12.07
CA GLY B 70 34.50 14.28 11.79
C GLY B 70 34.91 13.41 10.62
N ALA B 71 34.28 12.24 10.50
CA ALA B 71 34.54 11.37 9.35
C ALA B 71 34.16 12.05 8.04
N LYS B 72 33.00 12.71 8.00
CA LYS B 72 32.58 13.37 6.77
C LYS B 72 33.41 14.62 6.49
N LEU B 73 33.94 15.28 7.53
CA LEU B 73 34.84 16.40 7.27
C LEU B 73 36.15 15.96 6.65
N VAL B 74 36.73 14.85 7.15
CA VAL B 74 37.92 14.32 6.50
C VAL B 74 37.59 13.76 5.11
N GLN B 75 36.35 13.31 4.91
CA GLN B 75 35.90 12.94 3.56
C GLN B 75 35.87 14.15 2.65
N ASP B 76 35.46 15.31 3.16
CA ASP B 76 35.52 16.54 2.36
C ASP B 76 36.95 16.90 2.00
N VAL B 77 37.88 16.70 2.95
CA VAL B 77 39.31 16.92 2.67
C VAL B 77 39.78 16.04 1.52
N ALA B 78 39.52 14.73 1.63
CA ALA B 78 39.98 13.78 0.62
C ALA B 78 39.32 14.03 -0.73
N ASN B 79 38.03 14.39 -0.72
CA ASN B 79 37.31 14.64 -1.97
C ASN B 79 37.79 15.92 -2.63
N ASN B 80 38.08 16.97 -1.86
CA ASN B 80 38.60 18.19 -2.45
C ASN B 80 39.99 17.97 -3.03
N THR B 81 40.83 17.19 -2.34
CA THR B 81 42.16 16.90 -2.88
C THR B 81 42.08 16.04 -4.13
N ASN B 82 41.15 15.09 -4.17
CA ASN B 82 40.95 14.29 -5.37
C ASN B 82 40.38 15.12 -6.52
N GLU B 83 39.59 16.15 -6.19
CA GLU B 83 38.98 16.97 -7.24
C GLU B 83 39.99 17.93 -7.86
N GLU B 84 40.71 18.70 -7.04
CA GLU B 84 41.62 19.68 -7.62
C GLU B 84 43.03 19.15 -7.86
N ALA B 85 43.34 17.93 -7.48
CA ALA B 85 44.66 17.39 -7.82
C ALA B 85 44.60 16.01 -8.47
N GLY B 86 43.67 15.16 -8.06
CA GLY B 86 43.63 13.79 -8.53
C GLY B 86 44.60 12.86 -7.85
N ASP B 87 45.33 13.34 -6.85
CA ASP B 87 46.34 12.56 -6.14
C ASP B 87 46.60 13.22 -4.80
N GLY B 88 47.32 12.51 -3.94
CA GLY B 88 47.67 13.04 -2.64
C GLY B 88 46.57 13.06 -1.61
N THR B 89 45.57 12.19 -1.75
CA THR B 89 44.44 12.18 -0.83
C THR B 89 44.79 11.56 0.52
N THR B 90 45.64 10.53 0.53
CA THR B 90 46.12 9.96 1.78
C THR B 90 46.96 10.96 2.56
N THR B 91 47.79 11.72 1.85
CA THR B 91 48.60 12.76 2.50
C THR B 91 47.72 13.85 3.07
N ALA B 92 46.69 14.26 2.33
CA ALA B 92 45.74 15.25 2.83
C ALA B 92 45.00 14.74 4.05
N THR B 93 44.65 13.45 4.05
CA THR B 93 43.93 12.86 5.17
C THR B 93 44.78 12.84 6.44
N VAL B 94 46.05 12.42 6.32
CA VAL B 94 46.88 12.37 7.52
C VAL B 94 47.26 13.77 8.00
N LEU B 95 47.43 14.72 7.07
CA LEU B 95 47.67 16.11 7.47
C LEU B 95 46.47 16.69 8.20
N ALA B 96 45.25 16.42 7.69
CA ALA B 96 44.05 16.91 8.34
C ALA B 96 43.86 16.29 9.72
N ARG B 97 44.15 14.99 9.87
CA ARG B 97 44.15 14.37 11.19
C ARG B 97 45.12 15.07 12.13
N SER B 98 46.35 15.33 11.67
CA SER B 98 47.35 15.96 12.52
C SER B 98 46.92 17.35 12.96
N ILE B 99 46.41 18.16 12.03
CA ILE B 99 45.98 19.51 12.40
C ILE B 99 44.77 19.47 13.34
N ALA B 100 43.82 18.57 13.09
CA ALA B 100 42.65 18.45 13.96
C ALA B 100 43.03 18.01 15.37
N LYS B 101 43.94 17.04 15.47
CA LYS B 101 44.36 16.55 16.79
C LYS B 101 45.15 17.60 17.55
N GLU B 102 46.12 18.23 16.89
CA GLU B 102 46.94 19.22 17.58
C GLU B 102 46.20 20.53 17.84
N GLY B 103 45.08 20.76 17.15
CA GLY B 103 44.24 21.89 17.45
C GLY B 103 43.27 21.61 18.58
N PHE B 104 42.73 20.39 18.63
CA PHE B 104 41.90 19.99 19.76
C PHE B 104 42.71 19.91 21.04
N GLU B 105 43.99 19.57 20.94
CA GLU B 105 44.83 19.51 22.13
C GLU B 105 45.13 20.89 22.70
N LYS B 106 45.21 21.91 21.84
CA LYS B 106 45.65 23.24 22.24
C LYS B 106 44.51 24.16 22.69
N ILE B 107 43.28 23.65 22.76
CA ILE B 107 42.14 24.49 23.13
C ILE B 107 42.06 24.57 24.65
N SER B 108 42.08 25.80 25.17
CA SER B 108 41.93 26.06 26.60
C SER B 108 40.91 27.17 26.81
N LYS B 109 40.78 27.66 28.04
CA LYS B 109 39.80 28.71 28.32
C LYS B 109 40.24 30.05 27.74
N GLY B 110 41.51 30.42 27.91
CA GLY B 110 42.04 31.65 27.38
C GLY B 110 42.48 31.60 25.93
N ALA B 111 42.28 30.48 25.25
CA ALA B 111 42.70 30.33 23.86
C ALA B 111 41.58 30.75 22.92
N ASN B 112 41.96 31.44 21.84
CA ASN B 112 41.02 31.81 20.78
C ASN B 112 41.27 30.95 19.56
N PRO B 113 40.44 29.94 19.29
CA PRO B 113 40.70 29.05 18.15
C PRO B 113 40.58 29.72 16.78
N VAL B 114 39.96 30.89 16.68
CA VAL B 114 39.85 31.55 15.38
C VAL B 114 41.17 32.23 15.02
N GLU B 115 41.87 32.79 16.00
CA GLU B 115 43.21 33.29 15.74
C GLU B 115 44.21 32.16 15.59
N ILE B 116 43.96 31.02 16.21
CA ILE B 116 44.75 29.82 15.94
C ILE B 116 44.57 29.41 14.48
N ARG B 117 43.33 29.43 13.98
CA ARG B 117 43.06 29.13 12.58
C ARG B 117 43.74 30.13 11.65
N ARG B 118 43.79 31.40 12.06
CA ARG B 118 44.49 32.41 11.27
C ARG B 118 46.00 32.12 11.22
N GLY B 119 46.58 31.76 12.37
CA GLY B 119 47.96 31.28 12.40
C GLY B 119 48.20 30.10 11.48
N VAL B 120 47.27 29.13 11.49
CA VAL B 120 47.39 27.94 10.64
C VAL B 120 47.40 28.33 9.17
N MET B 121 46.49 29.23 8.77
CA MET B 121 46.43 29.58 7.35
C MET B 121 47.61 30.44 6.93
N LEU B 122 48.10 31.31 7.83
CA LEU B 122 49.31 32.08 7.54
C LEU B 122 50.53 31.17 7.37
N ALA B 123 50.65 30.15 8.23
CA ALA B 123 51.77 29.23 8.14
C ALA B 123 51.69 28.37 6.88
N VAL B 124 50.48 27.94 6.50
CA VAL B 124 50.31 27.19 5.28
C VAL B 124 50.61 28.05 4.05
N ASP B 125 50.27 29.34 4.11
CA ASP B 125 50.63 30.25 3.02
C ASP B 125 52.14 30.37 2.88
N ALA B 126 52.84 30.48 4.03
CA ALA B 126 54.31 30.49 4.01
C ALA B 126 54.88 29.20 3.41
N VAL B 127 54.35 28.05 3.83
CA VAL B 127 54.85 26.77 3.34
C VAL B 127 54.55 26.60 1.85
N ILE B 128 53.44 27.15 1.36
CA ILE B 128 53.13 27.04 -0.06
C ILE B 128 54.02 27.97 -0.87
N ALA B 129 54.39 29.12 -0.31
CA ALA B 129 55.40 29.98 -0.94
C ALA B 129 56.75 29.27 -1.02
N GLU B 130 57.13 28.56 0.04
CA GLU B 130 58.40 27.84 0.02
C GLU B 130 58.35 26.64 -0.92
N LEU B 131 57.17 26.02 -1.07
CA LEU B 131 57.00 24.94 -2.04
C LEU B 131 57.14 25.46 -3.47
N LYS B 132 56.57 26.64 -3.75
CA LYS B 132 56.73 27.24 -5.06
C LYS B 132 58.16 27.70 -5.30
N LYS B 133 58.89 28.01 -4.24
CA LYS B 133 60.31 28.35 -4.40
C LYS B 133 61.15 27.12 -4.66
N GLN B 134 60.84 26.00 -3.99
CA GLN B 134 61.60 24.76 -4.16
C GLN B 134 61.25 24.01 -5.43
N SER B 135 60.18 24.38 -6.12
CA SER B 135 59.71 23.61 -7.28
C SER B 135 60.66 23.75 -8.45
N LYS B 136 60.79 22.66 -9.22
CA LYS B 136 61.61 22.61 -10.41
C LYS B 136 60.76 22.13 -11.58
N PRO B 137 60.84 22.80 -12.74
CA PRO B 137 60.05 22.36 -13.89
C PRO B 137 60.54 21.03 -14.44
N VAL B 138 59.62 20.30 -15.05
CA VAL B 138 59.94 19.01 -15.68
C VAL B 138 60.40 19.29 -17.11
N THR B 139 61.61 18.84 -17.44
CA THR B 139 62.18 19.06 -18.76
C THR B 139 62.50 17.79 -19.52
N THR B 140 62.62 16.64 -18.85
CA THR B 140 63.00 15.40 -19.48
C THR B 140 61.90 14.36 -19.32
N PRO B 141 61.63 13.53 -20.34
CA PRO B 141 60.65 12.45 -20.19
C PRO B 141 61.04 11.39 -19.16
N GLU B 142 62.32 11.32 -18.78
CA GLU B 142 62.72 10.48 -17.67
C GLU B 142 62.03 10.90 -16.38
N GLU B 143 61.89 12.21 -16.16
CA GLU B 143 61.15 12.69 -14.99
C GLU B 143 59.66 12.38 -15.10
N ILE B 144 59.13 12.37 -16.33
CA ILE B 144 57.73 11.97 -16.56
C ILE B 144 57.54 10.52 -16.14
N ALA B 145 58.43 9.64 -16.60
CA ALA B 145 58.35 8.23 -16.25
C ALA B 145 58.56 8.03 -14.75
N GLN B 146 59.42 8.84 -14.14
CA GLN B 146 59.66 8.74 -12.70
C GLN B 146 58.44 9.14 -11.89
N VAL B 147 57.79 10.25 -12.28
CA VAL B 147 56.58 10.71 -11.59
C VAL B 147 55.48 9.66 -11.72
N ALA B 148 55.26 9.15 -12.93
CA ALA B 148 54.19 8.17 -13.13
C ALA B 148 54.53 6.83 -12.48
N THR B 149 55.82 6.50 -12.33
CA THR B 149 56.20 5.29 -11.64
C THR B 149 55.98 5.42 -10.14
N ILE B 150 56.39 6.55 -9.55
CA ILE B 150 56.22 6.75 -8.12
C ILE B 150 54.74 6.81 -7.75
N SER B 151 53.94 7.49 -8.56
CA SER B 151 52.52 7.65 -8.26
C SER B 151 51.71 6.38 -8.47
N ALA B 152 52.28 5.35 -9.08
CA ALA B 152 51.58 4.09 -9.33
C ALA B 152 52.13 2.96 -8.46
N ASN B 153 52.60 3.28 -7.25
CA ASN B 153 53.21 2.32 -6.32
C ASN B 153 54.43 1.62 -6.91
N GLY B 154 55.26 2.38 -7.62
CA GLY B 154 56.63 1.97 -7.87
C GLY B 154 56.85 0.88 -8.90
N ASP B 155 55.90 0.63 -9.80
CA ASP B 155 56.14 -0.27 -10.93
C ASP B 155 56.49 0.57 -12.16
N LYS B 156 57.54 0.17 -12.86
CA LYS B 156 58.03 0.95 -13.98
C LYS B 156 57.22 0.75 -15.25
N GLU B 157 56.30 -0.21 -15.28
CA GLU B 157 55.53 -0.48 -16.49
C GLU B 157 54.50 0.60 -16.75
N ILE B 158 53.78 1.01 -15.70
CA ILE B 158 52.78 2.08 -15.84
C ILE B 158 53.47 3.41 -16.17
N GLY B 159 54.60 3.68 -15.51
CA GLY B 159 55.35 4.89 -15.83
C GLY B 159 55.88 4.89 -17.25
N ASN B 160 56.38 3.75 -17.72
CA ASN B 160 56.88 3.66 -19.09
C ASN B 160 55.76 3.83 -20.11
N ILE B 161 54.60 3.21 -19.88
CA ILE B 161 53.53 3.35 -20.87
C ILE B 161 52.94 4.76 -20.85
N ILE B 162 52.89 5.41 -19.69
CA ILE B 162 52.39 6.78 -19.63
C ILE B 162 53.37 7.74 -20.31
N SER B 163 54.68 7.55 -20.07
CA SER B 163 55.69 8.38 -20.72
C SER B 163 55.67 8.18 -22.23
N ASP B 164 55.48 6.94 -22.69
CA ASP B 164 55.34 6.69 -24.12
C ASP B 164 54.05 7.30 -24.67
N ALA B 165 52.99 7.33 -23.86
CA ALA B 165 51.72 7.89 -24.31
C ALA B 165 51.83 9.39 -24.53
N MET B 166 52.56 10.10 -23.68
CA MET B 166 52.78 11.52 -23.96
C MET B 166 54.02 11.79 -24.82
N LYS B 167 54.79 10.75 -25.16
CA LYS B 167 55.73 10.89 -26.27
C LYS B 167 55.03 10.81 -27.61
N LYS B 168 53.98 9.98 -27.71
CA LYS B 168 53.25 9.83 -28.96
C LYS B 168 52.16 10.88 -29.14
N VAL B 169 51.51 11.30 -28.06
CA VAL B 169 50.41 12.25 -28.16
C VAL B 169 50.78 13.63 -27.63
N GLY B 170 51.60 13.73 -26.59
CA GLY B 170 51.96 15.02 -26.05
C GLY B 170 51.63 15.17 -24.59
N ARG B 171 52.33 16.10 -23.91
CA ARG B 171 52.17 16.24 -22.48
C ARG B 171 50.83 16.87 -22.11
N LYS B 172 50.24 17.65 -23.02
CA LYS B 172 48.91 18.21 -22.82
C LYS B 172 47.84 17.47 -23.63
N GLY B 173 48.18 16.31 -24.20
CA GLY B 173 47.20 15.51 -24.90
C GLY B 173 46.35 14.71 -23.94
N VAL B 174 45.23 14.22 -24.45
CA VAL B 174 44.27 13.47 -23.64
C VAL B 174 44.63 11.99 -23.67
N ILE B 175 44.64 11.37 -22.49
CA ILE B 175 44.95 9.95 -22.32
C ILE B 175 43.85 9.34 -21.47
N THR B 176 43.20 8.31 -21.99
CA THR B 176 42.04 7.71 -21.33
C THR B 176 42.35 6.28 -20.91
N VAL B 177 41.59 5.80 -19.92
CA VAL B 177 41.79 4.49 -19.32
C VAL B 177 40.47 3.72 -19.38
N LYS B 178 40.51 2.50 -19.91
CA LYS B 178 39.37 1.59 -19.84
C LYS B 178 39.88 0.18 -19.61
N ASP B 179 38.97 -0.70 -19.23
CA ASP B 179 39.32 -2.09 -18.91
C ASP B 179 39.81 -2.83 -20.13
N GLY B 180 40.78 -3.72 -19.93
CA GLY B 180 41.31 -4.55 -21.00
C GLY B 180 41.02 -6.02 -20.73
N LYS B 181 40.86 -6.79 -21.81
CA LYS B 181 40.58 -8.21 -21.71
C LYS B 181 41.84 -9.06 -21.70
N THR B 182 43.02 -8.46 -21.77
CA THR B 182 44.27 -9.19 -21.79
C THR B 182 44.90 -9.18 -20.40
N LEU B 183 45.99 -9.93 -20.25
CA LEU B 183 46.71 -9.96 -18.99
C LEU B 183 47.57 -8.71 -18.79
N ASN B 184 48.19 -8.23 -19.87
CA ASN B 184 49.15 -7.13 -19.78
C ASN B 184 48.54 -5.85 -20.33
N ASP B 185 49.13 -4.73 -19.93
CA ASP B 185 48.68 -3.42 -20.38
C ASP B 185 49.18 -3.15 -21.79
N GLU B 186 48.43 -2.31 -22.51
CA GLU B 186 48.81 -1.94 -23.86
C GLU B 186 48.30 -0.53 -24.15
N LEU B 187 48.95 0.11 -25.13
CA LEU B 187 48.69 1.50 -25.48
C LEU B 187 48.18 1.57 -26.91
N GLU B 188 47.04 2.22 -27.10
CA GLU B 188 46.42 2.37 -28.41
C GLU B 188 46.26 3.85 -28.72
N ILE B 189 46.70 4.24 -29.91
CA ILE B 189 46.60 5.62 -30.38
C ILE B 189 45.46 5.70 -31.39
N ILE B 190 44.42 6.46 -31.04
CA ILE B 190 43.22 6.61 -31.86
C ILE B 190 43.04 8.09 -32.15
N GLU B 191 42.34 8.39 -33.24
CA GLU B 191 42.03 9.77 -33.62
C GLU B 191 40.74 10.21 -32.97
N GLY B 192 40.81 11.32 -32.22
CA GLY B 192 39.63 11.82 -31.53
C GLY B 192 39.85 13.26 -31.10
N MET B 193 38.84 13.80 -30.43
CA MET B 193 38.88 15.17 -29.95
C MET B 193 38.23 15.24 -28.57
N LYS B 194 38.45 16.36 -27.88
CA LYS B 194 38.09 16.47 -26.47
C LYS B 194 37.97 17.94 -26.10
N PHE B 195 36.81 18.32 -25.56
CA PHE B 195 36.55 19.69 -25.14
C PHE B 195 36.03 19.68 -23.70
N ASP B 196 35.97 20.88 -23.10
CA ASP B 196 35.77 21.03 -21.66
C ASP B 196 34.33 21.35 -21.28
N ARG B 197 33.35 20.79 -22.00
CA ARG B 197 31.95 20.93 -21.66
C ARG B 197 31.38 19.56 -21.28
N GLY B 198 30.79 19.47 -20.09
CA GLY B 198 30.18 18.24 -19.61
C GLY B 198 28.72 18.14 -19.99
N TYR B 199 28.01 17.23 -19.33
CA TYR B 199 26.59 17.11 -19.57
C TYR B 199 25.85 18.27 -18.90
N ILE B 200 24.60 18.46 -19.33
CA ILE B 200 23.82 19.61 -18.90
C ILE B 200 22.78 19.18 -17.88
N SER B 201 22.28 17.94 -18.01
CA SER B 201 21.38 17.37 -17.04
C SER B 201 21.93 16.04 -16.53
N PRO B 202 21.82 15.76 -15.23
CA PRO B 202 22.37 14.52 -14.67
C PRO B 202 21.50 13.29 -14.89
N TYR B 203 20.38 13.41 -15.59
CA TYR B 203 19.53 12.26 -15.89
C TYR B 203 20.04 11.43 -17.05
N PHE B 204 21.10 11.87 -17.73
CA PHE B 204 21.65 11.19 -18.89
C PHE B 204 22.64 10.09 -18.53
N ILE B 205 22.95 9.92 -17.25
CA ILE B 205 23.99 8.98 -16.82
C ILE B 205 23.44 7.56 -16.88
N ASN B 206 24.11 6.70 -17.66
CA ASN B 206 23.77 5.28 -17.74
C ASN B 206 24.74 4.40 -16.97
N THR B 207 26.03 4.72 -17.02
CA THR B 207 27.05 3.98 -16.28
C THR B 207 27.31 4.71 -14.97
N SER B 208 26.87 4.11 -13.86
CA SER B 208 27.01 4.71 -12.54
C SER B 208 28.33 4.34 -11.86
N LYS B 209 29.33 3.88 -12.63
CA LYS B 209 30.62 3.56 -12.05
C LYS B 209 31.54 4.77 -12.02
N GLY B 210 31.45 5.64 -13.02
CA GLY B 210 32.23 6.86 -13.04
C GLY B 210 31.39 8.11 -13.26
N GLN B 211 30.08 7.97 -13.08
CA GLN B 211 29.10 9.04 -13.28
C GLN B 211 29.26 9.71 -14.65
N LYS B 212 29.25 8.89 -15.70
CA LYS B 212 29.45 9.36 -17.06
C LYS B 212 28.45 8.70 -17.99
N CYS B 213 28.24 9.34 -19.14
CA CYS B 213 27.38 8.82 -20.19
C CYS B 213 28.25 8.16 -21.26
N GLU B 214 27.93 6.91 -21.58
CA GLU B 214 28.78 6.09 -22.46
C GLU B 214 27.93 5.51 -23.58
N PHE B 215 28.17 5.96 -24.81
CA PHE B 215 27.52 5.42 -25.99
C PHE B 215 28.57 4.95 -26.99
N GLN B 216 28.14 4.07 -27.89
CA GLN B 216 28.98 3.58 -28.98
C GLN B 216 28.15 3.54 -30.25
N ASP B 217 28.79 3.94 -31.37
CA ASP B 217 28.15 4.06 -32.68
C ASP B 217 26.92 4.96 -32.61
N ALA B 218 27.19 6.23 -32.30
CA ALA B 218 26.16 7.19 -31.93
C ALA B 218 26.08 8.32 -32.95
N TYR B 219 24.86 8.80 -33.18
CA TYR B 219 24.67 9.99 -34.01
C TYR B 219 25.15 11.23 -33.26
N VAL B 220 25.49 12.26 -34.02
CA VAL B 220 25.97 13.52 -33.48
C VAL B 220 25.25 14.66 -34.21
N LEU B 221 24.61 15.55 -33.43
CA LEU B 221 23.84 16.66 -33.97
C LEU B 221 24.47 17.97 -33.51
N LEU B 222 25.03 18.72 -34.45
CA LEU B 222 25.68 20.00 -34.15
C LEU B 222 24.84 21.14 -34.73
N SER B 223 24.67 22.19 -33.93
CA SER B 223 24.00 23.40 -34.39
C SER B 223 24.75 24.63 -33.90
N GLU B 224 24.88 25.62 -34.79
CA GLU B 224 25.49 26.88 -34.39
C GLU B 224 24.59 27.71 -33.50
N LYS B 225 23.28 27.52 -33.60
CA LYS B 225 22.30 28.21 -32.77
C LYS B 225 21.82 27.28 -31.65
N LYS B 226 21.08 27.86 -30.71
CA LYS B 226 20.52 27.09 -29.61
C LYS B 226 19.41 26.18 -30.14
N ILE B 227 19.55 24.87 -29.91
CA ILE B 227 18.52 23.93 -30.33
C ILE B 227 17.37 24.05 -29.33
N SER B 228 16.37 24.84 -29.70
CA SER B 228 15.34 25.27 -28.78
C SER B 228 14.01 24.56 -28.98
N SER B 229 13.41 24.67 -30.16
CA SER B 229 11.97 24.45 -30.30
C SER B 229 11.64 22.96 -30.30
N ILE B 230 10.36 22.67 -30.04
CA ILE B 230 9.88 21.30 -30.08
C ILE B 230 9.99 20.74 -31.49
N GLN B 231 9.61 21.55 -32.48
CA GLN B 231 9.72 21.13 -33.88
C GLN B 231 11.15 21.21 -34.41
N SER B 232 12.11 21.57 -33.58
CA SER B 232 13.52 21.40 -33.90
C SER B 232 14.08 20.07 -33.41
N ILE B 233 13.48 19.48 -32.38
CA ILE B 233 13.97 18.24 -31.81
C ILE B 233 13.11 17.02 -32.18
N VAL B 234 11.87 17.22 -32.61
CA VAL B 234 11.00 16.11 -32.98
C VAL B 234 11.42 15.49 -34.32
N PRO B 235 11.83 16.23 -35.36
CA PRO B 235 12.52 15.56 -36.48
C PRO B 235 13.82 14.86 -36.09
N ALA B 236 14.60 15.45 -35.18
CA ALA B 236 15.86 14.83 -34.79
C ALA B 236 15.62 13.57 -33.96
N LEU B 237 14.70 13.63 -33.00
CA LEU B 237 14.35 12.43 -32.25
C LEU B 237 13.63 11.42 -33.12
N GLU B 238 12.92 11.87 -34.15
CA GLU B 238 12.30 10.95 -35.10
C GLU B 238 13.36 10.21 -35.91
N ILE B 239 14.42 10.89 -36.31
CA ILE B 239 15.51 10.22 -37.03
C ILE B 239 16.26 9.27 -36.09
N ALA B 240 16.44 9.67 -34.83
CA ALA B 240 17.07 8.77 -33.86
C ALA B 240 16.22 7.54 -33.56
N ASN B 241 14.90 7.71 -33.56
CA ASN B 241 13.97 6.60 -33.40
C ASN B 241 13.93 5.72 -34.66
N ALA B 242 14.15 6.33 -35.82
CA ALA B 242 14.04 5.65 -37.10
C ALA B 242 15.39 5.16 -37.64
N HIS B 243 16.47 5.31 -36.88
CA HIS B 243 17.76 4.83 -37.37
C HIS B 243 18.64 4.11 -36.35
N ARG B 244 18.29 4.12 -35.07
CA ARG B 244 18.95 3.34 -34.00
C ARG B 244 20.43 3.67 -33.86
N LYS B 245 20.71 4.94 -33.60
CA LYS B 245 22.04 5.35 -33.17
C LYS B 245 21.79 6.42 -32.11
N PRO B 246 22.46 6.34 -30.96
CA PRO B 246 22.27 7.34 -29.89
C PRO B 246 22.56 8.76 -30.37
N LEU B 247 21.71 9.69 -29.94
CA LEU B 247 21.80 11.08 -30.37
C LEU B 247 22.70 11.85 -29.41
N VAL B 248 23.76 12.44 -29.94
CA VAL B 248 24.62 13.35 -29.19
C VAL B 248 24.33 14.76 -29.69
N ILE B 249 23.78 15.58 -28.80
CA ILE B 249 23.29 16.91 -29.15
C ILE B 249 24.32 17.93 -28.67
N ILE B 250 24.83 18.73 -29.59
CA ILE B 250 25.78 19.79 -29.27
C ILE B 250 25.12 21.11 -29.66
N ALA B 251 24.97 22.00 -28.69
CA ALA B 251 24.23 23.25 -28.89
C ALA B 251 24.87 24.34 -28.04
N GLU B 252 24.33 25.56 -28.15
CA GLU B 252 24.92 26.71 -27.46
C GLU B 252 24.50 26.76 -25.99
N ASP B 253 23.19 26.92 -25.74
CA ASP B 253 22.66 26.93 -24.39
C ASP B 253 21.41 26.06 -24.36
N VAL B 254 21.31 25.20 -23.35
CA VAL B 254 20.28 24.16 -23.27
C VAL B 254 19.65 24.29 -21.89
N ASP B 255 18.56 25.05 -21.80
CA ASP B 255 17.82 25.25 -20.54
C ASP B 255 16.35 25.44 -20.84
N GLY B 256 15.51 24.46 -20.45
CA GLY B 256 14.09 24.54 -20.75
C GLY B 256 13.31 23.24 -20.84
N GLU B 257 12.59 23.04 -21.95
CA GLU B 257 11.55 22.02 -22.08
C GLU B 257 11.97 20.78 -22.87
N ALA B 258 12.72 20.95 -23.96
CA ALA B 258 13.04 19.80 -24.82
C ALA B 258 14.01 18.84 -24.15
N LEU B 259 14.85 19.32 -23.24
CA LEU B 259 15.64 18.41 -22.42
C LEU B 259 14.78 17.67 -21.42
N SER B 260 13.68 18.27 -20.95
CA SER B 260 12.76 17.53 -20.12
C SER B 260 12.03 16.47 -20.93
N THR B 261 11.77 16.74 -22.22
CA THR B 261 11.28 15.69 -23.12
C THR B 261 12.32 14.58 -23.29
N LEU B 262 13.60 14.97 -23.39
CA LEU B 262 14.68 13.99 -23.45
C LEU B 262 14.75 13.14 -22.19
N VAL B 263 14.57 13.76 -21.02
CA VAL B 263 14.56 13.02 -19.76
C VAL B 263 13.36 12.09 -19.67
N LEU B 264 12.20 12.57 -20.16
CA LEU B 264 11.00 11.75 -20.15
C LEU B 264 11.11 10.55 -21.07
N ASN B 265 11.83 10.69 -22.19
CA ASN B 265 12.14 9.55 -23.04
C ASN B 265 13.29 8.71 -22.51
N ARG B 266 14.13 9.30 -21.65
CA ARG B 266 15.25 8.56 -21.04
C ARG B 266 14.76 7.64 -19.93
N LEU B 267 13.78 8.09 -19.14
CA LEU B 267 13.40 7.39 -17.93
C LEU B 267 12.23 6.43 -18.14
N LYS B 268 11.27 6.80 -19.00
CA LYS B 268 10.09 5.96 -19.21
C LYS B 268 10.35 4.86 -20.23
N VAL B 269 10.88 5.20 -21.39
CA VAL B 269 11.10 4.24 -22.46
C VAL B 269 12.59 3.99 -22.72
N GLY B 270 13.48 4.85 -22.24
CA GLY B 270 14.91 4.63 -22.41
C GLY B 270 15.48 5.08 -23.74
N LEU B 271 15.45 6.39 -24.00
CA LEU B 271 16.08 6.95 -25.18
C LEU B 271 17.54 7.24 -24.89
N GLN B 272 18.43 6.63 -25.66
CA GLN B 272 19.87 6.84 -25.50
C GLN B 272 20.23 8.17 -26.13
N VAL B 273 20.26 9.22 -25.31
CA VAL B 273 20.50 10.58 -25.79
C VAL B 273 21.33 11.32 -24.75
N VAL B 274 22.12 12.29 -25.21
CA VAL B 274 22.90 13.16 -24.33
C VAL B 274 23.06 14.50 -25.03
N ALA B 275 23.07 15.57 -24.23
CA ALA B 275 23.21 16.92 -24.74
C ALA B 275 24.40 17.60 -24.07
N VAL B 276 25.26 18.21 -24.87
CA VAL B 276 26.48 18.87 -24.40
C VAL B 276 26.50 20.29 -24.96
N LYS B 277 26.88 21.25 -24.12
CA LYS B 277 27.07 22.62 -24.60
C LYS B 277 28.26 22.71 -25.54
N ALA B 278 28.24 23.72 -26.41
CA ALA B 278 29.29 23.88 -27.42
C ALA B 278 30.44 24.68 -26.83
N PRO B 279 31.67 24.14 -26.85
CA PRO B 279 32.83 24.89 -26.35
C PRO B 279 33.14 26.12 -27.20
N GLY B 280 33.83 27.06 -26.58
CA GLY B 280 34.24 28.28 -27.25
C GLY B 280 33.28 29.44 -27.03
N PHE B 281 33.75 30.62 -27.38
CA PHE B 281 32.99 31.86 -27.21
C PHE B 281 33.22 32.74 -28.43
N GLY B 282 32.30 32.70 -29.38
CA GLY B 282 32.38 33.55 -30.55
C GLY B 282 32.70 32.81 -31.83
N ASP B 283 33.68 33.30 -32.58
CA ASP B 283 34.06 32.66 -33.84
C ASP B 283 34.76 31.33 -33.59
N ASN B 284 35.42 31.18 -32.44
CA ASN B 284 36.03 29.90 -32.10
C ASN B 284 34.98 28.83 -31.85
N ARG B 285 33.82 29.21 -31.31
CA ARG B 285 32.74 28.26 -31.09
C ARG B 285 32.24 27.66 -32.40
N LYS B 286 31.89 28.52 -33.37
CA LYS B 286 31.44 28.03 -34.67
C LYS B 286 32.56 27.35 -35.44
N ASN B 287 33.81 27.76 -35.22
CA ASN B 287 34.95 27.10 -35.87
C ASN B 287 35.12 25.67 -35.37
N GLN B 288 35.03 25.47 -34.06
CA GLN B 288 35.10 24.12 -33.50
C GLN B 288 33.88 23.29 -33.87
N LEU B 289 32.71 23.93 -34.00
CA LEU B 289 31.52 23.23 -34.47
C LEU B 289 31.70 22.73 -35.89
N LYS B 290 32.25 23.58 -36.77
CA LYS B 290 32.49 23.17 -38.15
C LYS B 290 33.56 22.08 -38.23
N ASP B 291 34.59 22.17 -37.36
CA ASP B 291 35.62 21.14 -37.33
C ASP B 291 35.06 19.80 -36.91
N MET B 292 34.23 19.79 -35.86
CA MET B 292 33.64 18.52 -35.40
C MET B 292 32.61 17.99 -36.39
N ALA B 293 31.92 18.87 -37.12
CA ALA B 293 30.98 18.42 -38.12
C ALA B 293 31.70 17.82 -39.33
N ILE B 294 32.81 18.41 -39.75
CA ILE B 294 33.55 17.86 -40.87
C ILE B 294 34.40 16.66 -40.44
N ALA B 295 34.61 16.47 -39.14
CA ALA B 295 35.30 15.28 -38.65
C ALA B 295 34.37 14.10 -38.43
N THR B 296 33.13 14.35 -38.02
CA THR B 296 32.16 13.28 -37.85
C THR B 296 31.32 13.01 -39.09
N GLY B 297 31.36 13.89 -40.08
CA GLY B 297 30.60 13.72 -41.31
C GLY B 297 29.29 14.45 -41.36
N GLY B 298 28.82 14.99 -40.23
CA GLY B 298 27.56 15.70 -40.19
C GLY B 298 27.70 17.14 -40.65
N ALA B 299 26.63 17.90 -40.44
CA ALA B 299 26.58 19.30 -40.84
C ALA B 299 26.29 20.18 -39.62
N VAL B 300 26.41 21.48 -39.82
CA VAL B 300 26.09 22.46 -38.78
C VAL B 300 24.74 23.06 -39.09
N PHE B 301 23.84 23.06 -38.11
CA PHE B 301 22.52 23.64 -38.26
C PHE B 301 22.48 25.04 -37.66
N GLY B 302 21.46 25.81 -38.07
CA GLY B 302 21.28 27.17 -37.57
C GLY B 302 22.41 28.12 -37.90
N GLU B 303 23.15 27.88 -38.98
CA GLU B 303 24.27 28.72 -39.32
C GLU B 303 23.81 30.01 -39.99
N GLU B 304 24.68 31.01 -39.96
CA GLU B 304 24.37 32.29 -40.59
C GLU B 304 24.46 32.20 -42.12
N GLY B 305 25.46 31.50 -42.63
CA GLY B 305 25.67 31.43 -44.07
C GLY B 305 24.66 30.60 -44.84
N LEU B 306 24.67 29.28 -44.61
CA LEU B 306 23.82 28.39 -45.40
C LEU B 306 22.37 28.39 -44.90
N THR B 307 22.18 28.68 -43.61
CA THR B 307 20.86 28.69 -42.96
C THR B 307 20.15 27.34 -43.12
N LEU B 308 20.79 26.29 -42.58
CA LEU B 308 20.20 24.97 -42.54
C LEU B 308 19.42 24.83 -41.24
N ASN B 309 18.12 24.58 -41.35
CA ASN B 309 17.23 24.62 -40.20
C ASN B 309 17.13 23.25 -39.55
N LEU B 310 16.71 23.24 -38.29
CA LEU B 310 16.52 22.01 -37.53
C LEU B 310 15.15 21.39 -37.73
N GLU B 311 14.28 22.02 -38.51
CA GLU B 311 12.99 21.41 -38.82
C GLU B 311 13.12 20.35 -39.91
N ASP B 312 13.94 20.61 -40.92
CA ASP B 312 14.18 19.66 -42.01
C ASP B 312 15.57 19.05 -41.81
N VAL B 313 15.61 17.89 -41.17
CA VAL B 313 16.84 17.16 -40.92
C VAL B 313 16.81 15.87 -41.73
N GLN B 314 17.94 15.52 -42.33
CA GLN B 314 18.10 14.33 -43.13
C GLN B 314 19.10 13.38 -42.48
N PRO B 315 19.00 12.07 -42.76
CA PRO B 315 19.99 11.12 -42.19
C PRO B 315 21.42 11.39 -42.58
N HIS B 316 21.67 12.03 -43.72
CA HIS B 316 23.02 12.35 -44.16
C HIS B 316 23.49 13.72 -43.69
N ASP B 317 22.93 14.22 -42.59
CA ASP B 317 23.40 15.44 -41.94
C ASP B 317 23.74 15.24 -40.48
N LEU B 318 23.82 13.99 -40.02
CA LEU B 318 24.21 13.67 -38.66
C LEU B 318 25.56 12.97 -38.67
N GLY B 319 26.46 13.40 -37.80
CA GLY B 319 27.75 12.76 -37.70
C GLY B 319 27.68 11.42 -36.99
N LYS B 320 28.68 10.59 -37.24
CA LYS B 320 28.75 9.25 -36.66
C LYS B 320 30.10 9.10 -35.95
N VAL B 321 30.06 8.84 -34.65
CA VAL B 321 31.25 8.54 -33.87
C VAL B 321 31.28 7.05 -33.56
N GLY B 322 32.46 6.55 -33.21
CA GLY B 322 32.57 5.18 -32.74
C GLY B 322 32.45 5.05 -31.25
N GLU B 323 32.79 6.12 -30.51
CA GLU B 323 32.66 6.14 -29.06
C GLU B 323 32.52 7.59 -28.61
N VAL B 324 31.69 7.83 -27.61
CA VAL B 324 31.55 9.14 -26.99
C VAL B 324 31.51 8.97 -25.48
N ILE B 325 32.28 9.79 -24.78
CA ILE B 325 32.32 9.80 -23.31
C ILE B 325 31.94 11.19 -22.84
N VAL B 326 30.84 11.28 -22.10
CA VAL B 326 30.35 12.56 -21.58
C VAL B 326 30.35 12.46 -20.06
N THR B 327 31.27 13.18 -19.42
CA THR B 327 31.39 13.23 -17.97
C THR B 327 30.78 14.53 -17.46
N LYS B 328 30.98 14.82 -16.17
CA LYS B 328 30.37 15.99 -15.55
C LYS B 328 30.97 17.29 -16.10
N ASP B 329 32.28 17.32 -16.33
CA ASP B 329 32.95 18.56 -16.71
C ASP B 329 33.49 18.58 -18.13
N ASP B 330 33.54 17.43 -18.81
CA ASP B 330 34.09 17.40 -20.17
C ASP B 330 33.42 16.29 -20.97
N ALA B 331 33.44 16.46 -22.30
CA ALA B 331 32.94 15.47 -23.23
C ALA B 331 34.03 15.18 -24.26
N MET B 332 33.90 14.04 -24.92
CA MET B 332 34.99 13.53 -25.76
C MET B 332 34.42 12.67 -26.87
N LEU B 333 34.90 12.88 -28.10
CA LEU B 333 34.46 12.14 -29.27
C LEU B 333 35.58 11.24 -29.77
N LEU B 334 35.25 9.98 -30.06
CA LEU B 334 36.20 9.02 -30.58
C LEU B 334 35.68 8.40 -31.87
N LYS B 335 36.57 8.27 -32.85
CA LYS B 335 36.34 7.56 -34.12
C LYS B 335 35.16 8.16 -34.90
N GLY B 336 35.32 9.42 -35.29
CA GLY B 336 34.30 10.07 -36.11
C GLY B 336 34.31 9.52 -37.51
N LYS B 337 33.12 9.20 -38.02
CA LYS B 337 32.99 8.62 -39.36
C LYS B 337 32.82 9.72 -40.41
N GLY B 338 33.86 10.55 -40.52
CA GLY B 338 33.90 11.59 -41.53
C GLY B 338 34.82 11.22 -42.69
N ASP B 339 34.74 12.04 -43.74
CA ASP B 339 35.59 11.84 -44.91
C ASP B 339 37.02 12.22 -44.58
N LYS B 340 37.97 11.34 -44.95
CA LYS B 340 39.38 11.63 -44.71
C LYS B 340 39.86 12.81 -45.54
N ALA B 341 39.37 12.93 -46.78
CA ALA B 341 39.74 14.05 -47.64
C ALA B 341 39.22 15.36 -47.09
N GLN B 342 38.00 15.36 -46.55
CA GLN B 342 37.44 16.60 -45.98
C GLN B 342 38.19 17.00 -44.72
N ILE B 343 38.59 16.03 -43.89
CA ILE B 343 39.38 16.32 -42.70
C ILE B 343 40.74 16.87 -43.10
N GLU B 344 41.36 16.31 -44.14
CA GLU B 344 42.63 16.82 -44.62
C GLU B 344 42.50 18.23 -45.20
N LYS B 345 41.38 18.51 -45.89
CA LYS B 345 41.14 19.85 -46.42
C LYS B 345 40.96 20.85 -45.29
N ARG B 346 40.26 20.47 -44.22
CA ARG B 346 40.15 21.35 -43.05
C ARG B 346 41.50 21.53 -42.36
N ILE B 347 42.35 20.50 -42.36
CA ILE B 347 43.67 20.61 -41.76
C ILE B 347 44.53 21.60 -42.55
N GLN B 348 44.46 21.56 -43.88
CA GLN B 348 45.24 22.50 -44.67
C GLN B 348 44.64 23.91 -44.62
N GLU B 349 43.31 24.01 -44.45
CA GLU B 349 42.71 25.32 -44.21
C GLU B 349 43.18 25.92 -42.89
N ILE B 350 43.31 25.09 -41.86
CA ILE B 350 43.81 25.56 -40.57
C ILE B 350 45.28 25.97 -40.69
N ILE B 351 46.08 25.22 -41.45
CA ILE B 351 47.47 25.58 -41.69
C ILE B 351 47.57 26.91 -42.41
N GLU B 352 46.75 27.12 -43.45
CA GLU B 352 46.80 28.36 -44.20
C GLU B 352 46.20 29.53 -43.44
N GLN B 353 45.38 29.26 -42.42
CA GLN B 353 44.96 30.32 -41.51
C GLN B 353 46.06 30.64 -40.50
N LEU B 354 46.83 29.63 -40.11
CA LEU B 354 47.98 29.85 -39.22
C LEU B 354 49.09 30.61 -39.91
N ASP B 355 49.20 30.49 -41.23
CA ASP B 355 50.34 31.06 -41.93
C ASP B 355 50.18 32.53 -42.29
N VAL B 356 49.05 33.15 -41.96
CA VAL B 356 48.84 34.56 -42.29
C VAL B 356 48.42 35.36 -41.07
N THR B 357 48.70 34.84 -39.87
CA THR B 357 48.27 35.48 -38.63
C THR B 357 49.42 35.55 -37.65
N THR B 358 49.41 36.62 -36.85
CA THR B 358 50.47 36.84 -35.85
C THR B 358 49.94 37.39 -34.52
N SER B 359 48.65 37.20 -34.22
CA SER B 359 48.07 37.80 -33.02
C SER B 359 48.51 37.11 -31.74
N GLU B 360 49.04 35.88 -31.83
CA GLU B 360 49.59 35.09 -30.74
C GLU B 360 48.59 34.78 -29.63
N TYR B 361 47.29 34.93 -29.87
CA TYR B 361 46.28 34.47 -28.91
C TYR B 361 45.24 33.57 -29.55
N GLU B 362 44.85 33.84 -30.80
CA GLU B 362 44.07 32.87 -31.55
C GLU B 362 44.93 31.88 -32.31
N LYS B 363 46.25 32.10 -32.34
CA LYS B 363 47.16 31.12 -32.93
C LYS B 363 47.22 29.87 -32.08
N GLU B 364 47.09 30.01 -30.76
CA GLU B 364 47.08 28.83 -29.90
C GLU B 364 45.74 28.11 -30.00
N LYS B 365 44.65 28.85 -30.28
CA LYS B 365 43.37 28.20 -30.56
C LYS B 365 43.43 27.44 -31.88
N LEU B 366 44.08 28.00 -32.89
CA LEU B 366 44.26 27.30 -34.16
C LEU B 366 45.12 26.05 -33.98
N ASN B 367 46.18 26.15 -33.16
CA ASN B 367 47.00 24.98 -32.86
C ASN B 367 46.22 23.93 -32.07
N GLU B 368 45.31 24.36 -31.18
CA GLU B 368 44.47 23.42 -30.46
C GLU B 368 43.49 22.72 -31.40
N ARG B 369 42.94 23.44 -32.37
CA ARG B 369 42.08 22.81 -33.37
C ARG B 369 42.87 21.83 -34.23
N LEU B 370 44.10 22.18 -34.58
CA LEU B 370 44.96 21.28 -35.35
C LEU B 370 45.28 20.01 -34.55
N ALA B 371 45.49 20.16 -33.24
CA ALA B 371 45.71 19.00 -32.39
C ALA B 371 44.44 18.18 -32.24
N LYS B 372 43.27 18.82 -32.21
CA LYS B 372 42.02 18.09 -32.16
C LYS B 372 41.75 17.35 -33.46
N LEU B 373 42.33 17.79 -34.58
CA LEU B 373 42.15 17.08 -35.84
C LEU B 373 43.30 16.15 -36.20
N SER B 374 44.48 16.29 -35.61
CA SER B 374 45.62 15.53 -36.08
C SER B 374 46.42 14.81 -34.99
N ASP B 375 46.39 15.32 -33.76
CA ASP B 375 47.30 14.81 -32.73
C ASP B 375 46.85 13.46 -32.19
N GLY B 376 45.55 13.27 -32.00
CA GLY B 376 45.01 11.97 -31.64
C GLY B 376 44.70 11.82 -30.17
N VAL B 377 44.42 10.58 -29.78
CA VAL B 377 43.96 10.21 -28.45
C VAL B 377 44.69 8.95 -28.01
N ALA B 378 45.30 8.97 -26.83
CA ALA B 378 45.90 7.78 -26.26
C ALA B 378 44.89 7.06 -25.38
N VAL B 379 44.86 5.73 -25.49
CA VAL B 379 43.98 4.89 -24.70
C VAL B 379 44.82 3.84 -24.00
N LEU B 380 44.84 3.88 -22.67
CA LEU B 380 45.52 2.88 -21.85
C LEU B 380 44.53 1.82 -21.44
N LYS B 381 44.74 0.59 -21.88
CA LYS B 381 43.90 -0.54 -21.53
C LYS B 381 44.60 -1.35 -20.45
N VAL B 382 43.92 -1.55 -19.33
CA VAL B 382 44.52 -2.10 -18.12
C VAL B 382 44.27 -3.60 -18.10
N GLY B 383 45.34 -4.38 -17.94
CA GLY B 383 45.24 -5.82 -17.93
C GLY B 383 45.05 -6.40 -16.54
N GLY B 384 44.81 -7.70 -16.51
CA GLY B 384 44.53 -8.40 -15.26
C GLY B 384 43.63 -9.58 -15.49
N THR B 385 43.62 -10.48 -14.51
CA THR B 385 42.87 -11.72 -14.61
C THR B 385 41.50 -11.65 -13.95
N SER B 386 41.22 -10.58 -13.21
CA SER B 386 39.94 -10.42 -12.53
C SER B 386 39.60 -8.94 -12.49
N ASP B 387 38.31 -8.66 -12.25
CA ASP B 387 37.86 -7.27 -12.23
C ASP B 387 38.40 -6.51 -11.02
N VAL B 388 38.69 -7.21 -9.92
CA VAL B 388 39.25 -6.54 -8.76
C VAL B 388 40.70 -6.13 -9.02
N GLU B 389 41.46 -6.98 -9.71
CA GLU B 389 42.81 -6.61 -10.16
C GLU B 389 42.77 -5.42 -11.11
N VAL B 390 41.84 -5.44 -12.06
CA VAL B 390 41.75 -4.39 -13.06
C VAL B 390 41.38 -3.06 -12.40
N ASN B 391 40.45 -3.09 -11.44
CA ASN B 391 40.07 -1.85 -10.77
C ASN B 391 41.18 -1.34 -9.86
N GLU B 392 41.91 -2.24 -9.21
CA GLU B 392 42.98 -1.83 -8.31
C GLU B 392 44.16 -1.27 -9.07
N LYS B 393 44.44 -1.81 -10.26
CA LYS B 393 45.49 -1.23 -11.10
C LYS B 393 45.00 0.04 -11.81
N LYS B 394 43.71 0.12 -12.14
CA LYS B 394 43.16 1.28 -12.82
C LYS B 394 43.17 2.51 -11.93
N ASP B 395 42.94 2.33 -10.62
CA ASP B 395 43.06 3.45 -9.70
C ASP B 395 44.49 4.00 -9.69
N ARG B 396 45.48 3.12 -9.73
CA ARG B 396 46.87 3.58 -9.74
C ARG B 396 47.25 4.23 -11.07
N VAL B 397 46.70 3.72 -12.18
CA VAL B 397 46.94 4.34 -13.49
C VAL B 397 46.34 5.73 -13.54
N THR B 398 45.12 5.90 -12.99
CA THR B 398 44.50 7.21 -12.92
C THR B 398 45.31 8.16 -12.04
N ASP B 399 45.81 7.65 -10.89
CA ASP B 399 46.64 8.46 -10.01
C ASP B 399 47.93 8.91 -10.70
N ALA B 400 48.55 8.00 -11.46
CA ALA B 400 49.80 8.32 -12.13
C ALA B 400 49.59 9.32 -13.26
N LEU B 401 48.49 9.18 -14.01
CA LEU B 401 48.17 10.16 -15.04
C LEU B 401 47.88 11.53 -14.45
N ASN B 402 47.12 11.57 -13.34
CA ASN B 402 46.82 12.84 -12.67
C ASN B 402 48.09 13.52 -12.16
N ALA B 403 48.96 12.75 -11.51
CA ALA B 403 50.22 13.28 -11.01
C ALA B 403 51.12 13.76 -12.13
N THR B 404 51.20 13.00 -13.23
CA THR B 404 52.01 13.41 -14.37
C THR B 404 51.50 14.71 -14.99
N ARG B 405 50.18 14.87 -15.08
CA ARG B 405 49.62 16.12 -15.57
C ARG B 405 49.92 17.28 -14.64
N ALA B 406 49.82 17.04 -13.32
CA ALA B 406 50.13 18.10 -12.36
C ALA B 406 51.62 18.45 -12.36
N ALA B 407 52.48 17.49 -12.68
CA ALA B 407 53.92 17.76 -12.73
C ALA B 407 54.31 18.46 -14.02
N VAL B 408 53.58 18.21 -15.11
CA VAL B 408 53.73 19.04 -16.31
C VAL B 408 53.27 20.46 -16.03
N GLU B 409 52.16 20.61 -15.29
CA GLU B 409 51.57 21.93 -15.09
C GLU B 409 52.40 22.80 -14.16
N GLU B 410 52.84 22.24 -13.02
CA GLU B 410 53.46 23.08 -11.99
C GLU B 410 54.84 22.62 -11.55
N GLY B 411 55.38 21.54 -12.09
CA GLY B 411 56.72 21.12 -11.73
C GLY B 411 56.73 20.04 -10.66
N ILE B 412 57.94 19.75 -10.17
CA ILE B 412 58.15 18.67 -9.22
C ILE B 412 58.91 19.17 -8.01
N VAL B 413 58.74 18.45 -6.90
CA VAL B 413 59.48 18.65 -5.67
C VAL B 413 59.98 17.28 -5.19
N LEU B 414 60.61 17.26 -4.02
CA LEU B 414 61.09 16.02 -3.45
C LEU B 414 59.93 15.14 -2.99
N GLY B 415 60.11 13.82 -3.11
CA GLY B 415 59.10 12.87 -2.70
C GLY B 415 59.33 12.37 -1.28
N GLY B 416 58.41 11.52 -0.84
CA GLY B 416 58.51 10.90 0.47
C GLY B 416 58.23 11.81 1.64
N GLY B 417 57.47 12.89 1.44
CA GLY B 417 57.21 13.85 2.49
C GLY B 417 58.37 14.73 2.85
N CYS B 418 59.41 14.78 2.01
CA CYS B 418 60.59 15.59 2.29
C CYS B 418 60.41 17.04 1.87
N ALA B 419 59.54 17.32 0.90
CA ALA B 419 59.31 18.69 0.48
C ALA B 419 58.53 19.47 1.53
N LEU B 420 57.80 18.77 2.39
CA LEU B 420 57.19 19.42 3.54
C LEU B 420 58.17 19.52 4.69
N LEU B 421 59.14 18.61 4.77
CA LEU B 421 60.17 18.69 5.80
C LEU B 421 61.13 19.84 5.53
N ARG B 422 61.31 20.21 4.26
CA ARG B 422 62.23 21.29 3.92
C ARG B 422 61.63 22.67 4.11
N CYS B 423 60.34 22.78 4.44
CA CYS B 423 59.69 24.06 4.64
C CYS B 423 59.63 24.47 6.11
N ILE B 424 60.22 23.68 7.00
CA ILE B 424 60.23 24.04 8.43
C ILE B 424 61.00 25.31 8.74
N PRO B 425 62.22 25.57 8.22
CA PRO B 425 62.87 26.86 8.54
C PRO B 425 62.11 28.08 8.06
N ALA B 426 61.32 27.96 6.98
CA ALA B 426 60.45 29.05 6.56
C ALA B 426 59.45 29.39 7.66
N LEU B 427 58.88 28.38 8.30
CA LEU B 427 58.04 28.62 9.47
C LEU B 427 58.85 29.12 10.65
N ASP B 428 60.12 28.74 10.74
CA ASP B 428 61.00 29.25 11.78
C ASP B 428 61.49 30.66 11.51
N SER B 429 61.08 31.27 10.40
CA SER B 429 61.39 32.66 10.12
C SER B 429 60.18 33.59 10.26
N LEU B 430 59.00 33.05 10.57
CA LEU B 430 57.82 33.88 10.80
C LEU B 430 57.84 34.52 12.18
N THR B 431 57.20 35.69 12.27
CA THR B 431 56.95 36.36 13.54
C THR B 431 55.46 36.42 13.77
N PRO B 432 54.92 35.69 14.74
CA PRO B 432 53.46 35.70 14.96
C PRO B 432 52.96 37.02 15.51
N ALA B 433 51.71 37.35 15.18
CA ALA B 433 51.07 38.54 15.74
C ALA B 433 50.84 38.38 17.25
N ASN B 434 50.06 37.37 17.63
CA ASN B 434 49.77 37.11 19.04
C ASN B 434 50.11 35.65 19.33
N GLU B 435 49.72 35.20 20.52
CA GLU B 435 50.12 33.88 20.99
C GLU B 435 49.31 32.76 20.33
N ASP B 436 48.08 33.05 19.89
CA ASP B 436 47.27 32.04 19.21
C ASP B 436 47.73 31.80 17.78
N GLN B 437 48.18 32.86 17.09
CA GLN B 437 48.82 32.67 15.80
C GLN B 437 50.11 31.87 15.93
N LYS B 438 50.85 32.08 17.02
CA LYS B 438 52.01 31.25 17.33
C LYS B 438 51.62 29.80 17.54
N ILE B 439 50.49 29.57 18.23
CA ILE B 439 49.98 28.21 18.43
C ILE B 439 49.69 27.55 17.09
N GLY B 440 49.03 28.28 16.19
CA GLY B 440 48.72 27.72 14.87
C GLY B 440 49.96 27.45 14.03
N ILE B 441 50.95 28.35 14.10
CA ILE B 441 52.21 28.16 13.39
C ILE B 441 52.94 26.92 13.91
N GLU B 442 52.96 26.73 15.22
CA GLU B 442 53.58 25.52 15.79
C GLU B 442 52.79 24.27 15.43
N ILE B 443 51.46 24.38 15.31
CA ILE B 443 50.64 23.25 14.89
C ILE B 443 51.03 22.81 13.48
N ILE B 444 51.17 23.77 12.56
CA ILE B 444 51.56 23.44 11.19
C ILE B 444 53.00 22.93 11.14
N LYS B 445 53.87 23.48 11.99
CA LYS B 445 55.27 23.04 12.03
C LYS B 445 55.38 21.60 12.52
N ARG B 446 54.53 21.19 13.45
CA ARG B 446 54.51 19.79 13.86
C ARG B 446 53.81 18.92 12.82
N THR B 447 52.85 19.50 12.08
CA THR B 447 52.14 18.75 11.05
C THR B 447 53.03 18.44 9.85
N LEU B 448 54.05 19.26 9.61
CA LEU B 448 54.86 19.09 8.40
C LEU B 448 55.77 17.86 8.43
N LYS B 449 55.87 17.15 9.56
CA LYS B 449 56.64 15.92 9.63
C LYS B 449 55.79 14.67 9.48
N ILE B 450 54.47 14.81 9.43
CA ILE B 450 53.52 13.69 9.44
C ILE B 450 53.58 12.80 8.20
N PRO B 451 53.63 13.31 6.94
CA PRO B 451 53.66 12.36 5.81
C PRO B 451 54.89 11.48 5.74
N ALA B 452 56.08 12.03 6.04
CA ALA B 452 57.29 11.22 6.08
C ALA B 452 57.23 10.20 7.21
N MET B 453 56.69 10.60 8.36
CA MET B 453 56.53 9.66 9.49
C MET B 453 55.57 8.53 9.13
N THR B 454 54.48 8.84 8.44
CA THR B 454 53.52 7.81 8.05
C THR B 454 54.11 6.86 7.02
N ILE B 455 54.84 7.40 6.04
CA ILE B 455 55.52 6.58 5.04
C ILE B 455 56.52 5.63 5.72
N ALA B 456 57.38 6.16 6.60
CA ALA B 456 58.33 5.33 7.32
C ALA B 456 57.65 4.33 8.25
N LYS B 457 56.51 4.69 8.85
CA LYS B 457 55.82 3.79 9.76
C LYS B 457 55.20 2.62 9.01
N ASN B 458 54.68 2.87 7.80
CA ASN B 458 54.19 1.78 6.97
C ASN B 458 55.31 0.88 6.47
N ALA B 459 56.57 1.32 6.56
CA ALA B 459 57.72 0.54 6.13
C ALA B 459 58.36 -0.24 7.27
N GLY B 460 57.72 -0.29 8.44
CA GLY B 460 58.21 -1.11 9.52
C GLY B 460 59.29 -0.51 10.39
N VAL B 461 59.65 0.76 10.18
CA VAL B 461 60.66 1.42 10.99
C VAL B 461 60.01 2.53 11.80
N GLU B 462 60.78 3.12 12.71
CA GLU B 462 60.32 4.21 13.55
C GLU B 462 60.49 5.52 12.80
N GLY B 463 59.37 6.20 12.52
CA GLY B 463 59.39 7.36 11.65
C GLY B 463 60.04 8.59 12.24
N SER B 464 60.10 8.70 13.57
CA SER B 464 60.66 9.91 14.16
C SER B 464 62.18 9.93 14.04
N LEU B 465 62.83 8.77 14.15
CA LEU B 465 64.27 8.69 13.93
C LEU B 465 64.61 8.98 12.47
N ILE B 466 63.80 8.45 11.55
CA ILE B 466 63.97 8.73 10.12
C ILE B 466 63.85 10.22 9.84
N VAL B 467 62.82 10.87 10.39
CA VAL B 467 62.60 12.28 10.11
C VAL B 467 63.69 13.14 10.72
N GLU B 468 64.15 12.80 11.93
CA GLU B 468 65.26 13.52 12.53
C GLU B 468 66.57 13.29 11.77
N LYS B 469 66.71 12.13 11.11
CA LYS B 469 67.89 11.92 10.27
C LYS B 469 67.78 12.69 8.95
N ILE B 470 66.55 12.89 8.46
CA ILE B 470 66.35 13.66 7.23
C ILE B 470 66.64 15.14 7.47
N MET B 471 66.20 15.67 8.62
CA MET B 471 66.42 17.10 8.85
C MET B 471 67.87 17.43 9.17
N GLN B 472 68.65 16.45 9.62
CA GLN B 472 70.07 16.68 9.87
C GLN B 472 70.93 16.49 8.62
N SER B 473 70.35 15.97 7.55
CA SER B 473 71.09 15.73 6.32
C SER B 473 71.05 16.96 5.42
N SER B 474 71.59 16.83 4.21
CA SER B 474 71.57 17.91 3.25
C SER B 474 70.18 18.01 2.61
N SER B 475 70.01 19.04 1.78
CA SER B 475 68.70 19.32 1.19
C SER B 475 68.31 18.32 0.12
N GLU B 476 69.26 17.55 -0.39
CA GLU B 476 69.02 16.55 -1.43
C GLU B 476 68.97 15.13 -0.91
N VAL B 477 68.93 14.94 0.41
CA VAL B 477 68.98 13.61 1.01
C VAL B 477 67.66 13.34 1.73
N GLY B 478 67.00 12.26 1.35
CA GLY B 478 65.77 11.83 2.01
C GLY B 478 65.73 10.33 2.12
N TYR B 479 64.71 9.84 2.81
CA TYR B 479 64.55 8.41 3.03
C TYR B 479 63.94 7.76 1.80
N ASP B 480 64.45 6.60 1.44
CA ASP B 480 63.85 5.75 0.41
C ASP B 480 63.25 4.56 1.14
N ALA B 481 61.93 4.60 1.35
CA ALA B 481 61.30 3.61 2.21
C ALA B 481 61.17 2.25 1.54
N MET B 482 61.26 2.19 0.21
CA MET B 482 61.28 0.90 -0.47
C MET B 482 62.57 0.14 -0.19
N ALA B 483 63.71 0.81 -0.35
CA ALA B 483 65.00 0.17 -0.12
C ALA B 483 65.51 0.34 1.30
N GLY B 484 64.89 1.20 2.10
CA GLY B 484 65.33 1.40 3.48
C GLY B 484 66.68 2.08 3.62
N ASP B 485 66.97 3.06 2.77
CA ASP B 485 68.23 3.78 2.83
C ASP B 485 67.99 5.26 2.56
N PHE B 486 68.98 6.07 2.93
CA PHE B 486 68.92 7.52 2.72
C PHE B 486 69.73 7.85 1.46
N VAL B 487 69.04 8.38 0.44
CA VAL B 487 69.60 8.52 -0.90
C VAL B 487 69.32 9.93 -1.42
N ASN B 488 69.84 10.20 -2.61
CA ASN B 488 69.46 11.38 -3.36
C ASN B 488 68.09 11.14 -3.98
N MET B 489 67.11 11.96 -3.62
CA MET B 489 65.74 11.72 -4.07
C MET B 489 65.54 12.07 -5.54
N VAL B 490 66.21 13.11 -6.03
CA VAL B 490 66.08 13.47 -7.43
C VAL B 490 66.79 12.43 -8.31
N GLU B 491 67.97 11.98 -7.88
CA GLU B 491 68.73 11.02 -8.67
C GLU B 491 68.05 9.65 -8.71
N LYS B 492 67.42 9.24 -7.61
CA LYS B 492 66.71 7.96 -7.57
C LYS B 492 65.27 8.07 -8.04
N GLY B 493 64.80 9.27 -8.38
CA GLY B 493 63.51 9.43 -9.00
C GLY B 493 62.32 9.51 -8.06
N ILE B 494 62.54 9.60 -6.75
CA ILE B 494 61.43 9.72 -5.80
C ILE B 494 61.02 11.19 -5.74
N ILE B 495 60.10 11.58 -6.61
CA ILE B 495 59.69 12.97 -6.75
C ILE B 495 58.17 13.04 -6.75
N ASP B 496 57.65 14.18 -6.29
CA ASP B 496 56.23 14.46 -6.24
C ASP B 496 55.93 15.74 -7.01
N PRO B 497 54.74 15.85 -7.61
CA PRO B 497 54.32 17.14 -8.18
C PRO B 497 54.10 18.16 -7.08
N THR B 498 54.44 19.42 -7.38
CA THR B 498 54.26 20.50 -6.42
C THR B 498 52.78 20.77 -6.17
N LYS B 499 51.97 20.72 -7.25
CA LYS B 499 50.55 20.99 -7.16
C LYS B 499 49.84 20.03 -6.23
N VAL B 500 50.20 18.74 -6.29
CA VAL B 500 49.58 17.73 -5.43
C VAL B 500 49.87 18.03 -3.96
N VAL B 501 51.13 18.35 -3.66
CA VAL B 501 51.53 18.60 -2.28
C VAL B 501 50.85 19.84 -1.72
N ARG B 502 50.85 20.94 -2.48
CA ARG B 502 50.23 22.16 -1.98
C ARG B 502 48.71 22.03 -1.90
N THR B 503 48.09 21.31 -2.84
CA THR B 503 46.65 21.09 -2.78
C THR B 503 46.27 20.26 -1.55
N ALA B 504 47.03 19.21 -1.27
CA ALA B 504 46.77 18.37 -0.10
C ALA B 504 46.93 19.17 1.19
N LEU B 505 48.00 19.96 1.29
CA LEU B 505 48.24 20.73 2.51
C LEU B 505 47.17 21.80 2.72
N LEU B 506 46.82 22.55 1.67
CA LEU B 506 45.81 23.60 1.81
C LEU B 506 44.43 23.03 2.13
N ASP B 507 44.05 21.95 1.42
CA ASP B 507 42.74 21.36 1.64
C ASP B 507 42.64 20.70 3.01
N ALA B 508 43.73 20.16 3.53
CA ALA B 508 43.71 19.64 4.89
C ALA B 508 43.60 20.77 5.90
N ALA B 509 44.40 21.82 5.71
CA ALA B 509 44.51 22.88 6.71
C ALA B 509 43.22 23.66 6.86
N GLY B 510 42.56 24.00 5.75
CA GLY B 510 41.34 24.80 5.84
C GLY B 510 40.24 24.10 6.63
N VAL B 511 39.97 22.84 6.30
CA VAL B 511 38.88 22.12 6.94
C VAL B 511 39.24 21.75 8.37
N ALA B 512 40.51 21.37 8.63
CA ALA B 512 40.87 20.99 9.99
C ALA B 512 40.92 22.19 10.93
N SER B 513 41.38 23.34 10.43
CA SER B 513 41.40 24.54 11.28
C SER B 513 39.99 25.10 11.46
N LEU B 514 39.08 24.88 10.51
CA LEU B 514 37.69 25.20 10.77
C LEU B 514 37.07 24.25 11.78
N LEU B 515 37.49 22.98 11.77
CA LEU B 515 36.97 22.01 12.72
C LEU B 515 37.45 22.29 14.14
N THR B 516 38.67 22.81 14.29
CA THR B 516 39.20 23.03 15.63
C THR B 516 38.70 24.34 16.27
N THR B 517 37.74 25.02 15.65
CA THR B 517 37.13 26.22 16.22
C THR B 517 35.76 25.96 16.84
N ALA B 518 35.42 24.70 17.11
CA ALA B 518 34.05 24.35 17.47
C ALA B 518 33.92 24.06 18.96
N GLU B 519 32.96 24.74 19.60
CA GLU B 519 32.62 24.48 20.99
C GLU B 519 31.34 23.67 21.16
N VAL B 520 30.40 23.76 20.24
CA VAL B 520 29.10 23.10 20.35
C VAL B 520 28.87 22.27 19.10
N VAL B 521 28.47 21.02 19.28
CA VAL B 521 28.13 20.13 18.18
C VAL B 521 26.67 19.70 18.34
N VAL B 522 25.87 19.93 17.30
CA VAL B 522 24.44 19.62 17.31
C VAL B 522 24.19 18.49 16.32
N THR B 523 23.66 17.38 16.81
CA THR B 523 23.34 16.21 16.01
C THR B 523 21.87 15.86 16.16
N GLU B 524 21.42 14.93 15.34
CA GLU B 524 20.05 14.43 15.41
C GLU B 524 19.99 13.19 16.27
N ILE B 525 18.96 13.09 17.09
CA ILE B 525 18.76 11.89 17.91
C ILE B 525 18.39 10.72 16.99
N PRO B 526 19.08 9.59 17.08
CA PRO B 526 18.77 8.47 16.19
C PRO B 526 17.44 7.84 16.52
N LYS B 527 16.68 7.52 15.47
CA LYS B 527 15.34 6.97 15.63
C LYS B 527 15.38 5.45 15.57
N GLY C 1 -7.85 17.44 19.61
CA GLY C 1 -8.36 16.08 19.68
C GLY C 1 -7.39 15.11 20.33
N SER C 2 -6.09 15.39 20.19
CA SER C 2 -5.08 14.54 20.80
C SER C 2 -5.04 14.75 22.30
N ALA C 3 -4.62 13.70 23.01
CA ALA C 3 -4.49 13.78 24.46
C ALA C 3 -3.37 14.73 24.85
N LYS C 4 -3.57 15.44 25.95
CA LYS C 4 -2.70 16.53 26.33
C LYS C 4 -2.11 16.31 27.71
N ASP C 5 -0.92 16.86 27.93
CA ASP C 5 -0.28 16.91 29.24
C ASP C 5 -0.26 18.35 29.70
N VAL C 6 -0.75 18.60 30.92
CA VAL C 6 -0.91 19.94 31.45
C VAL C 6 -0.08 20.05 32.72
N LYS C 7 0.81 21.04 32.78
CA LYS C 7 1.62 21.32 33.95
C LYS C 7 1.30 22.71 34.47
N PHE C 8 1.51 22.89 35.78
CA PHE C 8 1.14 24.10 36.48
C PHE C 8 2.36 24.69 37.19
N GLY C 9 2.34 26.01 37.36
CA GLY C 9 3.26 26.66 38.29
C GLY C 9 4.70 26.64 37.83
N ALA C 10 5.59 26.39 38.80
CA ALA C 10 7.02 26.57 38.59
C ALA C 10 7.72 25.35 37.98
N ASP C 11 7.04 24.21 37.87
CA ASP C 11 7.65 23.06 37.20
C ASP C 11 7.66 23.26 35.70
N ALA C 12 6.55 23.73 35.14
CA ALA C 12 6.50 24.06 33.72
C ALA C 12 7.44 25.21 33.39
N ARG C 13 7.51 26.20 34.26
CA ARG C 13 8.45 27.31 34.09
C ARG C 13 9.89 26.83 34.16
N ALA C 14 10.19 25.90 35.07
CA ALA C 14 11.54 25.35 35.17
C ALA C 14 11.92 24.58 33.91
N LEU C 15 11.01 23.77 33.38
CA LEU C 15 11.29 23.04 32.14
C LEU C 15 11.45 23.97 30.94
N MET C 16 10.63 25.02 30.88
CA MET C 16 10.75 25.99 29.80
C MET C 16 12.06 26.77 29.88
N LEU C 17 12.40 27.28 31.07
CA LEU C 17 13.73 27.84 31.33
C LEU C 17 14.85 26.88 30.97
N GLN C 18 14.66 25.57 31.17
CA GLN C 18 15.69 24.60 30.80
C GLN C 18 15.91 24.56 29.29
N GLY C 19 14.81 24.56 28.53
CA GLY C 19 14.94 24.63 27.07
C GLY C 19 15.56 25.94 26.59
N VAL C 20 15.13 27.06 27.18
CA VAL C 20 15.68 28.38 26.88
C VAL C 20 17.18 28.40 27.18
N ASP C 21 17.57 27.83 28.32
CA ASP C 21 18.95 27.84 28.75
C ASP C 21 19.81 26.95 27.86
N LEU C 22 19.29 25.82 27.39
CA LEU C 22 20.07 24.96 26.50
C LEU C 22 20.31 25.63 25.16
N LEU C 23 19.25 26.20 24.57
CA LEU C 23 19.43 26.86 23.26
C LEU C 23 20.31 28.09 23.37
N ALA C 24 20.13 28.88 24.43
CA ALA C 24 20.93 30.09 24.58
C ALA C 24 22.36 29.78 25.01
N ASP C 25 22.59 28.67 25.72
CA ASP C 25 23.96 28.27 26.02
C ASP C 25 24.68 27.81 24.76
N ALA C 26 23.96 27.14 23.85
CA ALA C 26 24.57 26.79 22.57
C ALA C 26 24.84 28.03 21.73
N VAL C 27 23.97 29.04 21.82
CA VAL C 27 24.14 30.23 20.99
C VAL C 27 25.24 31.16 21.57
N ALA C 28 25.35 31.25 22.89
CA ALA C 28 26.20 32.26 23.53
C ALA C 28 27.68 31.98 23.37
N VAL C 29 28.07 30.77 22.97
CA VAL C 29 29.48 30.49 22.74
C VAL C 29 30.00 31.17 21.49
N THR C 30 29.10 31.62 20.61
CA THR C 30 29.44 32.25 19.35
C THR C 30 29.67 33.74 19.45
N MET C 31 29.46 34.33 20.62
CA MET C 31 29.38 35.79 20.77
C MET C 31 30.75 36.42 20.92
N GLY C 32 31.03 37.40 20.07
CA GLY C 32 32.15 38.30 20.26
C GLY C 32 33.33 37.99 19.35
N PRO C 33 34.47 38.64 19.62
CA PRO C 33 35.66 38.39 18.79
C PRO C 33 36.44 37.18 19.22
N LYS C 34 36.19 36.64 20.42
CA LYS C 34 36.73 35.36 20.85
C LYS C 34 35.65 34.30 20.98
N GLY C 35 34.55 34.45 20.24
CA GLY C 35 33.55 33.41 20.17
C GLY C 35 33.98 32.27 19.26
N ARG C 36 33.41 31.11 19.53
CA ARG C 36 33.75 29.88 18.84
C ARG C 36 32.61 29.48 17.93
N THR C 37 32.80 28.43 17.15
CA THR C 37 31.81 28.04 16.16
C THR C 37 30.98 26.86 16.65
N VAL C 38 29.89 26.60 15.94
CA VAL C 38 28.97 25.51 16.23
C VAL C 38 28.86 24.65 14.98
N ILE C 39 29.05 23.34 15.15
CA ILE C 39 28.90 22.40 14.05
C ILE C 39 27.52 21.78 14.14
N ILE C 40 26.76 21.86 13.04
CA ILE C 40 25.41 21.33 12.96
C ILE C 40 25.39 20.23 11.91
N GLU C 41 24.90 19.06 12.30
CA GLU C 41 24.77 17.94 11.37
C GLU C 41 23.70 18.23 10.33
N GLN C 42 24.04 18.02 9.06
CA GLN C 42 23.09 18.09 7.96
C GLN C 42 22.74 16.68 7.50
N SER C 43 21.46 16.45 7.24
CA SER C 43 21.00 15.12 6.89
C SER C 43 21.48 14.68 5.51
N TRP C 44 21.65 15.62 4.59
CA TRP C 44 22.03 15.25 3.23
C TRP C 44 23.53 15.01 3.10
N GLY C 45 24.34 16.02 3.42
CA GLY C 45 25.77 15.90 3.19
C GLY C 45 26.66 16.36 4.32
N SER C 46 27.66 17.17 3.97
CA SER C 46 28.67 17.63 4.91
C SER C 46 28.04 18.55 5.97
N PRO C 47 28.50 18.46 7.22
CA PRO C 47 27.88 19.26 8.29
C PRO C 47 28.23 20.73 8.18
N LYS C 48 27.40 21.55 8.82
CA LYS C 48 27.48 23.00 8.74
C LYS C 48 28.23 23.55 9.95
N VAL C 49 29.28 24.32 9.69
CA VAL C 49 30.02 25.03 10.73
C VAL C 49 29.63 26.49 10.66
N THR C 50 29.15 27.03 11.78
CA THR C 50 28.60 28.37 11.78
C THR C 50 28.94 29.10 13.07
N LYS C 51 28.89 30.43 12.98
CA LYS C 51 28.97 31.32 14.12
C LYS C 51 27.74 32.20 14.24
N ASP C 52 26.88 32.21 13.24
CA ASP C 52 25.64 33.00 13.28
C ASP C 52 24.69 32.44 14.33
N GLY C 53 24.18 33.32 15.18
CA GLY C 53 23.35 32.88 16.30
C GLY C 53 22.02 32.32 15.89
N VAL C 54 21.40 32.91 14.85
CA VAL C 54 20.08 32.45 14.42
C VAL C 54 20.18 31.06 13.78
N THR C 55 21.32 30.75 13.14
CA THR C 55 21.49 29.44 12.52
C THR C 55 21.67 28.36 13.59
N VAL C 56 22.32 28.69 14.69
CA VAL C 56 22.39 27.78 15.82
C VAL C 56 21.02 27.64 16.49
N ALA C 57 20.27 28.74 16.57
CA ALA C 57 18.98 28.72 17.23
C ALA C 57 17.98 27.84 16.50
N LYS C 58 17.79 28.06 15.20
CA LYS C 58 16.74 27.34 14.49
C LYS C 58 17.13 25.90 14.15
N SER C 59 18.39 25.51 14.38
CA SER C 59 18.81 24.13 14.21
C SER C 59 18.48 23.24 15.41
N ILE C 60 18.08 23.82 16.53
CA ILE C 60 17.94 23.08 17.79
C ILE C 60 16.47 22.88 18.10
N ASP C 61 16.08 21.62 18.27
CA ASP C 61 14.77 21.22 18.76
C ASP C 61 14.96 20.12 19.81
N LEU C 62 14.02 20.02 20.73
CA LEU C 62 14.11 19.07 21.83
C LEU C 62 12.96 18.08 21.79
N LYS C 63 13.21 16.88 22.30
CA LYS C 63 12.18 15.86 22.39
C LYS C 63 11.18 16.17 23.49
N ASP C 64 11.64 16.71 24.62
CA ASP C 64 10.74 17.16 25.67
C ASP C 64 9.98 18.39 25.18
N LYS C 65 8.64 18.34 25.31
CA LYS C 65 7.80 19.37 24.73
C LYS C 65 7.92 20.69 25.48
N TYR C 66 8.04 20.62 26.82
CA TYR C 66 8.10 21.82 27.63
C TYR C 66 9.40 22.58 27.41
N LYS C 67 10.50 21.86 27.22
CA LYS C 67 11.76 22.52 26.85
C LYS C 67 11.70 23.06 25.43
N ASN C 68 11.01 22.33 24.53
CA ASN C 68 10.93 22.75 23.14
C ASN C 68 10.09 24.00 22.96
N ILE C 69 9.12 24.25 23.85
CA ILE C 69 8.36 25.50 23.79
C ILE C 69 9.26 26.71 24.02
N GLY C 70 10.11 26.64 25.05
CA GLY C 70 11.05 27.72 25.29
C GLY C 70 12.09 27.83 24.20
N ALA C 71 12.52 26.68 23.65
CA ALA C 71 13.43 26.71 22.51
C ALA C 71 12.80 27.40 21.30
N LYS C 72 11.52 27.11 21.02
CA LYS C 72 10.83 27.75 19.91
C LYS C 72 10.64 29.24 20.14
N LEU C 73 10.42 29.65 21.39
CA LEU C 73 10.26 31.08 21.66
C LEU C 73 11.56 31.84 21.48
N VAL C 74 12.68 31.28 21.94
CA VAL C 74 13.96 31.94 21.69
C VAL C 74 14.33 31.87 20.20
N GLN C 75 13.89 30.83 19.49
CA GLN C 75 14.03 30.79 18.04
C GLN C 75 13.23 31.92 17.38
N ASP C 76 12.05 32.23 17.93
CA ASP C 76 11.27 33.35 17.42
C ASP C 76 12.00 34.66 17.63
N VAL C 77 12.66 34.82 18.80
CA VAL C 77 13.48 36.00 19.05
C VAL C 77 14.58 36.13 18.00
N ALA C 78 15.34 35.05 17.80
CA ALA C 78 16.47 35.08 16.88
C ALA C 78 16.01 35.32 15.45
N ASN C 79 14.89 34.71 15.06
CA ASN C 79 14.37 34.87 13.70
C ASN C 79 13.87 36.28 13.45
N ASN C 80 13.11 36.84 14.40
CA ASN C 80 12.62 38.21 14.25
C ASN C 80 13.75 39.22 14.20
N THR C 81 14.80 39.00 14.99
CA THR C 81 15.97 39.86 14.90
C THR C 81 16.68 39.69 13.57
N ASN C 82 16.70 38.45 13.04
CA ASN C 82 17.35 38.21 11.75
C ASN C 82 16.61 38.88 10.60
N GLU C 83 15.28 38.84 10.59
CA GLU C 83 14.59 39.51 9.48
C GLU C 83 14.52 41.02 9.68
N GLU C 84 14.43 41.50 10.92
CA GLU C 84 14.29 42.94 11.11
C GLU C 84 15.62 43.68 10.91
N ALA C 85 16.73 43.08 11.31
CA ALA C 85 18.01 43.80 11.27
C ALA C 85 19.08 43.06 10.47
N GLY C 86 19.02 41.73 10.44
CA GLY C 86 20.04 40.95 9.77
C GLY C 86 21.28 40.68 10.60
N ASP C 87 21.31 41.12 11.85
CA ASP C 87 22.46 40.96 12.73
C ASP C 87 21.98 41.08 14.16
N GLY C 88 22.85 40.72 15.09
CA GLY C 88 22.52 40.83 16.50
C GLY C 88 21.62 39.75 17.05
N THR C 89 21.59 38.58 16.42
CA THR C 89 20.72 37.50 16.88
C THR C 89 21.25 36.82 18.13
N THR C 90 22.57 36.70 18.26
CA THR C 90 23.17 36.17 19.49
C THR C 90 22.89 37.09 20.66
N THR C 91 22.97 38.41 20.44
CA THR C 91 22.67 39.38 21.49
C THR C 91 21.22 39.31 21.90
N ALA C 92 20.32 39.19 20.90
CA ALA C 92 18.89 39.03 21.20
C ALA C 92 18.63 37.75 21.97
N THR C 93 19.34 36.67 21.64
CA THR C 93 19.17 35.40 22.33
C THR C 93 19.59 35.49 23.80
N VAL C 94 20.75 36.09 24.07
CA VAL C 94 21.20 36.16 25.46
C VAL C 94 20.36 37.16 26.26
N LEU C 95 19.90 38.25 25.63
CA LEU C 95 18.99 39.16 26.30
C LEU C 95 17.66 38.48 26.65
N ALA C 96 17.12 37.69 25.71
CA ALA C 96 15.88 36.97 25.96
C ALA C 96 16.04 35.94 27.07
N ARG C 97 17.18 35.24 27.09
CA ARG C 97 17.47 34.33 28.21
C ARG C 97 17.49 35.07 29.53
N SER C 98 18.18 36.20 29.59
CA SER C 98 18.28 36.94 30.85
C SER C 98 16.93 37.46 31.33
N ILE C 99 16.11 37.99 30.42
CA ILE C 99 14.79 38.47 30.82
C ILE C 99 13.90 37.31 31.25
N ALA C 100 13.95 36.18 30.54
CA ALA C 100 13.13 35.03 30.91
C ALA C 100 13.54 34.46 32.27
N LYS C 101 14.84 34.38 32.53
CA LYS C 101 15.31 33.86 33.81
C LYS C 101 14.96 34.79 34.96
N GLU C 102 15.21 36.09 34.80
CA GLU C 102 14.93 37.02 35.88
C GLU C 102 13.44 37.29 36.05
N GLY C 103 12.62 36.95 35.05
CA GLY C 103 11.19 37.01 35.22
C GLY C 103 10.62 35.78 35.87
N PHE C 104 11.17 34.61 35.54
CA PHE C 104 10.77 33.38 36.23
C PHE C 104 11.19 33.41 37.70
N GLU C 105 12.30 34.06 38.01
CA GLU C 105 12.74 34.15 39.40
C GLU C 105 11.81 35.03 40.23
N LYS C 106 11.26 36.09 39.63
CA LYS C 106 10.52 37.11 40.36
C LYS C 106 9.03 36.79 40.51
N ILE C 107 8.58 35.64 40.03
CA ILE C 107 7.15 35.30 40.11
C ILE C 107 6.85 34.75 41.50
N SER C 108 5.91 35.39 42.19
CA SER C 108 5.44 34.94 43.49
C SER C 108 3.92 34.90 43.50
N LYS C 109 3.32 34.69 44.67
CA LYS C 109 1.86 34.64 44.76
C LYS C 109 1.24 36.02 44.58
N GLY C 110 1.81 37.03 45.23
CA GLY C 110 1.28 38.38 45.16
C GLY C 110 1.79 39.17 43.98
N ALA C 111 2.53 38.53 43.08
CA ALA C 111 3.12 39.19 41.92
C ALA C 111 2.16 39.14 40.74
N ASN C 112 2.13 40.24 39.98
CA ASN C 112 1.36 40.30 38.74
C ASN C 112 2.33 40.30 37.56
N PRO C 113 2.52 39.18 36.88
CA PRO C 113 3.49 39.16 35.76
C PRO C 113 3.10 40.02 34.58
N VAL C 114 1.83 40.39 34.42
CA VAL C 114 1.44 41.25 33.30
C VAL C 114 1.86 42.69 33.56
N GLU C 115 1.74 43.14 34.81
CA GLU C 115 2.28 44.45 35.16
C GLU C 115 3.80 44.44 35.17
N ILE C 116 4.41 43.29 35.47
CA ILE C 116 5.85 43.14 35.31
C ILE C 116 6.23 43.32 33.84
N ARG C 117 5.45 42.70 32.94
CA ARG C 117 5.69 42.85 31.51
C ARG C 117 5.50 44.30 31.05
N ARG C 118 4.53 45.00 31.64
CA ARG C 118 4.36 46.42 31.35
C ARG C 118 5.58 47.23 31.78
N GLY C 119 6.10 46.95 32.98
CA GLY C 119 7.37 47.54 33.42
C GLY C 119 8.52 47.25 32.47
N VAL C 120 8.62 46.01 32.00
CA VAL C 120 9.67 45.60 31.06
C VAL C 120 9.56 46.42 29.78
N MET C 121 8.35 46.56 29.24
CA MET C 121 8.21 47.27 27.97
C MET C 121 8.44 48.77 28.13
N LEU C 122 8.03 49.34 29.27
CA LEU C 122 8.31 50.73 29.56
C LEU C 122 9.82 50.99 29.68
N ALA C 123 10.53 50.08 30.36
CA ALA C 123 11.98 50.24 30.51
C ALA C 123 12.70 50.08 29.19
N VAL C 124 12.26 49.15 28.35
CA VAL C 124 12.85 48.98 27.02
C VAL C 124 12.57 50.20 26.14
N ASP C 125 11.39 50.80 26.28
CA ASP C 125 11.11 52.04 25.55
C ASP C 125 12.05 53.16 25.99
N ALA C 126 12.29 53.28 27.30
CA ALA C 126 13.27 54.25 27.80
C ALA C 126 14.67 53.99 27.24
N VAL C 127 15.10 52.73 27.25
CA VAL C 127 16.45 52.39 26.78
C VAL C 127 16.57 52.63 25.28
N ILE C 128 15.49 52.42 24.51
CA ILE C 128 15.55 52.66 23.08
C ILE C 128 15.57 54.16 22.79
N ALA C 129 14.87 54.96 23.61
CA ALA C 129 14.98 56.41 23.50
C ALA C 129 16.40 56.87 23.81
N GLU C 130 17.05 56.26 24.79
CA GLU C 130 18.42 56.65 25.12
C GLU C 130 19.41 56.17 24.05
N LEU C 131 19.14 55.04 23.40
CA LEU C 131 19.97 54.59 22.29
C LEU C 131 19.84 55.52 21.10
N LYS C 132 18.63 56.01 20.82
CA LYS C 132 18.46 56.97 19.73
C LYS C 132 19.02 58.32 20.10
N LYS C 133 19.13 58.62 21.39
CA LYS C 133 19.82 59.83 21.83
C LYS C 133 21.32 59.72 21.62
N GLN C 134 21.91 58.60 22.03
CA GLN C 134 23.36 58.39 21.96
C GLN C 134 23.88 58.15 20.55
N SER C 135 23.01 57.83 19.60
CA SER C 135 23.45 57.46 18.26
C SER C 135 24.03 58.64 17.50
N LYS C 136 24.96 58.34 16.59
CA LYS C 136 25.57 59.35 15.74
C LYS C 136 25.58 58.87 14.29
N PRO C 137 25.39 59.77 13.34
CA PRO C 137 25.34 59.34 11.93
C PRO C 137 26.72 59.02 11.37
N VAL C 138 26.76 57.99 10.54
CA VAL C 138 27.98 57.58 9.87
C VAL C 138 28.25 58.56 8.73
N THR C 139 29.40 59.24 8.79
CA THR C 139 29.75 60.23 7.79
C THR C 139 30.96 59.86 6.94
N THR C 140 31.84 58.99 7.42
CA THR C 140 33.08 58.68 6.72
C THR C 140 33.14 57.20 6.35
N PRO C 141 33.70 56.86 5.19
CA PRO C 141 33.81 55.44 4.80
C PRO C 141 34.72 54.61 5.70
N GLU C 142 35.59 55.25 6.48
CA GLU C 142 36.37 54.51 7.48
C GLU C 142 35.45 53.87 8.52
N GLU C 143 34.39 54.57 8.91
CA GLU C 143 33.43 53.99 9.84
C GLU C 143 32.62 52.89 9.17
N ILE C 144 32.39 52.98 7.87
CA ILE C 144 31.73 51.91 7.12
C ILE C 144 32.60 50.65 7.15
N ALA C 145 33.89 50.81 6.87
CA ALA C 145 34.83 49.69 6.92
C ALA C 145 34.95 49.13 8.33
N GLN C 146 34.87 50.01 9.34
CA GLN C 146 34.94 49.58 10.73
C GLN C 146 33.72 48.75 11.12
N VAL C 147 32.53 49.19 10.73
CA VAL C 147 31.30 48.45 11.01
C VAL C 147 31.34 47.08 10.34
N ALA C 148 31.72 47.05 9.06
CA ALA C 148 31.75 45.79 8.34
C ALA C 148 32.87 44.88 8.83
N THR C 149 33.95 45.45 9.37
CA THR C 149 35.02 44.64 9.95
C THR C 149 34.60 44.03 11.28
N ILE C 150 33.95 44.82 12.13
CA ILE C 150 33.50 44.33 13.44
C ILE C 150 32.43 43.27 13.27
N SER C 151 31.50 43.47 12.33
CA SER C 151 30.41 42.53 12.13
C SER C 151 30.84 41.24 11.43
N ALA C 152 32.05 41.21 10.86
CA ALA C 152 32.57 40.00 10.21
C ALA C 152 33.67 39.35 11.05
N ASN C 153 33.56 39.44 12.38
CA ASN C 153 34.51 38.86 13.33
C ASN C 153 35.94 39.39 13.12
N GLY C 154 36.06 40.72 13.08
CA GLY C 154 37.35 41.35 12.96
C GLY C 154 38.10 41.07 11.68
N ASP C 155 37.41 40.75 10.60
CA ASP C 155 38.04 40.50 9.31
C ASP C 155 38.17 41.83 8.58
N LYS C 156 39.42 42.29 8.40
CA LYS C 156 39.64 43.58 7.77
C LYS C 156 39.44 43.52 6.26
N GLU C 157 39.66 42.37 5.64
CA GLU C 157 39.49 42.25 4.20
C GLU C 157 38.01 42.35 3.81
N ILE C 158 37.12 41.76 4.61
CA ILE C 158 35.69 41.84 4.34
C ILE C 158 35.18 43.26 4.51
N GLY C 159 35.64 43.95 5.55
CA GLY C 159 35.26 45.34 5.73
C GLY C 159 35.79 46.24 4.64
N ASN C 160 37.04 46.03 4.22
CA ASN C 160 37.62 46.81 3.13
C ASN C 160 36.89 46.58 1.83
N ILE C 161 36.56 45.32 1.51
CA ILE C 161 35.90 45.05 0.24
C ILE C 161 34.45 45.55 0.26
N ILE C 162 33.78 45.53 1.42
CA ILE C 162 32.42 46.07 1.49
C ILE C 162 32.43 47.60 1.36
N SER C 163 33.41 48.25 2.01
CA SER C 163 33.56 49.69 1.88
C SER C 163 33.88 50.08 0.45
N ASP C 164 34.74 49.32 -0.22
CA ASP C 164 35.03 49.59 -1.63
C ASP C 164 33.82 49.32 -2.51
N ALA C 165 33.00 48.32 -2.16
CA ALA C 165 31.82 47.99 -2.95
C ALA C 165 30.79 49.10 -2.89
N MET C 166 30.59 49.70 -1.73
CA MET C 166 29.67 50.84 -1.69
C MET C 166 30.37 52.18 -1.96
N LYS C 167 31.69 52.18 -2.12
CA LYS C 167 32.36 53.33 -2.72
C LYS C 167 32.12 53.36 -4.23
N LYS C 168 32.20 52.19 -4.87
CA LYS C 168 32.00 52.12 -6.32
C LYS C 168 30.52 52.26 -6.70
N VAL C 169 29.64 51.61 -5.95
CA VAL C 169 28.22 51.54 -6.30
C VAL C 169 27.40 52.59 -5.57
N GLY C 170 27.34 52.50 -4.25
CA GLY C 170 26.50 53.39 -3.46
C GLY C 170 26.25 52.79 -2.09
N ARG C 171 26.16 53.66 -1.08
CA ARG C 171 25.77 53.23 0.26
C ARG C 171 24.36 52.66 0.29
N LYS C 172 23.48 53.09 -0.62
CA LYS C 172 22.16 52.51 -0.79
C LYS C 172 22.09 51.64 -2.04
N GLY C 173 23.21 51.07 -2.47
CA GLY C 173 23.26 50.27 -3.67
C GLY C 173 23.02 48.81 -3.41
N VAL C 174 23.05 48.03 -4.49
CA VAL C 174 22.76 46.60 -4.44
C VAL C 174 24.08 45.84 -4.41
N ILE C 175 24.28 45.04 -3.38
CA ILE C 175 25.48 44.22 -3.21
C ILE C 175 25.02 42.79 -2.90
N THR C 176 25.46 41.83 -3.72
CA THR C 176 25.06 40.45 -3.60
C THR C 176 26.26 39.56 -3.29
N VAL C 177 25.99 38.42 -2.66
CA VAL C 177 27.02 37.47 -2.24
C VAL C 177 26.71 36.13 -2.88
N LYS C 178 27.67 35.59 -3.64
CA LYS C 178 27.60 34.24 -4.17
C LYS C 178 28.94 33.54 -3.96
N ASP C 179 28.95 32.23 -4.17
CA ASP C 179 30.15 31.43 -4.01
C ASP C 179 31.19 31.78 -5.08
N GLY C 180 32.45 31.60 -4.72
CA GLY C 180 33.55 31.80 -5.64
C GLY C 180 34.43 30.55 -5.71
N LYS C 181 35.08 30.36 -6.85
CA LYS C 181 35.93 29.21 -7.08
C LYS C 181 37.39 29.49 -6.73
N THR C 182 37.71 30.67 -6.23
CA THR C 182 39.07 31.07 -5.90
C THR C 182 39.29 31.02 -4.41
N LEU C 183 40.57 31.09 -4.02
CA LEU C 183 40.93 31.06 -2.60
C LEU C 183 40.56 32.36 -1.89
N ASN C 184 40.69 33.49 -2.57
CA ASN C 184 40.46 34.80 -1.98
C ASN C 184 39.16 35.42 -2.51
N ASP C 185 38.69 36.44 -1.79
CA ASP C 185 37.49 37.14 -2.19
C ASP C 185 37.79 38.16 -3.28
N GLU C 186 36.76 38.48 -4.07
CA GLU C 186 36.90 39.45 -5.14
C GLU C 186 35.59 40.21 -5.30
N LEU C 187 35.69 41.37 -5.92
CA LEU C 187 34.56 42.30 -6.08
C LEU C 187 34.34 42.54 -7.56
N GLU C 188 33.14 42.21 -8.05
CA GLU C 188 32.77 42.43 -9.45
C GLU C 188 31.62 43.42 -9.52
N ILE C 189 31.79 44.44 -10.35
CA ILE C 189 30.76 45.44 -10.59
C ILE C 189 30.17 45.18 -11.97
N ILE C 190 28.87 44.90 -12.02
CA ILE C 190 28.18 44.58 -13.26
C ILE C 190 26.88 45.39 -13.31
N GLU C 191 26.14 45.21 -14.41
CA GLU C 191 24.94 45.98 -14.67
C GLU C 191 23.70 45.17 -14.26
N GLY C 192 22.87 45.77 -13.41
CA GLY C 192 21.66 45.10 -12.97
C GLY C 192 20.74 46.09 -12.28
N MET C 193 19.55 45.61 -11.94
CA MET C 193 18.57 46.40 -11.21
C MET C 193 17.82 45.49 -10.23
N LYS C 194 17.26 46.12 -9.21
CA LYS C 194 16.62 45.40 -8.12
C LYS C 194 15.37 46.17 -7.69
N PHE C 195 14.33 45.43 -7.29
CA PHE C 195 13.07 46.03 -6.88
C PHE C 195 12.47 45.18 -5.77
N ASP C 196 11.53 45.80 -5.04
CA ASP C 196 11.05 45.26 -3.77
C ASP C 196 9.82 44.38 -3.91
N ARG C 197 9.66 43.69 -5.04
CA ARG C 197 8.58 42.73 -5.22
C ARG C 197 9.17 41.33 -5.38
N GLY C 198 8.76 40.43 -4.50
CA GLY C 198 9.20 39.05 -4.54
C GLY C 198 8.30 38.18 -5.39
N TYR C 199 8.37 36.87 -5.16
CA TYR C 199 7.49 35.97 -5.87
C TYR C 199 6.07 36.08 -5.32
N ILE C 200 5.12 35.58 -6.10
CA ILE C 200 3.71 35.62 -5.74
C ILE C 200 3.26 34.31 -5.12
N SER C 201 3.71 33.18 -5.67
CA SER C 201 3.40 31.88 -5.11
C SER C 201 4.68 31.22 -4.61
N PRO C 202 4.63 30.51 -3.48
CA PRO C 202 5.83 29.88 -2.92
C PRO C 202 6.22 28.56 -3.56
N TYR C 203 5.46 28.07 -4.54
CA TYR C 203 5.80 26.85 -5.26
C TYR C 203 6.89 27.07 -6.31
N PHE C 204 7.28 28.31 -6.56
CA PHE C 204 8.25 28.65 -7.59
C PHE C 204 9.69 28.47 -7.13
N ILE C 205 9.92 28.13 -5.86
CA ILE C 205 11.26 28.04 -5.33
C ILE C 205 11.92 26.75 -5.80
N ASN C 206 13.13 26.85 -6.34
CA ASN C 206 13.93 25.70 -6.73
C ASN C 206 15.14 25.48 -5.84
N THR C 207 15.79 26.55 -5.39
CA THR C 207 16.93 26.46 -4.47
C THR C 207 16.40 26.58 -3.05
N SER C 208 16.43 25.46 -2.32
CA SER C 208 15.93 25.43 -0.95
C SER C 208 16.98 25.84 0.07
N LYS C 209 18.08 26.45 -0.35
CA LYS C 209 19.10 26.90 0.59
C LYS C 209 18.82 28.29 1.11
N GLY C 210 18.27 29.17 0.27
CA GLY C 210 17.92 30.51 0.71
C GLY C 210 16.48 30.88 0.38
N GLN C 211 15.66 29.88 0.06
CA GLN C 211 14.26 30.05 -0.33
C GLN C 211 14.09 31.09 -1.43
N LYS C 212 14.77 30.85 -2.55
CA LYS C 212 14.77 31.79 -3.66
C LYS C 212 14.64 31.03 -4.98
N CYS C 213 14.18 31.74 -6.00
CA CYS C 213 14.08 31.20 -7.36
C CYS C 213 15.30 31.65 -8.14
N GLU C 214 16.06 30.68 -8.66
CA GLU C 214 17.35 30.95 -9.29
C GLU C 214 17.34 30.41 -10.71
N PHE C 215 17.30 31.32 -11.69
CA PHE C 215 17.43 30.98 -13.09
C PHE C 215 18.63 31.72 -13.69
N GLN C 216 19.14 31.18 -14.80
CA GLN C 216 20.18 31.82 -15.57
C GLN C 216 19.82 31.72 -17.04
N ASP C 217 20.08 32.83 -17.77
CA ASP C 217 19.78 32.95 -19.20
C ASP C 217 18.30 32.69 -19.48
N ALA C 218 17.47 33.58 -18.93
CA ALA C 218 16.04 33.39 -18.86
C ALA C 218 15.29 34.51 -19.57
N TYR C 219 14.13 34.16 -20.12
CA TYR C 219 13.22 35.13 -20.70
C TYR C 219 12.64 36.06 -19.64
N VAL C 220 12.25 37.25 -20.09
CA VAL C 220 11.62 38.26 -19.24
C VAL C 220 10.40 38.80 -19.97
N LEU C 221 9.25 38.75 -19.31
CA LEU C 221 7.97 39.12 -19.92
C LEU C 221 7.41 40.33 -19.19
N LEU C 222 7.24 41.44 -19.93
CA LEU C 222 6.72 42.68 -19.37
C LEU C 222 5.26 42.86 -19.76
N SER C 223 4.46 43.36 -18.83
CA SER C 223 3.05 43.61 -19.11
C SER C 223 2.57 44.82 -18.32
N GLU C 224 1.93 45.77 -19.01
CA GLU C 224 1.32 46.90 -18.33
C GLU C 224 -0.02 46.53 -17.71
N LYS C 225 -0.80 45.70 -18.38
CA LYS C 225 -2.00 45.12 -17.80
C LYS C 225 -1.64 43.83 -17.06
N LYS C 226 -2.59 43.32 -16.29
CA LYS C 226 -2.40 42.04 -15.63
C LYS C 226 -2.37 40.92 -16.68
N ILE C 227 -1.64 39.85 -16.36
CA ILE C 227 -1.70 38.65 -17.19
C ILE C 227 -3.09 38.07 -17.03
N SER C 228 -3.93 38.26 -18.05
CA SER C 228 -5.36 38.08 -17.90
C SER C 228 -5.84 36.67 -18.25
N SER C 229 -5.67 36.23 -19.48
CA SER C 229 -6.36 35.03 -19.93
C SER C 229 -5.41 33.85 -20.09
N ILE C 230 -6.02 32.66 -20.17
CA ILE C 230 -5.29 31.49 -20.61
C ILE C 230 -4.79 31.69 -22.04
N GLN C 231 -5.60 32.35 -22.87
CA GLN C 231 -5.14 32.72 -24.21
C GLN C 231 -4.12 33.86 -24.19
N SER C 232 -3.88 34.46 -23.03
CA SER C 232 -2.81 35.44 -22.87
C SER C 232 -1.52 34.85 -22.35
N ILE C 233 -1.55 33.65 -21.76
CA ILE C 233 -0.36 33.03 -21.20
C ILE C 233 0.09 31.80 -21.98
N VAL C 234 -0.80 31.11 -22.68
CA VAL C 234 -0.48 29.89 -23.43
C VAL C 234 0.34 30.18 -24.70
N PRO C 235 0.10 31.27 -25.47
CA PRO C 235 1.14 31.66 -26.44
C PRO C 235 2.48 31.99 -25.80
N ALA C 236 2.47 32.71 -24.66
CA ALA C 236 3.71 33.02 -23.97
C ALA C 236 4.37 31.77 -23.40
N LEU C 237 3.56 30.86 -22.83
CA LEU C 237 4.11 29.60 -22.33
C LEU C 237 4.60 28.72 -23.46
N GLU C 238 3.96 28.77 -24.63
CA GLU C 238 4.40 27.98 -25.77
C GLU C 238 5.68 28.54 -26.36
N ILE C 239 5.90 29.85 -26.25
CA ILE C 239 7.19 30.41 -26.65
C ILE C 239 8.26 30.03 -25.65
N ALA C 240 7.95 30.13 -24.35
CA ALA C 240 8.94 29.83 -23.31
C ALA C 240 9.32 28.35 -23.31
N ASN C 241 8.34 27.47 -23.52
CA ASN C 241 8.64 26.05 -23.67
C ASN C 241 9.28 25.77 -25.01
N ALA C 242 8.83 26.45 -26.06
CA ALA C 242 9.37 26.22 -27.39
C ALA C 242 10.78 26.79 -27.50
N HIS C 243 10.93 28.12 -27.42
CA HIS C 243 12.26 28.69 -27.59
C HIS C 243 13.02 28.76 -26.27
N ARG C 244 12.91 27.70 -25.47
CA ARG C 244 13.90 27.13 -24.53
C ARG C 244 14.73 28.17 -23.77
N LYS C 245 14.04 29.02 -23.02
CA LYS C 245 14.65 29.84 -21.98
C LYS C 245 13.60 29.99 -20.87
N PRO C 246 14.02 29.98 -19.61
CA PRO C 246 13.06 30.08 -18.50
C PRO C 246 12.34 31.42 -18.51
N LEU C 247 11.10 31.42 -18.00
CA LEU C 247 10.23 32.57 -18.11
C LEU C 247 10.15 33.33 -16.79
N VAL C 248 10.40 34.64 -16.86
CA VAL C 248 10.21 35.54 -15.74
C VAL C 248 9.07 36.49 -16.13
N ILE C 249 8.02 36.51 -15.32
CA ILE C 249 6.78 37.23 -15.64
C ILE C 249 6.69 38.44 -14.71
N ILE C 250 6.62 39.63 -15.31
CA ILE C 250 6.43 40.88 -14.58
C ILE C 250 5.03 41.38 -14.95
N ALA C 251 4.17 41.53 -13.94
CA ALA C 251 2.77 41.85 -14.15
C ALA C 251 2.24 42.64 -12.96
N GLU C 252 1.04 43.21 -13.13
CA GLU C 252 0.44 44.01 -12.07
C GLU C 252 -0.01 43.14 -10.91
N ASP C 253 -0.94 42.22 -11.16
CA ASP C 253 -1.46 41.33 -10.14
C ASP C 253 -1.72 39.96 -10.75
N VAL C 254 -1.21 38.92 -10.12
CA VAL C 254 -1.31 37.55 -10.60
C VAL C 254 -1.92 36.72 -9.47
N ASP C 255 -3.23 36.51 -9.53
CA ASP C 255 -3.92 35.69 -8.53
C ASP C 255 -5.13 35.04 -9.18
N GLY C 256 -5.16 33.70 -9.17
CA GLY C 256 -6.24 32.98 -9.83
C GLY C 256 -5.85 31.65 -10.44
N GLU C 257 -6.13 31.47 -11.73
CA GLU C 257 -6.07 30.17 -12.40
C GLU C 257 -4.79 29.95 -13.19
N ALA C 258 -4.28 30.97 -13.90
CA ALA C 258 -3.10 30.77 -14.72
C ALA C 258 -1.85 30.54 -13.87
N LEU C 259 -1.78 31.15 -12.69
CA LEU C 259 -0.70 30.79 -11.76
C LEU C 259 -0.83 29.36 -11.27
N SER C 260 -2.07 28.85 -11.14
CA SER C 260 -2.23 27.44 -10.79
C SER C 260 -1.80 26.54 -11.94
N THR C 261 -2.02 26.96 -13.18
CA THR C 261 -1.48 26.24 -14.33
C THR C 261 0.05 26.29 -14.34
N LEU C 262 0.61 27.43 -13.94
CA LEU C 262 2.07 27.56 -13.81
C LEU C 262 2.61 26.62 -12.75
N VAL C 263 1.93 26.51 -11.62
CA VAL C 263 2.33 25.58 -10.56
C VAL C 263 2.19 24.14 -11.03
N LEU C 264 1.16 23.86 -11.83
CA LEU C 264 0.96 22.51 -12.36
C LEU C 264 2.06 22.14 -13.35
N ASN C 265 2.53 23.11 -14.14
CA ASN C 265 3.67 22.86 -15.02
C ASN C 265 4.98 22.82 -14.24
N ARG C 266 5.02 23.49 -13.09
CA ARG C 266 6.23 23.53 -12.26
C ARG C 266 6.43 22.21 -11.51
N LEU C 267 5.35 21.60 -11.03
CA LEU C 267 5.47 20.46 -10.14
C LEU C 267 5.39 19.13 -10.88
N LYS C 268 4.56 19.04 -11.93
CA LYS C 268 4.39 17.77 -12.63
C LYS C 268 5.53 17.52 -13.62
N VAL C 269 5.69 18.41 -14.61
CA VAL C 269 6.69 18.22 -15.65
C VAL C 269 7.96 19.03 -15.37
N GLY C 270 7.93 19.99 -14.45
CA GLY C 270 9.10 20.78 -14.14
C GLY C 270 9.38 21.91 -15.09
N LEU C 271 8.47 22.87 -15.17
CA LEU C 271 8.67 24.07 -15.96
C LEU C 271 9.38 25.14 -15.14
N GLN C 272 10.35 25.81 -15.75
CA GLN C 272 11.13 26.84 -15.08
C GLN C 272 10.48 28.19 -15.36
N VAL C 273 9.55 28.59 -14.49
CA VAL C 273 8.79 29.82 -14.65
C VAL C 273 8.66 30.50 -13.29
N VAL C 274 8.67 31.83 -13.31
CA VAL C 274 8.47 32.63 -12.10
C VAL C 274 7.67 33.88 -12.47
N ALA C 275 6.83 34.33 -11.54
CA ALA C 275 6.00 35.51 -11.73
C ALA C 275 6.26 36.51 -10.60
N VAL C 276 6.47 37.76 -10.98
CA VAL C 276 6.80 38.84 -10.05
C VAL C 276 5.83 39.98 -10.26
N LYS C 277 5.27 40.51 -9.16
CA LYS C 277 4.41 41.67 -9.24
C LYS C 277 5.19 42.90 -9.69
N ALA C 278 4.49 43.80 -10.39
CA ALA C 278 5.15 45.02 -10.88
C ALA C 278 5.31 46.02 -9.75
N PRO C 279 6.45 46.69 -9.66
CA PRO C 279 6.66 47.69 -8.61
C PRO C 279 6.06 49.04 -9.00
N GLY C 280 5.95 49.91 -8.01
CA GLY C 280 5.45 51.25 -8.21
C GLY C 280 3.93 51.34 -8.14
N PHE C 281 3.45 52.59 -8.05
CA PHE C 281 2.02 52.87 -7.97
C PHE C 281 1.74 54.10 -8.83
N GLY C 282 1.19 53.89 -10.02
CA GLY C 282 0.88 54.98 -10.91
C GLY C 282 1.71 54.97 -12.17
N ASP C 283 2.10 56.16 -12.64
CA ASP C 283 2.94 56.26 -13.84
C ASP C 283 4.36 55.76 -13.62
N ASN C 284 4.81 55.72 -12.35
CA ASN C 284 6.14 55.19 -12.06
C ASN C 284 6.22 53.69 -12.33
N ARG C 285 5.11 52.98 -12.15
CA ARG C 285 5.03 51.57 -12.51
C ARG C 285 5.32 51.38 -14.00
N LYS C 286 4.67 52.16 -14.85
CA LYS C 286 4.89 52.07 -16.29
C LYS C 286 6.29 52.55 -16.67
N ASN C 287 6.81 53.56 -15.97
CA ASN C 287 8.15 54.06 -16.25
C ASN C 287 9.22 53.01 -15.95
N GLN C 288 9.11 52.36 -14.79
CA GLN C 288 10.06 51.30 -14.44
C GLN C 288 9.88 50.09 -15.35
N LEU C 289 8.64 49.81 -15.75
CA LEU C 289 8.36 48.72 -16.67
C LEU C 289 9.02 48.96 -18.03
N LYS C 290 8.92 50.19 -18.55
CA LYS C 290 9.55 50.54 -19.81
C LYS C 290 11.06 50.55 -19.70
N ASP C 291 11.59 50.98 -18.55
CA ASP C 291 13.04 50.94 -18.34
C ASP C 291 13.56 49.50 -18.35
N MET C 292 12.86 48.60 -17.67
CA MET C 292 13.29 47.20 -17.67
C MET C 292 13.10 46.53 -19.03
N ALA C 293 12.06 46.93 -19.77
CA ALA C 293 11.88 46.37 -21.11
C ALA C 293 12.94 46.89 -22.08
N ILE C 294 13.41 48.12 -21.88
CA ILE C 294 14.52 48.63 -22.69
C ILE C 294 15.82 47.92 -22.31
N ALA C 295 16.05 47.75 -21.01
CA ALA C 295 17.30 47.16 -20.54
C ALA C 295 17.41 45.67 -20.88
N THR C 296 16.28 44.97 -20.95
CA THR C 296 16.31 43.55 -21.30
C THR C 296 16.11 43.30 -22.80
N GLY C 297 15.66 44.29 -23.55
CA GLY C 297 15.46 44.15 -24.98
C GLY C 297 14.07 43.74 -25.40
N GLY C 298 13.21 43.35 -24.44
CA GLY C 298 11.86 42.95 -24.75
C GLY C 298 10.94 44.15 -24.93
N ALA C 299 9.65 43.85 -24.99
CA ALA C 299 8.63 44.87 -25.20
C ALA C 299 7.64 44.86 -24.03
N VAL C 300 6.74 45.84 -24.05
CA VAL C 300 5.70 45.96 -23.02
C VAL C 300 4.37 45.54 -23.64
N PHE C 301 3.69 44.62 -22.98
CA PHE C 301 2.39 44.14 -23.43
C PHE C 301 1.27 44.82 -22.65
N GLY C 302 0.08 44.86 -23.25
CA GLY C 302 -1.08 45.47 -22.63
C GLY C 302 -0.96 46.96 -22.39
N GLU C 303 -0.23 47.68 -23.24
CA GLU C 303 -0.03 49.10 -23.05
C GLU C 303 -1.22 49.89 -23.60
N GLU C 304 -1.34 51.13 -23.12
CA GLU C 304 -2.41 52.00 -23.58
C GLU C 304 -2.12 52.56 -24.97
N GLY C 305 -0.87 52.92 -25.25
CA GLY C 305 -0.52 53.54 -26.50
C GLY C 305 -0.49 52.62 -27.71
N LEU C 306 0.44 51.67 -27.69
CA LEU C 306 0.62 50.80 -28.86
C LEU C 306 -0.40 49.65 -28.89
N THR C 307 -0.91 49.26 -27.71
CA THR C 307 -1.88 48.17 -27.54
C THR C 307 -1.35 46.86 -28.13
N LEU C 308 -0.20 46.42 -27.63
CA LEU C 308 0.36 45.12 -27.99
C LEU C 308 -0.21 44.07 -27.03
N ASN C 309 -0.90 43.09 -27.59
CA ASN C 309 -1.65 42.13 -26.80
C ASN C 309 -0.82 40.88 -26.50
N LEU C 310 -1.27 40.14 -25.49
CA LEU C 310 -0.61 38.92 -25.06
C LEU C 310 -1.06 37.69 -25.84
N GLU C 311 -2.06 37.82 -26.72
CA GLU C 311 -2.43 36.72 -27.59
C GLU C 311 -1.45 36.57 -28.76
N ASP C 312 -0.92 37.68 -29.26
CA ASP C 312 0.07 37.66 -30.35
C ASP C 312 1.43 38.04 -29.76
N VAL C 313 2.20 37.02 -29.38
CA VAL C 313 3.54 37.19 -28.82
C VAL C 313 4.52 36.52 -29.76
N GLN C 314 5.67 37.15 -29.95
CA GLN C 314 6.76 36.65 -30.76
C GLN C 314 7.99 36.43 -29.89
N PRO C 315 8.90 35.53 -30.29
CA PRO C 315 10.15 35.35 -29.52
C PRO C 315 11.02 36.59 -29.44
N HIS C 316 10.92 37.52 -30.39
CA HIS C 316 11.67 38.76 -30.37
C HIS C 316 10.95 39.88 -29.60
N ASP C 317 9.99 39.53 -28.74
CA ASP C 317 9.36 40.50 -27.86
C ASP C 317 9.55 40.16 -26.38
N LEU C 318 10.48 39.26 -26.06
CA LEU C 318 10.78 38.90 -24.69
C LEU C 318 12.22 39.29 -24.38
N GLY C 319 12.43 39.86 -23.20
CA GLY C 319 13.77 40.22 -22.79
C GLY C 319 14.60 39.03 -22.39
N LYS C 320 15.92 39.22 -22.37
CA LYS C 320 16.87 38.19 -22.00
C LYS C 320 17.83 38.75 -20.96
N VAL C 321 17.90 38.09 -19.81
CA VAL C 321 18.88 38.45 -18.77
C VAL C 321 19.91 37.33 -18.67
N GLY C 322 21.03 37.64 -18.03
CA GLY C 322 22.02 36.62 -17.73
C GLY C 322 21.82 35.94 -16.40
N GLU C 323 21.15 36.61 -15.46
CA GLU C 323 20.86 36.05 -14.15
C GLU C 323 19.65 36.74 -13.57
N VAL C 324 18.80 35.98 -12.90
CA VAL C 324 17.65 36.51 -12.17
C VAL C 324 17.54 35.81 -10.82
N ILE C 325 17.41 36.59 -9.76
CA ILE C 325 17.23 36.08 -8.40
C ILE C 325 15.93 36.65 -7.86
N VAL C 326 14.99 35.77 -7.54
CA VAL C 326 13.69 36.16 -7.01
C VAL C 326 13.54 35.55 -5.62
N THR C 327 13.63 36.39 -4.59
CA THR C 327 13.45 35.98 -3.22
C THR C 327 12.01 36.24 -2.77
N LYS C 328 11.77 36.12 -1.46
CA LYS C 328 10.42 36.31 -0.94
C LYS C 328 9.97 37.77 -1.02
N ASP C 329 10.87 38.71 -0.76
CA ASP C 329 10.50 40.11 -0.65
C ASP C 329 11.08 41.00 -1.74
N ASP C 330 12.06 40.52 -2.51
CA ASP C 330 12.64 41.34 -3.56
C ASP C 330 13.15 40.45 -4.68
N ALA C 331 13.25 41.03 -5.88
CA ALA C 331 13.73 40.33 -7.06
C ALA C 331 14.74 41.23 -7.77
N MET C 332 15.62 40.60 -8.56
CA MET C 332 16.74 41.31 -9.16
C MET C 332 17.10 40.67 -10.49
N LEU C 333 17.20 41.50 -11.53
CA LEU C 333 17.59 41.07 -12.87
C LEU C 333 19.02 41.51 -13.14
N LEU C 334 19.85 40.58 -13.63
CA LEU C 334 21.26 40.82 -13.88
C LEU C 334 21.61 40.54 -15.33
N LYS C 335 22.40 41.45 -15.91
CA LYS C 335 22.94 41.34 -17.27
C LYS C 335 21.85 41.14 -18.32
N GLY C 336 20.99 42.14 -18.43
CA GLY C 336 19.94 42.08 -19.44
C GLY C 336 20.49 42.31 -20.83
N LYS C 337 20.04 41.47 -21.77
CA LYS C 337 20.53 41.51 -23.15
C LYS C 337 19.70 42.50 -23.98
N GLY C 338 19.80 43.77 -23.58
CA GLY C 338 19.18 44.85 -24.31
C GLY C 338 20.19 45.60 -25.17
N ASP C 339 19.65 46.45 -26.04
CA ASP C 339 20.50 47.27 -26.89
C ASP C 339 21.18 48.36 -26.07
N LYS C 340 22.48 48.55 -26.29
CA LYS C 340 23.21 49.59 -25.59
C LYS C 340 22.73 50.97 -26.01
N ALA C 341 22.40 51.14 -27.30
CA ALA C 341 21.93 52.43 -27.79
C ALA C 341 20.56 52.79 -27.21
N GLN C 342 19.67 51.80 -27.09
CA GLN C 342 18.35 52.06 -26.51
C GLN C 342 18.45 52.41 -25.02
N ILE C 343 19.36 51.73 -24.31
CA ILE C 343 19.60 52.06 -22.90
C ILE C 343 20.17 53.47 -22.77
N GLU C 344 21.09 53.84 -23.68
CA GLU C 344 21.66 55.18 -23.68
C GLU C 344 20.59 56.25 -23.97
N LYS C 345 19.69 55.96 -24.90
CA LYS C 345 18.59 56.88 -25.20
C LYS C 345 17.65 57.03 -24.02
N ARG C 346 17.36 55.94 -23.31
CA ARG C 346 16.54 56.03 -22.11
C ARG C 346 17.26 56.79 -20.99
N ILE C 347 18.58 56.66 -20.91
CA ILE C 347 19.35 57.41 -19.92
C ILE C 347 19.27 58.91 -20.18
N GLN C 348 19.41 59.31 -21.45
CA GLN C 348 19.32 60.75 -21.73
C GLN C 348 17.88 61.25 -21.66
N GLU C 349 16.90 60.38 -21.93
CA GLU C 349 15.50 60.75 -21.69
C GLU C 349 15.24 60.99 -20.20
N ILE C 350 15.83 60.16 -19.34
CA ILE C 350 15.69 60.35 -17.90
C ILE C 350 16.39 61.63 -17.45
N ILE C 351 17.56 61.93 -18.04
CA ILE C 351 18.25 63.19 -17.72
C ILE C 351 17.42 64.39 -18.15
N GLU C 352 16.83 64.34 -19.35
CA GLU C 352 16.03 65.46 -19.82
C GLU C 352 14.67 65.54 -19.14
N GLN C 353 14.24 64.46 -18.47
CA GLN C 353 13.07 64.55 -17.61
C GLN C 353 13.43 65.09 -16.22
N LEU C 354 14.65 64.80 -15.76
CA LEU C 354 15.15 65.37 -14.52
C LEU C 354 15.41 66.86 -14.66
N ASP C 355 15.65 67.33 -15.89
CA ASP C 355 15.94 68.73 -16.10
C ASP C 355 14.69 69.61 -16.17
N VAL C 356 13.50 69.02 -16.08
CA VAL C 356 12.26 69.80 -16.18
C VAL C 356 11.34 69.50 -15.00
N THR C 357 11.91 69.03 -13.89
CA THR C 357 11.13 68.69 -12.70
C THR C 357 11.67 69.43 -11.49
N THR C 358 10.75 69.93 -10.65
CA THR C 358 11.14 70.67 -9.45
C THR C 358 10.27 70.33 -8.24
N SER C 359 9.51 69.23 -8.28
CA SER C 359 8.62 68.88 -7.18
C SER C 359 9.32 68.15 -6.05
N GLU C 360 10.58 67.76 -6.23
CA GLU C 360 11.43 67.12 -5.23
C GLU C 360 10.86 65.79 -4.70
N TYR C 361 9.90 65.20 -5.38
CA TYR C 361 9.48 63.83 -5.07
C TYR C 361 9.50 62.93 -6.30
N GLU C 362 9.13 63.44 -7.47
CA GLU C 362 9.35 62.72 -8.71
C GLU C 362 10.81 62.75 -9.13
N LYS C 363 11.56 63.74 -8.64
CA LYS C 363 12.98 63.83 -8.96
C LYS C 363 13.76 62.67 -8.34
N GLU C 364 13.32 62.21 -7.17
CA GLU C 364 14.00 61.08 -6.54
C GLU C 364 13.64 59.78 -7.22
N LYS C 365 12.42 59.66 -7.75
CA LYS C 365 12.06 58.49 -8.54
C LYS C 365 12.83 58.46 -9.86
N LEU C 366 13.00 59.62 -10.50
CA LEU C 366 13.81 59.68 -11.71
C LEU C 366 15.27 59.36 -11.42
N ASN C 367 15.79 59.82 -10.28
CA ASN C 367 17.15 59.49 -9.89
C ASN C 367 17.29 58.00 -9.56
N GLU C 368 16.26 57.39 -8.99
CA GLU C 368 16.30 55.96 -8.72
C GLU C 368 16.29 55.14 -10.01
N ARG C 369 15.49 55.56 -11.00
CA ARG C 369 15.52 54.86 -12.28
C ARG C 369 16.84 55.08 -13.02
N LEU C 370 17.44 56.27 -12.87
CA LEU C 370 18.76 56.51 -13.43
C LEU C 370 19.82 55.67 -12.74
N ALA C 371 19.67 55.45 -11.44
CA ALA C 371 20.57 54.55 -10.72
C ALA C 371 20.35 53.11 -11.13
N LYS C 372 19.12 52.75 -11.50
CA LYS C 372 18.87 51.44 -12.08
C LYS C 372 19.53 51.31 -13.46
N LEU C 373 19.65 52.41 -14.19
CA LEU C 373 20.37 52.42 -15.46
C LEU C 373 21.80 52.95 -15.31
N SER C 374 22.31 53.01 -14.09
CA SER C 374 23.67 53.45 -13.81
C SER C 374 24.62 52.25 -13.85
N ASP C 375 25.80 52.39 -13.22
CA ASP C 375 26.83 51.35 -13.22
C ASP C 375 26.34 50.03 -12.63
N GLY C 376 25.30 50.04 -11.81
CA GLY C 376 24.55 48.84 -11.51
C GLY C 376 24.87 48.27 -10.14
N VAL C 377 25.19 46.98 -10.10
CA VAL C 377 25.21 46.22 -8.86
C VAL C 377 26.64 45.84 -8.51
N ALA C 378 26.81 45.29 -7.31
CA ALA C 378 28.07 44.73 -6.86
C ALA C 378 27.89 43.27 -6.49
N VAL C 379 28.89 42.46 -6.82
CA VAL C 379 28.86 41.02 -6.55
C VAL C 379 30.10 40.67 -5.77
N LEU C 380 29.92 40.14 -4.55
CA LEU C 380 31.01 39.67 -3.73
C LEU C 380 31.09 38.15 -3.86
N LYS C 381 32.19 37.66 -4.43
CA LYS C 381 32.45 36.23 -4.50
C LYS C 381 33.39 35.85 -3.36
N VAL C 382 32.96 34.93 -2.53
CA VAL C 382 33.71 34.54 -1.33
C VAL C 382 34.74 33.49 -1.70
N GLY C 383 35.83 33.46 -0.92
CA GLY C 383 36.89 32.52 -1.14
C GLY C 383 36.92 31.41 -0.09
N GLY C 384 37.68 30.37 -0.39
CA GLY C 384 37.78 29.21 0.47
C GLY C 384 38.07 27.96 -0.33
N THR C 385 38.62 26.96 0.35
CA THR C 385 38.99 25.71 -0.28
C THR C 385 37.95 24.62 -0.13
N SER C 386 36.92 24.84 0.68
CA SER C 386 35.86 23.86 0.88
C SER C 386 34.54 24.62 1.02
N ASP C 387 33.44 23.89 0.82
CA ASP C 387 32.12 24.50 0.90
C ASP C 387 31.78 24.91 2.33
N VAL C 388 32.37 24.26 3.33
CA VAL C 388 32.09 24.63 4.71
C VAL C 388 32.75 25.96 5.06
N GLU C 389 33.98 26.17 4.57
CA GLU C 389 34.64 27.46 4.72
C GLU C 389 33.88 28.55 3.99
N VAL C 390 33.39 28.23 2.79
CA VAL C 390 32.64 29.20 1.99
C VAL C 390 31.35 29.60 2.70
N ASN C 391 30.63 28.64 3.26
CA ASN C 391 29.39 28.96 3.97
C ASN C 391 29.65 29.73 5.26
N GLU C 392 30.74 29.39 5.96
CA GLU C 392 31.02 30.06 7.23
C GLU C 392 31.52 31.48 6.99
N LYS C 393 32.17 31.73 5.85
CA LYS C 393 32.53 33.10 5.51
C LYS C 393 31.35 33.86 4.92
N LYS C 394 30.46 33.17 4.21
CA LYS C 394 29.27 33.81 3.65
C LYS C 394 28.36 34.34 4.74
N ASP C 395 28.23 33.60 5.85
CA ASP C 395 27.43 34.08 6.97
C ASP C 395 27.98 35.39 7.51
N ARG C 396 29.31 35.50 7.64
CA ARG C 396 29.92 36.71 8.16
C ARG C 396 29.82 37.87 7.17
N VAL C 397 29.95 37.57 5.87
CA VAL C 397 29.81 38.62 4.86
C VAL C 397 28.37 39.15 4.82
N THR C 398 27.39 38.26 4.98
CA THR C 398 25.99 38.68 5.05
C THR C 398 25.72 39.52 6.30
N ASP C 399 26.28 39.11 7.45
CA ASP C 399 26.13 39.89 8.67
C ASP C 399 26.77 41.27 8.52
N ALA C 400 27.94 41.34 7.89
CA ALA C 400 28.64 42.61 7.73
C ALA C 400 27.88 43.54 6.79
N LEU C 401 27.33 43.01 5.69
CA LEU C 401 26.53 43.83 4.78
C LEU C 401 25.26 44.32 5.46
N ASN C 402 24.57 43.44 6.21
CA ASN C 402 23.36 43.84 6.92
C ASN C 402 23.64 44.93 7.95
N ALA C 403 24.70 44.75 8.74
CA ALA C 403 25.09 45.75 9.73
C ALA C 403 25.51 47.07 9.08
N THR C 404 26.25 47.02 7.97
CA THR C 404 26.64 48.24 7.29
C THR C 404 25.42 48.97 6.72
N ARG C 405 24.40 48.23 6.30
CA ARG C 405 23.19 48.86 5.79
C ARG C 405 22.40 49.48 6.94
N ALA C 406 22.39 48.82 8.10
CA ALA C 406 21.70 49.38 9.26
C ALA C 406 22.42 50.58 9.83
N ALA C 407 23.75 50.63 9.69
CA ALA C 407 24.52 51.77 10.17
C ALA C 407 24.43 52.95 9.21
N VAL C 408 24.25 52.67 7.91
CA VAL C 408 23.89 53.74 6.98
C VAL C 408 22.51 54.28 7.30
N GLU C 409 21.56 53.40 7.60
CA GLU C 409 20.17 53.81 7.78
C GLU C 409 19.96 54.59 9.07
N GLU C 410 20.52 54.11 10.19
CA GLU C 410 20.18 54.68 11.49
C GLU C 410 21.37 55.22 12.29
N GLY C 411 22.59 54.90 11.92
CA GLY C 411 23.75 55.41 12.62
C GLY C 411 24.44 54.34 13.43
N ILE C 412 25.37 54.77 14.28
CA ILE C 412 26.19 53.85 15.07
C ILE C 412 26.16 54.25 16.54
N VAL C 413 26.42 53.25 17.38
CA VAL C 413 26.63 53.41 18.80
C VAL C 413 27.91 52.67 19.19
N LEU C 414 28.20 52.65 20.48
CA LEU C 414 29.38 51.93 20.96
C LEU C 414 29.19 50.43 20.85
N GLY C 415 30.27 49.72 20.53
CA GLY C 415 30.24 48.28 20.42
C GLY C 415 30.62 47.59 21.72
N GLY C 416 30.57 46.26 21.69
CA GLY C 416 30.95 45.46 22.83
C GLY C 416 29.96 45.44 23.97
N GLY C 417 28.68 45.72 23.70
CA GLY C 417 27.68 45.78 24.74
C GLY C 417 27.75 47.01 25.62
N CYS C 418 28.50 48.04 25.21
CA CYS C 418 28.64 49.24 26.02
C CYS C 418 27.50 50.22 25.81
N ALA C 419 26.83 50.17 24.65
CA ALA C 419 25.71 51.07 24.41
C ALA C 419 24.49 50.68 25.24
N LEU C 420 24.41 49.42 25.68
CA LEU C 420 23.39 49.03 26.64
C LEU C 420 23.82 49.31 28.07
N LEU C 421 25.14 49.32 28.33
CA LEU C 421 25.64 49.70 29.64
C LEU C 421 25.46 51.19 29.89
N ARG C 422 25.46 52.00 28.84
CA ARG C 422 25.31 53.45 28.99
C ARG C 422 23.86 53.88 29.17
N CYS C 423 22.90 52.98 29.04
CA CYS C 423 21.49 53.30 29.20
C CYS C 423 20.96 52.98 30.59
N ILE C 424 21.83 52.55 31.51
CA ILE C 424 21.38 52.28 32.88
C ILE C 424 20.90 53.52 33.63
N PRO C 425 21.56 54.69 33.59
CA PRO C 425 20.99 55.86 34.30
C PRO C 425 19.63 56.30 33.78
N ALA C 426 19.33 56.05 32.50
CA ALA C 426 17.98 56.33 32.00
C ALA C 426 16.94 55.48 32.70
N LEU C 427 17.31 54.25 33.07
CA LEU C 427 16.44 53.44 33.90
C LEU C 427 16.48 53.89 35.36
N ASP C 428 17.60 54.49 35.78
CA ASP C 428 17.70 55.03 37.13
C ASP C 428 16.96 56.35 37.29
N SER C 429 16.40 56.89 36.22
CA SER C 429 15.61 58.12 36.30
C SER C 429 14.12 57.89 36.09
N LEU C 430 13.68 56.63 36.03
CA LEU C 430 12.27 56.33 35.87
C LEU C 430 11.55 56.28 37.22
N THR C 431 10.25 56.55 37.18
CA THR C 431 9.38 56.42 38.35
C THR C 431 8.33 55.35 38.07
N PRO C 432 8.45 54.16 38.65
CA PRO C 432 7.45 53.11 38.39
C PRO C 432 6.09 53.44 38.97
N ALA C 433 5.06 52.97 38.28
CA ALA C 433 3.69 53.12 38.77
C ALA C 433 3.47 52.32 40.06
N ASN C 434 3.84 51.04 40.05
CA ASN C 434 3.64 50.16 41.18
C ASN C 434 4.87 49.26 41.33
N GLU C 435 4.74 48.23 42.17
CA GLU C 435 5.89 47.40 42.52
C GLU C 435 6.26 46.45 41.39
N ASP C 436 5.27 45.90 40.69
CA ASP C 436 5.55 44.97 39.59
C ASP C 436 6.23 45.68 38.42
N GLN C 437 5.84 46.93 38.14
CA GLN C 437 6.53 47.71 37.11
C GLN C 437 7.97 47.99 37.53
N LYS C 438 8.20 48.26 38.82
CA LYS C 438 9.55 48.40 39.35
C LYS C 438 10.35 47.11 39.18
N ILE C 439 9.70 45.97 39.37
CA ILE C 439 10.35 44.67 39.16
C ILE C 439 10.77 44.51 37.71
N GLY C 440 9.89 44.89 36.77
CA GLY C 440 10.24 44.83 35.35
C GLY C 440 11.38 45.75 34.97
N ILE C 441 11.38 46.97 35.52
CA ILE C 441 12.48 47.90 35.28
C ILE C 441 13.80 47.35 35.81
N GLU C 442 13.77 46.77 37.01
CA GLU C 442 14.98 46.15 37.56
C GLU C 442 15.44 44.95 36.72
N ILE C 443 14.49 44.19 36.16
CA ILE C 443 14.84 43.08 35.28
C ILE C 443 15.59 43.57 34.05
N ILE C 444 15.09 44.63 33.43
CA ILE C 444 15.76 45.19 32.25
C ILE C 444 17.10 45.81 32.64
N LYS C 445 17.16 46.45 33.82
CA LYS C 445 18.40 47.05 34.30
C LYS C 445 19.48 46.00 34.54
N ARG C 446 19.09 44.80 34.97
CA ARG C 446 20.05 43.72 35.12
C ARG C 446 20.36 43.07 33.77
N THR C 447 19.40 43.11 32.83
CA THR C 447 19.63 42.52 31.51
C THR C 447 20.57 43.37 30.66
N LEU C 448 20.69 44.66 30.97
CA LEU C 448 21.52 45.52 30.12
C LEU C 448 23.00 45.27 30.32
N LYS C 449 23.39 44.57 31.40
CA LYS C 449 24.79 44.23 31.59
C LYS C 449 25.15 42.93 30.89
N ILE C 450 24.14 42.17 30.43
CA ILE C 450 24.38 40.80 29.98
C ILE C 450 25.26 40.66 28.74
N PRO C 451 25.05 41.39 27.63
CA PRO C 451 25.88 41.12 26.43
C PRO C 451 27.36 41.41 26.60
N ALA C 452 27.71 42.47 27.34
CA ALA C 452 29.12 42.73 27.64
C ALA C 452 29.71 41.62 28.50
N MET C 453 28.94 41.10 29.46
CA MET C 453 29.39 39.96 30.26
C MET C 453 29.60 38.73 29.40
N THR C 454 28.74 38.49 28.41
CA THR C 454 28.90 37.32 27.55
C THR C 454 30.13 37.45 26.65
N ILE C 455 30.35 38.64 26.10
CA ILE C 455 31.55 38.90 25.29
C ILE C 455 32.81 38.69 26.13
N ALA C 456 32.86 39.28 27.33
CA ALA C 456 34.00 39.08 28.22
C ALA C 456 34.16 37.62 28.65
N LYS C 457 33.05 36.91 28.85
CA LYS C 457 33.09 35.50 29.24
C LYS C 457 33.69 34.64 28.13
N ASN C 458 33.33 34.91 26.88
CA ASN C 458 33.92 34.17 25.77
C ASN C 458 35.39 34.53 25.56
N ALA C 459 35.89 35.59 26.19
CA ALA C 459 37.28 36.00 26.09
C ALA C 459 38.14 35.47 27.23
N GLY C 460 37.61 34.55 28.04
CA GLY C 460 38.40 33.92 29.08
C GLY C 460 38.54 34.69 30.37
N VAL C 461 37.90 35.84 30.49
CA VAL C 461 37.96 36.64 31.71
C VAL C 461 36.58 36.66 32.37
N GLU C 462 36.53 37.17 33.59
CA GLU C 462 35.27 37.28 34.30
C GLU C 462 34.56 38.57 33.88
N GLY C 463 33.27 38.44 33.55
CA GLY C 463 32.55 39.56 32.95
C GLY C 463 32.06 40.61 33.91
N SER C 464 31.92 40.26 35.20
CA SER C 464 31.34 41.22 36.14
C SER C 464 32.33 42.31 36.51
N LEU C 465 33.61 41.98 36.65
CA LEU C 465 34.62 42.99 36.92
C LEU C 465 34.86 43.88 35.72
N ILE C 466 34.84 43.30 34.51
CA ILE C 466 34.93 44.08 33.29
C ILE C 466 33.77 45.07 33.18
N VAL C 467 32.54 44.59 33.41
CA VAL C 467 31.37 45.46 33.32
C VAL C 467 31.41 46.54 34.39
N GLU C 468 31.91 46.20 35.59
CA GLU C 468 32.08 47.20 36.64
C GLU C 468 33.09 48.27 36.23
N LYS C 469 34.22 47.87 35.64
CA LYS C 469 35.22 48.85 35.22
C LYS C 469 34.72 49.70 34.06
N ILE C 470 33.87 49.14 33.19
CA ILE C 470 33.28 49.95 32.12
C ILE C 470 32.31 50.96 32.71
N MET C 471 31.57 50.56 33.75
CA MET C 471 30.60 51.48 34.34
C MET C 471 31.29 52.55 35.18
N GLN C 472 32.44 52.25 35.77
CA GLN C 472 33.22 53.25 36.50
C GLN C 472 34.00 54.17 35.59
N SER C 473 34.18 53.82 34.32
CA SER C 473 34.99 54.60 33.40
C SER C 473 34.16 55.73 32.79
N SER C 474 34.77 56.45 31.85
CA SER C 474 34.09 57.54 31.17
C SER C 474 33.16 56.98 30.08
N SER C 475 32.45 57.89 29.42
CA SER C 475 31.44 57.48 28.44
C SER C 475 32.06 56.97 27.14
N GLU C 476 33.36 57.15 26.94
CA GLU C 476 34.04 56.73 25.73
C GLU C 476 34.96 55.53 25.93
N VAL C 477 34.92 54.89 27.10
CA VAL C 477 35.82 53.79 27.42
C VAL C 477 35.03 52.50 27.53
N GLY C 478 35.39 51.51 26.72
CA GLY C 478 34.83 50.18 26.81
C GLY C 478 35.94 49.14 26.77
N TYR C 479 35.52 47.89 26.84
CA TYR C 479 36.45 46.76 26.84
C TYR C 479 36.71 46.30 25.41
N ASP C 480 37.98 46.11 25.08
CA ASP C 480 38.36 45.48 23.82
C ASP C 480 38.65 44.02 24.13
N ALA C 481 37.70 43.15 23.82
CA ALA C 481 37.86 41.74 24.16
C ALA C 481 38.85 41.04 23.24
N MET C 482 39.10 41.59 22.05
CA MET C 482 40.15 41.05 21.20
C MET C 482 41.54 41.32 21.77
N ALA C 483 41.77 42.54 22.26
CA ALA C 483 43.08 42.93 22.77
C ALA C 483 43.20 42.76 24.29
N GLY C 484 42.09 42.62 25.00
CA GLY C 484 42.15 42.51 26.44
C GLY C 484 42.46 43.80 27.17
N ASP C 485 42.09 44.94 26.57
CA ASP C 485 42.40 46.25 27.13
C ASP C 485 41.17 47.13 27.12
N PHE C 486 41.19 48.15 27.99
CA PHE C 486 40.12 49.15 28.04
C PHE C 486 40.54 50.35 27.21
N VAL C 487 39.85 50.58 26.09
CA VAL C 487 40.26 51.52 25.08
C VAL C 487 39.10 52.46 24.74
N ASN C 488 39.35 53.38 23.82
CA ASN C 488 38.31 54.19 23.21
C ASN C 488 37.64 53.39 22.10
N MET C 489 36.34 53.17 22.23
CA MET C 489 35.64 52.31 21.28
C MET C 489 35.47 52.98 19.92
N VAL C 490 35.33 54.30 19.89
CA VAL C 490 35.20 55.00 18.61
C VAL C 490 36.55 55.07 17.91
N GLU C 491 37.62 55.34 18.65
CA GLU C 491 38.95 55.46 18.04
C GLU C 491 39.45 54.11 17.54
N LYS C 492 39.19 53.04 18.28
CA LYS C 492 39.60 51.70 17.86
C LYS C 492 38.62 51.04 16.90
N GLY C 493 37.47 51.66 16.65
CA GLY C 493 36.54 51.18 15.66
C GLY C 493 35.55 50.12 16.12
N ILE C 494 35.48 49.86 17.43
CA ILE C 494 34.52 48.87 17.92
C ILE C 494 33.16 49.54 18.08
N ILE C 495 32.37 49.52 17.01
CA ILE C 495 31.10 50.21 16.95
C ILE C 495 30.04 49.26 16.43
N ASP C 496 28.79 49.50 16.83
CA ASP C 496 27.64 48.72 16.41
C ASP C 496 26.59 49.63 15.80
N PRO C 497 25.79 49.12 14.85
CA PRO C 497 24.64 49.90 14.39
C PRO C 497 23.59 50.02 15.48
N THR C 498 22.95 51.20 15.55
CA THR C 498 21.93 51.44 16.57
C THR C 498 20.70 50.58 16.31
N LYS C 499 20.34 50.42 15.04
CA LYS C 499 19.16 49.64 14.65
C LYS C 499 19.26 48.19 15.10
N VAL C 500 20.46 47.60 14.95
CA VAL C 500 20.68 46.22 15.38
C VAL C 500 20.48 46.06 16.88
N VAL C 501 21.02 47.01 17.65
CA VAL C 501 20.94 46.94 19.11
C VAL C 501 19.50 47.08 19.59
N ARG C 502 18.78 48.09 19.06
CA ARG C 502 17.40 48.29 19.51
C ARG C 502 16.49 47.16 19.02
N THR C 503 16.75 46.62 17.82
CA THR C 503 15.97 45.49 17.32
C THR C 503 16.16 44.27 18.20
N ALA C 504 17.41 43.97 18.56
CA ALA C 504 17.70 42.82 19.42
C ALA C 504 17.04 42.98 20.78
N LEU C 505 17.14 44.17 21.38
CA LEU C 505 16.57 44.40 22.70
C LEU C 505 15.05 44.31 22.70
N LEU C 506 14.40 44.95 21.72
CA LEU C 506 12.94 44.92 21.65
C LEU C 506 12.41 43.52 21.37
N ASP C 507 13.04 42.81 20.42
CA ASP C 507 12.59 41.48 20.05
C ASP C 507 12.83 40.48 21.18
N ALA C 508 13.89 40.67 21.96
CA ALA C 508 14.09 39.82 23.13
C ALA C 508 13.06 40.12 24.21
N ALA C 509 12.83 41.40 24.47
CA ALA C 509 12.00 41.82 25.59
C ALA C 509 10.56 41.41 25.42
N GLY C 510 10.00 41.59 24.21
CA GLY C 510 8.60 41.24 23.99
C GLY C 510 8.31 39.77 24.24
N VAL C 511 9.13 38.90 23.65
CA VAL C 511 8.86 37.46 23.74
C VAL C 511 9.19 36.94 25.13
N ALA C 512 10.27 37.45 25.76
CA ALA C 512 10.61 36.94 27.09
C ALA C 512 9.64 37.43 28.15
N SER C 513 9.18 38.68 28.05
CA SER C 513 8.19 39.18 29.00
C SER C 513 6.81 38.60 28.76
N LEU C 514 6.51 38.12 27.55
CA LEU C 514 5.27 37.36 27.37
C LEU C 514 5.42 35.93 27.90
N LEU C 515 6.61 35.35 27.78
CA LEU C 515 6.86 34.03 28.33
C LEU C 515 6.79 34.02 29.85
N THR C 516 7.22 35.09 30.49
CA THR C 516 7.23 35.11 31.96
C THR C 516 5.88 35.45 32.57
N THR C 517 4.79 35.43 31.78
CA THR C 517 3.45 35.64 32.29
C THR C 517 2.63 34.35 32.34
N ALA C 518 3.28 33.20 32.28
CA ALA C 518 2.58 31.94 32.07
C ALA C 518 2.52 31.12 33.35
N GLU C 519 1.29 30.72 33.72
CA GLU C 519 1.07 29.81 34.83
C GLU C 519 0.82 28.37 34.41
N VAL C 520 0.23 28.16 33.23
CA VAL C 520 -0.16 26.83 32.78
C VAL C 520 0.45 26.59 31.40
N VAL C 521 1.08 25.45 31.21
CA VAL C 521 1.66 25.05 29.94
C VAL C 521 1.01 23.75 29.50
N VAL C 522 0.41 23.76 28.31
CA VAL C 522 -0.32 22.61 27.77
C VAL C 522 0.47 22.06 26.57
N THR C 523 0.83 20.79 26.64
CA THR C 523 1.58 20.12 25.59
C THR C 523 0.84 18.86 25.14
N GLU C 524 1.35 18.26 24.08
CA GLU C 524 0.79 17.02 23.55
C GLU C 524 1.49 15.81 24.15
N ILE C 525 0.74 14.74 24.36
CA ILE C 525 1.33 13.48 24.84
C ILE C 525 2.18 12.89 23.73
N PRO C 526 3.46 12.58 23.98
CA PRO C 526 4.28 11.97 22.93
C PRO C 526 3.85 10.55 22.62
N LYS C 527 3.80 10.22 21.34
CA LYS C 527 3.37 8.90 20.90
C LYS C 527 4.56 8.01 20.56
N GLY D 1 -20.54 -0.85 18.00
CA GLY D 1 -19.90 -2.11 17.66
C GLY D 1 -18.65 -2.38 18.46
N SER D 2 -17.97 -1.31 18.86
CA SER D 2 -16.75 -1.45 19.64
C SER D 2 -17.07 -1.83 21.08
N ALA D 3 -16.11 -2.50 21.73
CA ALA D 3 -16.27 -2.89 23.13
C ALA D 3 -16.28 -1.65 24.02
N LYS D 4 -17.07 -1.72 25.08
CA LYS D 4 -17.34 -0.56 25.91
C LYS D 4 -16.97 -0.82 27.36
N ASP D 5 -16.59 0.26 28.05
CA ASP D 5 -16.37 0.25 29.49
C ASP D 5 -17.51 1.01 30.15
N VAL D 6 -18.14 0.38 31.13
CA VAL D 6 -19.32 0.93 31.79
C VAL D 6 -18.99 1.12 33.27
N LYS D 7 -19.22 2.33 33.77
CA LYS D 7 -18.95 2.66 35.17
C LYS D 7 -20.22 3.18 35.83
N PHE D 8 -20.34 2.93 37.13
CA PHE D 8 -21.55 3.21 37.88
C PHE D 8 -21.24 4.11 39.07
N GLY D 9 -22.22 4.94 39.42
CA GLY D 9 -22.21 5.60 40.72
C GLY D 9 -21.19 6.72 40.83
N ALA D 10 -20.54 6.78 41.99
CA ALA D 10 -19.70 7.91 42.32
C ALA D 10 -18.26 7.78 41.83
N ASP D 11 -17.87 6.62 41.31
CA ASP D 11 -16.54 6.50 40.71
C ASP D 11 -16.47 7.20 39.37
N ALA D 12 -17.49 6.98 38.53
CA ALA D 12 -17.58 7.68 37.26
C ALA D 12 -17.75 9.18 37.47
N ARG D 13 -18.56 9.57 38.46
CA ARG D 13 -18.73 10.98 38.78
C ARG D 13 -17.45 11.60 39.31
N ALA D 14 -16.68 10.84 40.12
CA ALA D 14 -15.40 11.33 40.61
C ALA D 14 -14.40 11.54 39.47
N LEU D 15 -14.35 10.60 38.52
CA LEU D 15 -13.45 10.75 37.38
C LEU D 15 -13.87 11.91 36.48
N MET D 16 -15.18 12.08 36.28
CA MET D 16 -15.69 13.19 35.49
C MET D 16 -15.38 14.54 36.15
N LEU D 17 -15.69 14.66 37.45
CA LEU D 17 -15.26 15.80 38.24
C LEU D 17 -13.76 16.06 38.15
N GLN D 18 -12.94 15.00 38.07
CA GLN D 18 -11.50 15.19 37.96
C GLN D 18 -11.12 15.83 36.63
N GLY D 19 -11.74 15.38 35.55
CA GLY D 19 -11.52 16.05 34.25
C GLY D 19 -12.01 17.48 34.24
N VAL D 20 -13.18 17.73 34.83
CA VAL D 20 -13.73 19.08 34.95
C VAL D 20 -12.80 19.97 35.75
N ASP D 21 -12.26 19.44 36.86
CA ASP D 21 -11.37 20.21 37.70
C ASP D 21 -10.05 20.49 37.02
N LEU D 22 -9.54 19.55 36.22
CA LEU D 22 -8.30 19.80 35.48
C LEU D 22 -8.49 20.94 34.47
N LEU D 23 -9.53 20.85 33.64
CA LEU D 23 -9.73 21.88 32.62
C LEU D 23 -10.06 23.23 33.24
N ALA D 24 -10.90 23.24 34.30
CA ALA D 24 -11.27 24.50 34.90
C ALA D 24 -10.16 25.09 35.75
N ASP D 25 -9.27 24.26 36.32
CA ASP D 25 -8.11 24.79 37.01
C ASP D 25 -7.13 25.40 36.04
N ALA D 26 -7.00 24.83 34.84
CA ALA D 26 -6.18 25.46 33.81
C ALA D 26 -6.80 26.77 33.33
N VAL D 27 -8.13 26.83 33.26
CA VAL D 27 -8.79 28.04 32.77
C VAL D 27 -8.82 29.14 33.84
N ALA D 28 -8.95 28.78 35.11
CA ALA D 28 -9.20 29.77 36.16
C ALA D 28 -7.98 30.62 36.49
N VAL D 29 -6.79 30.22 36.05
CA VAL D 29 -5.61 31.05 36.29
C VAL D 29 -5.61 32.31 35.42
N THR D 30 -6.45 32.34 34.38
CA THR D 30 -6.51 33.43 33.43
C THR D 30 -7.47 34.53 33.87
N MET D 31 -8.20 34.34 34.97
CA MET D 31 -9.33 35.20 35.31
C MET D 31 -8.89 36.46 36.03
N GLY D 32 -9.34 37.61 35.51
CA GLY D 32 -9.26 38.86 36.23
C GLY D 32 -8.13 39.76 35.76
N PRO D 33 -7.87 40.82 36.52
CA PRO D 33 -6.76 41.73 36.13
C PRO D 33 -5.41 41.28 36.64
N LYS D 34 -5.36 40.35 37.59
CA LYS D 34 -4.13 39.68 37.97
C LYS D 34 -4.06 38.26 37.45
N GLY D 35 -4.83 37.95 36.40
CA GLY D 35 -4.75 36.66 35.77
C GLY D 35 -3.49 36.51 34.94
N ARG D 36 -3.07 35.26 34.78
CA ARG D 36 -1.84 34.90 34.10
C ARG D 36 -2.19 34.22 32.79
N THR D 37 -1.19 33.96 31.96
CA THR D 37 -1.45 33.40 30.64
C THR D 37 -1.21 31.90 30.63
N VAL D 38 -1.61 31.29 29.51
CA VAL D 38 -1.47 29.85 29.29
C VAL D 38 -0.77 29.65 27.97
N ILE D 39 0.30 28.86 27.98
CA ILE D 39 1.03 28.52 26.77
C ILE D 39 0.54 27.17 26.27
N ILE D 40 0.15 27.13 25.00
CA ILE D 40 -0.36 25.91 24.37
C ILE D 40 0.58 25.56 23.22
N GLU D 41 1.06 24.31 23.22
CA GLU D 41 1.90 23.84 22.12
C GLU D 41 1.10 23.75 20.83
N GLN D 42 1.65 24.34 19.77
CA GLN D 42 1.08 24.22 18.43
C GLN D 42 1.91 23.21 17.64
N SER D 43 1.23 22.33 16.89
CA SER D 43 1.94 21.24 16.24
C SER D 43 2.81 21.73 15.08
N TRP D 44 2.40 22.79 14.38
CA TRP D 44 3.18 23.22 13.23
C TRP D 44 4.39 24.07 13.65
N GLY D 45 4.14 25.22 14.25
CA GLY D 45 5.22 26.16 14.51
C GLY D 45 5.40 26.63 15.94
N SER D 46 5.21 27.92 16.14
CA SER D 46 5.46 28.55 17.43
C SER D 46 4.28 28.29 18.37
N PRO D 47 4.53 28.13 19.67
CA PRO D 47 3.44 27.92 20.62
C PRO D 47 2.59 29.17 20.83
N LYS D 48 1.36 28.93 21.24
CA LYS D 48 0.37 29.99 21.44
C LYS D 48 0.31 30.38 22.91
N VAL D 49 0.39 31.68 23.18
CA VAL D 49 0.25 32.22 24.52
C VAL D 49 -1.08 32.95 24.57
N THR D 50 -1.94 32.58 25.52
CA THR D 50 -3.29 33.11 25.55
C THR D 50 -3.75 33.33 26.98
N LYS D 51 -4.74 34.21 27.11
CA LYS D 51 -5.48 34.44 28.35
C LYS D 51 -6.96 34.16 28.17
N ASP D 52 -7.41 33.91 26.94
CA ASP D 52 -8.81 33.65 26.66
C ASP D 52 -9.20 32.25 27.16
N GLY D 53 -10.30 32.17 27.89
CA GLY D 53 -10.68 30.92 28.53
C GLY D 53 -11.09 29.83 27.56
N VAL D 54 -11.82 30.20 26.49
CA VAL D 54 -12.28 29.20 25.54
C VAL D 54 -11.11 28.62 24.74
N THR D 55 -10.04 29.38 24.56
CA THR D 55 -8.88 28.88 23.83
C THR D 55 -8.12 27.87 24.69
N VAL D 56 -8.05 28.11 26.00
CA VAL D 56 -7.47 27.15 26.92
C VAL D 56 -8.35 25.90 27.01
N ALA D 57 -9.68 26.08 27.00
CA ALA D 57 -10.59 24.95 27.10
C ALA D 57 -10.51 24.04 25.88
N LYS D 58 -10.57 24.63 24.68
CA LYS D 58 -10.53 23.85 23.44
C LYS D 58 -9.22 23.09 23.25
N SER D 59 -8.13 23.56 23.87
CA SER D 59 -6.83 22.95 23.68
C SER D 59 -6.59 21.74 24.57
N ILE D 60 -7.49 21.42 25.48
CA ILE D 60 -7.24 20.41 26.50
C ILE D 60 -8.10 19.18 26.21
N ASP D 61 -7.45 18.04 26.03
CA ASP D 61 -8.09 16.74 25.94
C ASP D 61 -7.29 15.76 26.78
N LEU D 62 -7.98 14.79 27.38
CA LEU D 62 -7.34 13.85 28.29
C LEU D 62 -7.35 12.44 27.71
N LYS D 63 -6.36 11.65 28.11
CA LYS D 63 -6.27 10.27 27.67
C LYS D 63 -7.36 9.41 28.31
N ASP D 64 -7.63 9.62 29.60
CA ASP D 64 -8.73 8.93 30.26
C ASP D 64 -10.05 9.42 29.68
N LYS D 65 -10.92 8.47 29.32
CA LYS D 65 -12.18 8.82 28.66
C LYS D 65 -13.17 9.46 29.63
N TYR D 66 -13.20 8.98 30.88
CA TYR D 66 -14.14 9.51 31.87
C TYR D 66 -13.80 10.95 32.23
N LYS D 67 -12.51 11.26 32.34
CA LYS D 67 -12.08 12.64 32.53
C LYS D 67 -12.38 13.48 31.29
N ASN D 68 -12.19 12.88 30.10
CA ASN D 68 -12.39 13.62 28.86
C ASN D 68 -13.85 13.96 28.61
N ILE D 69 -14.78 13.18 29.17
CA ILE D 69 -16.20 13.53 29.04
C ILE D 69 -16.51 14.83 29.77
N GLY D 70 -16.02 14.96 31.00
CA GLY D 70 -16.21 16.22 31.72
C GLY D 70 -15.45 17.36 31.10
N ALA D 71 -14.26 17.08 30.55
CA ALA D 71 -13.52 18.10 29.81
C ALA D 71 -14.31 18.59 28.60
N LYS D 72 -14.90 17.67 27.84
CA LYS D 72 -15.70 18.04 26.67
C LYS D 72 -16.95 18.80 27.06
N LEU D 73 -17.55 18.48 28.21
CA LEU D 73 -18.74 19.21 28.64
C LEU D 73 -18.41 20.64 29.04
N VAL D 74 -17.30 20.84 29.76
CA VAL D 74 -16.89 22.21 30.09
C VAL D 74 -16.43 22.95 28.84
N GLN D 75 -15.86 22.23 27.85
CA GLN D 75 -15.58 22.83 26.55
C GLN D 75 -16.86 23.27 25.85
N ASP D 76 -17.94 22.51 26.01
CA ASP D 76 -19.22 22.91 25.46
C ASP D 76 -19.73 24.18 26.12
N VAL D 77 -19.54 24.30 27.44
CA VAL D 77 -19.89 25.52 28.15
C VAL D 77 -19.12 26.72 27.60
N ALA D 78 -17.80 26.58 27.50
CA ALA D 78 -16.95 27.68 27.03
C ALA D 78 -17.27 28.04 25.58
N ASN D 79 -17.54 27.03 24.74
CA ASN D 79 -17.83 27.28 23.34
C ASN D 79 -19.19 27.96 23.17
N ASN D 80 -20.21 27.54 23.93
CA ASN D 80 -21.51 28.20 23.85
C ASN D 80 -21.43 29.63 24.34
N THR D 81 -20.64 29.89 25.39
CA THR D 81 -20.50 31.26 25.87
C THR D 81 -19.74 32.14 24.88
N ASN D 82 -18.69 31.59 24.26
CA ASN D 82 -17.96 32.33 23.24
C ASN D 82 -18.81 32.57 21.99
N GLU D 83 -19.69 31.63 21.66
CA GLU D 83 -20.54 31.78 20.49
C GLU D 83 -21.68 32.76 20.73
N GLU D 84 -22.24 32.80 21.93
CA GLU D 84 -23.41 33.64 22.17
C GLU D 84 -23.08 35.00 22.77
N ALA D 85 -21.86 35.21 23.26
CA ALA D 85 -21.53 36.51 23.83
C ALA D 85 -20.16 37.02 23.39
N GLY D 86 -19.27 36.11 23.01
CA GLY D 86 -17.91 36.48 22.65
C GLY D 86 -17.01 36.80 23.81
N ASP D 87 -17.47 36.63 25.05
CA ASP D 87 -16.71 36.98 26.24
C ASP D 87 -17.30 36.21 27.41
N GLY D 88 -16.57 36.22 28.53
CA GLY D 88 -17.05 35.59 29.74
C GLY D 88 -16.93 34.09 29.78
N THR D 89 -16.01 33.51 29.00
CA THR D 89 -15.88 32.06 28.95
C THR D 89 -15.17 31.51 30.18
N THR D 90 -14.22 32.26 30.75
CA THR D 90 -13.59 31.84 32.00
C THR D 90 -14.60 31.84 33.15
N THR D 91 -15.48 32.84 33.18
CA THR D 91 -16.52 32.91 34.20
C THR D 91 -17.50 31.76 34.05
N ALA D 92 -17.88 31.45 32.81
CA ALA D 92 -18.75 30.31 32.54
C ALA D 92 -18.09 29.00 32.96
N THR D 93 -16.79 28.88 32.72
CA THR D 93 -16.07 27.67 33.07
C THR D 93 -16.03 27.46 34.58
N VAL D 94 -15.71 28.52 35.35
CA VAL D 94 -15.64 28.34 36.80
C VAL D 94 -17.04 28.17 37.40
N LEU D 95 -18.06 28.81 36.82
CA LEU D 95 -19.43 28.57 37.27
C LEU D 95 -19.86 27.13 37.02
N ALA D 96 -19.53 26.59 35.83
CA ALA D 96 -19.86 25.20 35.52
C ALA D 96 -19.14 24.23 36.44
N ARG D 97 -17.86 24.51 36.74
CA ARG D 97 -17.15 23.71 37.72
C ARG D 97 -17.85 23.73 39.07
N SER D 98 -18.23 24.91 39.55
CA SER D 98 -18.86 25.02 40.86
C SER D 98 -20.20 24.28 40.90
N ILE D 99 -21.01 24.41 39.85
CA ILE D 99 -22.31 23.72 39.83
C ILE D 99 -22.09 22.20 39.76
N ALA D 100 -21.14 21.74 38.94
CA ALA D 100 -20.90 20.30 38.82
C ALA D 100 -20.37 19.72 40.12
N LYS D 101 -19.48 20.43 40.80
CA LYS D 101 -18.93 19.95 42.07
C LYS D 101 -19.99 19.93 43.16
N GLU D 102 -20.75 21.01 43.30
CA GLU D 102 -21.76 21.06 44.35
C GLU D 102 -22.97 20.18 44.03
N GLY D 103 -23.13 19.75 42.78
CA GLY D 103 -24.17 18.80 42.44
C GLY D 103 -23.72 17.37 42.67
N PHE D 104 -22.46 17.06 42.36
CA PHE D 104 -21.93 15.75 42.69
C PHE D 104 -21.81 15.56 44.20
N GLU D 105 -21.61 16.64 44.95
CA GLU D 105 -21.48 16.55 46.40
C GLU D 105 -22.83 16.36 47.09
N LYS D 106 -23.94 16.43 46.35
CA LYS D 106 -25.27 16.40 46.93
C LYS D 106 -26.09 15.20 46.47
N ILE D 107 -25.51 14.29 45.70
CA ILE D 107 -26.23 13.14 45.20
C ILE D 107 -26.21 12.05 46.27
N SER D 108 -27.39 11.63 46.71
CA SER D 108 -27.53 10.56 47.69
C SER D 108 -28.53 9.53 47.19
N LYS D 109 -28.93 8.60 48.06
CA LYS D 109 -29.85 7.55 47.66
C LYS D 109 -31.26 8.10 47.45
N GLY D 110 -31.74 8.91 48.38
CA GLY D 110 -33.04 9.52 48.29
C GLY D 110 -33.12 10.79 47.49
N ALA D 111 -32.02 11.22 46.87
CA ALA D 111 -31.98 12.46 46.11
C ALA D 111 -32.42 12.23 44.67
N ASN D 112 -33.18 13.18 44.14
CA ASN D 112 -33.57 13.17 42.74
C ASN D 112 -32.80 14.25 41.99
N PRO D 113 -31.76 13.89 41.24
CA PRO D 113 -30.95 14.91 40.54
C PRO D 113 -31.70 15.66 39.45
N VAL D 114 -32.82 15.14 38.96
CA VAL D 114 -33.55 15.86 37.92
C VAL D 114 -34.36 17.01 38.53
N GLU D 115 -34.89 16.81 39.76
CA GLU D 115 -35.50 17.94 40.45
C GLU D 115 -34.45 18.91 40.99
N ILE D 116 -33.25 18.43 41.26
CA ILE D 116 -32.14 19.33 41.56
C ILE D 116 -31.83 20.20 40.35
N ARG D 117 -31.84 19.61 39.14
CA ARG D 117 -31.66 20.37 37.92
C ARG D 117 -32.78 21.39 37.72
N ARG D 118 -34.01 21.00 38.04
CA ARG D 118 -35.14 21.92 37.92
C ARG D 118 -34.99 23.10 38.89
N GLY D 119 -34.62 22.83 40.14
CA GLY D 119 -34.31 23.89 41.08
C GLY D 119 -33.18 24.80 40.61
N VAL D 120 -32.11 24.21 40.08
CA VAL D 120 -30.98 24.97 39.52
C VAL D 120 -31.46 25.92 38.43
N MET D 121 -32.28 25.42 37.51
CA MET D 121 -32.70 26.26 36.39
C MET D 121 -33.69 27.34 36.84
N LEU D 122 -34.56 27.03 37.81
CA LEU D 122 -35.44 28.05 38.37
C LEU D 122 -34.65 29.14 39.07
N ALA D 123 -33.61 28.77 39.82
CA ALA D 123 -32.79 29.76 40.51
C ALA D 123 -32.00 30.61 39.52
N VAL D 124 -31.50 30.00 38.45
CA VAL D 124 -30.81 30.77 37.41
C VAL D 124 -31.77 31.71 36.70
N ASP D 125 -33.03 31.30 36.52
CA ASP D 125 -34.04 32.19 35.95
C ASP D 125 -34.29 33.40 36.86
N ALA D 126 -34.38 33.16 38.17
CA ALA D 126 -34.50 34.25 39.14
C ALA D 126 -33.31 35.20 39.07
N VAL D 127 -32.09 34.66 39.04
CA VAL D 127 -30.89 35.48 39.00
C VAL D 127 -30.80 36.25 37.68
N ILE D 128 -31.28 35.69 36.58
CA ILE D 128 -31.25 36.41 35.30
C ILE D 128 -32.30 37.51 35.27
N ALA D 129 -33.44 37.29 35.94
CA ALA D 129 -34.41 38.37 36.10
C ALA D 129 -33.84 39.51 36.95
N GLU D 130 -33.12 39.17 38.01
CA GLU D 130 -32.50 40.22 38.83
C GLU D 130 -31.35 40.91 38.10
N LEU D 131 -30.65 40.20 37.21
CA LEU D 131 -29.62 40.83 36.40
C LEU D 131 -30.24 41.80 35.39
N LYS D 132 -31.37 41.43 34.81
CA LYS D 132 -32.07 42.36 33.92
C LYS D 132 -32.66 43.53 34.69
N LYS D 133 -32.95 43.33 35.98
CA LYS D 133 -33.43 44.44 36.81
C LYS D 133 -32.31 45.40 37.15
N GLN D 134 -31.14 44.89 37.54
CA GLN D 134 -30.02 45.73 37.93
C GLN D 134 -29.32 46.39 36.75
N SER D 135 -29.60 45.97 35.52
CA SER D 135 -28.88 46.48 34.37
C SER D 135 -29.21 47.94 34.10
N LYS D 136 -28.21 48.71 33.68
CA LYS D 136 -28.39 50.09 33.30
C LYS D 136 -27.91 50.29 31.87
N PRO D 137 -28.52 51.19 31.11
CA PRO D 137 -28.13 51.36 29.70
C PRO D 137 -26.93 52.28 29.55
N VAL D 138 -26.02 51.87 28.67
CA VAL D 138 -24.82 52.64 28.37
C VAL D 138 -25.23 53.89 27.60
N THR D 139 -25.00 55.07 28.20
CA THR D 139 -25.42 56.32 27.59
C THR D 139 -24.28 57.33 27.49
N THR D 140 -23.03 56.90 27.70
CA THR D 140 -21.87 57.78 27.53
C THR D 140 -20.79 57.01 26.81
N PRO D 141 -20.02 57.64 25.91
CA PRO D 141 -18.87 56.94 25.31
C PRO D 141 -17.75 56.63 26.30
N GLU D 142 -17.71 57.32 27.45
CA GLU D 142 -16.77 56.96 28.49
C GLU D 142 -17.05 55.57 29.03
N GLU D 143 -18.33 55.18 29.11
CA GLU D 143 -18.66 53.82 29.52
C GLU D 143 -18.28 52.80 28.46
N ILE D 144 -18.33 53.18 27.18
CA ILE D 144 -17.83 52.32 26.11
C ILE D 144 -16.33 52.09 26.26
N ALA D 145 -15.59 53.17 26.51
CA ALA D 145 -14.15 53.06 26.73
C ALA D 145 -13.85 52.24 27.98
N GLN D 146 -14.67 52.38 29.02
CA GLN D 146 -14.47 51.63 30.25
C GLN D 146 -14.72 50.13 30.04
N VAL D 147 -15.78 49.79 29.32
CA VAL D 147 -16.09 48.39 29.02
C VAL D 147 -14.97 47.76 28.21
N ALA D 148 -14.51 48.46 27.16
CA ALA D 148 -13.45 47.92 26.33
C ALA D 148 -12.12 47.87 27.07
N THR D 149 -11.90 48.78 28.02
CA THR D 149 -10.68 48.74 28.82
C THR D 149 -10.69 47.56 29.78
N ILE D 150 -11.82 47.34 30.47
CA ILE D 150 -11.92 46.24 31.43
C ILE D 150 -11.83 44.89 30.72
N SER D 151 -12.49 44.77 29.57
CA SER D 151 -12.49 43.51 28.84
C SER D 151 -11.19 43.21 28.11
N ALA D 152 -10.28 44.19 28.00
CA ALA D 152 -8.98 43.98 27.40
C ALA D 152 -7.86 43.97 28.44
N ASN D 153 -8.17 43.45 29.64
CA ASN D 153 -7.22 43.34 30.76
C ASN D 153 -6.63 44.70 31.16
N GLY D 154 -7.51 45.67 31.37
CA GLY D 154 -7.10 46.97 31.85
C GLY D 154 -6.22 47.77 30.93
N ASP D 155 -6.29 47.52 29.63
CA ASP D 155 -5.50 48.28 28.65
C ASP D 155 -6.33 49.48 28.20
N LYS D 156 -5.88 50.68 28.58
CA LYS D 156 -6.63 51.88 28.23
C LYS D 156 -6.47 52.27 26.77
N GLU D 157 -5.37 51.85 26.12
CA GLU D 157 -5.18 52.16 24.70
C GLU D 157 -6.21 51.44 23.84
N ILE D 158 -6.47 50.17 24.15
CA ILE D 158 -7.46 49.39 23.40
C ILE D 158 -8.86 49.96 23.62
N GLY D 159 -9.18 50.33 24.86
CA GLY D 159 -10.47 50.94 25.13
C GLY D 159 -10.65 52.28 24.44
N ASN D 160 -9.60 53.10 24.45
CA ASN D 160 -9.65 54.40 23.77
C ASN D 160 -9.81 54.23 22.27
N ILE D 161 -9.08 53.29 21.66
CA ILE D 161 -9.17 53.14 20.21
C ILE D 161 -10.51 52.54 19.80
N ILE D 162 -11.08 51.63 20.60
CA ILE D 162 -12.39 51.07 20.28
C ILE D 162 -13.49 52.13 20.46
N SER D 163 -13.37 52.94 21.52
CA SER D 163 -14.33 54.02 21.73
C SER D 163 -14.26 55.05 20.61
N ASP D 164 -13.05 55.40 20.16
CA ASP D 164 -12.90 56.32 19.05
C ASP D 164 -13.42 55.72 17.75
N ALA D 165 -13.24 54.41 17.57
CA ALA D 165 -13.76 53.75 16.38
C ALA D 165 -15.28 53.85 16.32
N MET D 166 -15.96 53.44 17.39
CA MET D 166 -17.42 53.57 17.41
C MET D 166 -17.89 55.03 17.49
N LYS D 167 -17.01 55.96 17.88
CA LYS D 167 -17.31 57.36 17.70
C LYS D 167 -17.32 57.74 16.23
N LYS D 168 -16.45 57.13 15.42
CA LYS D 168 -16.33 57.50 14.02
C LYS D 168 -16.85 56.44 13.05
N VAL D 169 -17.51 55.39 13.52
CA VAL D 169 -18.22 54.49 12.62
C VAL D 169 -19.65 54.21 13.07
N GLY D 170 -20.01 54.43 14.32
CA GLY D 170 -21.33 54.04 14.76
C GLY D 170 -21.22 52.91 15.78
N ARG D 171 -22.03 52.99 16.84
CA ARG D 171 -22.02 51.95 17.87
C ARG D 171 -22.45 50.60 17.31
N LYS D 172 -23.31 50.58 16.30
CA LYS D 172 -23.66 49.36 15.59
C LYS D 172 -22.87 49.20 14.29
N GLY D 173 -21.86 50.03 14.07
CA GLY D 173 -21.00 49.87 12.92
C GLY D 173 -20.14 48.62 13.02
N VAL D 174 -19.56 48.24 11.88
CA VAL D 174 -18.74 47.04 11.79
C VAL D 174 -17.27 47.41 12.00
N ILE D 175 -16.59 46.61 12.83
CA ILE D 175 -15.20 46.83 13.20
C ILE D 175 -14.46 45.49 13.07
N THR D 176 -13.36 45.49 12.32
CA THR D 176 -12.59 44.29 12.09
C THR D 176 -11.19 44.42 12.68
N VAL D 177 -10.57 43.26 12.94
CA VAL D 177 -9.23 43.18 13.53
C VAL D 177 -8.34 42.38 12.58
N LYS D 178 -7.15 42.89 12.32
CA LYS D 178 -6.16 42.19 11.50
C LYS D 178 -4.77 42.58 11.95
N ASP D 179 -3.79 41.79 11.50
CA ASP D 179 -2.40 41.97 11.88
C ASP D 179 -1.83 43.29 11.38
N GLY D 180 -0.94 43.87 12.17
CA GLY D 180 -0.22 45.06 11.77
C GLY D 180 1.28 44.84 11.86
N LYS D 181 2.03 45.55 11.02
CA LYS D 181 3.48 45.46 10.99
C LYS D 181 4.15 46.53 11.84
N THR D 182 3.37 47.34 12.54
CA THR D 182 3.86 48.43 13.37
C THR D 182 3.81 47.99 14.83
N LEU D 183 4.69 48.57 15.65
CA LEU D 183 4.73 48.25 17.07
C LEU D 183 3.46 48.72 17.79
N ASN D 184 2.89 49.84 17.38
CA ASN D 184 1.71 50.39 18.01
C ASN D 184 0.45 50.11 17.19
N ASP D 185 -0.69 50.12 17.88
CA ASP D 185 -1.97 49.91 17.23
C ASP D 185 -2.38 51.16 16.44
N GLU D 186 -3.24 50.95 15.45
CA GLU D 186 -3.71 52.05 14.62
C GLU D 186 -5.14 51.77 14.17
N LEU D 187 -5.84 52.83 13.82
CA LEU D 187 -7.24 52.77 13.42
C LEU D 187 -7.39 53.35 12.02
N GLU D 188 -7.98 52.58 11.11
CA GLU D 188 -8.17 52.96 9.73
C GLU D 188 -9.64 52.87 9.37
N ILE D 189 -10.16 53.94 8.77
CA ILE D 189 -11.57 54.01 8.38
C ILE D 189 -11.64 53.99 6.85
N ILE D 190 -12.31 52.97 6.31
CA ILE D 190 -12.44 52.76 4.88
C ILE D 190 -13.94 52.70 4.58
N GLU D 191 -14.29 52.71 3.29
CA GLU D 191 -15.67 52.51 2.86
C GLU D 191 -15.92 51.03 2.58
N GLY D 192 -16.92 50.47 3.22
CA GLY D 192 -17.26 49.07 3.03
C GLY D 192 -18.63 48.77 3.60
N MET D 193 -19.01 47.49 3.49
CA MET D 193 -20.29 47.04 4.01
C MET D 193 -20.18 45.59 4.45
N LYS D 194 -21.09 45.18 5.34
CA LYS D 194 -21.16 43.81 5.81
C LYS D 194 -22.61 43.36 5.84
N PHE D 195 -22.84 42.10 5.48
CA PHE D 195 -24.18 41.52 5.46
C PHE D 195 -24.14 40.15 6.12
N ASP D 196 -25.30 39.71 6.61
CA ASP D 196 -25.39 38.58 7.54
C ASP D 196 -25.56 37.23 6.85
N ARG D 197 -25.06 37.08 5.62
CA ARG D 197 -25.05 35.79 4.94
C ARG D 197 -23.60 35.31 4.84
N GLY D 198 -23.32 34.15 5.44
CA GLY D 198 -21.99 33.57 5.41
C GLY D 198 -21.77 32.70 4.18
N TYR D 199 -20.77 31.84 4.27
CA TYR D 199 -20.55 30.92 3.16
C TYR D 199 -21.58 29.81 3.18
N ILE D 200 -21.67 29.09 2.06
CA ILE D 200 -22.71 28.09 1.84
C ILE D 200 -22.13 26.68 1.82
N SER D 201 -20.93 26.52 1.25
CA SER D 201 -20.21 25.26 1.29
C SER D 201 -18.91 25.46 2.06
N PRO D 202 -18.56 24.53 2.96
CA PRO D 202 -17.34 24.70 3.77
C PRO D 202 -16.05 24.32 3.05
N TYR D 203 -16.11 23.98 1.76
CA TYR D 203 -14.92 23.68 0.98
C TYR D 203 -14.23 24.93 0.45
N PHE D 204 -14.82 26.10 0.65
CA PHE D 204 -14.26 27.35 0.16
C PHE D 204 -13.23 27.97 1.10
N ILE D 205 -13.04 27.38 2.29
CA ILE D 205 -12.18 27.98 3.32
C ILE D 205 -10.72 27.76 2.96
N ASN D 206 -9.96 28.85 2.93
CA ASN D 206 -8.51 28.79 2.72
C ASN D 206 -7.72 29.08 3.99
N THR D 207 -8.18 30.03 4.80
CA THR D 207 -7.53 30.36 6.06
C THR D 207 -8.14 29.53 7.17
N SER D 208 -7.40 28.53 7.65
CA SER D 208 -7.87 27.67 8.73
C SER D 208 -7.61 28.24 10.12
N LYS D 209 -7.28 29.53 10.22
CA LYS D 209 -7.05 30.15 11.52
C LYS D 209 -8.35 30.69 12.11
N GLY D 210 -9.25 31.20 11.28
CA GLY D 210 -10.53 31.68 11.76
C GLY D 210 -11.71 31.10 11.01
N GLN D 211 -11.47 30.02 10.25
CA GLN D 211 -12.48 29.32 9.45
C GLN D 211 -13.25 30.27 8.55
N LYS D 212 -12.51 31.05 7.75
CA LYS D 212 -13.11 32.03 6.86
C LYS D 212 -12.35 32.06 5.55
N CYS D 213 -12.97 32.66 4.54
CA CYS D 213 -12.42 32.75 3.19
C CYS D 213 -12.04 34.20 2.92
N GLU D 214 -10.74 34.45 2.72
CA GLU D 214 -10.21 35.79 2.50
C GLU D 214 -9.57 35.86 1.11
N PHE D 215 -10.04 36.79 0.28
CA PHE D 215 -9.43 37.09 -0.99
C PHE D 215 -9.10 38.57 -1.06
N GLN D 216 -8.23 38.92 -2.00
CA GLN D 216 -7.85 40.30 -2.26
C GLN D 216 -7.82 40.55 -3.75
N ASP D 217 -8.33 41.73 -4.15
CA ASP D 217 -8.48 42.14 -5.56
C ASP D 217 -9.30 41.10 -6.33
N ALA D 218 -10.56 40.97 -5.92
CA ALA D 218 -11.43 39.88 -6.34
C ALA D 218 -12.61 40.39 -7.14
N TYR D 219 -13.04 39.60 -8.12
CA TYR D 219 -14.26 39.89 -8.83
C TYR D 219 -15.48 39.57 -7.97
N VAL D 220 -16.58 40.27 -8.24
CA VAL D 220 -17.82 40.10 -7.51
C VAL D 220 -18.96 40.04 -8.51
N LEU D 221 -19.77 38.98 -8.44
CA LEU D 221 -20.82 38.71 -9.41
C LEU D 221 -22.18 38.79 -8.73
N LEU D 222 -23.02 39.71 -9.20
CA LEU D 222 -24.34 39.95 -8.63
C LEU D 222 -25.40 39.31 -9.52
N SER D 223 -26.41 38.71 -8.89
CA SER D 223 -27.50 38.11 -9.64
C SER D 223 -28.81 38.28 -8.89
N GLU D 224 -29.87 38.66 -9.60
CA GLU D 224 -31.21 38.73 -9.04
C GLU D 224 -31.96 37.41 -9.13
N LYS D 225 -31.50 36.51 -10.00
CA LYS D 225 -32.05 35.16 -10.10
C LYS D 225 -31.00 34.18 -9.61
N LYS D 226 -31.45 32.98 -9.27
CA LYS D 226 -30.55 31.91 -8.88
C LYS D 226 -29.66 31.53 -10.05
N ILE D 227 -28.34 31.48 -9.84
CA ILE D 227 -27.42 31.19 -10.92
C ILE D 227 -27.43 29.69 -11.13
N SER D 228 -28.34 29.23 -11.97
CA SER D 228 -28.62 27.80 -12.11
C SER D 228 -27.70 27.09 -13.08
N SER D 229 -27.80 27.40 -14.37
CA SER D 229 -27.36 26.44 -15.38
C SER D 229 -25.84 26.38 -15.46
N ILE D 230 -25.34 25.25 -15.96
CA ILE D 230 -23.90 25.05 -16.11
C ILE D 230 -23.34 26.07 -17.10
N GLN D 231 -24.06 26.33 -18.18
CA GLN D 231 -23.65 27.31 -19.17
C GLN D 231 -24.02 28.75 -18.77
N SER D 232 -24.49 28.95 -17.54
CA SER D 232 -24.53 30.28 -16.94
C SER D 232 -23.26 30.58 -16.15
N ILE D 233 -22.74 29.60 -15.42
CA ILE D 233 -21.52 29.78 -14.65
C ILE D 233 -20.26 29.52 -15.48
N VAL D 234 -20.39 28.84 -16.63
CA VAL D 234 -19.20 28.55 -17.45
C VAL D 234 -18.64 29.80 -18.12
N PRO D 235 -19.43 30.74 -18.68
CA PRO D 235 -18.82 32.03 -19.05
C PRO D 235 -18.22 32.79 -17.87
N ALA D 236 -18.87 32.77 -16.71
CA ALA D 236 -18.33 33.48 -15.55
C ALA D 236 -17.05 32.82 -15.05
N LEU D 237 -17.02 31.48 -15.00
CA LEU D 237 -15.80 30.79 -14.59
C LEU D 237 -14.70 30.93 -15.62
N GLU D 238 -15.03 30.98 -16.90
CA GLU D 238 -13.99 31.17 -17.91
C GLU D 238 -13.50 32.62 -17.99
N ILE D 239 -14.27 33.58 -17.47
CA ILE D 239 -13.73 34.93 -17.34
C ILE D 239 -12.88 35.04 -16.07
N ALA D 240 -13.28 34.37 -14.99
CA ALA D 240 -12.44 34.32 -13.80
C ALA D 240 -11.12 33.60 -14.09
N ASN D 241 -11.16 32.57 -14.95
CA ASN D 241 -9.96 31.96 -15.49
C ASN D 241 -9.31 32.84 -16.55
N ALA D 242 -10.07 33.74 -17.16
CA ALA D 242 -9.61 34.57 -18.28
C ALA D 242 -9.29 36.00 -17.89
N HIS D 243 -9.50 36.38 -16.63
CA HIS D 243 -9.04 37.69 -16.17
C HIS D 243 -8.31 37.69 -14.84
N ARG D 244 -8.25 36.56 -14.14
CA ARG D 244 -7.38 36.34 -12.97
C ARG D 244 -7.70 37.28 -11.80
N LYS D 245 -8.96 37.24 -11.37
CA LYS D 245 -9.35 37.83 -10.10
C LYS D 245 -10.34 36.87 -9.47
N PRO D 246 -10.22 36.62 -8.16
CA PRO D 246 -11.11 35.66 -7.49
C PRO D 246 -12.58 36.03 -7.62
N LEU D 247 -13.42 35.03 -7.86
CA LEU D 247 -14.82 35.22 -8.13
C LEU D 247 -15.62 35.14 -6.84
N VAL D 248 -16.39 36.19 -6.56
CA VAL D 248 -17.34 36.20 -5.44
C VAL D 248 -18.73 36.16 -6.03
N ILE D 249 -19.46 35.07 -5.78
CA ILE D 249 -20.75 34.82 -6.40
C ILE D 249 -21.84 35.15 -5.39
N ILE D 250 -22.62 36.19 -5.68
CA ILE D 250 -23.77 36.57 -4.88
C ILE D 250 -25.01 36.12 -5.64
N ALA D 251 -25.80 35.25 -5.03
CA ALA D 251 -26.97 34.66 -5.67
C ALA D 251 -28.04 34.43 -4.61
N GLU D 252 -29.20 33.92 -5.06
CA GLU D 252 -30.35 33.82 -4.17
C GLU D 252 -30.31 32.54 -3.34
N ASP D 253 -30.32 31.38 -4.01
CA ASP D 253 -30.29 30.08 -3.34
C ASP D 253 -29.21 29.24 -4.01
N VAL D 254 -28.23 28.81 -3.23
CA VAL D 254 -27.07 28.08 -3.73
C VAL D 254 -27.16 26.64 -3.25
N ASP D 255 -27.43 25.73 -4.18
CA ASP D 255 -27.45 24.29 -3.94
C ASP D 255 -27.47 23.57 -5.28
N GLY D 256 -26.65 22.54 -5.38
CA GLY D 256 -26.57 21.73 -6.58
C GLY D 256 -25.16 21.29 -6.89
N GLU D 257 -24.97 20.88 -8.15
CA GLU D 257 -23.68 20.38 -8.62
C GLU D 257 -22.83 21.41 -9.33
N ALA D 258 -23.34 22.61 -9.60
CA ALA D 258 -22.45 23.71 -9.94
C ALA D 258 -21.59 24.09 -8.75
N LEU D 259 -22.16 24.00 -7.55
CA LEU D 259 -21.40 24.18 -6.32
C LEU D 259 -20.32 23.12 -6.19
N SER D 260 -20.63 21.86 -6.55
CA SER D 260 -19.62 20.82 -6.47
C SER D 260 -18.61 20.96 -7.61
N THR D 261 -19.00 21.61 -8.71
CA THR D 261 -18.03 21.95 -9.75
C THR D 261 -17.05 22.99 -9.24
N LEU D 262 -17.54 23.98 -8.49
CA LEU D 262 -16.67 24.94 -7.83
C LEU D 262 -15.77 24.26 -6.81
N VAL D 263 -16.31 23.27 -6.09
CA VAL D 263 -15.49 22.48 -5.15
C VAL D 263 -14.42 21.68 -5.90
N LEU D 264 -14.78 21.12 -7.04
CA LEU D 264 -13.84 20.30 -7.83
C LEU D 264 -12.73 21.17 -8.41
N ASN D 265 -13.04 22.40 -8.78
CA ASN D 265 -12.00 23.34 -9.19
C ASN D 265 -11.25 23.95 -8.01
N ARG D 266 -11.85 23.92 -6.82
CA ARG D 266 -11.20 24.41 -5.60
C ARG D 266 -10.18 23.43 -5.06
N LEU D 267 -10.47 22.12 -5.11
CA LEU D 267 -9.66 21.12 -4.43
C LEU D 267 -8.61 20.51 -5.33
N LYS D 268 -8.90 20.35 -6.62
CA LYS D 268 -7.95 19.71 -7.53
C LYS D 268 -6.94 20.71 -8.09
N VAL D 269 -7.42 21.84 -8.62
CA VAL D 269 -6.54 22.82 -9.26
C VAL D 269 -6.48 24.14 -8.48
N GLY D 270 -7.40 24.37 -7.54
CA GLY D 270 -7.35 25.58 -6.73
C GLY D 270 -7.95 26.82 -7.36
N LEU D 271 -9.26 26.79 -7.60
CA LEU D 271 -9.97 27.97 -8.07
C LEU D 271 -10.38 28.84 -6.88
N GLN D 272 -9.82 30.05 -6.82
CA GLN D 272 -10.13 30.98 -5.74
C GLN D 272 -11.53 31.54 -5.97
N VAL D 273 -12.52 30.91 -5.33
CA VAL D 273 -13.92 31.26 -5.56
C VAL D 273 -14.67 31.08 -4.24
N VAL D 274 -15.78 31.82 -4.09
CA VAL D 274 -16.64 31.71 -2.93
C VAL D 274 -18.04 32.17 -3.34
N ALA D 275 -19.05 31.59 -2.68
CA ALA D 275 -20.45 31.91 -2.98
C ALA D 275 -21.14 32.38 -1.70
N VAL D 276 -21.94 33.44 -1.82
CA VAL D 276 -22.67 34.05 -0.71
C VAL D 276 -24.13 34.21 -1.12
N LYS D 277 -25.03 33.78 -0.25
CA LYS D 277 -26.46 34.00 -0.49
C LYS D 277 -26.80 35.49 -0.44
N ALA D 278 -27.80 35.88 -1.23
CA ALA D 278 -28.24 37.26 -1.25
C ALA D 278 -29.03 37.57 0.01
N PRO D 279 -28.75 38.68 0.69
CA PRO D 279 -29.53 39.04 1.88
C PRO D 279 -30.84 39.70 1.51
N GLY D 280 -31.71 39.80 2.52
CA GLY D 280 -33.01 40.42 2.36
C GLY D 280 -34.06 39.48 1.80
N PHE D 281 -35.31 39.94 1.84
CA PHE D 281 -36.46 39.15 1.39
C PHE D 281 -37.42 40.10 0.67
N GLY D 282 -37.38 40.06 -0.66
CA GLY D 282 -38.30 40.86 -1.46
C GLY D 282 -37.62 42.00 -2.20
N ASP D 283 -38.22 43.19 -2.12
CA ASP D 283 -37.64 44.36 -2.78
C ASP D 283 -36.37 44.83 -2.10
N ASN D 284 -36.22 44.55 -0.80
CA ASN D 284 -34.98 44.88 -0.11
C ASN D 284 -33.82 44.05 -0.61
N ARG D 285 -34.08 42.80 -1.02
CA ARG D 285 -33.02 41.94 -1.55
C ARG D 285 -32.43 42.52 -2.83
N LYS D 286 -33.28 42.85 -3.81
CA LYS D 286 -32.79 43.43 -5.05
C LYS D 286 -32.26 44.85 -4.84
N ASN D 287 -32.81 45.58 -3.87
CA ASN D 287 -32.32 46.93 -3.59
C ASN D 287 -30.89 46.90 -3.04
N GLN D 288 -30.62 46.03 -2.06
CA GLN D 288 -29.27 45.88 -1.55
C GLN D 288 -28.35 45.28 -2.60
N LEU D 289 -28.89 44.40 -3.46
CA LEU D 289 -28.12 43.84 -4.57
C LEU D 289 -27.66 44.94 -5.53
N LYS D 290 -28.56 45.86 -5.87
CA LYS D 290 -28.22 46.96 -6.77
C LYS D 290 -27.27 47.94 -6.10
N ASP D 291 -27.41 48.13 -4.78
CA ASP D 291 -26.47 48.97 -4.05
C ASP D 291 -25.07 48.38 -4.05
N MET D 292 -24.96 47.06 -3.87
CA MET D 292 -23.66 46.41 -3.93
C MET D 292 -23.06 46.43 -5.34
N ALA D 293 -23.91 46.30 -6.37
CA ALA D 293 -23.40 46.37 -7.74
C ALA D 293 -22.97 47.78 -8.11
N ILE D 294 -23.62 48.79 -7.53
CA ILE D 294 -23.18 50.17 -7.72
C ILE D 294 -21.86 50.42 -7.00
N ALA D 295 -21.74 49.94 -5.76
CA ALA D 295 -20.54 50.18 -4.97
C ALA D 295 -19.33 49.43 -5.53
N THR D 296 -19.53 48.26 -6.12
CA THR D 296 -18.42 47.50 -6.68
C THR D 296 -18.16 47.81 -8.16
N GLY D 297 -19.11 48.45 -8.85
CA GLY D 297 -18.95 48.79 -10.24
C GLY D 297 -19.52 47.78 -11.22
N GLY D 298 -19.93 46.61 -10.74
CA GLY D 298 -20.50 45.59 -11.59
C GLY D 298 -21.97 45.84 -11.87
N ALA D 299 -22.61 44.83 -12.46
CA ALA D 299 -24.01 44.89 -12.80
C ALA D 299 -24.78 43.79 -12.08
N VAL D 300 -26.09 43.79 -12.29
CA VAL D 300 -26.99 42.79 -11.72
C VAL D 300 -27.52 41.93 -12.84
N PHE D 301 -27.39 40.62 -12.70
CA PHE D 301 -27.87 39.68 -13.71
C PHE D 301 -29.20 39.07 -13.28
N GLY D 302 -29.94 38.56 -14.26
CA GLY D 302 -31.24 37.98 -14.01
C GLY D 302 -32.29 38.94 -13.49
N GLU D 303 -32.20 40.22 -13.87
CA GLU D 303 -33.14 41.20 -13.39
C GLU D 303 -34.43 41.17 -14.21
N GLU D 304 -35.51 41.70 -13.62
CA GLU D 304 -36.78 41.77 -14.31
C GLU D 304 -36.79 42.84 -15.40
N GLY D 305 -36.23 44.01 -15.11
CA GLY D 305 -36.27 45.13 -16.02
C GLY D 305 -35.40 44.98 -17.26
N LEU D 306 -34.08 45.00 -17.07
CA LEU D 306 -33.15 44.99 -18.20
C LEU D 306 -32.98 43.60 -18.80
N THR D 307 -33.21 42.56 -17.99
CA THR D 307 -33.04 41.15 -18.38
C THR D 307 -31.64 40.87 -18.91
N LEU D 308 -30.63 41.23 -18.11
CA LEU D 308 -29.25 40.92 -18.43
C LEU D 308 -28.96 39.49 -17.97
N ASN D 309 -28.56 38.64 -18.90
CA ASN D 309 -28.47 37.20 -18.65
C ASN D 309 -27.06 36.81 -18.23
N LEU D 310 -26.97 35.68 -17.54
CA LEU D 310 -25.70 35.10 -17.12
C LEU D 310 -24.97 34.41 -18.26
N GLU D 311 -25.61 34.29 -19.43
CA GLU D 311 -24.95 33.72 -20.60
C GLU D 311 -23.94 34.69 -21.19
N ASP D 312 -24.40 35.86 -21.61
CA ASP D 312 -23.53 36.87 -22.22
C ASP D 312 -22.95 37.78 -21.13
N VAL D 313 -22.07 37.18 -20.34
CA VAL D 313 -21.37 37.90 -19.28
C VAL D 313 -20.09 38.48 -19.86
N GLN D 314 -19.87 39.77 -19.62
CA GLN D 314 -18.68 40.47 -20.07
C GLN D 314 -17.79 40.83 -18.88
N PRO D 315 -16.47 40.96 -19.09
CA PRO D 315 -15.59 41.36 -17.98
C PRO D 315 -15.89 42.72 -17.38
N HIS D 316 -16.53 43.63 -18.12
CA HIS D 316 -16.89 44.94 -17.60
C HIS D 316 -18.25 44.95 -16.94
N ASP D 317 -18.76 43.80 -16.50
CA ASP D 317 -19.98 43.71 -15.71
C ASP D 317 -19.74 43.09 -14.35
N LEU D 318 -18.50 42.79 -13.99
CA LEU D 318 -18.15 42.20 -12.71
C LEU D 318 -17.55 43.27 -11.82
N GLY D 319 -18.04 43.36 -10.58
CA GLY D 319 -17.50 44.34 -9.65
C GLY D 319 -16.14 43.94 -9.13
N LYS D 320 -15.38 44.95 -8.69
CA LYS D 320 -14.02 44.76 -8.20
C LYS D 320 -13.94 45.27 -6.77
N VAL D 321 -13.61 44.39 -5.84
CA VAL D 321 -13.32 44.77 -4.46
C VAL D 321 -11.82 44.65 -4.25
N GLY D 322 -11.33 45.31 -3.19
CA GLY D 322 -9.95 45.15 -2.81
C GLY D 322 -9.71 44.04 -1.80
N GLU D 323 -10.74 43.67 -1.04
CA GLU D 323 -10.68 42.58 -0.08
C GLU D 323 -12.10 42.09 0.17
N VAL D 324 -12.23 40.79 0.39
CA VAL D 324 -13.51 40.19 0.78
C VAL D 324 -13.25 39.20 1.90
N ILE D 325 -14.09 39.26 2.94
CA ILE D 325 -14.02 38.37 4.09
C ILE D 325 -15.36 37.66 4.20
N VAL D 326 -15.34 36.34 4.02
CA VAL D 326 -16.55 35.51 4.10
C VAL D 326 -16.37 34.54 5.24
N THR D 327 -17.14 34.73 6.31
CA THR D 327 -17.11 33.87 7.47
C THR D 327 -18.30 32.91 7.43
N LYS D 328 -18.50 32.17 8.52
CA LYS D 328 -19.58 31.19 8.57
C LYS D 328 -20.95 31.86 8.57
N ASP D 329 -21.10 32.98 9.28
CA ASP D 329 -22.41 33.59 9.46
C ASP D 329 -22.56 34.94 8.78
N ASP D 330 -21.47 35.57 8.34
CA ASP D 330 -21.57 36.86 7.67
C ASP D 330 -20.42 37.03 6.68
N ALA D 331 -20.65 37.87 5.68
CA ALA D 331 -19.64 38.19 4.69
C ALA D 331 -19.63 39.70 4.47
N MET D 332 -18.50 40.20 3.98
CA MET D 332 -18.31 41.64 3.86
C MET D 332 -17.38 41.96 2.69
N LEU D 333 -17.59 43.13 2.10
CA LEU D 333 -16.80 43.60 0.97
C LEU D 333 -15.98 44.82 1.38
N LEU D 334 -14.73 44.87 0.92
CA LEU D 334 -13.82 45.96 1.24
C LEU D 334 -13.32 46.61 -0.04
N LYS D 335 -13.43 47.94 -0.10
CA LYS D 335 -12.88 48.78 -1.17
C LYS D 335 -13.40 48.37 -2.55
N GLY D 336 -14.71 48.55 -2.72
CA GLY D 336 -15.32 48.29 -4.02
C GLY D 336 -14.87 49.32 -5.04
N LYS D 337 -14.41 48.84 -6.20
CA LYS D 337 -13.93 49.72 -7.26
C LYS D 337 -15.08 50.12 -8.18
N GLY D 338 -16.01 50.89 -7.60
CA GLY D 338 -17.11 51.45 -8.34
C GLY D 338 -16.88 52.93 -8.66
N ASP D 339 -17.71 53.44 -9.56
CA ASP D 339 -17.66 54.85 -9.91
C ASP D 339 -18.17 55.68 -8.73
N LYS D 340 -17.42 56.74 -8.39
CA LYS D 340 -17.80 57.58 -7.26
C LYS D 340 -19.08 58.35 -7.53
N ALA D 341 -19.27 58.80 -8.77
CA ALA D 341 -20.49 59.49 -9.15
C ALA D 341 -21.71 58.60 -9.01
N GLN D 342 -21.58 57.32 -9.39
CA GLN D 342 -22.71 56.41 -9.30
C GLN D 342 -23.08 56.13 -7.84
N ILE D 343 -22.08 55.98 -6.96
CA ILE D 343 -22.34 55.82 -5.54
C ILE D 343 -23.00 57.06 -4.96
N GLU D 344 -22.55 58.25 -5.39
CA GLU D 344 -23.18 59.48 -4.92
C GLU D 344 -24.63 59.58 -5.40
N LYS D 345 -24.89 59.18 -6.65
CA LYS D 345 -26.25 59.18 -7.19
C LYS D 345 -27.14 58.21 -6.41
N ARG D 346 -26.63 57.03 -6.06
CA ARG D 346 -27.40 56.11 -5.24
C ARG D 346 -27.63 56.65 -3.83
N ILE D 347 -26.67 57.39 -3.29
CA ILE D 347 -26.84 57.98 -1.96
C ILE D 347 -27.94 59.03 -1.98
N GLN D 348 -27.97 59.88 -3.01
CA GLN D 348 -29.03 60.88 -3.08
C GLN D 348 -30.38 60.25 -3.46
N GLU D 349 -30.36 59.15 -4.20
CA GLU D 349 -31.59 58.41 -4.45
C GLU D 349 -32.15 57.82 -3.16
N ILE D 350 -31.27 57.33 -2.28
CA ILE D 350 -31.70 56.81 -0.99
C ILE D 350 -32.23 57.92 -0.11
N ILE D 351 -31.62 59.10 -0.17
CA ILE D 351 -32.13 60.26 0.57
C ILE D 351 -33.52 60.65 0.07
N GLU D 352 -33.70 60.69 -1.25
CA GLU D 352 -35.01 61.07 -1.79
C GLU D 352 -36.05 59.97 -1.65
N GLN D 353 -35.62 58.73 -1.37
CA GLN D 353 -36.57 57.69 -1.01
C GLN D 353 -36.91 57.75 0.48
N LEU D 354 -35.96 58.18 1.31
CA LEU D 354 -36.23 58.39 2.73
C LEU D 354 -37.13 59.59 2.95
N ASP D 355 -37.15 60.53 2.00
CA ASP D 355 -37.97 61.71 2.14
C ASP D 355 -39.43 61.49 1.76
N VAL D 356 -39.80 60.28 1.30
CA VAL D 356 -41.17 60.00 0.89
C VAL D 356 -41.69 58.74 1.58
N THR D 357 -41.08 58.36 2.70
CA THR D 357 -41.49 57.18 3.45
C THR D 357 -41.83 57.56 4.88
N THR D 358 -42.92 57.00 5.40
CA THR D 358 -43.34 57.26 6.77
C THR D 358 -43.85 56.02 7.48
N SER D 359 -43.57 54.82 6.97
CA SER D 359 -44.08 53.59 7.57
C SER D 359 -43.24 53.12 8.75
N GLU D 360 -42.08 53.76 9.00
CA GLU D 360 -41.19 53.50 10.13
C GLU D 360 -40.65 52.06 10.16
N TYR D 361 -40.73 51.33 9.05
CA TYR D 361 -40.04 50.06 8.92
C TYR D 361 -39.16 50.00 7.67
N GLU D 362 -39.60 50.58 6.56
CA GLU D 362 -38.74 50.74 5.41
C GLU D 362 -37.75 51.88 5.58
N LYS D 363 -38.05 52.81 6.49
CA LYS D 363 -37.15 53.93 6.76
C LYS D 363 -35.86 53.43 7.42
N GLU D 364 -35.97 52.42 8.27
CA GLU D 364 -34.77 51.89 8.92
C GLU D 364 -33.96 51.03 7.95
N LYS D 365 -34.63 50.37 7.00
CA LYS D 365 -33.91 49.65 5.96
C LYS D 365 -33.17 50.60 5.03
N LEU D 366 -33.81 51.72 4.67
CA LEU D 366 -33.14 52.72 3.85
C LEU D 366 -31.98 53.37 4.62
N ASN D 367 -32.15 53.58 5.92
CA ASN D 367 -31.06 54.11 6.74
C ASN D 367 -29.91 53.12 6.85
N GLU D 368 -30.21 51.81 6.90
CA GLU D 368 -29.17 50.81 6.90
C GLU D 368 -28.43 50.77 5.58
N ARG D 369 -29.15 50.92 4.45
CA ARG D 369 -28.49 51.01 3.16
C ARG D 369 -27.63 52.26 3.06
N LEU D 370 -28.09 53.37 3.65
CA LEU D 370 -27.30 54.59 3.67
C LEU D 370 -26.05 54.44 4.52
N ALA D 371 -26.14 53.69 5.63
CA ALA D 371 -24.97 53.41 6.44
C ALA D 371 -24.02 52.45 5.74
N LYS D 372 -24.55 51.52 4.95
CA LYS D 372 -23.69 50.61 4.20
C LYS D 372 -22.93 51.35 3.09
N LEU D 373 -23.59 52.34 2.46
CA LEU D 373 -22.94 53.08 1.39
C LEU D 373 -22.13 54.28 1.87
N SER D 374 -22.34 54.74 3.10
CA SER D 374 -21.69 55.99 3.50
C SER D 374 -20.90 55.90 4.80
N ASP D 375 -21.37 55.14 5.78
CA ASP D 375 -20.76 55.19 7.11
C ASP D 375 -19.42 54.46 7.15
N GLY D 376 -19.26 53.41 6.35
CA GLY D 376 -17.97 52.79 6.16
C GLY D 376 -17.62 51.70 7.17
N VAL D 377 -16.33 51.35 7.19
CA VAL D 377 -15.82 50.27 8.01
C VAL D 377 -14.67 50.79 8.86
N ALA D 378 -14.60 50.28 10.09
CA ALA D 378 -13.47 50.55 10.98
C ALA D 378 -12.53 49.35 10.99
N VAL D 379 -11.23 49.62 10.95
CA VAL D 379 -10.20 48.59 10.91
C VAL D 379 -9.21 48.85 12.04
N LEU D 380 -9.08 47.90 12.96
CA LEU D 380 -8.08 47.94 14.01
C LEU D 380 -6.92 47.03 13.64
N LYS D 381 -5.74 47.60 13.45
CA LYS D 381 -4.53 46.85 13.18
C LYS D 381 -3.69 46.83 14.46
N VAL D 382 -3.40 45.64 14.95
CA VAL D 382 -2.78 45.45 16.26
C VAL D 382 -1.26 45.58 16.13
N GLY D 383 -0.61 45.82 17.26
CA GLY D 383 0.82 45.99 17.31
C GLY D 383 1.52 44.89 18.12
N GLY D 384 2.82 44.85 17.98
CA GLY D 384 3.64 43.83 18.61
C GLY D 384 4.89 43.56 17.81
N THR D 385 5.82 42.84 18.43
CA THR D 385 7.11 42.58 17.80
C THR D 385 7.20 41.19 17.21
N SER D 386 6.39 40.25 17.69
CA SER D 386 6.33 38.91 17.13
C SER D 386 4.87 38.50 17.06
N ASP D 387 4.64 37.30 16.49
CA ASP D 387 3.27 36.88 16.23
C ASP D 387 2.54 36.45 17.49
N VAL D 388 3.26 36.14 18.57
CA VAL D 388 2.59 35.66 19.78
C VAL D 388 2.00 36.82 20.58
N GLU D 389 2.70 37.95 20.63
CA GLU D 389 2.12 39.14 21.26
C GLU D 389 0.99 39.68 20.42
N VAL D 390 1.14 39.62 19.09
CA VAL D 390 0.07 40.01 18.18
C VAL D 390 -1.17 39.16 18.42
N ASN D 391 -1.00 37.84 18.57
CA ASN D 391 -2.16 36.96 18.74
C ASN D 391 -2.80 37.15 20.11
N GLU D 392 -2.00 37.46 21.14
CA GLU D 392 -2.54 37.69 22.47
C GLU D 392 -3.33 38.99 22.51
N LYS D 393 -2.79 40.05 21.89
CA LYS D 393 -3.51 41.31 21.82
C LYS D 393 -4.72 41.23 20.91
N LYS D 394 -4.68 40.40 19.87
CA LYS D 394 -5.86 40.17 19.03
C LYS D 394 -6.97 39.49 19.83
N ASP D 395 -6.62 38.52 20.67
CA ASP D 395 -7.63 37.89 21.52
C ASP D 395 -8.24 38.91 22.49
N ARG D 396 -7.41 39.78 23.07
CA ARG D 396 -7.94 40.79 23.98
C ARG D 396 -8.81 41.82 23.26
N VAL D 397 -8.41 42.23 22.05
CA VAL D 397 -9.16 43.21 21.29
C VAL D 397 -10.50 42.63 20.82
N THR D 398 -10.50 41.35 20.42
CA THR D 398 -11.74 40.70 20.06
C THR D 398 -12.68 40.59 21.26
N ASP D 399 -12.13 40.26 22.44
CA ASP D 399 -12.93 40.22 23.65
C ASP D 399 -13.53 41.59 23.97
N ALA D 400 -12.74 42.66 23.83
CA ALA D 400 -13.22 43.99 24.15
C ALA D 400 -14.29 44.47 23.16
N LEU D 401 -14.10 44.16 21.87
CA LEU D 401 -15.11 44.51 20.87
C LEU D 401 -16.42 43.75 21.09
N ASN D 402 -16.33 42.46 21.40
CA ASN D 402 -17.51 41.66 21.70
C ASN D 402 -18.24 42.20 22.93
N ALA D 403 -17.49 42.57 23.97
CA ALA D 403 -18.10 43.08 25.19
C ALA D 403 -18.74 44.45 24.97
N THR D 404 -18.12 45.30 24.15
CA THR D 404 -18.74 46.59 23.86
C THR D 404 -20.00 46.43 23.02
N ARG D 405 -20.01 45.48 22.09
CA ARG D 405 -21.23 45.19 21.34
C ARG D 405 -22.34 44.69 22.27
N ALA D 406 -21.99 43.81 23.21
CA ALA D 406 -22.97 43.30 24.16
C ALA D 406 -23.46 44.38 25.11
N ALA D 407 -22.60 45.34 25.46
CA ALA D 407 -22.99 46.40 26.37
C ALA D 407 -23.81 47.48 25.67
N VAL D 408 -23.58 47.68 24.37
CA VAL D 408 -24.49 48.50 23.58
C VAL D 408 -25.85 47.83 23.46
N GLU D 409 -25.85 46.51 23.27
CA GLU D 409 -27.11 45.79 23.01
C GLU D 409 -27.97 45.68 24.25
N GLU D 410 -27.38 45.33 25.40
CA GLU D 410 -28.18 45.00 26.58
C GLU D 410 -27.82 45.78 27.84
N GLY D 411 -26.85 46.68 27.80
CA GLY D 411 -26.51 47.47 28.96
C GLY D 411 -25.38 46.86 29.76
N ILE D 412 -25.15 47.45 30.95
CA ILE D 412 -24.05 47.06 31.80
C ILE D 412 -24.53 46.80 33.22
N VAL D 413 -23.72 46.02 33.93
CA VAL D 413 -23.86 45.74 35.35
C VAL D 413 -22.51 45.96 36.01
N LEU D 414 -22.43 45.69 37.32
CA LEU D 414 -21.18 45.83 38.04
C LEU D 414 -20.19 44.74 37.63
N GLY D 415 -18.90 45.06 37.71
CA GLY D 415 -17.85 44.14 37.37
C GLY D 415 -17.25 43.45 38.59
N GLY D 416 -16.33 42.53 38.29
CA GLY D 416 -15.63 41.80 39.34
C GLY D 416 -16.45 40.72 40.02
N GLY D 417 -17.49 40.21 39.38
CA GLY D 417 -18.35 39.21 39.99
C GLY D 417 -19.31 39.75 41.02
N CYS D 418 -19.42 41.08 41.16
CA CYS D 418 -20.32 41.66 42.14
C CYS D 418 -21.77 41.64 41.69
N ALA D 419 -22.03 41.60 40.38
CA ALA D 419 -23.39 41.59 39.89
C ALA D 419 -24.05 40.23 40.12
N LEU D 420 -23.25 39.18 40.28
CA LEU D 420 -23.80 37.89 40.70
C LEU D 420 -23.92 37.83 42.22
N LEU D 421 -23.08 38.58 42.93
CA LEU D 421 -23.19 38.66 44.38
C LEU D 421 -24.44 39.42 44.81
N ARG D 422 -24.89 40.36 43.99
CA ARG D 422 -26.06 41.17 44.33
C ARG D 422 -27.38 40.45 44.05
N CYS D 423 -27.35 39.28 43.42
CA CYS D 423 -28.56 38.53 43.12
C CYS D 423 -28.86 37.44 44.15
N ILE D 424 -28.05 37.35 45.21
CA ILE D 424 -28.31 36.37 46.26
C ILE D 424 -29.63 36.59 47.01
N PRO D 425 -30.03 37.82 47.41
CA PRO D 425 -31.34 37.96 48.06
C PRO D 425 -32.53 37.56 47.18
N ALA D 426 -32.39 37.66 45.86
CA ALA D 426 -33.43 37.17 44.96
C ALA D 426 -33.61 35.65 45.11
N LEU D 427 -32.51 34.94 45.36
CA LEU D 427 -32.60 33.52 45.71
C LEU D 427 -33.07 33.32 47.14
N ASP D 428 -32.81 34.29 48.02
CA ASP D 428 -33.29 34.22 49.39
C ASP D 428 -34.76 34.58 49.52
N SER D 429 -35.42 34.95 48.43
CA SER D 429 -36.85 35.20 48.43
C SER D 429 -37.64 34.12 47.68
N LEU D 430 -36.98 33.05 47.24
CA LEU D 430 -37.65 31.97 46.54
C LEU D 430 -38.23 30.96 47.52
N THR D 431 -39.31 30.30 47.10
CA THR D 431 -39.93 29.23 47.87
C THR D 431 -39.85 27.94 47.09
N PRO D 432 -38.98 27.00 47.47
CA PRO D 432 -38.84 25.75 46.70
C PRO D 432 -40.08 24.87 46.79
N ALA D 433 -40.33 24.14 45.71
CA ALA D 433 -41.41 23.17 45.68
C ALA D 433 -41.15 22.01 46.65
N ASN D 434 -39.97 21.40 46.55
CA ASN D 434 -39.61 20.26 47.37
C ASN D 434 -38.15 20.41 47.80
N GLU D 435 -37.58 19.33 48.33
CA GLU D 435 -36.26 19.40 48.94
C GLU D 435 -35.16 19.46 47.89
N ASP D 436 -35.30 18.71 46.79
CA ASP D 436 -34.29 18.71 45.74
C ASP D 436 -34.21 20.04 45.02
N GLN D 437 -35.36 20.71 44.83
CA GLN D 437 -35.35 22.06 44.27
C GLN D 437 -34.65 23.03 45.21
N LYS D 438 -34.85 22.87 46.52
CA LYS D 438 -34.11 23.67 47.50
C LYS D 438 -32.61 23.41 47.43
N ILE D 439 -32.23 22.15 47.19
CA ILE D 439 -30.82 21.79 47.02
C ILE D 439 -30.24 22.49 45.80
N GLY D 440 -30.98 22.49 44.69
CA GLY D 440 -30.51 23.20 43.50
C GLY D 440 -30.41 24.71 43.70
N ILE D 441 -31.37 25.28 44.43
CA ILE D 441 -31.33 26.71 44.74
C ILE D 441 -30.11 27.04 45.59
N GLU D 442 -29.82 26.19 46.59
CA GLU D 442 -28.62 26.38 47.40
C GLU D 442 -27.33 26.23 46.59
N ILE D 443 -27.31 25.30 45.63
CA ILE D 443 -26.16 25.15 44.74
C ILE D 443 -25.93 26.43 43.95
N ILE D 444 -26.99 26.99 43.37
CA ILE D 444 -26.86 28.23 42.61
C ILE D 444 -26.48 29.40 43.52
N LYS D 445 -27.00 29.40 44.76
CA LYS D 445 -26.67 30.45 45.72
C LYS D 445 -25.19 30.42 46.09
N ARG D 446 -24.63 29.22 46.24
CA ARG D 446 -23.21 29.10 46.53
C ARG D 446 -22.36 29.36 45.30
N THR D 447 -22.93 29.17 44.12
CA THR D 447 -22.18 29.37 42.88
C THR D 447 -22.02 30.85 42.54
N LEU D 448 -22.81 31.74 43.16
CA LEU D 448 -22.77 33.15 42.76
C LEU D 448 -21.63 33.89 43.45
N LYS D 449 -21.01 33.26 44.44
CA LYS D 449 -19.82 33.83 45.06
C LYS D 449 -18.54 33.42 44.35
N ILE D 450 -18.64 32.46 43.42
CA ILE D 450 -17.44 31.86 42.83
C ILE D 450 -16.62 32.81 41.96
N PRO D 451 -17.18 33.57 40.99
CA PRO D 451 -16.30 34.38 40.13
C PRO D 451 -15.53 35.49 40.86
N ALA D 452 -16.16 36.15 41.83
CA ALA D 452 -15.44 37.13 42.64
C ALA D 452 -14.35 36.46 43.47
N MET D 453 -14.62 35.26 43.98
CA MET D 453 -13.60 34.51 44.71
C MET D 453 -12.42 34.14 43.81
N THR D 454 -12.69 33.76 42.57
CA THR D 454 -11.61 33.42 41.65
C THR D 454 -10.79 34.64 41.27
N ILE D 455 -11.46 35.77 41.04
CA ILE D 455 -10.77 37.04 40.75
C ILE D 455 -9.86 37.43 41.91
N ALA D 456 -10.39 37.39 43.15
CA ALA D 456 -9.58 37.71 44.32
C ALA D 456 -8.45 36.71 44.53
N LYS D 457 -8.71 35.42 44.24
CA LYS D 457 -7.68 34.39 44.39
C LYS D 457 -6.52 34.61 43.44
N ASN D 458 -6.82 35.00 42.19
CA ASN D 458 -5.75 35.32 41.25
C ASN D 458 -4.99 36.59 41.64
N ALA D 459 -5.53 37.39 42.54
CA ALA D 459 -4.87 38.59 43.04
C ALA D 459 -4.07 38.34 44.31
N GLY D 460 -3.96 37.09 44.75
CA GLY D 460 -3.12 36.76 45.89
C GLY D 460 -3.71 37.03 47.26
N VAL D 461 -5.03 37.17 47.37
CA VAL D 461 -5.69 37.40 48.64
C VAL D 461 -6.73 36.30 48.86
N GLU D 462 -7.22 36.23 50.09
CA GLU D 462 -8.26 35.27 50.45
C GLU D 462 -9.61 35.76 49.94
N GLY D 463 -10.20 35.01 49.01
CA GLY D 463 -11.40 35.47 48.33
C GLY D 463 -12.66 35.42 49.16
N SER D 464 -12.68 34.58 50.21
CA SER D 464 -13.88 34.48 51.03
C SER D 464 -14.06 35.71 51.91
N LEU D 465 -12.95 36.26 52.42
CA LEU D 465 -13.03 37.51 53.18
C LEU D 465 -13.45 38.67 52.29
N ILE D 466 -12.91 38.70 51.06
CA ILE D 466 -13.30 39.72 50.09
C ILE D 466 -14.79 39.65 49.80
N VAL D 467 -15.30 38.45 49.51
CA VAL D 467 -16.72 38.30 49.18
C VAL D 467 -17.60 38.63 50.38
N GLU D 468 -17.14 38.28 51.59
CA GLU D 468 -17.89 38.63 52.80
C GLU D 468 -17.95 40.15 52.99
N LYS D 469 -16.83 40.85 52.75
CA LYS D 469 -16.85 42.31 52.89
C LYS D 469 -17.65 42.98 51.79
N ILE D 470 -17.71 42.38 50.59
CA ILE D 470 -18.55 42.92 49.52
C ILE D 470 -20.02 42.74 49.87
N MET D 471 -20.39 41.60 50.45
CA MET D 471 -21.78 41.36 50.81
C MET D 471 -22.22 42.26 51.96
N GLN D 472 -21.31 42.58 52.88
CA GLN D 472 -21.63 43.48 53.99
C GLN D 472 -21.71 44.93 53.57
N SER D 473 -21.17 45.30 52.42
CA SER D 473 -21.11 46.69 52.00
C SER D 473 -22.40 47.10 51.29
N SER D 474 -22.39 48.32 50.75
CA SER D 474 -23.54 48.82 50.01
C SER D 474 -23.56 48.24 48.59
N SER D 475 -24.63 48.55 47.86
CA SER D 475 -24.87 47.93 46.56
C SER D 475 -23.93 48.44 45.47
N GLU D 476 -23.19 49.52 45.71
CA GLU D 476 -22.29 50.09 44.71
C GLU D 476 -20.82 49.87 45.04
N VAL D 477 -20.51 49.09 46.06
CA VAL D 477 -19.14 48.92 46.53
C VAL D 477 -18.71 47.49 46.26
N GLY D 478 -17.60 47.34 45.53
CA GLY D 478 -17.02 46.05 45.26
C GLY D 478 -15.51 46.07 45.44
N TYR D 479 -14.83 45.01 45.01
CA TYR D 479 -13.39 44.90 45.19
C TYR D 479 -12.67 45.27 43.91
N ASP D 480 -11.71 46.19 44.01
CA ASP D 480 -10.80 46.48 42.90
C ASP D 480 -9.60 45.54 43.06
N ALA D 481 -9.56 44.48 42.26
CA ALA D 481 -8.49 43.50 42.40
C ALA D 481 -7.18 44.01 41.81
N MET D 482 -7.23 44.97 40.89
CA MET D 482 -6.02 45.62 40.42
C MET D 482 -5.42 46.52 41.50
N ALA D 483 -6.26 47.34 42.14
CA ALA D 483 -5.79 48.28 43.14
C ALA D 483 -5.71 47.70 44.53
N GLY D 484 -6.36 46.56 44.79
CA GLY D 484 -6.38 46.00 46.13
C GLY D 484 -7.20 46.79 47.12
N ASP D 485 -8.25 47.46 46.65
CA ASP D 485 -9.07 48.31 47.50
C ASP D 485 -10.54 48.07 47.22
N PHE D 486 -11.38 48.46 48.17
CA PHE D 486 -12.83 48.40 48.01
C PHE D 486 -13.33 49.76 47.58
N VAL D 487 -13.84 49.85 46.35
CA VAL D 487 -14.12 51.11 45.69
C VAL D 487 -15.55 51.10 45.18
N ASN D 488 -15.93 52.21 44.55
CA ASN D 488 -17.19 52.33 43.83
C ASN D 488 -17.00 51.74 42.43
N MET D 489 -17.84 50.76 42.09
CA MET D 489 -17.65 50.02 40.85
C MET D 489 -17.95 50.86 39.62
N VAL D 490 -19.04 51.63 39.65
CA VAL D 490 -19.42 52.45 38.51
C VAL D 490 -18.46 53.62 38.33
N GLU D 491 -18.07 54.26 39.44
CA GLU D 491 -17.20 55.43 39.36
C GLU D 491 -15.80 55.07 38.87
N LYS D 492 -15.28 53.92 39.30
CA LYS D 492 -13.95 53.50 38.90
C LYS D 492 -13.92 52.86 37.51
N GLY D 493 -15.08 52.46 36.98
CA GLY D 493 -15.15 51.94 35.63
C GLY D 493 -15.14 50.43 35.50
N ILE D 494 -15.11 49.69 36.60
CA ILE D 494 -15.11 48.24 36.54
C ILE D 494 -16.52 47.76 36.33
N ILE D 495 -16.91 47.59 35.07
CA ILE D 495 -18.27 47.24 34.69
C ILE D 495 -18.23 46.10 33.68
N ASP D 496 -19.30 45.31 33.67
CA ASP D 496 -19.45 44.18 32.77
C ASP D 496 -20.75 44.31 31.98
N PRO D 497 -20.79 43.81 30.75
CA PRO D 497 -22.07 43.73 30.04
C PRO D 497 -23.00 42.71 30.69
N THR D 498 -24.29 43.05 30.72
CA THR D 498 -25.28 42.16 31.32
C THR D 498 -25.42 40.87 30.52
N LYS D 499 -25.39 40.98 29.19
CA LYS D 499 -25.54 39.84 28.30
C LYS D 499 -24.47 38.79 28.52
N VAL D 500 -23.22 39.24 28.70
CA VAL D 500 -22.10 38.33 28.94
C VAL D 500 -22.33 37.54 30.23
N VAL D 501 -22.74 38.23 31.29
CA VAL D 501 -22.92 37.59 32.60
C VAL D 501 -24.05 36.57 32.55
N ARG D 502 -25.20 36.96 31.98
CA ARG D 502 -26.32 36.03 31.95
C ARG D 502 -26.07 34.86 30.99
N THR D 503 -25.38 35.11 29.87
CA THR D 503 -25.02 34.05 28.95
C THR D 503 -24.08 33.03 29.61
N ALA D 504 -23.08 33.53 30.33
CA ALA D 504 -22.15 32.65 31.03
C ALA D 504 -22.86 31.81 32.08
N LEU D 505 -23.73 32.45 32.88
CA LEU D 505 -24.43 31.74 33.95
C LEU D 505 -25.38 30.68 33.39
N LEU D 506 -26.15 31.03 32.34
CA LEU D 506 -27.11 30.09 31.77
C LEU D 506 -26.40 28.91 31.10
N ASP D 507 -25.36 29.20 30.31
CA ASP D 507 -24.63 28.14 29.62
C ASP D 507 -23.87 27.24 30.60
N ALA D 508 -23.42 27.78 31.72
CA ALA D 508 -22.81 26.93 32.74
C ALA D 508 -23.86 26.05 33.42
N ALA D 509 -24.99 26.65 33.79
CA ALA D 509 -25.99 25.95 34.59
C ALA D 509 -26.62 24.80 33.83
N GLY D 510 -26.97 25.01 32.55
CA GLY D 510 -27.63 23.95 31.79
C GLY D 510 -26.79 22.69 31.66
N VAL D 511 -25.53 22.86 31.25
CA VAL D 511 -24.68 21.71 31.02
C VAL D 511 -24.25 21.08 32.34
N ALA D 512 -23.96 21.90 33.37
CA ALA D 512 -23.50 21.33 34.63
C ALA D 512 -24.62 20.61 35.37
N SER D 513 -25.85 21.13 35.31
CA SER D 513 -26.97 20.44 35.92
C SER D 513 -27.41 19.23 35.12
N LEU D 514 -27.17 19.20 33.81
CA LEU D 514 -27.36 17.94 33.08
C LEU D 514 -26.31 16.92 33.45
N LEU D 515 -25.07 17.36 33.70
CA LEU D 515 -24.01 16.45 34.10
C LEU D 515 -24.23 15.87 35.49
N THR D 516 -24.86 16.66 36.38
CA THR D 516 -25.13 16.18 37.74
C THR D 516 -26.12 15.01 37.73
N THR D 517 -27.05 14.98 36.79
CA THR D 517 -28.10 13.96 36.71
C THR D 517 -27.60 12.55 36.30
N ALA D 518 -26.31 12.24 36.20
CA ALA D 518 -25.85 10.99 35.59
C ALA D 518 -25.41 9.98 36.62
N GLU D 519 -25.93 8.75 36.50
CA GLU D 519 -25.50 7.62 37.31
C GLU D 519 -24.57 6.66 36.59
N VAL D 520 -24.73 6.49 35.27
CA VAL D 520 -23.94 5.52 34.51
C VAL D 520 -23.20 6.25 33.40
N VAL D 521 -21.92 5.96 33.26
CA VAL D 521 -21.07 6.54 32.23
C VAL D 521 -20.50 5.41 31.38
N VAL D 522 -20.75 5.47 30.08
CA VAL D 522 -20.32 4.45 29.13
C VAL D 522 -19.24 5.05 28.24
N THR D 523 -18.06 4.43 28.23
CA THR D 523 -16.93 4.87 27.43
C THR D 523 -16.46 3.73 26.54
N GLU D 524 -15.49 4.05 25.67
CA GLU D 524 -14.90 3.06 24.77
C GLU D 524 -13.62 2.51 25.38
N ILE D 525 -13.38 1.23 25.14
CA ILE D 525 -12.13 0.61 25.58
C ILE D 525 -10.97 1.17 24.75
N PRO D 526 -9.93 1.71 25.38
CA PRO D 526 -8.80 2.25 24.62
C PRO D 526 -8.00 1.14 23.95
N LYS D 527 -7.63 1.37 22.69
CA LYS D 527 -6.90 0.39 21.91
C LYS D 527 -5.41 0.70 21.89
N GLY E 1 -15.33 -20.59 9.30
CA GLY E 1 -13.95 -20.84 8.97
C GLY E 1 -12.99 -20.54 10.10
N SER E 2 -13.33 -19.53 10.91
CA SER E 2 -12.50 -19.15 12.04
C SER E 2 -12.64 -20.16 13.17
N ALA E 3 -11.61 -20.21 14.02
CA ALA E 3 -11.62 -21.11 15.17
C ALA E 3 -12.65 -20.64 16.19
N LYS E 4 -13.26 -21.60 16.88
CA LYS E 4 -14.39 -21.33 17.74
C LYS E 4 -14.12 -21.80 19.16
N ASP E 5 -14.71 -21.09 20.12
CA ASP E 5 -14.73 -21.50 21.52
C ASP E 5 -16.14 -21.96 21.86
N VAL E 6 -16.25 -23.17 22.42
CA VAL E 6 -17.53 -23.78 22.73
C VAL E 6 -17.61 -24.00 24.24
N LYS E 7 -18.65 -23.46 24.87
CA LYS E 7 -18.92 -23.67 26.28
C LYS E 7 -20.25 -24.39 26.47
N PHE E 8 -20.36 -25.10 27.58
CA PHE E 8 -21.48 -25.98 27.85
C PHE E 8 -22.12 -25.62 29.18
N GLY E 9 -23.42 -25.86 29.29
CA GLY E 9 -24.08 -25.88 30.58
C GLY E 9 -24.23 -24.51 31.22
N ALA E 10 -23.96 -24.47 32.53
CA ALA E 10 -24.28 -23.29 33.33
C ALA E 10 -23.16 -22.26 33.35
N ASP E 11 -21.97 -22.58 32.82
CA ASP E 11 -20.92 -21.57 32.73
C ASP E 11 -21.23 -20.56 31.63
N ALA E 12 -21.65 -21.06 30.46
CA ALA E 12 -22.06 -20.18 29.38
C ALA E 12 -23.31 -19.40 29.75
N ARG E 13 -24.25 -20.04 30.45
CA ARG E 13 -25.45 -19.36 30.93
C ARG E 13 -25.11 -18.29 31.95
N ALA E 14 -24.14 -18.58 32.83
CA ALA E 14 -23.71 -17.59 33.82
C ALA E 14 -23.06 -16.37 33.15
N LEU E 15 -22.21 -16.61 32.15
CA LEU E 15 -21.59 -15.50 31.41
C LEU E 15 -22.62 -14.68 30.64
N MET E 16 -23.60 -15.36 30.04
CA MET E 16 -24.65 -14.67 29.30
C MET E 16 -25.52 -13.83 30.24
N LEU E 17 -25.96 -14.42 31.36
CA LEU E 17 -26.61 -13.68 32.43
C LEU E 17 -25.78 -12.50 32.92
N GLN E 18 -24.45 -12.63 32.94
CA GLN E 18 -23.59 -11.52 33.37
C GLN E 18 -23.68 -10.35 32.38
N GLY E 19 -23.64 -10.65 31.08
CA GLY E 19 -23.82 -9.60 30.09
C GLY E 19 -25.20 -8.96 30.15
N VAL E 20 -26.23 -9.81 30.28
CA VAL E 20 -27.62 -9.32 30.43
C VAL E 20 -27.74 -8.43 31.64
N ASP E 21 -27.13 -8.83 32.76
CA ASP E 21 -27.24 -8.07 34.00
C ASP E 21 -26.50 -6.75 33.91
N LEU E 22 -25.35 -6.73 33.22
CA LEU E 22 -24.62 -5.47 33.08
C LEU E 22 -25.40 -4.47 32.24
N LEU E 23 -25.91 -4.90 31.08
CA LEU E 23 -26.66 -3.99 30.23
C LEU E 23 -27.96 -3.55 30.90
N ALA E 24 -28.64 -4.47 31.59
CA ALA E 24 -29.91 -4.12 32.21
C ALA E 24 -29.72 -3.29 33.48
N ASP E 25 -28.62 -3.46 34.22
CA ASP E 25 -28.34 -2.57 35.33
C ASP E 25 -27.97 -1.17 34.85
N ALA E 26 -27.31 -1.06 33.69
CA ALA E 26 -27.09 0.26 33.11
C ALA E 26 -28.41 0.89 32.67
N VAL E 27 -29.33 0.09 32.13
CA VAL E 27 -30.60 0.64 31.65
C VAL E 27 -31.56 0.97 32.80
N ALA E 28 -31.57 0.18 33.87
CA ALA E 28 -32.57 0.28 34.91
C ALA E 28 -32.43 1.51 35.79
N VAL E 29 -31.29 2.21 35.75
CA VAL E 29 -31.15 3.44 36.50
C VAL E 29 -31.99 4.57 35.91
N THR E 30 -32.42 4.42 34.66
CA THR E 30 -33.17 5.44 33.95
C THR E 30 -34.67 5.37 34.20
N MET E 31 -35.14 4.35 34.91
CA MET E 31 -36.57 4.05 34.97
C MET E 31 -37.29 4.92 35.98
N GLY E 32 -38.38 5.55 35.54
CA GLY E 32 -39.33 6.17 36.43
C GLY E 32 -39.17 7.68 36.54
N PRO E 33 -39.86 8.28 37.51
CA PRO E 33 -39.75 9.73 37.68
C PRO E 33 -38.58 10.15 38.56
N LYS E 34 -37.98 9.21 39.30
CA LYS E 34 -36.71 9.44 39.99
C LYS E 34 -35.56 8.73 39.28
N GLY E 35 -35.72 8.42 38.01
CA GLY E 35 -34.64 7.85 37.24
C GLY E 35 -33.58 8.88 36.90
N ARG E 36 -32.36 8.38 36.67
CA ARG E 36 -31.21 9.20 36.41
C ARG E 36 -30.74 9.00 34.98
N THR E 37 -29.80 9.81 34.54
CA THR E 37 -29.38 9.78 33.14
C THR E 37 -28.11 8.96 32.97
N VAL E 38 -27.81 8.66 31.71
CA VAL E 38 -26.62 7.89 31.33
C VAL E 38 -25.83 8.71 30.32
N ILE E 39 -24.55 8.91 30.60
CA ILE E 39 -23.66 9.60 29.68
C ILE E 39 -22.94 8.57 28.83
N ILE E 40 -23.03 8.73 27.51
CA ILE E 40 -22.41 7.84 26.55
C ILE E 40 -21.33 8.62 25.80
N GLU E 41 -20.11 8.11 25.81
CA GLU E 41 -19.01 8.76 25.11
C GLU E 41 -19.18 8.62 23.60
N GLN E 42 -19.13 9.75 22.89
CA GLN E 42 -19.30 9.76 21.45
C GLN E 42 -17.92 9.97 20.80
N SER E 43 -17.68 9.25 19.71
CA SER E 43 -16.35 9.24 19.12
C SER E 43 -16.00 10.56 18.44
N TRP E 44 -16.97 11.24 17.83
CA TRP E 44 -16.63 12.46 17.10
C TRP E 44 -16.53 13.67 18.02
N GLY E 45 -17.62 14.02 18.69
CA GLY E 45 -17.65 15.26 19.43
C GLY E 45 -18.03 15.16 20.89
N SER E 46 -19.11 15.86 21.24
CA SER E 46 -19.56 15.96 22.62
C SER E 46 -20.25 14.65 23.05
N PRO E 47 -20.09 14.26 24.32
CA PRO E 47 -20.77 13.05 24.80
C PRO E 47 -22.28 13.25 24.90
N LYS E 48 -22.99 12.13 24.85
CA LYS E 48 -24.45 12.12 24.81
C LYS E 48 -25.02 11.75 26.17
N VAL E 49 -25.91 12.59 26.67
CA VAL E 49 -26.60 12.37 27.94
C VAL E 49 -28.02 11.95 27.61
N THR E 50 -28.44 10.80 28.12
CA THR E 50 -29.75 10.26 27.77
C THR E 50 -30.38 9.57 28.97
N LYS E 51 -31.71 9.48 28.90
CA LYS E 51 -32.52 8.67 29.81
C LYS E 51 -33.27 7.58 29.06
N ASP E 52 -33.19 7.59 27.73
CA ASP E 52 -33.87 6.60 26.90
C ASP E 52 -33.18 5.25 27.00
N GLY E 53 -33.96 4.21 27.28
CA GLY E 53 -33.39 2.90 27.55
C GLY E 53 -32.76 2.22 26.35
N VAL E 54 -33.37 2.38 25.17
CA VAL E 54 -32.85 1.71 23.98
C VAL E 54 -31.54 2.33 23.53
N THR E 55 -31.33 3.62 23.80
CA THR E 55 -30.06 4.26 23.47
C THR E 55 -28.94 3.72 24.35
N VAL E 56 -29.22 3.56 25.65
CA VAL E 56 -28.26 2.97 26.58
C VAL E 56 -27.97 1.52 26.19
N ALA E 57 -28.99 0.78 25.78
CA ALA E 57 -28.81 -0.60 25.36
C ALA E 57 -27.93 -0.69 24.11
N LYS E 58 -28.28 0.04 23.06
CA LYS E 58 -27.53 0.01 21.81
C LYS E 58 -26.14 0.63 21.92
N SER E 59 -25.87 1.39 22.98
CA SER E 59 -24.55 1.96 23.18
C SER E 59 -23.56 1.03 23.86
N ILE E 60 -23.98 -0.16 24.28
CA ILE E 60 -23.18 -1.03 25.14
C ILE E 60 -22.81 -2.30 24.38
N ASP E 61 -21.50 -2.57 24.30
CA ASP E 61 -20.97 -3.84 23.80
C ASP E 61 -19.84 -4.26 24.71
N LEU E 62 -19.54 -5.55 24.71
CA LEU E 62 -18.53 -6.10 25.61
C LEU E 62 -17.42 -6.81 24.85
N LYS E 63 -16.24 -6.84 25.45
CA LYS E 63 -15.13 -7.61 24.91
C LYS E 63 -15.37 -9.11 25.06
N ASP E 64 -15.88 -9.52 26.22
CA ASP E 64 -16.28 -10.92 26.42
C ASP E 64 -17.45 -11.24 25.50
N LYS E 65 -17.26 -12.23 24.63
CA LYS E 65 -18.27 -12.53 23.62
C LYS E 65 -19.47 -13.27 24.21
N TYR E 66 -19.26 -14.06 25.26
CA TYR E 66 -20.37 -14.74 25.92
C TYR E 66 -21.27 -13.74 26.63
N LYS E 67 -20.69 -12.71 27.23
CA LYS E 67 -21.49 -11.62 27.79
C LYS E 67 -22.12 -10.79 26.68
N ASN E 68 -21.40 -10.63 25.57
CA ASN E 68 -21.91 -9.82 24.45
C ASN E 68 -23.12 -10.45 23.79
N ILE E 69 -23.22 -11.78 23.80
CA ILE E 69 -24.41 -12.44 23.24
C ILE E 69 -25.66 -12.05 24.01
N GLY E 70 -25.60 -12.11 25.34
CA GLY E 70 -26.74 -11.70 26.14
C GLY E 70 -27.01 -10.22 26.05
N ALA E 71 -25.94 -9.41 25.96
CA ALA E 71 -26.11 -7.97 25.76
C ALA E 71 -26.83 -7.66 24.45
N LYS E 72 -26.48 -8.36 23.37
CA LYS E 72 -27.13 -8.11 22.09
C LYS E 72 -28.54 -8.68 22.05
N LEU E 73 -28.82 -9.72 22.82
CA LEU E 73 -30.20 -10.20 22.89
C LEU E 73 -31.10 -9.22 23.62
N VAL E 74 -30.63 -8.65 24.73
CA VAL E 74 -31.41 -7.62 25.40
C VAL E 74 -31.47 -6.35 24.55
N GLN E 75 -30.43 -6.10 23.75
CA GLN E 75 -30.47 -5.03 22.75
C GLN E 75 -31.57 -5.28 21.74
N ASP E 76 -31.76 -6.53 21.32
CA ASP E 76 -32.84 -6.88 20.41
C ASP E 76 -34.19 -6.62 21.06
N VAL E 77 -34.31 -6.94 22.35
CA VAL E 77 -35.55 -6.62 23.09
C VAL E 77 -35.85 -5.13 23.05
N ALA E 78 -34.85 -4.31 23.42
CA ALA E 78 -35.05 -2.87 23.48
C ALA E 78 -35.33 -2.28 22.10
N ASN E 79 -34.66 -2.78 21.07
CA ASN E 79 -34.83 -2.25 19.72
C ASN E 79 -36.18 -2.65 19.14
N ASN E 80 -36.65 -3.87 19.41
CA ASN E 80 -37.97 -4.27 18.94
C ASN E 80 -39.07 -3.51 19.66
N THR E 81 -38.88 -3.22 20.95
CA THR E 81 -39.87 -2.44 21.67
C THR E 81 -39.89 -0.99 21.18
N ASN E 82 -38.71 -0.42 20.89
CA ASN E 82 -38.66 0.93 20.34
C ASN E 82 -39.25 0.98 18.94
N GLU E 83 -39.08 -0.07 18.14
CA GLU E 83 -39.61 -0.08 16.79
C GLU E 83 -41.12 -0.28 16.77
N GLU E 84 -41.64 -1.12 17.66
CA GLU E 84 -43.08 -1.44 17.63
C GLU E 84 -43.92 -0.39 18.35
N ALA E 85 -43.41 0.22 19.42
CA ALA E 85 -44.19 1.15 20.23
C ALA E 85 -43.56 2.51 20.38
N GLY E 86 -42.23 2.62 20.34
CA GLY E 86 -41.57 3.89 20.55
C GLY E 86 -41.41 4.30 21.98
N ASP E 87 -41.78 3.43 22.92
CA ASP E 87 -41.64 3.71 24.35
C ASP E 87 -41.60 2.38 25.08
N GLY E 88 -41.32 2.45 26.38
CA GLY E 88 -41.30 1.25 27.21
C GLY E 88 -40.11 0.35 27.01
N THR E 89 -38.99 0.88 26.53
CA THR E 89 -37.81 0.04 26.29
C THR E 89 -37.09 -0.31 27.57
N THR E 90 -37.09 0.58 28.57
CA THR E 90 -36.51 0.26 29.87
C THR E 90 -37.33 -0.81 30.57
N THR E 91 -38.66 -0.75 30.45
CA THR E 91 -39.53 -1.76 31.03
C THR E 91 -39.30 -3.11 30.34
N ALA E 92 -39.17 -3.10 29.02
CA ALA E 92 -38.88 -4.33 28.29
C ALA E 92 -37.53 -4.91 28.69
N THR E 93 -36.54 -4.03 28.93
CA THR E 93 -35.21 -4.49 29.32
C THR E 93 -35.23 -5.16 30.70
N VAL E 94 -35.90 -4.53 31.67
CA VAL E 94 -35.92 -5.14 33.00
C VAL E 94 -36.78 -6.39 33.03
N LEU E 95 -37.86 -6.44 32.24
CA LEU E 95 -38.65 -7.66 32.14
C LEU E 95 -37.83 -8.79 31.51
N ALA E 96 -37.06 -8.48 30.46
CA ALA E 96 -36.22 -9.48 29.81
C ALA E 96 -35.14 -10.00 30.76
N ARG E 97 -34.54 -9.10 31.54
CA ARG E 97 -33.60 -9.54 32.57
C ARG E 97 -34.25 -10.47 33.57
N SER E 98 -35.46 -10.12 34.04
CA SER E 98 -36.14 -10.94 35.03
C SER E 98 -36.47 -12.33 34.48
N ILE E 99 -36.99 -12.41 33.25
CA ILE E 99 -37.31 -13.70 32.67
C ILE E 99 -36.05 -14.52 32.42
N ALA E 100 -34.97 -13.89 31.96
CA ALA E 100 -33.72 -14.60 31.72
C ALA E 100 -33.14 -15.14 33.02
N LYS E 101 -33.17 -14.35 34.08
CA LYS E 101 -32.63 -14.78 35.37
C LYS E 101 -33.45 -15.90 35.98
N GLU E 102 -34.79 -15.76 35.97
CA GLU E 102 -35.64 -16.78 36.56
C GLU E 102 -35.66 -18.05 35.72
N GLY E 103 -35.38 -17.96 34.43
CA GLY E 103 -35.29 -19.13 33.60
C GLY E 103 -33.97 -19.84 33.73
N PHE E 104 -32.87 -19.09 33.86
CA PHE E 104 -31.57 -19.70 34.12
C PHE E 104 -31.52 -20.35 35.50
N GLU E 105 -32.24 -19.79 36.48
CA GLU E 105 -32.27 -20.38 37.80
C GLU E 105 -33.02 -21.72 37.81
N LYS E 106 -34.03 -21.86 36.96
CA LYS E 106 -34.93 -23.02 37.02
C LYS E 106 -34.49 -24.18 36.13
N ILE E 107 -33.32 -24.09 35.49
CA ILE E 107 -32.87 -25.14 34.60
C ILE E 107 -32.18 -26.24 35.41
N SER E 108 -32.69 -27.46 35.29
CA SER E 108 -32.10 -28.63 35.93
C SER E 108 -31.97 -29.76 34.93
N LYS E 109 -31.63 -30.96 35.41
CA LYS E 109 -31.45 -32.10 34.50
C LYS E 109 -32.79 -32.59 33.96
N GLY E 110 -33.79 -32.71 34.82
CA GLY E 110 -35.12 -33.15 34.43
C GLY E 110 -36.03 -32.07 33.89
N ALA E 111 -35.54 -30.85 33.73
CA ALA E 111 -36.35 -29.74 33.25
C ALA E 111 -36.28 -29.65 31.73
N ASN E 112 -37.41 -29.26 31.12
CA ASN E 112 -37.48 -29.02 29.69
C ASN E 112 -37.64 -27.53 29.46
N PRO E 113 -36.58 -26.81 29.09
CA PRO E 113 -36.69 -25.35 28.88
C PRO E 113 -37.61 -24.96 27.72
N VAL E 114 -37.89 -25.86 26.78
CA VAL E 114 -38.79 -25.51 25.68
C VAL E 114 -40.24 -25.54 26.14
N GLU E 115 -40.58 -26.48 27.01
CA GLU E 115 -41.90 -26.45 27.64
C GLU E 115 -42.01 -25.32 28.65
N ILE E 116 -40.90 -24.92 29.27
CA ILE E 116 -40.88 -23.72 30.10
C ILE E 116 -41.17 -22.49 29.26
N ARG E 117 -40.60 -22.44 28.05
CA ARG E 117 -40.87 -21.33 27.14
C ARG E 117 -42.33 -21.33 26.68
N ARG E 118 -42.89 -22.53 26.47
CA ARG E 118 -44.30 -22.64 26.11
C ARG E 118 -45.20 -22.11 27.23
N GLY E 119 -44.91 -22.51 28.48
CA GLY E 119 -45.61 -21.95 29.62
C GLY E 119 -45.46 -20.44 29.75
N VAL E 120 -44.25 -19.93 29.54
CA VAL E 120 -43.99 -18.49 29.56
C VAL E 120 -44.86 -17.76 28.56
N MET E 121 -44.92 -18.27 27.33
CA MET E 121 -45.68 -17.57 26.30
C MET E 121 -47.19 -17.71 26.52
N LEU E 122 -47.64 -18.83 27.07
CA LEU E 122 -49.05 -18.97 27.46
C LEU E 122 -49.42 -17.98 28.55
N ALA E 123 -48.55 -17.80 29.54
CA ALA E 123 -48.82 -16.85 30.62
C ALA E 123 -48.81 -15.42 30.12
N VAL E 124 -47.89 -15.09 29.19
CA VAL E 124 -47.87 -13.76 28.60
C VAL E 124 -49.11 -13.51 27.76
N ASP E 125 -49.61 -14.54 27.08
CA ASP E 125 -50.87 -14.40 26.35
C ASP E 125 -52.04 -14.11 27.29
N ALA E 126 -52.08 -14.82 28.42
CA ALA E 126 -53.09 -14.53 29.45
C ALA E 126 -52.99 -13.09 29.97
N VAL E 127 -51.77 -12.64 30.29
CA VAL E 127 -51.57 -11.29 30.81
C VAL E 127 -51.93 -10.24 29.77
N ILE E 128 -51.67 -10.51 28.49
CA ILE E 128 -52.01 -9.54 27.44
C ILE E 128 -53.52 -9.50 27.22
N ALA E 129 -54.20 -10.64 27.37
CA ALA E 129 -55.66 -10.64 27.35
C ALA E 129 -56.23 -9.82 28.51
N GLU E 130 -55.62 -9.96 29.70
CA GLU E 130 -56.09 -9.18 30.84
C GLU E 130 -55.77 -7.69 30.69
N LEU E 131 -54.67 -7.36 30.02
CA LEU E 131 -54.36 -5.97 29.73
C LEU E 131 -55.34 -5.36 28.75
N LYS E 132 -55.75 -6.14 27.74
CA LYS E 132 -56.77 -5.65 26.82
C LYS E 132 -58.14 -5.59 27.48
N LYS E 133 -58.36 -6.39 28.53
CA LYS E 133 -59.61 -6.28 29.28
C LYS E 133 -59.61 -5.03 30.16
N GLN E 134 -58.51 -4.74 30.83
CA GLN E 134 -58.43 -3.60 31.75
C GLN E 134 -58.28 -2.27 31.04
N SER E 135 -58.03 -2.26 29.73
CA SER E 135 -57.75 -1.02 29.02
C SER E 135 -59.00 -0.14 28.92
N LYS E 136 -58.78 1.17 28.96
CA LYS E 136 -59.82 2.18 28.81
C LYS E 136 -59.49 3.11 27.66
N PRO E 137 -60.46 3.40 26.79
CA PRO E 137 -60.20 4.35 25.69
C PRO E 137 -59.97 5.76 26.19
N VAL E 138 -59.20 6.52 25.42
CA VAL E 138 -58.91 7.91 25.73
C VAL E 138 -60.02 8.77 25.11
N THR E 139 -60.68 9.56 25.94
CA THR E 139 -61.81 10.39 25.50
C THR E 139 -61.60 11.88 25.69
N THR E 140 -60.76 12.30 26.63
CA THR E 140 -60.58 13.70 26.94
C THR E 140 -59.13 14.13 26.69
N PRO E 141 -58.91 15.35 26.18
CA PRO E 141 -57.53 15.81 25.96
C PRO E 141 -56.73 15.98 27.24
N GLU E 142 -57.38 16.05 28.40
CA GLU E 142 -56.67 16.01 29.68
C GLU E 142 -55.88 14.71 29.82
N GLU E 143 -56.47 13.59 29.39
CA GLU E 143 -55.75 12.33 29.41
C GLU E 143 -54.59 12.30 28.42
N ILE E 144 -54.74 12.99 27.29
CA ILE E 144 -53.66 13.11 26.32
C ILE E 144 -52.49 13.89 26.93
N ALA E 145 -52.80 15.00 27.59
CA ALA E 145 -51.76 15.79 28.25
C ALA E 145 -51.13 15.01 29.39
N GLN E 146 -51.92 14.19 30.09
CA GLN E 146 -51.39 13.37 31.18
C GLN E 146 -50.44 12.30 30.65
N VAL E 147 -50.81 11.63 29.55
CA VAL E 147 -49.94 10.62 28.94
C VAL E 147 -48.63 11.24 28.48
N ALA E 148 -48.71 12.38 27.80
CA ALA E 148 -47.50 13.03 27.32
C ALA E 148 -46.66 13.59 28.46
N THR E 149 -47.29 14.00 29.56
CA THR E 149 -46.54 14.48 30.71
C THR E 149 -45.81 13.34 31.42
N ILE E 150 -46.50 12.20 31.61
CA ILE E 150 -45.87 11.05 32.26
C ILE E 150 -44.74 10.50 31.41
N SER E 151 -44.94 10.40 30.10
CA SER E 151 -43.93 9.84 29.22
C SER E 151 -42.75 10.77 28.98
N ALA E 152 -42.85 12.04 29.35
CA ALA E 152 -41.74 12.99 29.23
C ALA E 152 -41.12 13.32 30.58
N ASN E 153 -41.14 12.37 31.52
CA ASN E 153 -40.57 12.50 32.86
C ASN E 153 -41.20 13.66 33.64
N GLY E 154 -42.53 13.62 33.72
CA GLY E 154 -43.26 14.59 34.52
C GLY E 154 -43.16 16.03 34.07
N ASP E 155 -42.89 16.27 32.78
CA ASP E 155 -42.80 17.63 32.26
C ASP E 155 -44.17 18.04 31.74
N LYS E 156 -44.82 18.97 32.46
CA LYS E 156 -46.14 19.43 32.05
C LYS E 156 -46.12 20.34 30.83
N GLU E 157 -44.98 21.00 30.56
CA GLU E 157 -44.89 21.85 29.38
C GLU E 157 -44.92 21.02 28.10
N ILE E 158 -44.20 19.90 28.08
CA ILE E 158 -44.20 19.02 26.91
C ILE E 158 -45.58 18.39 26.72
N GLY E 159 -46.22 17.98 27.83
CA GLY E 159 -47.55 17.43 27.73
C GLY E 159 -48.58 18.42 27.24
N ASN E 160 -48.51 19.66 27.75
CA ASN E 160 -49.42 20.70 27.29
C ASN E 160 -49.20 21.05 25.82
N ILE E 161 -47.94 21.13 25.38
CA ILE E 161 -47.69 21.51 24.00
C ILE E 161 -48.08 20.38 23.04
N ILE E 162 -47.91 19.12 23.44
CA ILE E 162 -48.33 18.01 22.59
C ILE E 162 -49.85 17.92 22.53
N SER E 163 -50.52 18.15 23.67
CA SER E 163 -51.98 18.19 23.67
C SER E 163 -52.51 19.32 22.82
N ASP E 164 -51.86 20.49 22.87
CA ASP E 164 -52.26 21.61 22.03
C ASP E 164 -52.01 21.32 20.55
N ALA E 165 -50.93 20.61 20.24
CA ALA E 165 -50.64 20.24 18.86
C ALA E 165 -51.71 19.31 18.30
N MET E 166 -52.15 18.32 19.10
CA MET E 166 -53.22 17.46 18.63
C MET E 166 -54.59 18.13 18.69
N LYS E 167 -54.75 19.17 19.50
CA LYS E 167 -55.98 19.97 19.43
C LYS E 167 -56.04 20.76 18.12
N LYS E 168 -54.92 21.38 17.74
CA LYS E 168 -54.88 22.20 16.54
C LYS E 168 -54.90 21.36 15.25
N VAL E 169 -54.27 20.18 15.26
CA VAL E 169 -54.12 19.42 14.03
C VAL E 169 -55.04 18.20 14.01
N GLY E 170 -54.82 17.27 14.92
CA GLY E 170 -55.56 16.03 14.92
C GLY E 170 -54.83 14.98 15.73
N ARG E 171 -55.60 14.12 16.40
CA ARG E 171 -55.03 13.00 17.14
C ARG E 171 -54.32 12.00 16.25
N LYS E 172 -54.66 11.94 14.96
CA LYS E 172 -53.92 11.17 13.98
C LYS E 172 -53.18 12.08 13.01
N GLY E 173 -52.96 13.33 13.40
CA GLY E 173 -52.24 14.27 12.57
C GLY E 173 -50.74 14.05 12.61
N VAL E 174 -50.04 14.78 11.75
CA VAL E 174 -48.60 14.63 11.59
C VAL E 174 -47.90 15.67 12.47
N ILE E 175 -47.11 15.19 13.43
CA ILE E 175 -46.39 16.03 14.38
C ILE E 175 -44.92 15.66 14.33
N THR E 176 -44.06 16.66 14.12
CA THR E 176 -42.63 16.46 13.96
C THR E 176 -41.85 17.24 15.01
N VAL E 177 -40.61 16.80 15.24
CA VAL E 177 -39.70 17.41 16.20
C VAL E 177 -38.42 17.79 15.47
N LYS E 178 -37.93 19.00 15.73
CA LYS E 178 -36.67 19.46 15.16
C LYS E 178 -35.95 20.36 16.16
N ASP E 179 -34.67 20.59 15.90
CA ASP E 179 -33.84 21.42 16.77
C ASP E 179 -34.32 22.86 16.78
N GLY E 180 -34.32 23.46 17.97
CA GLY E 180 -34.68 24.86 18.10
C GLY E 180 -33.53 25.71 18.60
N LYS E 181 -33.57 27.01 18.28
CA LYS E 181 -32.51 27.94 18.66
C LYS E 181 -32.92 28.84 19.82
N THR E 182 -34.05 28.56 20.46
CA THR E 182 -34.59 29.38 21.53
C THR E 182 -34.59 28.56 22.83
N LEU E 183 -34.60 29.28 23.96
CA LEU E 183 -34.52 28.61 25.26
C LEU E 183 -35.77 27.80 25.56
N ASN E 184 -36.94 28.31 25.18
CA ASN E 184 -38.20 27.64 25.47
C ASN E 184 -38.75 26.98 24.21
N ASP E 185 -39.66 26.03 24.43
CA ASP E 185 -40.25 25.28 23.33
C ASP E 185 -41.30 26.12 22.60
N GLU E 186 -41.52 25.79 21.34
CA GLU E 186 -42.45 26.51 20.49
C GLU E 186 -43.20 25.54 19.59
N LEU E 187 -44.48 25.83 19.37
CA LEU E 187 -45.34 25.04 18.49
C LEU E 187 -45.77 25.91 17.31
N GLU E 188 -45.60 25.39 16.10
CA GLU E 188 -46.01 26.07 14.89
C GLU E 188 -46.72 25.10 13.97
N ILE E 189 -47.65 25.63 13.18
CA ILE E 189 -48.50 24.84 12.30
C ILE E 189 -48.18 25.24 10.86
N ILE E 190 -47.70 24.28 10.08
CA ILE E 190 -47.27 24.51 8.70
C ILE E 190 -48.06 23.59 7.79
N GLU E 191 -48.40 24.09 6.60
CA GLU E 191 -49.03 23.24 5.58
C GLU E 191 -48.05 22.17 5.12
N GLY E 192 -48.51 20.91 5.12
CA GLY E 192 -47.66 19.81 4.71
C GLY E 192 -48.46 18.55 4.54
N MET E 193 -47.77 17.51 4.09
CA MET E 193 -48.38 16.20 3.88
C MET E 193 -47.34 15.13 4.19
N LYS E 194 -47.84 13.95 4.59
CA LYS E 194 -46.96 12.83 4.92
C LYS E 194 -47.64 11.54 4.48
N PHE E 195 -46.84 10.63 3.93
CA PHE E 195 -47.34 9.35 3.45
C PHE E 195 -46.39 8.24 3.90
N ASP E 196 -46.94 7.04 4.02
CA ASP E 196 -46.21 5.90 4.60
C ASP E 196 -45.35 5.16 3.57
N ARG E 197 -44.46 5.89 2.91
CA ARG E 197 -43.48 5.30 2.00
C ARG E 197 -42.11 5.86 2.33
N GLY E 198 -41.17 4.98 2.65
CA GLY E 198 -39.80 5.36 2.94
C GLY E 198 -38.95 5.41 1.69
N TYR E 199 -37.64 5.53 1.91
CA TYR E 199 -36.71 5.51 0.79
C TYR E 199 -36.60 4.10 0.21
N ILE E 200 -36.12 4.02 -1.01
CA ILE E 200 -36.09 2.76 -1.75
C ILE E 200 -34.68 2.17 -1.71
N SER E 201 -33.68 3.05 -1.66
CA SER E 201 -32.30 2.62 -1.52
C SER E 201 -31.67 3.27 -0.29
N PRO E 202 -30.90 2.53 0.49
CA PRO E 202 -30.30 3.11 1.71
C PRO E 202 -29.07 3.96 1.48
N TYR E 203 -28.64 4.15 0.24
CA TYR E 203 -27.51 5.00 -0.09
C TYR E 203 -27.87 6.48 -0.10
N PHE E 204 -29.15 6.82 0.03
CA PHE E 204 -29.61 8.19 -0.08
C PHE E 204 -29.54 8.96 1.23
N ILE E 205 -29.09 8.34 2.31
CA ILE E 205 -29.05 8.98 3.61
C ILE E 205 -27.85 9.92 3.66
N ASN E 206 -28.11 11.19 3.97
CA ASN E 206 -27.07 12.20 4.17
C ASN E 206 -26.87 12.59 5.63
N THR E 207 -27.94 12.64 6.40
CA THR E 207 -27.88 12.92 7.84
C THR E 207 -27.92 11.59 8.58
N SER E 208 -26.80 11.21 9.18
CA SER E 208 -26.68 9.95 9.89
C SER E 208 -27.09 10.05 11.35
N LYS E 209 -27.88 11.07 11.72
CA LYS E 209 -28.33 11.20 13.10
C LYS E 209 -29.69 10.53 13.30
N GLY E 210 -30.55 10.53 12.29
CA GLY E 210 -31.83 9.86 12.38
C GLY E 210 -32.09 8.94 11.21
N GLN E 211 -31.03 8.62 10.45
CA GLN E 211 -31.09 7.77 9.26
C GLN E 211 -32.18 8.23 8.28
N LYS E 212 -32.14 9.52 7.94
CA LYS E 212 -33.13 10.12 7.06
C LYS E 212 -32.44 11.02 6.04
N CYS E 213 -33.14 11.24 4.93
CA CYS E 213 -32.67 12.14 3.87
C CYS E 213 -33.43 13.45 4.00
N GLU E 214 -32.68 14.54 4.20
CA GLU E 214 -33.25 15.85 4.45
C GLU E 214 -32.72 16.85 3.42
N PHE E 215 -33.63 17.44 2.64
CA PHE E 215 -33.29 18.50 1.71
C PHE E 215 -34.18 19.71 2.00
N GLN E 216 -33.73 20.87 1.52
CA GLN E 216 -34.50 22.10 1.62
C GLN E 216 -34.46 22.82 0.28
N ASP E 217 -35.60 23.39 -0.11
CA ASP E 217 -35.79 24.09 -1.39
C ASP E 217 -35.43 23.17 -2.57
N ALA E 218 -36.23 22.11 -2.68
CA ALA E 218 -35.92 20.98 -3.54
C ALA E 218 -36.96 20.81 -4.64
N TYR E 219 -36.47 20.46 -5.83
CA TYR E 219 -37.35 20.03 -6.92
C TYR E 219 -38.07 18.74 -6.55
N VAL E 220 -39.25 18.56 -7.13
CA VAL E 220 -40.07 17.38 -6.88
C VAL E 220 -40.57 16.86 -8.23
N LEU E 221 -40.28 15.60 -8.53
CA LEU E 221 -40.65 14.96 -9.78
C LEU E 221 -41.69 13.89 -9.51
N LEU E 222 -42.87 14.02 -10.13
CA LEU E 222 -43.95 13.07 -9.98
C LEU E 222 -44.26 12.42 -11.32
N SER E 223 -44.42 11.10 -11.30
CA SER E 223 -44.81 10.36 -12.49
C SER E 223 -45.94 9.40 -12.13
N GLU E 224 -46.99 9.38 -12.95
CA GLU E 224 -48.05 8.39 -12.78
C GLU E 224 -47.55 6.98 -13.05
N LYS E 225 -46.67 6.82 -14.02
CA LYS E 225 -46.05 5.54 -14.32
C LYS E 225 -44.71 5.43 -13.58
N LYS E 226 -44.08 4.27 -13.70
CA LYS E 226 -42.78 4.05 -13.09
C LYS E 226 -41.71 4.87 -13.83
N ILE E 227 -40.71 5.35 -13.08
CA ILE E 227 -39.53 5.90 -13.72
C ILE E 227 -38.78 4.76 -14.38
N SER E 228 -38.67 4.83 -15.71
CA SER E 228 -38.37 3.64 -16.50
C SER E 228 -37.00 3.67 -17.15
N SER E 229 -36.68 4.70 -17.94
CA SER E 229 -35.51 4.65 -18.79
C SER E 229 -34.42 5.59 -18.30
N ILE E 230 -33.22 5.36 -18.85
CA ILE E 230 -32.16 6.35 -18.75
C ILE E 230 -32.59 7.65 -19.42
N GLN E 231 -33.17 7.55 -20.62
CA GLN E 231 -33.59 8.75 -21.34
C GLN E 231 -34.90 9.33 -20.80
N SER E 232 -35.54 8.68 -19.83
CA SER E 232 -36.62 9.32 -19.07
C SER E 232 -36.09 10.13 -17.89
N ILE E 233 -34.94 9.74 -17.35
CA ILE E 233 -34.40 10.42 -16.17
C ILE E 233 -33.33 11.45 -16.51
N VAL E 234 -32.64 11.32 -17.65
CA VAL E 234 -31.53 12.21 -18.01
C VAL E 234 -32.01 13.62 -18.38
N PRO E 235 -33.13 13.83 -19.08
CA PRO E 235 -33.72 15.18 -19.07
C PRO E 235 -34.06 15.68 -17.68
N ALA E 236 -34.67 14.83 -16.85
CA ALA E 236 -35.00 15.22 -15.48
C ALA E 236 -33.74 15.41 -14.63
N LEU E 237 -32.73 14.54 -14.81
CA LEU E 237 -31.51 14.67 -14.04
C LEU E 237 -30.72 15.90 -14.47
N GLU E 238 -30.68 16.20 -15.76
CA GLU E 238 -29.99 17.41 -16.21
C GLU E 238 -30.74 18.68 -15.86
N ILE E 239 -32.06 18.61 -15.71
CA ILE E 239 -32.78 19.79 -15.21
C ILE E 239 -32.53 19.99 -13.72
N ALA E 240 -32.69 18.94 -12.92
CA ALA E 240 -32.40 19.04 -11.49
C ALA E 240 -30.92 19.19 -11.20
N ASN E 241 -30.08 18.99 -12.22
CA ASN E 241 -28.63 19.13 -12.11
C ASN E 241 -28.20 20.54 -12.50
N ALA E 242 -28.75 21.06 -13.59
CA ALA E 242 -28.45 22.41 -14.03
C ALA E 242 -29.28 23.43 -13.26
N HIS E 243 -30.61 23.31 -13.30
CA HIS E 243 -31.49 24.30 -12.69
C HIS E 243 -31.42 24.30 -11.16
N ARG E 244 -30.72 23.33 -10.57
CA ARG E 244 -30.08 23.46 -9.25
C ARG E 244 -31.08 23.62 -8.10
N LYS E 245 -31.91 22.61 -7.93
CA LYS E 245 -32.63 22.34 -6.70
C LYS E 245 -32.61 20.82 -6.54
N PRO E 246 -32.48 20.32 -5.30
CA PRO E 246 -32.41 18.86 -5.09
C PRO E 246 -33.64 18.14 -5.62
N LEU E 247 -33.42 16.94 -6.17
CA LEU E 247 -34.46 16.21 -6.87
C LEU E 247 -35.15 15.23 -5.93
N VAL E 248 -36.47 15.33 -5.84
CA VAL E 248 -37.31 14.35 -5.17
C VAL E 248 -38.10 13.61 -6.24
N ILE E 249 -38.05 12.28 -6.21
CA ILE E 249 -38.66 11.43 -7.23
C ILE E 249 -39.73 10.59 -6.56
N ILE E 250 -40.96 10.69 -7.05
CA ILE E 250 -42.08 9.91 -6.54
C ILE E 250 -42.58 9.05 -7.70
N ALA E 251 -42.53 7.73 -7.52
CA ALA E 251 -42.80 6.79 -8.60
C ALA E 251 -43.55 5.58 -8.06
N GLU E 252 -44.05 4.75 -8.99
CA GLU E 252 -44.82 3.57 -8.61
C GLU E 252 -43.93 2.49 -8.00
N ASP E 253 -43.00 1.96 -8.78
CA ASP E 253 -42.05 0.97 -8.31
C ASP E 253 -40.69 1.26 -8.94
N VAL E 254 -39.64 1.15 -8.13
CA VAL E 254 -38.29 1.61 -8.50
C VAL E 254 -37.35 0.46 -8.17
N ASP E 255 -37.07 -0.41 -9.16
CA ASP E 255 -36.12 -1.51 -9.04
C ASP E 255 -35.38 -1.70 -10.36
N GLY E 256 -34.04 -1.58 -10.34
CA GLY E 256 -33.28 -1.68 -11.58
C GLY E 256 -31.99 -0.88 -11.69
N GLU E 257 -31.88 -0.05 -12.74
CA GLU E 257 -30.63 0.57 -13.17
C GLU E 257 -30.55 2.08 -12.95
N ALA E 258 -31.66 2.81 -13.13
CA ALA E 258 -31.62 4.28 -13.03
C ALA E 258 -31.27 4.74 -11.62
N LEU E 259 -31.80 4.06 -10.60
CA LEU E 259 -31.40 4.32 -9.23
C LEU E 259 -29.95 3.94 -8.97
N SER E 260 -29.42 2.96 -9.71
CA SER E 260 -27.99 2.67 -9.57
C SER E 260 -27.15 3.80 -10.14
N THR E 261 -27.60 4.40 -11.24
CA THR E 261 -26.96 5.62 -11.73
C THR E 261 -27.11 6.76 -10.73
N LEU E 262 -28.26 6.82 -10.05
CA LEU E 262 -28.48 7.82 -9.00
C LEU E 262 -27.51 7.63 -7.83
N VAL E 263 -27.28 6.38 -7.43
CA VAL E 263 -26.32 6.08 -6.38
C VAL E 263 -24.91 6.40 -6.84
N LEU E 264 -24.61 6.16 -8.12
CA LEU E 264 -23.30 6.51 -8.67
C LEU E 264 -23.08 8.01 -8.67
N ASN E 265 -24.15 8.78 -8.91
CA ASN E 265 -24.04 10.24 -8.79
C ASN E 265 -24.05 10.70 -7.34
N ARG E 266 -24.63 9.91 -6.44
CA ARG E 266 -24.72 10.25 -5.03
C ARG E 266 -23.40 10.03 -4.29
N LEU E 267 -22.66 9.00 -4.68
CA LEU E 267 -21.48 8.60 -3.92
C LEU E 267 -20.19 9.18 -4.48
N LYS E 268 -20.08 9.32 -5.80
CA LYS E 268 -18.84 9.81 -6.39
C LYS E 268 -18.80 11.33 -6.44
N VAL E 269 -19.82 11.97 -7.01
CA VAL E 269 -19.83 13.42 -7.10
C VAL E 269 -20.79 14.07 -6.09
N GLY E 270 -21.68 13.31 -5.48
CA GLY E 270 -22.50 13.83 -4.41
C GLY E 270 -23.81 14.48 -4.82
N LEU E 271 -24.55 13.87 -5.75
CA LEU E 271 -25.81 14.42 -6.21
C LEU E 271 -26.85 14.37 -5.11
N GLN E 272 -27.55 15.48 -4.91
CA GLN E 272 -28.61 15.58 -3.89
C GLN E 272 -29.91 15.13 -4.52
N VAL E 273 -30.21 13.84 -4.39
CA VAL E 273 -31.38 13.24 -5.04
C VAL E 273 -31.93 12.16 -4.12
N VAL E 274 -33.26 11.99 -4.14
CA VAL E 274 -33.94 10.94 -3.41
C VAL E 274 -35.11 10.44 -4.24
N ALA E 275 -35.44 9.16 -4.06
CA ALA E 275 -36.56 8.54 -4.76
C ALA E 275 -37.43 7.81 -3.75
N VAL E 276 -38.74 8.08 -3.79
CA VAL E 276 -39.71 7.52 -2.85
C VAL E 276 -40.81 6.85 -3.65
N LYS E 277 -41.29 5.70 -3.19
CA LYS E 277 -42.44 5.07 -3.81
C LYS E 277 -43.70 5.89 -3.57
N ALA E 278 -44.68 5.73 -4.48
CA ALA E 278 -45.91 6.51 -4.42
C ALA E 278 -46.96 5.77 -3.61
N PRO E 279 -47.52 6.39 -2.57
CA PRO E 279 -48.60 5.75 -1.80
C PRO E 279 -49.85 5.56 -2.63
N GLY E 280 -50.64 4.56 -2.24
CA GLY E 280 -51.91 4.31 -2.89
C GLY E 280 -51.93 3.09 -3.78
N PHE E 281 -52.93 2.22 -3.59
CA PHE E 281 -53.13 1.05 -4.44
C PHE E 281 -54.43 1.26 -5.23
N GLY E 282 -54.29 1.63 -6.50
CA GLY E 282 -55.44 1.85 -7.34
C GLY E 282 -55.57 3.29 -7.80
N ASP E 283 -56.80 3.77 -7.96
CA ASP E 283 -57.03 5.15 -8.38
C ASP E 283 -56.64 6.16 -7.30
N ASN E 284 -56.57 5.72 -6.04
CA ASN E 284 -56.13 6.59 -4.96
C ASN E 284 -54.68 7.02 -5.15
N ARG E 285 -53.85 6.15 -5.73
CA ARG E 285 -52.48 6.51 -6.07
C ARG E 285 -52.45 7.69 -7.04
N LYS E 286 -53.25 7.62 -8.11
CA LYS E 286 -53.30 8.70 -9.09
C LYS E 286 -53.87 9.98 -8.49
N ASN E 287 -54.90 9.87 -7.64
CA ASN E 287 -55.46 11.05 -7.01
C ASN E 287 -54.47 11.71 -6.06
N GLN E 288 -53.71 10.91 -5.31
CA GLN E 288 -52.69 11.46 -4.42
C GLN E 288 -51.55 12.11 -5.21
N LEU E 289 -51.15 11.50 -6.34
CA LEU E 289 -50.14 12.11 -7.19
C LEU E 289 -50.61 13.45 -7.76
N LYS E 290 -51.87 13.51 -8.19
CA LYS E 290 -52.43 14.74 -8.74
C LYS E 290 -52.53 15.82 -7.67
N ASP E 291 -52.93 15.45 -6.45
CA ASP E 291 -53.01 16.42 -5.35
C ASP E 291 -51.62 16.91 -4.95
N MET E 292 -50.63 16.03 -4.95
CA MET E 292 -49.27 16.44 -4.60
C MET E 292 -48.69 17.35 -5.66
N ALA E 293 -48.97 17.09 -6.93
CA ALA E 293 -48.48 17.97 -7.99
C ALA E 293 -49.22 19.31 -8.00
N ILE E 294 -50.49 19.31 -7.57
CA ILE E 294 -51.21 20.57 -7.41
C ILE E 294 -50.63 21.39 -6.26
N ALA E 295 -50.34 20.74 -5.13
CA ALA E 295 -49.83 21.44 -3.96
C ALA E 295 -48.41 21.93 -4.16
N THR E 296 -47.58 21.19 -4.91
CA THR E 296 -46.20 21.61 -5.14
C THR E 296 -46.04 22.45 -6.39
N GLY E 297 -47.05 22.50 -7.26
CA GLY E 297 -46.98 23.30 -8.46
C GLY E 297 -46.49 22.56 -9.69
N GLY E 298 -45.96 21.36 -9.54
CA GLY E 298 -45.47 20.59 -10.67
C GLY E 298 -46.59 19.86 -11.38
N ALA E 299 -46.19 18.98 -12.29
CA ALA E 299 -47.12 18.19 -13.07
C ALA E 299 -46.93 16.70 -12.79
N VAL E 300 -47.78 15.89 -13.40
CA VAL E 300 -47.70 14.44 -13.32
C VAL E 300 -47.30 13.90 -14.68
N PHE E 301 -46.25 13.08 -14.71
CA PHE E 301 -45.78 12.49 -15.94
C PHE E 301 -46.34 11.07 -16.10
N GLY E 302 -46.29 10.58 -17.35
CA GLY E 302 -46.77 9.24 -17.66
C GLY E 302 -48.25 9.03 -17.39
N GLU E 303 -49.06 10.07 -17.54
CA GLU E 303 -50.48 9.94 -17.26
C GLU E 303 -51.21 9.33 -18.45
N GLU E 304 -52.38 8.75 -18.17
CA GLU E 304 -53.20 8.15 -19.22
C GLU E 304 -53.88 9.22 -20.09
N GLY E 305 -54.38 10.29 -19.46
CA GLY E 305 -55.11 11.31 -20.17
C GLY E 305 -54.27 12.22 -21.05
N LEU E 306 -53.39 13.01 -20.45
CA LEU E 306 -52.64 14.01 -21.19
C LEU E 306 -51.42 13.40 -21.90
N THR E 307 -50.88 12.31 -21.35
CA THR E 307 -49.69 11.61 -21.86
C THR E 307 -48.49 12.56 -21.96
N LEU E 308 -48.09 13.11 -20.82
CA LEU E 308 -46.89 13.92 -20.73
C LEU E 308 -45.71 12.99 -20.46
N ASN E 309 -44.75 12.96 -21.38
CA ASN E 309 -43.68 11.98 -21.36
C ASN E 309 -42.52 12.47 -20.51
N LEU E 310 -41.81 11.51 -19.91
CA LEU E 310 -40.62 11.81 -19.13
C LEU E 310 -39.39 12.09 -19.99
N GLU E 311 -39.48 11.86 -21.30
CA GLU E 311 -38.41 12.25 -22.22
C GLU E 311 -38.54 13.69 -22.68
N ASP E 312 -39.56 14.41 -22.23
CA ASP E 312 -39.75 15.83 -22.55
C ASP E 312 -40.13 16.51 -21.24
N VAL E 313 -39.12 17.01 -20.53
CA VAL E 313 -39.29 17.59 -19.21
C VAL E 313 -38.85 19.05 -19.27
N GLN E 314 -39.63 19.93 -18.66
CA GLN E 314 -39.35 21.36 -18.57
C GLN E 314 -39.22 21.78 -17.11
N PRO E 315 -38.47 22.86 -16.83
CA PRO E 315 -38.37 23.34 -15.44
C PRO E 315 -39.69 23.78 -14.82
N HIS E 316 -40.69 24.13 -15.62
CA HIS E 316 -41.99 24.53 -15.10
C HIS E 316 -42.96 23.36 -14.98
N ASP E 317 -42.45 22.14 -14.82
CA ASP E 317 -43.26 20.97 -14.53
C ASP E 317 -42.81 20.26 -13.26
N LEU E 318 -41.81 20.79 -12.57
CA LEU E 318 -41.29 20.20 -11.34
C LEU E 318 -41.78 21.00 -10.14
N GLY E 319 -42.32 20.30 -9.14
CA GLY E 319 -42.78 20.95 -7.94
C GLY E 319 -41.63 21.41 -7.06
N LYS E 320 -41.92 22.42 -6.23
CA LYS E 320 -40.92 23.01 -5.34
C LYS E 320 -41.46 22.96 -3.92
N VAL E 321 -40.77 22.23 -3.05
CA VAL E 321 -41.08 22.19 -1.63
C VAL E 321 -40.10 23.09 -0.90
N GLY E 322 -40.46 23.49 0.32
CA GLY E 322 -39.54 24.20 1.17
C GLY E 322 -38.69 23.28 2.03
N GLU E 323 -39.20 22.09 2.33
CA GLU E 323 -38.48 21.09 3.08
C GLU E 323 -39.05 19.72 2.75
N VAL E 324 -38.18 18.73 2.67
CA VAL E 324 -38.59 17.34 2.44
C VAL E 324 -37.80 16.44 3.39
N ILE E 325 -38.50 15.51 4.03
CA ILE E 325 -37.89 14.56 4.96
C ILE E 325 -38.32 13.17 4.53
N VAL E 326 -37.34 12.32 4.21
CA VAL E 326 -37.60 10.95 3.79
C VAL E 326 -36.91 10.03 4.80
N THR E 327 -37.71 9.29 5.56
CA THR E 327 -37.20 8.34 6.54
C THR E 327 -37.22 6.93 5.94
N LYS E 328 -36.98 5.93 6.80
CA LYS E 328 -36.97 4.55 6.34
C LYS E 328 -38.37 4.05 5.98
N ASP E 329 -39.40 4.54 6.67
CA ASP E 329 -40.75 4.03 6.48
C ASP E 329 -41.75 5.07 5.97
N ASP E 330 -41.45 6.36 6.07
CA ASP E 330 -42.38 7.38 5.62
C ASP E 330 -41.61 8.59 5.09
N ALA E 331 -42.25 9.32 4.18
CA ALA E 331 -41.69 10.54 3.61
C ALA E 331 -42.73 11.65 3.69
N MET E 332 -42.26 12.89 3.65
CA MET E 332 -43.14 14.03 3.86
C MET E 332 -42.62 15.23 3.09
N LEU E 333 -43.54 16.13 2.74
CA LEU E 333 -43.23 17.37 2.04
C LEU E 333 -43.70 18.56 2.85
N LEU E 334 -42.88 19.62 2.87
CA LEU E 334 -43.18 20.84 3.62
C LEU E 334 -43.12 22.04 2.69
N LYS E 335 -44.14 22.90 2.79
CA LYS E 335 -44.21 24.20 2.09
C LYS E 335 -44.03 24.05 0.58
N GLY E 336 -44.97 23.35 -0.03
CA GLY E 336 -44.95 23.18 -1.48
C GLY E 336 -45.29 24.49 -2.17
N LYS E 337 -44.45 24.89 -3.13
CA LYS E 337 -44.62 26.16 -3.83
C LYS E 337 -45.58 26.02 -5.01
N GLY E 338 -46.84 25.73 -4.65
CA GLY E 338 -47.90 25.63 -5.63
C GLY E 338 -48.83 26.83 -5.56
N ASP E 339 -49.68 26.94 -6.58
CA ASP E 339 -50.64 28.03 -6.64
C ASP E 339 -51.75 27.82 -5.63
N LYS E 340 -52.10 28.89 -4.90
CA LYS E 340 -53.18 28.82 -3.93
C LYS E 340 -54.52 28.59 -4.60
N ALA E 341 -54.72 29.17 -5.80
CA ALA E 341 -55.96 28.95 -6.53
C ALA E 341 -56.13 27.51 -6.96
N GLN E 342 -55.04 26.86 -7.41
CA GLN E 342 -55.12 25.46 -7.79
C GLN E 342 -55.35 24.57 -6.56
N ILE E 343 -54.74 24.94 -5.43
CA ILE E 343 -54.92 24.17 -4.19
C ILE E 343 -56.37 24.24 -3.73
N GLU E 344 -56.95 25.45 -3.73
CA GLU E 344 -58.34 25.58 -3.31
C GLU E 344 -59.30 24.98 -4.33
N LYS E 345 -58.92 24.97 -5.62
CA LYS E 345 -59.72 24.27 -6.62
C LYS E 345 -59.75 22.77 -6.36
N ARG E 346 -58.60 22.18 -6.04
CA ARG E 346 -58.58 20.77 -5.69
C ARG E 346 -59.31 20.50 -4.37
N ILE E 347 -59.27 21.46 -3.43
CA ILE E 347 -59.99 21.28 -2.17
C ILE E 347 -61.50 21.29 -2.40
N GLN E 348 -61.99 22.17 -3.28
CA GLN E 348 -63.41 22.18 -3.58
C GLN E 348 -63.81 20.98 -4.44
N GLU E 349 -62.91 20.49 -5.29
CA GLU E 349 -63.17 19.25 -6.02
C GLU E 349 -63.28 18.07 -5.06
N ILE E 350 -62.43 18.03 -4.04
CA ILE E 350 -62.49 16.98 -3.03
C ILE E 350 -63.79 17.08 -2.23
N ILE E 351 -64.20 18.30 -1.89
CA ILE E 351 -65.48 18.50 -1.20
C ILE E 351 -66.65 18.02 -2.06
N GLU E 352 -66.65 18.37 -3.35
CA GLU E 352 -67.75 17.99 -4.23
C GLU E 352 -67.72 16.50 -4.58
N GLN E 353 -66.57 15.84 -4.43
CA GLN E 353 -66.52 14.39 -4.55
C GLN E 353 -66.88 13.71 -3.24
N LEU E 354 -66.75 14.41 -2.12
CA LEU E 354 -67.23 13.90 -0.84
C LEU E 354 -68.73 14.03 -0.73
N ASP E 355 -69.32 14.94 -1.51
CA ASP E 355 -70.77 15.12 -1.47
C ASP E 355 -71.53 14.15 -2.37
N VAL E 356 -70.83 13.26 -3.09
CA VAL E 356 -71.49 12.33 -3.99
C VAL E 356 -71.04 10.90 -3.72
N THR E 357 -70.55 10.62 -2.51
CA THR E 357 -70.08 9.29 -2.14
C THR E 357 -70.79 8.83 -0.87
N THR E 358 -71.14 7.53 -0.84
CA THR E 358 -71.82 6.97 0.31
C THR E 358 -71.33 5.56 0.65
N SER E 359 -70.20 5.13 0.10
CA SER E 359 -69.70 3.78 0.33
C SER E 359 -68.94 3.63 1.64
N GLU E 360 -68.66 4.74 2.33
CA GLU E 360 -68.00 4.78 3.65
C GLU E 360 -66.61 4.16 3.64
N TYR E 361 -66.00 3.98 2.47
CA TYR E 361 -64.59 3.60 2.41
C TYR E 361 -63.77 4.53 1.53
N GLU E 362 -64.35 5.02 0.44
CA GLU E 362 -63.73 6.10 -0.31
C GLU E 362 -63.92 7.44 0.37
N LYS E 363 -64.93 7.54 1.25
CA LYS E 363 -65.18 8.80 1.95
C LYS E 363 -64.05 9.11 2.93
N GLU E 364 -63.50 8.09 3.57
CA GLU E 364 -62.40 8.32 4.50
C GLU E 364 -61.10 8.61 3.75
N LYS E 365 -60.95 8.04 2.55
CA LYS E 365 -59.80 8.38 1.71
C LYS E 365 -59.87 9.83 1.24
N LEU E 366 -61.06 10.28 0.85
CA LEU E 366 -61.23 11.68 0.46
C LEU E 366 -61.05 12.61 1.65
N ASN E 367 -61.50 12.20 2.83
CA ASN E 367 -61.28 13.00 4.04
C ASN E 367 -59.80 13.07 4.39
N GLU E 368 -59.07 11.98 4.21
CA GLU E 368 -57.62 11.98 4.45
C GLU E 368 -56.91 12.87 3.44
N ARG E 369 -57.35 12.86 2.18
CA ARG E 369 -56.77 13.76 1.19
C ARG E 369 -57.06 15.22 1.53
N LEU E 370 -58.27 15.51 2.01
CA LEU E 370 -58.61 16.86 2.42
C LEU E 370 -57.78 17.31 3.62
N ALA E 371 -57.54 16.40 4.58
CA ALA E 371 -56.65 16.72 5.70
C ALA E 371 -55.21 16.85 5.24
N LYS E 372 -54.83 16.17 4.16
CA LYS E 372 -53.50 16.31 3.58
C LYS E 372 -53.33 17.62 2.81
N LEU E 373 -54.43 18.24 2.37
CA LEU E 373 -54.36 19.55 1.74
C LEU E 373 -54.67 20.68 2.72
N SER E 374 -55.68 20.51 3.58
CA SER E 374 -56.07 21.59 4.48
C SER E 374 -55.36 21.47 5.83
N ASP E 375 -55.41 22.56 6.59
CA ASP E 375 -54.76 22.73 7.91
C ASP E 375 -53.27 22.48 7.74
N GLY E 376 -52.75 21.33 8.15
CA GLY E 376 -51.34 21.05 7.94
C GLY E 376 -50.73 20.39 9.15
N VAL E 377 -49.41 20.17 9.05
CA VAL E 377 -48.67 19.44 10.07
C VAL E 377 -48.42 20.33 11.28
N ALA E 378 -47.95 19.71 12.36
CA ALA E 378 -47.50 20.42 13.55
C ALA E 378 -45.99 20.21 13.70
N VAL E 379 -45.30 21.26 14.13
CA VAL E 379 -43.84 21.24 14.26
C VAL E 379 -43.48 21.73 15.66
N LEU E 380 -42.79 20.89 16.42
CA LEU E 380 -42.30 21.25 17.74
C LEU E 380 -40.84 21.65 17.67
N LYS E 381 -40.53 22.84 18.17
CA LYS E 381 -39.16 23.31 18.33
C LYS E 381 -38.77 23.11 19.79
N VAL E 382 -37.64 22.47 20.01
CA VAL E 382 -37.20 22.14 21.36
C VAL E 382 -36.28 23.23 21.88
N GLY E 383 -36.23 23.37 23.21
CA GLY E 383 -35.42 24.38 23.85
C GLY E 383 -34.21 23.81 24.56
N GLY E 384 -33.29 24.70 24.91
CA GLY E 384 -32.05 24.34 25.56
C GLY E 384 -30.93 25.27 25.13
N THR E 385 -29.89 25.34 25.96
CA THR E 385 -28.76 26.22 25.70
C THR E 385 -27.58 25.50 25.07
N SER E 386 -27.61 24.18 25.03
CA SER E 386 -26.56 23.38 24.42
C SER E 386 -27.22 22.21 23.70
N ASP E 387 -26.44 21.57 22.81
CA ASP E 387 -26.98 20.48 22.01
C ASP E 387 -27.27 19.24 22.84
N VAL E 388 -26.60 19.09 24.00
CA VAL E 388 -26.82 17.91 24.81
C VAL E 388 -28.16 17.99 25.54
N GLU E 389 -28.51 19.18 26.05
CA GLU E 389 -29.83 19.38 26.64
C GLU E 389 -30.92 19.27 25.59
N VAL E 390 -30.65 19.77 24.39
CA VAL E 390 -31.60 19.69 23.29
C VAL E 390 -31.88 18.25 22.92
N ASN E 391 -30.84 17.42 22.82
CA ASN E 391 -31.03 16.03 22.45
C ASN E 391 -31.68 15.24 23.58
N GLU E 392 -31.37 15.58 24.83
CA GLU E 392 -31.95 14.85 25.95
C GLU E 392 -33.41 15.22 26.14
N LYS E 393 -33.81 16.44 25.77
CA LYS E 393 -35.22 16.79 25.75
C LYS E 393 -35.94 16.23 24.53
N LYS E 394 -35.23 16.13 23.39
CA LYS E 394 -35.83 15.57 22.18
C LYS E 394 -36.18 14.11 22.35
N ASP E 395 -35.36 13.36 23.08
CA ASP E 395 -35.69 11.96 23.37
C ASP E 395 -37.00 11.84 24.14
N ARG E 396 -37.20 12.71 25.13
CA ARG E 396 -38.43 12.68 25.92
C ARG E 396 -39.63 13.16 25.11
N VAL E 397 -39.43 14.14 24.23
CA VAL E 397 -40.52 14.62 23.38
C VAL E 397 -40.94 13.54 22.40
N THR E 398 -39.97 12.81 21.83
CA THR E 398 -40.29 11.68 20.96
C THR E 398 -41.01 10.57 21.71
N ASP E 399 -40.56 10.29 22.94
CA ASP E 399 -41.23 9.28 23.77
C ASP E 399 -42.68 9.67 24.06
N ALA E 400 -42.91 10.95 24.39
CA ALA E 400 -44.25 11.39 24.72
C ALA E 400 -45.16 11.40 23.51
N LEU E 401 -44.64 11.80 22.34
CA LEU E 401 -45.44 11.74 21.12
C LEU E 401 -45.79 10.30 20.75
N ASN E 402 -44.82 9.38 20.87
CA ASN E 402 -45.08 7.97 20.59
C ASN E 402 -46.12 7.40 21.56
N ALA E 403 -46.03 7.77 22.84
CA ALA E 403 -46.96 7.24 23.82
C ALA E 403 -48.37 7.79 23.64
N THR E 404 -48.49 9.07 23.26
CA THR E 404 -49.83 9.60 22.96
C THR E 404 -50.41 8.97 21.71
N ARG E 405 -49.57 8.69 20.70
CA ARG E 405 -50.06 7.97 19.53
C ARG E 405 -50.54 6.57 19.89
N ALA E 406 -49.80 5.88 20.75
CA ALA E 406 -50.18 4.54 21.16
C ALA E 406 -51.35 4.54 22.13
N ALA E 407 -51.64 5.67 22.78
CA ALA E 407 -52.79 5.75 23.68
C ALA E 407 -54.04 6.19 22.93
N VAL E 408 -53.89 6.93 21.84
CA VAL E 408 -55.01 7.15 20.94
C VAL E 408 -55.37 5.86 20.21
N GLU E 409 -54.35 5.07 19.83
CA GLU E 409 -54.61 3.88 19.02
C GLU E 409 -55.25 2.77 19.83
N GLU E 410 -54.83 2.56 21.08
CA GLU E 410 -55.26 1.39 21.82
C GLU E 410 -55.94 1.70 23.16
N GLY E 411 -55.55 2.79 23.82
CA GLY E 411 -56.14 3.16 25.09
C GLY E 411 -55.09 3.29 26.17
N ILE E 412 -55.54 3.40 27.41
CA ILE E 412 -54.65 3.59 28.54
C ILE E 412 -54.92 2.56 29.63
N VAL E 413 -53.89 2.29 30.42
CA VAL E 413 -53.96 1.47 31.62
C VAL E 413 -53.30 2.23 32.77
N LEU E 414 -53.21 1.60 33.92
CA LEU E 414 -52.56 2.21 35.07
C LEU E 414 -51.05 2.28 34.85
N GLY E 415 -50.43 3.35 35.35
CA GLY E 415 -49.00 3.53 35.24
C GLY E 415 -48.25 3.04 36.46
N GLY E 416 -46.93 3.20 36.40
CA GLY E 416 -46.09 2.80 37.52
C GLY E 416 -45.91 1.31 37.69
N GLY E 417 -46.11 0.53 36.63
CA GLY E 417 -46.02 -0.91 36.74
C GLY E 417 -47.18 -1.57 37.46
N CYS E 418 -48.28 -0.85 37.67
CA CYS E 418 -49.41 -1.42 38.40
C CYS E 418 -50.32 -2.22 37.50
N ALA E 419 -50.35 -1.91 36.19
CA ALA E 419 -51.18 -2.67 35.27
C ALA E 419 -50.64 -4.07 35.04
N LEU E 420 -49.35 -4.29 35.28
CA LEU E 420 -48.81 -5.64 35.31
C LEU E 420 -49.04 -6.30 36.66
N LEU E 421 -49.19 -5.50 37.71
CA LEU E 421 -49.49 -6.06 39.03
C LEU E 421 -50.93 -6.54 39.12
N ARG E 422 -51.83 -5.93 38.36
CA ARG E 422 -53.24 -6.34 38.39
C ARG E 422 -53.53 -7.55 37.53
N CYS E 423 -52.56 -8.06 36.77
CA CYS E 423 -52.75 -9.25 35.94
C CYS E 423 -52.28 -10.53 36.61
N ILE E 424 -51.84 -10.44 37.87
CA ILE E 424 -51.43 -11.65 38.60
C ILE E 424 -52.57 -12.64 38.83
N PRO E 425 -53.79 -12.24 39.24
CA PRO E 425 -54.86 -13.26 39.39
C PRO E 425 -55.23 -13.97 38.09
N ALA E 426 -55.02 -13.34 36.94
CA ALA E 426 -55.21 -14.02 35.66
C ALA E 426 -54.25 -15.19 35.51
N LEU E 427 -53.03 -15.04 36.05
CA LEU E 427 -52.11 -16.18 36.10
C LEU E 427 -52.46 -17.12 37.24
N ASP E 428 -53.12 -16.63 38.28
CA ASP E 428 -53.61 -17.48 39.35
C ASP E 428 -54.85 -18.28 38.95
N SER E 429 -55.42 -18.03 37.78
CA SER E 429 -56.56 -18.79 37.28
C SER E 429 -56.18 -19.71 36.12
N LEU E 430 -54.89 -19.91 35.86
CA LEU E 430 -54.44 -20.79 34.81
C LEU E 430 -54.21 -22.22 35.33
N THR E 431 -54.39 -23.19 34.45
CA THR E 431 -54.11 -24.60 34.76
C THR E 431 -53.00 -25.08 33.83
N PRO E 432 -51.78 -25.26 34.32
CA PRO E 432 -50.68 -25.71 33.46
C PRO E 432 -50.88 -27.14 32.98
N ALA E 433 -50.36 -27.40 31.77
CA ALA E 433 -50.38 -28.76 31.22
C ALA E 433 -49.49 -29.70 32.03
N ASN E 434 -48.25 -29.30 32.26
CA ASN E 434 -47.28 -30.12 32.99
C ASN E 434 -46.47 -29.21 33.89
N GLU E 435 -45.38 -29.75 34.44
CA GLU E 435 -44.64 -29.04 35.48
C GLU E 435 -43.79 -27.91 34.90
N ASP E 436 -43.20 -28.12 33.72
CA ASP E 436 -42.39 -27.08 33.09
C ASP E 436 -43.22 -25.88 32.66
N GLN E 437 -44.45 -26.12 32.20
CA GLN E 437 -45.35 -25.02 31.91
C GLN E 437 -45.72 -24.25 33.17
N LYS E 438 -45.89 -24.98 34.29
CA LYS E 438 -46.11 -24.33 35.59
C LYS E 438 -44.90 -23.48 35.98
N ILE E 439 -43.70 -23.97 35.70
CA ILE E 439 -42.48 -23.21 35.97
C ILE E 439 -42.46 -21.92 35.15
N GLY E 440 -42.85 -22.01 33.88
CA GLY E 440 -42.91 -20.82 33.05
C GLY E 440 -43.95 -19.81 33.51
N ILE E 441 -45.13 -20.29 33.93
CA ILE E 441 -46.16 -19.42 34.47
C ILE E 441 -45.68 -18.74 35.75
N GLU E 442 -45.01 -19.49 36.63
CA GLU E 442 -44.46 -18.91 37.85
C GLU E 442 -43.38 -17.88 37.55
N ILE E 443 -42.57 -18.12 36.52
CA ILE E 443 -41.55 -17.16 36.10
C ILE E 443 -42.20 -15.85 35.66
N ILE E 444 -43.24 -15.96 34.83
CA ILE E 444 -43.93 -14.75 34.37
C ILE E 444 -44.66 -14.06 35.52
N LYS E 445 -45.17 -14.83 36.48
CA LYS E 445 -45.84 -14.26 37.65
C LYS E 445 -44.85 -13.48 38.52
N ARG E 446 -43.64 -13.99 38.67
CA ARG E 446 -42.61 -13.25 39.42
C ARG E 446 -42.11 -12.05 38.61
N THR E 447 -42.18 -12.13 37.29
CA THR E 447 -41.72 -11.04 36.44
C THR E 447 -42.65 -9.83 36.47
N LEU E 448 -43.92 -10.01 36.83
CA LEU E 448 -44.88 -8.92 36.74
C LEU E 448 -44.77 -7.92 37.86
N LYS E 449 -43.92 -8.17 38.87
CA LYS E 449 -43.66 -7.21 39.93
C LYS E 449 -42.44 -6.34 39.67
N ILE E 450 -41.65 -6.68 38.65
CA ILE E 450 -40.35 -6.07 38.37
C ILE E 450 -40.42 -4.59 37.98
N PRO E 451 -41.32 -4.12 37.09
CA PRO E 451 -41.31 -2.68 36.77
C PRO E 451 -41.65 -1.77 37.94
N ALA E 452 -42.64 -2.15 38.76
CA ALA E 452 -42.97 -1.36 39.94
C ALA E 452 -41.84 -1.39 40.96
N MET E 453 -41.19 -2.54 41.11
CA MET E 453 -40.03 -2.64 42.01
C MET E 453 -38.88 -1.76 41.53
N THR E 454 -38.63 -1.73 40.22
CA THR E 454 -37.55 -0.91 39.69
C THR E 454 -37.84 0.57 39.85
N ILE E 455 -39.10 0.97 39.59
CA ILE E 455 -39.53 2.36 39.78
C ILE E 455 -39.36 2.77 41.24
N ALA E 456 -39.86 1.95 42.17
CA ALA E 456 -39.72 2.25 43.59
C ALA E 456 -38.27 2.24 44.05
N LYS E 457 -37.43 1.35 43.50
CA LYS E 457 -36.03 1.28 43.90
C LYS E 457 -35.26 2.50 43.43
N ASN E 458 -35.58 3.00 42.23
CA ASN E 458 -34.98 4.25 41.77
C ASN E 458 -35.44 5.45 42.59
N ALA E 459 -36.52 5.32 43.35
CA ALA E 459 -37.01 6.39 44.21
C ALA E 459 -36.47 6.31 45.63
N GLY E 460 -35.53 5.42 45.90
CA GLY E 460 -34.88 5.36 47.19
C GLY E 460 -35.60 4.58 48.27
N VAL E 461 -36.64 3.83 47.93
CA VAL E 461 -37.37 3.03 48.90
C VAL E 461 -37.27 1.56 48.51
N GLU E 462 -37.67 0.69 49.44
CA GLU E 462 -37.65 -0.74 49.19
C GLU E 462 -38.88 -1.14 48.37
N GLY E 463 -38.64 -1.66 47.17
CA GLY E 463 -39.73 -1.89 46.22
C GLY E 463 -40.62 -3.07 46.56
N SER E 464 -40.15 -4.00 47.37
CA SER E 464 -40.96 -5.17 47.68
C SER E 464 -42.10 -4.82 48.63
N LEU E 465 -41.84 -3.94 49.60
CA LEU E 465 -42.89 -3.45 50.47
C LEU E 465 -43.92 -2.62 49.70
N ILE E 466 -43.43 -1.81 48.76
CA ILE E 466 -44.31 -1.03 47.89
C ILE E 466 -45.23 -1.93 47.09
N VAL E 467 -44.66 -2.95 46.43
CA VAL E 467 -45.46 -3.86 45.61
C VAL E 467 -46.43 -4.65 46.47
N GLU E 468 -46.01 -5.04 47.69
CA GLU E 468 -46.91 -5.71 48.62
C GLU E 468 -48.09 -4.83 48.99
N LYS E 469 -47.84 -3.55 49.29
CA LYS E 469 -48.94 -2.65 49.65
C LYS E 469 -49.83 -2.33 48.46
N ILE E 470 -49.28 -2.32 47.25
CA ILE E 470 -50.13 -2.13 46.07
C ILE E 470 -51.02 -3.35 45.87
N MET E 471 -50.50 -4.55 46.13
CA MET E 471 -51.30 -5.76 45.92
C MET E 471 -52.33 -5.96 47.02
N GLN E 472 -52.15 -5.36 48.19
CA GLN E 472 -53.15 -5.39 49.25
C GLN E 472 -54.20 -4.30 49.09
N SER E 473 -53.98 -3.32 48.23
CA SER E 473 -54.88 -2.19 48.09
C SER E 473 -55.99 -2.49 47.09
N SER E 474 -56.83 -1.50 46.82
CA SER E 474 -57.88 -1.64 45.83
C SER E 474 -57.29 -1.54 44.42
N SER E 475 -58.14 -1.82 43.43
CA SER E 475 -57.68 -1.89 42.04
C SER E 475 -57.27 -0.54 41.48
N GLU E 476 -57.73 0.56 42.07
CA GLU E 476 -57.40 1.90 41.60
C GLU E 476 -56.28 2.57 42.38
N VAL E 477 -55.70 1.89 43.37
CA VAL E 477 -54.67 2.48 44.21
C VAL E 477 -53.31 1.93 43.78
N GLY E 478 -52.37 2.83 43.50
CA GLY E 478 -51.01 2.47 43.21
C GLY E 478 -50.04 3.45 43.83
N TYR E 479 -48.76 3.18 43.66
CA TYR E 479 -47.72 4.03 44.22
C TYR E 479 -47.40 5.17 43.27
N ASP E 480 -47.26 6.37 43.83
CA ASP E 480 -46.78 7.52 43.09
C ASP E 480 -45.38 7.80 43.60
N ALA E 481 -44.38 7.36 42.83
CA ALA E 481 -42.99 7.47 43.26
C ALA E 481 -42.45 8.89 43.21
N MET E 482 -43.14 9.80 42.50
CA MET E 482 -42.75 11.19 42.50
C MET E 482 -42.93 11.81 43.89
N ALA E 483 -44.11 11.66 44.47
CA ALA E 483 -44.39 12.23 45.79
C ALA E 483 -44.23 11.22 46.91
N GLY E 484 -44.00 9.95 46.60
CA GLY E 484 -43.85 8.93 47.63
C GLY E 484 -45.12 8.62 48.39
N ASP E 485 -46.27 8.58 47.71
CA ASP E 485 -47.55 8.36 48.36
C ASP E 485 -48.38 7.41 47.50
N PHE E 486 -49.27 6.67 48.16
CA PHE E 486 -50.17 5.75 47.49
C PHE E 486 -51.46 6.49 47.16
N VAL E 487 -51.75 6.63 45.87
CA VAL E 487 -52.81 7.51 45.39
C VAL E 487 -53.69 6.76 44.40
N ASN E 488 -54.77 7.42 43.99
CA ASN E 488 -55.57 6.98 42.85
C ASN E 488 -54.83 7.38 41.58
N MET E 489 -54.42 6.39 40.79
CA MET E 489 -53.53 6.64 39.66
C MET E 489 -54.24 7.26 38.47
N VAL E 490 -55.57 7.12 38.37
CA VAL E 490 -56.28 7.68 37.23
C VAL E 490 -56.50 9.17 37.41
N GLU E 491 -56.98 9.59 38.58
CA GLU E 491 -57.24 11.00 38.83
C GLU E 491 -55.96 11.79 39.05
N LYS E 492 -54.86 11.13 39.39
CA LYS E 492 -53.57 11.80 39.48
C LYS E 492 -52.85 11.88 38.15
N GLY E 493 -53.24 11.07 37.17
CA GLY E 493 -52.71 11.15 35.84
C GLY E 493 -51.59 10.19 35.50
N ILE E 494 -51.22 9.30 36.41
CA ILE E 494 -50.15 8.35 36.15
C ILE E 494 -50.70 7.18 35.37
N ILE E 495 -50.69 7.29 34.05
CA ILE E 495 -51.28 6.30 33.16
C ILE E 495 -50.29 5.96 32.06
N ASP E 496 -50.40 4.74 31.54
CA ASP E 496 -49.56 4.25 30.46
C ASP E 496 -50.44 3.75 29.32
N PRO E 497 -49.96 3.86 28.07
CA PRO E 497 -50.68 3.21 26.97
C PRO E 497 -50.63 1.70 27.09
N THR E 498 -51.73 1.05 26.69
CA THR E 498 -51.81 -0.40 26.76
C THR E 498 -50.85 -1.05 25.77
N LYS E 499 -50.72 -0.44 24.58
CA LYS E 499 -49.87 -0.98 23.52
C LYS E 499 -48.41 -1.04 23.96
N VAL E 500 -47.94 0.00 24.64
CA VAL E 500 -46.56 0.05 25.12
C VAL E 500 -46.29 -1.09 26.10
N VAL E 501 -47.22 -1.29 27.04
CA VAL E 501 -47.04 -2.31 28.08
C VAL E 501 -47.04 -3.71 27.47
N ARG E 502 -48.01 -4.00 26.60
CA ARG E 502 -48.08 -5.34 26.01
C ARG E 502 -46.91 -5.58 25.04
N THR E 503 -46.47 -4.54 24.32
CA THR E 503 -45.32 -4.67 23.43
C THR E 503 -44.05 -4.97 24.22
N ALA E 504 -43.83 -4.24 25.32
CA ALA E 504 -42.66 -4.48 26.16
C ALA E 504 -42.67 -5.88 26.74
N LEU E 505 -43.83 -6.33 27.25
CA LEU E 505 -43.91 -7.65 27.86
C LEU E 505 -43.69 -8.76 26.84
N LEU E 506 -44.35 -8.67 25.68
CA LEU E 506 -44.20 -9.71 24.66
C LEU E 506 -42.78 -9.76 24.09
N ASP E 507 -42.21 -8.58 23.78
CA ASP E 507 -40.87 -8.54 23.22
C ASP E 507 -39.82 -8.99 24.22
N ALA E 508 -40.03 -8.75 25.52
CA ALA E 508 -39.13 -9.28 26.51
C ALA E 508 -39.26 -10.80 26.63
N ALA E 509 -40.50 -11.29 26.66
CA ALA E 509 -40.76 -12.68 26.94
C ALA E 509 -40.23 -13.59 25.84
N GLY E 510 -40.46 -13.21 24.57
CA GLY E 510 -40.01 -14.06 23.47
C GLY E 510 -38.51 -14.28 23.46
N VAL E 511 -37.75 -13.19 23.56
CA VAL E 511 -36.30 -13.30 23.46
C VAL E 511 -35.71 -13.92 24.72
N ALA E 512 -36.26 -13.60 25.90
CA ALA E 512 -35.69 -14.16 27.12
C ALA E 512 -36.02 -15.64 27.27
N SER E 513 -37.24 -16.05 26.90
CA SER E 513 -37.58 -17.45 26.95
C SER E 513 -36.90 -18.26 25.85
N LEU E 514 -36.48 -17.63 24.75
CA LEU E 514 -35.64 -18.35 23.81
C LEU E 514 -34.19 -18.43 24.30
N LEU E 515 -33.72 -17.40 25.02
CA LEU E 515 -32.38 -17.43 25.60
C LEU E 515 -32.26 -18.49 26.69
N THR E 516 -33.33 -18.72 27.44
CA THR E 516 -33.26 -19.68 28.53
C THR E 516 -33.41 -21.13 28.08
N THR E 517 -33.38 -21.40 26.77
CA THR E 517 -33.45 -22.75 26.22
C THR E 517 -32.10 -23.26 25.74
N ALA E 518 -31.01 -22.62 26.13
CA ALA E 518 -29.71 -22.85 25.53
C ALA E 518 -28.81 -23.67 26.44
N GLU E 519 -28.30 -24.79 25.92
CA GLU E 519 -27.30 -25.59 26.61
C GLU E 519 -25.88 -25.34 26.13
N VAL E 520 -25.70 -24.96 24.86
CA VAL E 520 -24.38 -24.80 24.25
C VAL E 520 -24.30 -23.42 23.63
N VAL E 521 -23.21 -22.71 23.91
CA VAL E 521 -22.95 -21.39 23.34
C VAL E 521 -21.63 -21.46 22.58
N VAL E 522 -21.66 -21.08 21.31
CA VAL E 522 -20.50 -21.13 20.43
C VAL E 522 -20.10 -19.70 20.07
N THR E 523 -18.88 -19.33 20.40
CA THR E 523 -18.32 -18.01 20.10
C THR E 523 -17.05 -18.16 19.28
N GLU E 524 -16.51 -17.03 18.84
CA GLU E 524 -15.28 -17.01 18.07
C GLU E 524 -14.09 -16.77 18.99
N ILE E 525 -12.95 -17.32 18.60
CA ILE E 525 -11.70 -17.06 19.34
C ILE E 525 -11.27 -15.62 19.07
N PRO E 526 -11.08 -14.80 20.10
CA PRO E 526 -10.63 -13.42 19.87
C PRO E 526 -9.20 -13.37 19.38
N LYS E 527 -8.97 -12.49 18.40
CA LYS E 527 -7.65 -12.35 17.80
C LYS E 527 -6.91 -11.14 18.35
N GLY F 1 3.82 -27.16 -0.23
CA GLY F 1 4.85 -26.15 -0.07
C GLY F 1 5.09 -25.76 1.38
N SER F 2 4.00 -25.66 2.14
CA SER F 2 4.10 -25.29 3.54
C SER F 2 4.63 -26.46 4.36
N ALA F 3 5.27 -26.13 5.49
CA ALA F 3 5.79 -27.16 6.38
C ALA F 3 4.65 -27.88 7.08
N LYS F 4 4.87 -29.17 7.35
CA LYS F 4 3.81 -30.05 7.83
C LYS F 4 4.19 -30.70 9.15
N ASP F 5 3.18 -31.00 9.95
CA ASP F 5 3.33 -31.80 11.16
C ASP F 5 2.64 -33.14 10.94
N VAL F 6 3.37 -34.23 11.21
CA VAL F 6 2.89 -35.58 10.95
C VAL F 6 2.80 -36.33 12.27
N LYS F 7 1.62 -36.89 12.56
CA LYS F 7 1.40 -37.71 13.73
C LYS F 7 1.03 -39.13 13.31
N PHE F 8 1.35 -40.08 14.19
CA PHE F 8 1.23 -41.51 13.90
C PHE F 8 0.37 -42.18 14.96
N GLY F 9 -0.32 -43.24 14.56
CA GLY F 9 -0.92 -44.16 15.52
C GLY F 9 -2.09 -43.58 16.28
N ALA F 10 -2.12 -43.85 17.58
CA ALA F 10 -3.28 -43.56 18.40
C ALA F 10 -3.29 -42.15 18.97
N ASP F 11 -2.20 -41.40 18.85
CA ASP F 11 -2.21 -40.00 19.28
C ASP F 11 -3.03 -39.14 18.33
N ALA F 12 -2.80 -39.31 17.03
CA ALA F 12 -3.59 -38.61 16.02
C ALA F 12 -5.05 -39.05 16.05
N ARG F 13 -5.28 -40.35 16.25
CA ARG F 13 -6.64 -40.86 16.37
C ARG F 13 -7.34 -40.32 17.61
N ALA F 14 -6.60 -40.19 18.72
CA ALA F 14 -7.17 -39.62 19.94
C ALA F 14 -7.53 -38.15 19.75
N LEU F 15 -6.66 -37.39 19.09
CA LEU F 15 -6.96 -35.98 18.83
C LEU F 15 -8.15 -35.82 17.88
N MET F 16 -8.23 -36.68 16.86
CA MET F 16 -9.36 -36.65 15.93
C MET F 16 -10.67 -37.00 16.63
N LEU F 17 -10.66 -38.09 17.40
CA LEU F 17 -11.77 -38.43 18.30
C LEU F 17 -12.15 -37.26 19.21
N GLN F 18 -11.18 -36.50 19.71
CA GLN F 18 -11.49 -35.35 20.57
C GLN F 18 -12.27 -34.28 19.81
N GLY F 19 -11.85 -33.99 18.58
CA GLY F 19 -12.62 -33.05 17.75
C GLY F 19 -14.02 -33.55 17.43
N VAL F 20 -14.11 -34.84 17.07
CA VAL F 20 -15.41 -35.48 16.79
C VAL F 20 -16.31 -35.40 18.01
N ASP F 21 -15.75 -35.68 19.19
CA ASP F 21 -16.52 -35.70 20.42
C ASP F 21 -16.97 -34.30 20.82
N LEU F 22 -16.14 -33.28 20.57
CA LEU F 22 -16.56 -31.91 20.89
C LEU F 22 -17.72 -31.47 20.01
N LEU F 23 -17.60 -31.68 18.68
CA LEU F 23 -18.67 -31.26 17.78
C LEU F 23 -19.94 -32.08 18.02
N ALA F 24 -19.82 -33.38 18.26
CA ALA F 24 -21.00 -34.19 18.47
C ALA F 24 -21.61 -33.98 19.85
N ASP F 25 -20.82 -33.62 20.86
CA ASP F 25 -21.40 -33.24 22.15
C ASP F 25 -22.16 -31.93 22.05
N ALA F 26 -21.68 -30.99 21.24
CA ALA F 26 -22.45 -29.78 21.00
C ALA F 26 -23.72 -30.07 20.22
N VAL F 27 -23.69 -31.02 19.30
CA VAL F 27 -24.88 -31.31 18.49
C VAL F 27 -25.90 -32.16 19.26
N ALA F 28 -25.44 -33.08 20.12
CA ALA F 28 -26.33 -34.06 20.74
C ALA F 28 -27.25 -33.48 21.78
N VAL F 29 -26.99 -32.26 22.26
CA VAL F 29 -27.90 -31.64 23.21
C VAL F 29 -29.21 -31.22 22.57
N THR F 30 -29.25 -31.14 21.24
CA THR F 30 -30.41 -30.71 20.49
C THR F 30 -31.39 -31.83 20.18
N MET F 31 -31.04 -33.07 20.51
CA MET F 31 -31.78 -34.23 20.01
C MET F 31 -33.04 -34.50 20.83
N GLY F 32 -34.17 -34.58 20.13
CA GLY F 32 -35.39 -35.12 20.68
C GLY F 32 -36.39 -34.05 21.10
N PRO F 33 -37.44 -34.47 21.83
CA PRO F 33 -38.43 -33.49 22.30
C PRO F 33 -38.03 -32.83 23.62
N LYS F 34 -37.04 -33.37 24.31
CA LYS F 34 -36.41 -32.73 25.45
C LYS F 34 -35.08 -32.09 25.07
N GLY F 35 -34.84 -31.88 23.78
CA GLY F 35 -33.62 -31.25 23.35
C GLY F 35 -33.62 -29.76 23.61
N ARG F 36 -32.41 -29.23 23.77
CA ARG F 36 -32.18 -27.83 24.09
C ARG F 36 -31.53 -27.15 22.89
N THR F 37 -31.45 -25.82 22.94
CA THR F 37 -30.98 -25.08 21.78
C THR F 37 -29.50 -24.73 21.94
N VAL F 38 -28.92 -24.23 20.84
CA VAL F 38 -27.52 -23.84 20.77
C VAL F 38 -27.47 -22.41 20.25
N ILE F 39 -26.76 -21.54 20.98
CA ILE F 39 -26.58 -20.15 20.57
C ILE F 39 -25.25 -20.02 19.86
N ILE F 40 -25.26 -19.50 18.64
CA ILE F 40 -24.08 -19.31 17.81
C ILE F 40 -23.89 -17.83 17.59
N GLU F 41 -22.70 -17.33 17.91
CA GLU F 41 -22.38 -15.93 17.68
C GLU F 41 -22.29 -15.63 16.18
N GLN F 42 -22.97 -14.58 15.75
CA GLN F 42 -22.89 -14.08 14.38
C GLN F 42 -22.01 -12.85 14.36
N SER F 43 -21.13 -12.76 13.36
CA SER F 43 -20.15 -11.68 13.32
C SER F 43 -20.79 -10.33 13.02
N TRP F 44 -21.84 -10.31 12.20
CA TRP F 44 -22.44 -9.03 11.84
C TRP F 44 -23.36 -8.50 12.95
N GLY F 45 -24.39 -9.26 13.31
CA GLY F 45 -25.36 -8.76 14.26
C GLY F 45 -25.77 -9.71 15.36
N SER F 46 -27.08 -9.91 15.50
CA SER F 46 -27.64 -10.67 16.60
C SER F 46 -27.27 -12.15 16.50
N PRO F 47 -27.00 -12.81 17.62
CA PRO F 47 -26.62 -14.22 17.59
C PRO F 47 -27.78 -15.12 17.20
N LYS F 48 -27.42 -16.29 16.68
CA LYS F 48 -28.38 -17.26 16.17
C LYS F 48 -28.66 -18.33 17.22
N VAL F 49 -29.94 -18.53 17.52
CA VAL F 49 -30.37 -19.61 18.40
C VAL F 49 -30.98 -20.70 17.53
N THR F 50 -30.48 -21.92 17.67
CA THR F 50 -30.87 -22.99 16.76
C THR F 50 -30.97 -24.32 17.51
N LYS F 51 -31.74 -25.23 16.92
CA LYS F 51 -31.82 -26.62 17.33
C LYS F 51 -31.43 -27.56 16.21
N ASP F 52 -31.28 -27.06 14.98
CA ASP F 52 -30.87 -27.88 13.85
C ASP F 52 -29.43 -28.33 14.04
N GLY F 53 -29.20 -29.64 13.89
CA GLY F 53 -27.88 -30.19 14.14
C GLY F 53 -26.83 -29.77 13.12
N VAL F 54 -27.23 -29.64 11.86
CA VAL F 54 -26.28 -29.25 10.81
C VAL F 54 -25.84 -27.80 10.99
N THR F 55 -26.70 -26.95 11.57
CA THR F 55 -26.31 -25.56 11.80
C THR F 55 -25.30 -25.46 12.94
N VAL F 56 -25.43 -26.32 13.94
CA VAL F 56 -24.44 -26.40 15.01
C VAL F 56 -23.13 -26.97 14.48
N ALA F 57 -23.22 -27.99 13.62
CA ALA F 57 -22.03 -28.64 13.08
C ALA F 57 -21.23 -27.69 12.20
N LYS F 58 -21.90 -26.97 11.30
CA LYS F 58 -21.20 -26.06 10.39
C LYS F 58 -20.59 -24.86 11.10
N SER F 59 -21.05 -24.53 12.30
CA SER F 59 -20.60 -23.36 13.01
C SER F 59 -19.36 -23.61 13.87
N ILE F 60 -18.87 -24.83 13.93
CA ILE F 60 -17.80 -25.21 14.86
C ILE F 60 -16.54 -25.52 14.07
N ASP F 61 -15.48 -24.76 14.35
CA ASP F 61 -14.14 -25.04 13.85
C ASP F 61 -13.17 -24.87 15.01
N LEU F 62 -12.07 -25.61 14.97
CA LEU F 62 -11.15 -25.66 16.10
C LEU F 62 -9.77 -25.17 15.69
N LYS F 63 -9.05 -24.64 16.69
CA LYS F 63 -7.68 -24.17 16.46
C LYS F 63 -6.73 -25.32 16.20
N ASP F 64 -6.85 -26.41 16.97
CA ASP F 64 -6.04 -27.59 16.74
C ASP F 64 -6.45 -28.24 15.42
N LYS F 65 -5.46 -28.49 14.55
CA LYS F 65 -5.76 -29.02 13.23
C LYS F 65 -6.22 -30.47 13.29
N TYR F 66 -5.66 -31.26 14.20
CA TYR F 66 -6.01 -32.68 14.29
C TYR F 66 -7.44 -32.85 14.80
N LYS F 67 -7.86 -32.02 15.73
CA LYS F 67 -9.26 -32.03 16.16
C LYS F 67 -10.17 -31.47 15.07
N ASN F 68 -9.69 -30.47 14.34
CA ASN F 68 -10.49 -29.84 13.28
C ASN F 68 -10.72 -30.78 12.11
N ILE F 69 -9.83 -31.74 11.86
CA ILE F 69 -10.08 -32.74 10.83
C ILE F 69 -11.29 -33.60 11.16
N GLY F 70 -11.37 -34.06 12.42
CA GLY F 70 -12.53 -34.83 12.82
C GLY F 70 -13.79 -33.98 12.86
N ALA F 71 -13.66 -32.72 13.27
CA ALA F 71 -14.80 -31.80 13.22
C ALA F 71 -15.31 -31.61 11.79
N LYS F 72 -14.39 -31.45 10.83
CA LYS F 72 -14.78 -31.30 9.44
C LYS F 72 -15.39 -32.58 8.87
N LEU F 73 -14.94 -33.75 9.32
CA LEU F 73 -15.53 -34.99 8.82
C LEU F 73 -16.96 -35.18 9.34
N VAL F 74 -17.20 -34.89 10.63
CA VAL F 74 -18.56 -34.97 11.13
C VAL F 74 -19.43 -33.86 10.53
N GLN F 75 -18.82 -32.71 10.21
CA GLN F 75 -19.52 -31.67 9.46
C GLN F 75 -19.91 -32.15 8.07
N ASP F 76 -19.06 -32.96 7.44
CA ASP F 76 -19.41 -33.58 6.16
C ASP F 76 -20.57 -34.53 6.30
N VAL F 77 -20.60 -35.29 7.40
CA VAL F 77 -21.74 -36.18 7.68
C VAL F 77 -23.04 -35.38 7.79
N ALA F 78 -23.02 -34.31 8.59
CA ALA F 78 -24.21 -33.50 8.80
C ALA F 78 -24.64 -32.81 7.51
N ASN F 79 -23.67 -32.33 6.71
CA ASN F 79 -23.99 -31.67 5.46
C ASN F 79 -24.60 -32.65 4.45
N ASN F 80 -24.06 -33.87 4.37
CA ASN F 80 -24.63 -34.87 3.47
C ASN F 80 -26.04 -35.24 3.90
N THR F 81 -26.27 -35.42 5.19
CA THR F 81 -27.62 -35.77 5.65
C THR F 81 -28.59 -34.62 5.43
N ASN F 82 -28.13 -33.37 5.55
CA ASN F 82 -28.99 -32.23 5.27
C ASN F 82 -29.27 -32.11 3.77
N GLU F 83 -28.31 -32.49 2.93
CA GLU F 83 -28.48 -32.34 1.49
C GLU F 83 -29.40 -33.41 0.91
N GLU F 84 -29.10 -34.69 1.18
CA GLU F 84 -29.92 -35.76 0.62
C GLU F 84 -31.28 -35.90 1.29
N ALA F 85 -31.39 -35.58 2.59
CA ALA F 85 -32.63 -35.81 3.31
C ALA F 85 -33.31 -34.53 3.79
N GLY F 86 -32.56 -33.56 4.28
CA GLY F 86 -33.13 -32.37 4.86
C GLY F 86 -33.50 -32.49 6.32
N ASP F 87 -33.25 -33.63 6.93
CA ASP F 87 -33.58 -33.87 8.34
C ASP F 87 -32.71 -35.02 8.82
N GLY F 88 -32.69 -35.20 10.15
CA GLY F 88 -31.92 -36.29 10.73
C GLY F 88 -30.43 -36.05 10.83
N THR F 89 -29.99 -34.80 10.84
CA THR F 89 -28.57 -34.51 10.90
C THR F 89 -27.97 -34.73 12.28
N THR F 90 -28.75 -34.47 13.34
CA THR F 90 -28.31 -34.78 14.69
C THR F 90 -28.13 -36.28 14.89
N THR F 91 -29.06 -37.07 14.33
CA THR F 91 -28.97 -38.53 14.40
C THR F 91 -27.74 -39.02 13.64
N ALA F 92 -27.50 -38.47 12.46
CA ALA F 92 -26.30 -38.83 11.70
C ALA F 92 -25.03 -38.45 12.44
N THR F 93 -25.05 -37.31 13.13
CA THR F 93 -23.87 -36.88 13.89
C THR F 93 -23.57 -37.83 15.05
N VAL F 94 -24.59 -38.21 15.81
CA VAL F 94 -24.32 -39.12 16.94
C VAL F 94 -23.99 -40.52 16.45
N LEU F 95 -24.58 -40.97 15.34
CA LEU F 95 -24.20 -42.26 14.76
C LEU F 95 -22.75 -42.25 14.28
N ALA F 96 -22.32 -41.15 13.64
CA ALA F 96 -20.95 -41.03 13.17
C ALA F 96 -19.97 -41.00 14.34
N ARG F 97 -20.32 -40.29 15.42
CA ARG F 97 -19.49 -40.34 16.63
C ARG F 97 -19.37 -41.76 17.16
N SER F 98 -20.49 -42.48 17.22
CA SER F 98 -20.47 -43.84 17.76
C SER F 98 -19.61 -44.76 16.91
N ILE F 99 -19.74 -44.68 15.58
CA ILE F 99 -18.93 -45.55 14.71
C ILE F 99 -17.46 -45.18 14.80
N ALA F 100 -17.14 -43.88 14.84
CA ALA F 100 -15.74 -43.46 14.96
C ALA F 100 -15.13 -43.90 16.29
N LYS F 101 -15.89 -43.78 17.38
CA LYS F 101 -15.39 -44.17 18.70
C LYS F 101 -15.19 -45.68 18.79
N GLU F 102 -16.17 -46.46 18.36
CA GLU F 102 -16.05 -47.91 18.43
C GLU F 102 -15.06 -48.46 17.41
N GLY F 103 -14.75 -47.72 16.35
CA GLY F 103 -13.73 -48.15 15.42
C GLY F 103 -12.34 -47.81 15.90
N PHE F 104 -12.16 -46.64 16.52
CA PHE F 104 -10.88 -46.32 17.14
C PHE F 104 -10.60 -47.24 18.33
N GLU F 105 -11.64 -47.70 19.03
CA GLU F 105 -11.43 -48.55 20.20
C GLU F 105 -10.99 -49.96 19.82
N LYS F 106 -11.14 -50.35 18.55
CA LYS F 106 -10.87 -51.72 18.15
C LYS F 106 -9.71 -51.85 17.17
N ILE F 107 -8.89 -50.81 17.03
CA ILE F 107 -7.73 -50.88 16.16
C ILE F 107 -6.54 -51.42 16.96
N SER F 108 -5.99 -52.54 16.49
CA SER F 108 -4.83 -53.16 17.12
C SER F 108 -3.78 -53.46 16.05
N LYS F 109 -2.73 -54.21 16.43
CA LYS F 109 -1.67 -54.54 15.48
C LYS F 109 -2.15 -55.53 14.42
N GLY F 110 -2.85 -56.58 14.85
CA GLY F 110 -3.38 -57.58 13.95
C GLY F 110 -4.69 -57.25 13.29
N ALA F 111 -5.23 -56.06 13.52
CA ALA F 111 -6.53 -55.67 12.98
C ALA F 111 -6.37 -55.01 11.62
N ASN F 112 -7.30 -55.31 10.71
CA ASN F 112 -7.38 -54.65 9.42
C ASN F 112 -8.57 -53.71 9.42
N PRO F 113 -8.35 -52.39 9.58
CA PRO F 113 -9.49 -51.46 9.58
C PRO F 113 -10.25 -51.38 8.25
N VAL F 114 -9.66 -51.84 7.14
CA VAL F 114 -10.36 -51.79 5.86
C VAL F 114 -11.38 -52.92 5.77
N GLU F 115 -11.06 -54.08 6.33
CA GLU F 115 -12.07 -55.14 6.43
C GLU F 115 -13.09 -54.83 7.52
N ILE F 116 -12.70 -54.05 8.54
CA ILE F 116 -13.68 -53.54 9.49
C ILE F 116 -14.65 -52.60 8.80
N ARG F 117 -14.15 -51.76 7.90
CA ARG F 117 -15.01 -50.88 7.11
C ARG F 117 -15.92 -51.69 6.19
N ARG F 118 -15.41 -52.77 5.62
CA ARG F 118 -16.24 -53.64 4.78
C ARG F 118 -17.36 -54.29 5.59
N GLY F 119 -17.04 -54.80 6.77
CA GLY F 119 -18.06 -55.32 7.68
C GLY F 119 -19.08 -54.27 8.07
N VAL F 120 -18.61 -53.05 8.35
CA VAL F 120 -19.49 -51.94 8.71
C VAL F 120 -20.48 -51.66 7.59
N MET F 121 -19.99 -51.59 6.35
CA MET F 121 -20.89 -51.27 5.24
C MET F 121 -21.83 -52.43 4.92
N LEU F 122 -21.37 -53.67 5.09
CA LEU F 122 -22.25 -54.83 4.93
C LEU F 122 -23.37 -54.81 5.96
N ALA F 123 -23.05 -54.48 7.21
CA ALA F 123 -24.06 -54.44 8.27
C ALA F 123 -25.04 -53.29 8.03
N VAL F 124 -24.55 -52.14 7.55
CA VAL F 124 -25.43 -51.03 7.23
C VAL F 124 -26.34 -51.37 6.05
N ASP F 125 -25.84 -52.14 5.08
CA ASP F 125 -26.70 -52.60 3.99
C ASP F 125 -27.80 -53.53 4.51
N ALA F 126 -27.45 -54.44 5.42
CA ALA F 126 -28.46 -55.28 6.08
C ALA F 126 -29.51 -54.46 6.81
N VAL F 127 -29.07 -53.47 7.60
CA VAL F 127 -30.00 -52.65 8.38
C VAL F 127 -30.88 -51.79 7.46
N ILE F 128 -30.35 -51.35 6.32
CA ILE F 128 -31.15 -50.55 5.40
C ILE F 128 -32.17 -51.43 4.68
N ALA F 129 -31.79 -52.69 4.38
CA ALA F 129 -32.77 -53.63 3.86
C ALA F 129 -33.89 -53.91 4.86
N GLU F 130 -33.54 -54.01 6.14
CA GLU F 130 -34.57 -54.25 7.15
C GLU F 130 -35.43 -53.00 7.39
N LEU F 131 -34.85 -51.81 7.23
CA LEU F 131 -35.63 -50.58 7.30
C LEU F 131 -36.61 -50.48 6.14
N LYS F 132 -36.19 -50.87 4.94
CA LYS F 132 -37.11 -50.88 3.80
C LYS F 132 -38.15 -51.99 3.94
N LYS F 133 -37.83 -53.03 4.71
CA LYS F 133 -38.84 -54.05 4.99
C LYS F 133 -39.88 -53.55 5.98
N GLN F 134 -39.45 -52.88 7.05
CA GLN F 134 -40.35 -52.41 8.10
C GLN F 134 -41.16 -51.18 7.69
N SER F 135 -40.81 -50.51 6.59
CA SER F 135 -41.46 -49.26 6.24
C SER F 135 -42.90 -49.48 5.79
N LYS F 136 -43.78 -48.56 6.18
CA LYS F 136 -45.17 -48.59 5.77
C LYS F 136 -45.54 -47.31 5.03
N PRO F 137 -46.39 -47.39 4.00
CA PRO F 137 -46.73 -46.19 3.24
C PRO F 137 -47.70 -45.28 3.98
N VAL F 138 -47.45 -43.98 3.89
CA VAL F 138 -48.33 -42.97 4.48
C VAL F 138 -49.59 -42.90 3.62
N THR F 139 -50.74 -43.23 4.23
CA THR F 139 -52.00 -43.30 3.48
C THR F 139 -53.10 -42.46 4.11
N THR F 140 -52.78 -41.65 5.13
CA THR F 140 -53.77 -40.75 5.72
C THR F 140 -53.11 -39.41 5.96
N PRO F 141 -53.83 -38.29 5.81
CA PRO F 141 -53.26 -36.99 6.18
C PRO F 141 -53.01 -36.82 7.67
N GLU F 142 -53.61 -37.68 8.51
CA GLU F 142 -53.28 -37.68 9.93
C GLU F 142 -51.82 -38.03 10.16
N GLU F 143 -51.29 -39.01 9.40
CA GLU F 143 -49.87 -39.34 9.49
C GLU F 143 -49.01 -38.22 8.93
N ILE F 144 -49.52 -37.47 7.95
CA ILE F 144 -48.81 -36.29 7.45
C ILE F 144 -48.66 -35.26 8.57
N ALA F 145 -49.76 -34.96 9.25
CA ALA F 145 -49.72 -34.02 10.36
C ALA F 145 -48.85 -34.53 11.51
N GLN F 146 -48.84 -35.86 11.71
CA GLN F 146 -48.02 -36.44 12.77
C GLN F 146 -46.54 -36.33 12.46
N VAL F 147 -46.15 -36.62 11.21
CA VAL F 147 -44.75 -36.50 10.80
C VAL F 147 -44.29 -35.05 10.92
N ALA F 148 -45.10 -34.11 10.43
CA ALA F 148 -44.70 -32.71 10.49
C ALA F 148 -44.72 -32.16 11.91
N THR F 149 -45.57 -32.74 12.78
CA THR F 149 -45.57 -32.34 14.19
C THR F 149 -44.32 -32.87 14.90
N ILE F 150 -43.93 -34.11 14.61
CA ILE F 150 -42.78 -34.71 15.28
C ILE F 150 -41.49 -34.04 14.83
N SER F 151 -41.38 -33.74 13.54
CA SER F 151 -40.17 -33.13 13.00
C SER F 151 -40.03 -31.66 13.35
N ALA F 152 -41.08 -31.03 13.88
CA ALA F 152 -41.04 -29.64 14.29
C ALA F 152 -41.01 -29.49 15.82
N ASN F 153 -40.43 -30.47 16.52
CA ASN F 153 -40.33 -30.49 17.98
C ASN F 153 -41.69 -30.42 18.65
N GLY F 154 -42.60 -31.30 18.23
CA GLY F 154 -43.87 -31.46 18.89
C GLY F 154 -44.82 -30.29 18.78
N ASP F 155 -44.63 -29.41 17.79
CA ASP F 155 -45.53 -28.28 17.58
C ASP F 155 -46.68 -28.76 16.70
N LYS F 156 -47.88 -28.83 17.27
CA LYS F 156 -49.03 -29.31 16.52
C LYS F 156 -49.52 -28.29 15.51
N GLU F 157 -49.26 -27.00 15.75
CA GLU F 157 -49.69 -25.97 14.81
C GLU F 157 -48.95 -26.06 13.49
N ILE F 158 -47.64 -26.32 13.54
CA ILE F 158 -46.84 -26.44 12.33
C ILE F 158 -47.26 -27.67 11.53
N GLY F 159 -47.49 -28.79 12.22
CA GLY F 159 -47.97 -29.98 11.55
C GLY F 159 -49.35 -29.80 10.94
N ASN F 160 -50.24 -29.11 11.65
CA ASN F 160 -51.57 -28.84 11.12
C ASN F 160 -51.52 -27.95 9.90
N ILE F 161 -50.70 -26.89 9.92
CA ILE F 161 -50.69 -25.99 8.77
C ILE F 161 -49.98 -26.63 7.58
N ILE F 162 -48.97 -27.48 7.80
CA ILE F 162 -48.34 -28.20 6.69
C ILE F 162 -49.30 -29.22 6.09
N SER F 163 -50.06 -29.92 6.93
CA SER F 163 -51.06 -30.87 6.45
C SER F 163 -52.15 -30.16 5.66
N ASP F 164 -52.62 -29.01 6.14
CA ASP F 164 -53.60 -28.22 5.39
C ASP F 164 -53.01 -27.69 4.09
N ALA F 165 -51.73 -27.33 4.11
CA ALA F 165 -51.07 -26.81 2.91
C ALA F 165 -51.04 -27.84 1.80
N MET F 166 -50.62 -29.07 2.12
CA MET F 166 -50.65 -30.11 1.09
C MET F 166 -52.03 -30.75 0.94
N LYS F 167 -53.00 -30.38 1.78
CA LYS F 167 -54.39 -30.64 1.43
C LYS F 167 -54.88 -29.68 0.36
N LYS F 168 -54.33 -28.46 0.34
CA LYS F 168 -54.71 -27.46 -0.66
C LYS F 168 -53.89 -27.57 -1.94
N VAL F 169 -52.56 -27.63 -1.83
CA VAL F 169 -51.71 -27.62 -3.01
C VAL F 169 -51.37 -29.03 -3.50
N GLY F 170 -51.55 -30.04 -2.67
CA GLY F 170 -51.17 -31.39 -3.03
C GLY F 170 -49.91 -31.84 -2.31
N ARG F 171 -49.76 -33.17 -2.20
CA ARG F 171 -48.63 -33.73 -1.46
C ARG F 171 -47.32 -33.52 -2.19
N LYS F 172 -47.34 -33.45 -3.52
CA LYS F 172 -46.15 -33.12 -4.30
C LYS F 172 -46.15 -31.67 -4.76
N GLY F 173 -47.09 -30.86 -4.29
CA GLY F 173 -47.03 -29.43 -4.54
C GLY F 173 -45.86 -28.79 -3.83
N VAL F 174 -45.50 -27.60 -4.30
CA VAL F 174 -44.35 -26.89 -3.76
C VAL F 174 -44.80 -25.90 -2.70
N ILE F 175 -44.02 -25.79 -1.63
CA ILE F 175 -44.38 -25.02 -0.45
C ILE F 175 -43.19 -24.17 -0.03
N THR F 176 -43.41 -22.87 0.09
CA THR F 176 -42.36 -21.89 0.35
C THR F 176 -42.49 -21.33 1.77
N VAL F 177 -41.34 -21.17 2.44
CA VAL F 177 -41.27 -20.59 3.78
C VAL F 177 -40.64 -19.21 3.65
N LYS F 178 -41.34 -18.20 4.16
CA LYS F 178 -40.85 -16.82 4.11
C LYS F 178 -41.20 -16.10 5.40
N ASP F 179 -40.70 -14.87 5.52
CA ASP F 179 -40.88 -14.08 6.72
C ASP F 179 -42.33 -13.70 6.95
N GLY F 180 -42.73 -13.65 8.21
CA GLY F 180 -44.04 -13.19 8.59
C GLY F 180 -43.94 -12.02 9.56
N LYS F 181 -44.73 -10.98 9.31
CA LYS F 181 -44.73 -9.78 10.15
C LYS F 181 -45.71 -9.89 11.30
N THR F 182 -46.47 -10.96 11.39
CA THR F 182 -47.44 -11.16 12.46
C THR F 182 -46.85 -12.07 13.54
N LEU F 183 -47.57 -12.17 14.66
CA LEU F 183 -47.13 -13.03 15.74
C LEU F 183 -47.33 -14.51 15.41
N ASN F 184 -48.42 -14.84 14.76
CA ASN F 184 -48.77 -16.23 14.45
C ASN F 184 -48.46 -16.56 12.99
N ASP F 185 -48.37 -17.86 12.72
CA ASP F 185 -48.12 -18.34 11.37
C ASP F 185 -49.40 -18.34 10.55
N GLU F 186 -49.24 -18.25 9.24
CA GLU F 186 -50.39 -18.21 8.34
C GLU F 186 -50.03 -18.93 7.03
N LEU F 187 -51.07 -19.32 6.31
CA LEU F 187 -50.94 -20.07 5.07
C LEU F 187 -51.66 -19.32 3.95
N GLU F 188 -50.92 -18.98 2.90
CA GLU F 188 -51.48 -18.26 1.75
C GLU F 188 -51.21 -19.06 0.49
N ILE F 189 -52.25 -19.29 -0.29
CA ILE F 189 -52.15 -20.02 -1.55
C ILE F 189 -52.05 -19.01 -2.69
N ILE F 190 -50.97 -19.09 -3.46
CA ILE F 190 -50.74 -18.20 -4.58
C ILE F 190 -50.62 -19.04 -5.85
N GLU F 191 -50.95 -18.43 -6.99
CA GLU F 191 -50.76 -19.09 -8.28
C GLU F 191 -49.30 -18.93 -8.71
N GLY F 192 -48.62 -20.05 -8.93
CA GLY F 192 -47.21 -20.00 -9.26
C GLY F 192 -46.75 -21.31 -9.86
N MET F 193 -45.47 -21.37 -10.18
CA MET F 193 -44.87 -22.55 -10.78
C MET F 193 -43.49 -22.75 -10.21
N LYS F 194 -42.88 -23.89 -10.57
CA LYS F 194 -41.62 -24.31 -9.98
C LYS F 194 -40.95 -25.33 -10.89
N PHE F 195 -39.71 -25.06 -11.27
CA PHE F 195 -38.96 -25.96 -12.15
C PHE F 195 -37.61 -26.27 -11.51
N ASP F 196 -36.99 -27.35 -11.98
CA ASP F 196 -35.82 -27.94 -11.34
C ASP F 196 -34.50 -27.45 -11.93
N ARG F 197 -34.45 -26.22 -12.43
CA ARG F 197 -33.22 -25.63 -12.93
C ARG F 197 -32.85 -24.43 -12.05
N GLY F 198 -31.63 -24.43 -11.54
CA GLY F 198 -31.13 -23.34 -10.72
C GLY F 198 -30.46 -22.27 -11.54
N TYR F 199 -29.64 -21.45 -10.87
CA TYR F 199 -28.90 -20.43 -11.60
C TYR F 199 -27.74 -21.06 -12.35
N ILE F 200 -27.15 -20.27 -13.24
CA ILE F 200 -26.12 -20.76 -14.15
C ILE F 200 -24.75 -20.29 -13.67
N SER F 201 -24.71 -19.11 -13.05
CA SER F 201 -23.48 -18.60 -12.48
C SER F 201 -23.71 -18.22 -11.01
N PRO F 202 -22.72 -18.45 -10.15
CA PRO F 202 -22.88 -18.11 -8.73
C PRO F 202 -22.70 -16.64 -8.39
N TYR F 203 -22.42 -15.79 -9.38
CA TYR F 203 -22.28 -14.35 -9.15
C TYR F 203 -23.63 -13.64 -9.05
N PHE F 204 -24.74 -14.34 -9.28
CA PHE F 204 -26.06 -13.74 -9.28
C PHE F 204 -26.72 -13.70 -7.91
N ILE F 205 -26.05 -14.21 -6.88
CA ILE F 205 -26.64 -14.29 -5.54
C ILE F 205 -26.60 -12.91 -4.90
N ASN F 206 -27.75 -12.43 -4.44
CA ASN F 206 -27.85 -11.19 -3.67
C ASN F 206 -28.19 -11.43 -2.21
N THR F 207 -29.03 -12.42 -1.92
CA THR F 207 -29.36 -12.80 -0.55
C THR F 207 -28.39 -13.89 -0.12
N SER F 208 -27.41 -13.52 0.69
CA SER F 208 -26.40 -14.47 1.17
C SER F 208 -26.86 -15.28 2.38
N LYS F 209 -28.15 -15.24 2.71
CA LYS F 209 -28.65 -16.02 3.84
C LYS F 209 -29.03 -17.43 3.42
N GLY F 210 -29.49 -17.61 2.19
CA GLY F 210 -29.83 -18.93 1.69
C GLY F 210 -29.21 -19.24 0.34
N GLN F 211 -28.21 -18.44 -0.06
CA GLN F 211 -27.51 -18.57 -1.34
C GLN F 211 -28.47 -18.63 -2.52
N LYS F 212 -29.37 -17.64 -2.59
CA LYS F 212 -30.39 -17.61 -3.62
C LYS F 212 -30.55 -16.19 -4.15
N CYS F 213 -31.12 -16.09 -5.34
CA CYS F 213 -31.40 -14.81 -5.98
C CYS F 213 -32.88 -14.48 -5.80
N GLU F 214 -33.15 -13.29 -5.24
CA GLU F 214 -34.50 -12.88 -4.88
C GLU F 214 -34.82 -11.55 -5.54
N PHE F 215 -35.75 -11.55 -6.48
CA PHE F 215 -36.27 -10.33 -7.10
C PHE F 215 -37.77 -10.25 -6.89
N GLN F 216 -38.29 -9.03 -6.97
CA GLN F 216 -39.73 -8.78 -6.91
C GLN F 216 -40.09 -7.79 -8.01
N ASP F 217 -41.24 -8.02 -8.64
CA ASP F 217 -41.75 -7.21 -9.76
C ASP F 217 -40.73 -7.12 -10.88
N ALA F 218 -40.46 -8.29 -11.48
CA ALA F 218 -39.32 -8.48 -12.36
C ALA F 218 -39.77 -8.88 -13.76
N TYR F 219 -39.06 -8.37 -14.77
CA TYR F 219 -39.26 -8.81 -16.15
C TYR F 219 -38.79 -10.25 -16.33
N VAL F 220 -39.35 -10.90 -17.34
CA VAL F 220 -39.03 -12.28 -17.67
C VAL F 220 -38.82 -12.39 -19.17
N LEU F 221 -37.66 -12.91 -19.59
CA LEU F 221 -37.30 -13.04 -20.99
C LEU F 221 -37.28 -14.53 -21.34
N LEU F 222 -38.06 -14.91 -22.35
CA LEU F 222 -38.24 -16.31 -22.73
C LEU F 222 -37.78 -16.48 -24.18
N SER F 223 -36.83 -17.39 -24.40
CA SER F 223 -36.32 -17.66 -25.74
C SER F 223 -36.26 -19.15 -25.99
N GLU F 224 -36.76 -19.59 -27.15
CA GLU F 224 -36.71 -20.99 -27.50
C GLU F 224 -35.29 -21.42 -27.90
N LYS F 225 -34.52 -20.52 -28.48
CA LYS F 225 -33.16 -20.80 -28.89
C LYS F 225 -32.18 -20.29 -27.84
N LYS F 226 -30.92 -20.69 -28.00
CA LYS F 226 -29.86 -20.20 -27.13
C LYS F 226 -29.67 -18.71 -27.35
N ILE F 227 -29.69 -17.93 -26.27
CA ILE F 227 -29.52 -16.48 -26.36
C ILE F 227 -28.02 -16.24 -26.50
N SER F 228 -27.54 -16.21 -27.74
CA SER F 228 -26.11 -16.23 -28.04
C SER F 228 -25.50 -14.83 -28.08
N SER F 229 -25.89 -14.03 -29.07
CA SER F 229 -25.05 -12.93 -29.53
C SER F 229 -25.15 -11.72 -28.62
N ILE F 230 -24.20 -10.80 -28.81
CA ILE F 230 -24.23 -9.53 -28.09
C ILE F 230 -25.46 -8.73 -28.49
N GLN F 231 -25.76 -8.67 -29.79
CA GLN F 231 -26.91 -7.93 -30.29
C GLN F 231 -28.23 -8.64 -30.00
N SER F 232 -28.21 -9.83 -29.40
CA SER F 232 -29.41 -10.46 -28.89
C SER F 232 -29.71 -10.07 -27.45
N ILE F 233 -28.69 -9.69 -26.67
CA ILE F 233 -28.89 -9.34 -25.28
C ILE F 233 -28.85 -7.84 -25.02
N VAL F 234 -28.30 -7.04 -25.92
CA VAL F 234 -28.22 -5.59 -25.75
C VAL F 234 -29.59 -4.92 -25.87
N PRO F 235 -30.49 -5.27 -26.81
CA PRO F 235 -31.87 -4.75 -26.69
C PRO F 235 -32.59 -5.17 -25.42
N ALA F 236 -32.41 -6.42 -24.97
CA ALA F 236 -33.07 -6.85 -23.74
C ALA F 236 -32.51 -6.15 -22.51
N LEU F 237 -31.18 -6.02 -22.42
CA LEU F 237 -30.59 -5.30 -21.31
C LEU F 237 -30.90 -3.81 -21.37
N GLU F 238 -31.00 -3.25 -22.58
CA GLU F 238 -31.35 -1.84 -22.72
C GLU F 238 -32.83 -1.58 -22.48
N ILE F 239 -33.68 -2.62 -22.54
CA ILE F 239 -35.06 -2.45 -22.11
C ILE F 239 -35.16 -2.60 -20.59
N ALA F 240 -34.43 -3.55 -20.01
CA ALA F 240 -34.37 -3.65 -18.55
C ALA F 240 -33.73 -2.42 -17.92
N ASN F 241 -32.85 -1.75 -18.65
CA ASN F 241 -32.35 -0.43 -18.30
C ASN F 241 -33.30 0.67 -18.71
N ALA F 242 -34.14 0.42 -19.72
CA ALA F 242 -35.05 1.40 -20.28
C ALA F 242 -36.47 1.30 -19.73
N HIS F 243 -36.77 0.26 -18.96
CA HIS F 243 -38.08 0.16 -18.32
C HIS F 243 -37.99 -0.27 -16.86
N ARG F 244 -36.79 -0.66 -16.41
CA ARG F 244 -36.42 -0.71 -14.99
C ARG F 244 -37.28 -1.69 -14.19
N LYS F 245 -37.18 -2.95 -14.57
CA LYS F 245 -37.61 -4.08 -13.78
C LYS F 245 -36.57 -5.17 -13.95
N PRO F 246 -36.29 -5.96 -12.90
CA PRO F 246 -35.21 -6.96 -12.99
C PRO F 246 -35.49 -8.01 -14.07
N LEU F 247 -34.43 -8.46 -14.73
CA LEU F 247 -34.55 -9.32 -15.90
C LEU F 247 -34.32 -10.77 -15.49
N VAL F 248 -35.33 -11.61 -15.75
CA VAL F 248 -35.21 -13.06 -15.59
C VAL F 248 -35.07 -13.66 -16.98
N ILE F 249 -33.96 -14.37 -17.21
CA ILE F 249 -33.61 -14.88 -18.53
C ILE F 249 -33.74 -16.39 -18.50
N ILE F 250 -34.65 -16.93 -19.31
CA ILE F 250 -34.80 -18.37 -19.46
C ILE F 250 -34.19 -18.74 -20.81
N ALA F 251 -33.10 -19.50 -20.77
CA ALA F 251 -32.37 -19.86 -21.99
C ALA F 251 -32.03 -21.34 -22.00
N GLU F 252 -31.23 -21.78 -22.98
CA GLU F 252 -30.94 -23.19 -23.16
C GLU F 252 -29.57 -23.59 -22.62
N ASP F 253 -28.50 -22.96 -23.10
CA ASP F 253 -27.15 -23.30 -22.67
C ASP F 253 -26.31 -22.04 -22.67
N VAL F 254 -25.69 -21.73 -21.53
CA VAL F 254 -25.19 -20.39 -21.23
C VAL F 254 -23.75 -20.53 -20.71
N ASP F 255 -22.77 -20.42 -21.62
CA ASP F 255 -21.34 -20.39 -21.25
C ASP F 255 -20.54 -19.68 -22.36
N GLY F 256 -20.17 -18.41 -22.13
CA GLY F 256 -19.76 -17.52 -23.22
C GLY F 256 -19.55 -16.04 -22.89
N GLU F 257 -20.22 -15.14 -23.61
CA GLU F 257 -20.08 -13.69 -23.52
C GLU F 257 -21.20 -12.94 -22.78
N ALA F 258 -22.47 -13.26 -23.04
CA ALA F 258 -23.59 -12.44 -22.59
C ALA F 258 -23.74 -12.43 -21.07
N LEU F 259 -23.75 -13.62 -20.45
CA LEU F 259 -23.66 -13.73 -18.99
C LEU F 259 -22.40 -13.12 -18.42
N SER F 260 -21.29 -13.06 -19.17
CA SER F 260 -20.13 -12.36 -18.66
C SER F 260 -20.39 -10.85 -18.60
N THR F 261 -21.10 -10.32 -19.60
CA THR F 261 -21.58 -8.94 -19.52
C THR F 261 -22.57 -8.78 -18.36
N LEU F 262 -23.39 -9.81 -18.11
CA LEU F 262 -24.31 -9.79 -16.99
C LEU F 262 -23.58 -9.72 -15.65
N VAL F 263 -22.51 -10.51 -15.51
CA VAL F 263 -21.71 -10.49 -14.29
C VAL F 263 -20.99 -9.15 -14.13
N LEU F 264 -20.52 -8.59 -15.25
CA LEU F 264 -19.87 -7.29 -15.21
C LEU F 264 -20.85 -6.19 -14.78
N ASN F 265 -22.05 -6.20 -15.32
CA ASN F 265 -23.07 -5.23 -14.92
C ASN F 265 -23.62 -5.54 -13.53
N ARG F 266 -23.48 -6.77 -13.05
CA ARG F 266 -23.89 -7.12 -11.69
C ARG F 266 -22.88 -6.60 -10.67
N LEU F 267 -21.59 -6.67 -11.00
CA LEU F 267 -20.55 -6.39 -10.03
C LEU F 267 -20.04 -4.96 -10.08
N LYS F 268 -20.10 -4.30 -11.24
CA LYS F 268 -19.59 -2.93 -11.35
C LYS F 268 -20.68 -1.89 -11.09
N VAL F 269 -21.85 -2.05 -11.70
CA VAL F 269 -22.93 -1.09 -11.56
C VAL F 269 -24.16 -1.68 -10.85
N GLY F 270 -24.23 -3.00 -10.72
CA GLY F 270 -25.34 -3.63 -10.02
C GLY F 270 -26.60 -3.79 -10.84
N LEU F 271 -26.54 -4.64 -11.87
CA LEU F 271 -27.72 -4.96 -12.66
C LEU F 271 -28.47 -6.12 -12.05
N GLN F 272 -29.71 -5.87 -11.62
CA GLN F 272 -30.55 -6.92 -11.04
C GLN F 272 -31.00 -7.83 -12.17
N VAL F 273 -30.28 -8.92 -12.36
CA VAL F 273 -30.52 -9.85 -13.47
C VAL F 273 -30.20 -11.26 -13.01
N VAL F 274 -30.93 -12.23 -13.55
CA VAL F 274 -30.69 -13.64 -13.30
C VAL F 274 -30.99 -14.42 -14.58
N ALA F 275 -30.26 -15.53 -14.77
CA ALA F 275 -30.47 -16.39 -15.93
C ALA F 275 -30.60 -17.83 -15.47
N VAL F 276 -31.62 -18.51 -15.98
CA VAL F 276 -31.95 -19.88 -15.61
C VAL F 276 -32.07 -20.71 -16.88
N LYS F 277 -31.48 -21.90 -16.87
CA LYS F 277 -31.66 -22.83 -17.99
C LYS F 277 -33.11 -23.28 -18.07
N ALA F 278 -33.54 -23.61 -19.29
CA ALA F 278 -34.93 -23.97 -19.53
C ALA F 278 -35.16 -25.45 -19.22
N PRO F 279 -36.06 -25.78 -18.29
CA PRO F 279 -36.39 -27.18 -18.06
C PRO F 279 -37.04 -27.84 -19.27
N GLY F 280 -36.83 -29.13 -19.40
CA GLY F 280 -37.45 -29.89 -20.48
C GLY F 280 -36.45 -30.36 -21.51
N PHE F 281 -36.51 -31.64 -21.84
CA PHE F 281 -35.68 -32.24 -22.89
C PHE F 281 -36.59 -32.64 -24.04
N GLY F 282 -36.65 -31.80 -25.08
CA GLY F 282 -37.45 -32.11 -26.26
C GLY F 282 -38.57 -31.12 -26.49
N ASP F 283 -39.71 -31.62 -26.96
CA ASP F 283 -40.87 -30.76 -27.19
C ASP F 283 -41.47 -30.28 -25.87
N ASN F 284 -41.23 -31.01 -24.77
CA ASN F 284 -41.72 -30.58 -23.47
C ASN F 284 -41.07 -29.28 -23.03
N ARG F 285 -39.80 -29.06 -23.41
CA ARG F 285 -39.14 -27.77 -23.17
C ARG F 285 -39.91 -26.63 -23.82
N LYS F 286 -40.27 -26.80 -25.09
CA LYS F 286 -40.98 -25.76 -25.83
C LYS F 286 -42.38 -25.53 -25.27
N ASN F 287 -43.07 -26.62 -24.92
CA ASN F 287 -44.41 -26.49 -24.34
C ASN F 287 -44.38 -25.79 -22.99
N GLN F 288 -43.41 -26.14 -22.14
CA GLN F 288 -43.28 -25.49 -20.84
C GLN F 288 -42.93 -24.01 -21.00
N LEU F 289 -42.04 -23.70 -21.95
CA LEU F 289 -41.68 -22.31 -22.21
C LEU F 289 -42.87 -21.49 -22.71
N LYS F 290 -43.67 -22.08 -23.60
CA LYS F 290 -44.87 -21.41 -24.08
C LYS F 290 -45.87 -21.18 -22.96
N ASP F 291 -46.01 -22.15 -22.04
CA ASP F 291 -46.94 -21.95 -20.93
C ASP F 291 -46.41 -20.91 -19.94
N MET F 292 -45.09 -20.85 -19.75
CA MET F 292 -44.52 -19.80 -18.91
C MET F 292 -44.76 -18.42 -19.52
N ALA F 293 -44.62 -18.30 -20.84
CA ALA F 293 -44.88 -17.02 -21.49
C ALA F 293 -46.36 -16.67 -21.48
N ILE F 294 -47.23 -17.69 -21.50
CA ILE F 294 -48.66 -17.45 -21.42
C ILE F 294 -49.03 -16.96 -20.02
N ALA F 295 -48.50 -17.61 -18.99
CA ALA F 295 -48.82 -17.24 -17.61
C ALA F 295 -48.22 -15.89 -17.23
N THR F 296 -47.03 -15.59 -17.73
CA THR F 296 -46.37 -14.33 -17.38
C THR F 296 -46.79 -13.17 -18.27
N GLY F 297 -47.41 -13.44 -19.42
CA GLY F 297 -47.81 -12.41 -20.34
C GLY F 297 -46.80 -12.09 -21.43
N GLY F 298 -45.59 -12.62 -21.33
CA GLY F 298 -44.56 -12.37 -22.32
C GLY F 298 -44.69 -13.28 -23.53
N ALA F 299 -43.66 -13.24 -24.36
CA ALA F 299 -43.62 -14.04 -25.59
C ALA F 299 -42.42 -14.97 -25.56
N VAL F 300 -42.34 -15.81 -26.60
CA VAL F 300 -41.23 -16.73 -26.78
C VAL F 300 -40.42 -16.26 -27.98
N PHE F 301 -39.12 -16.11 -27.80
CA PHE F 301 -38.23 -15.67 -28.86
C PHE F 301 -37.50 -16.88 -29.47
N GLY F 302 -36.99 -16.69 -30.68
CA GLY F 302 -36.26 -17.73 -31.37
C GLY F 302 -37.08 -18.96 -31.69
N GLU F 303 -38.36 -18.80 -31.98
CA GLU F 303 -39.23 -19.94 -32.24
C GLU F 303 -39.16 -20.35 -33.70
N GLU F 304 -39.53 -21.61 -33.96
CA GLU F 304 -39.54 -22.12 -35.32
C GLU F 304 -40.70 -21.54 -36.13
N GLY F 305 -41.87 -21.44 -35.51
CA GLY F 305 -43.07 -20.99 -36.22
C GLY F 305 -43.10 -19.51 -36.57
N LEU F 306 -43.17 -18.66 -35.55
CA LEU F 306 -43.34 -17.23 -35.78
C LEU F 306 -42.03 -16.54 -36.13
N THR F 307 -40.90 -17.11 -35.69
CA THR F 307 -39.55 -16.57 -35.88
C THR F 307 -39.43 -15.14 -35.37
N LEU F 308 -39.66 -14.99 -34.06
CA LEU F 308 -39.48 -13.71 -33.38
C LEU F 308 -38.07 -13.66 -32.82
N ASN F 309 -37.28 -12.69 -33.28
CA ASN F 309 -35.86 -12.64 -32.98
C ASN F 309 -35.60 -11.83 -31.72
N LEU F 310 -34.41 -12.04 -31.16
CA LEU F 310 -33.99 -11.33 -29.96
C LEU F 310 -33.37 -9.97 -30.26
N GLU F 311 -33.13 -9.65 -31.53
CA GLU F 311 -32.64 -8.32 -31.87
C GLU F 311 -33.75 -7.28 -31.76
N ASP F 312 -34.94 -7.60 -32.27
CA ASP F 312 -36.09 -6.69 -32.22
C ASP F 312 -36.99 -7.12 -31.07
N VAL F 313 -36.56 -6.79 -29.85
CA VAL F 313 -37.30 -7.10 -28.64
C VAL F 313 -38.10 -5.86 -28.25
N GLN F 314 -39.41 -6.04 -28.02
CA GLN F 314 -40.30 -4.98 -27.59
C GLN F 314 -40.66 -5.14 -26.12
N PRO F 315 -40.92 -4.03 -25.41
CA PRO F 315 -41.28 -4.13 -23.98
C PRO F 315 -42.56 -4.91 -23.70
N HIS F 316 -43.47 -5.02 -24.66
CA HIS F 316 -44.69 -5.78 -24.49
C HIS F 316 -44.54 -7.25 -24.89
N ASP F 317 -43.32 -7.78 -24.86
CA ASP F 317 -43.07 -9.19 -25.06
C ASP F 317 -42.36 -9.83 -23.88
N LEU F 318 -42.18 -9.09 -22.79
CA LEU F 318 -41.53 -9.58 -21.59
C LEU F 318 -42.59 -9.85 -20.52
N GLY F 319 -42.51 -11.03 -19.89
CA GLY F 319 -43.43 -11.35 -18.85
C GLY F 319 -43.11 -10.65 -17.55
N LYS F 320 -44.14 -10.44 -16.72
CA LYS F 320 -44.01 -9.76 -15.45
C LYS F 320 -44.43 -10.69 -14.33
N VAL F 321 -43.50 -10.98 -13.42
CA VAL F 321 -43.79 -11.75 -12.23
C VAL F 321 -43.87 -10.80 -11.05
N GLY F 322 -44.52 -11.26 -9.97
CA GLY F 322 -44.49 -10.50 -8.73
C GLY F 322 -43.33 -10.86 -7.84
N GLU F 323 -42.84 -12.09 -7.96
CA GLU F 323 -41.67 -12.55 -7.22
C GLU F 323 -41.03 -13.68 -7.99
N VAL F 324 -39.70 -13.77 -7.90
CA VAL F 324 -38.96 -14.89 -8.47
C VAL F 324 -37.88 -15.30 -7.47
N ILE F 325 -37.76 -16.60 -7.22
CA ILE F 325 -36.76 -17.15 -6.32
C ILE F 325 -35.93 -18.12 -7.13
N VAL F 326 -34.63 -17.86 -7.24
CA VAL F 326 -33.70 -18.70 -7.98
C VAL F 326 -32.65 -19.20 -7.02
N THR F 327 -32.67 -20.52 -6.75
CA THR F 327 -31.72 -21.17 -5.88
C THR F 327 -30.67 -21.90 -6.71
N LYS F 328 -29.83 -22.70 -6.04
CA LYS F 328 -28.75 -23.39 -6.73
C LYS F 328 -29.27 -24.48 -7.66
N ASP F 329 -30.27 -25.26 -7.23
CA ASP F 329 -30.74 -26.40 -7.99
C ASP F 329 -32.14 -26.22 -8.58
N ASP F 330 -32.89 -25.21 -8.13
CA ASP F 330 -34.24 -25.02 -8.64
C ASP F 330 -34.60 -23.54 -8.59
N ALA F 331 -35.57 -23.15 -9.41
CA ALA F 331 -36.06 -21.80 -9.45
C ALA F 331 -37.57 -21.82 -9.65
N MET F 332 -38.22 -20.70 -9.31
CA MET F 332 -39.67 -20.66 -9.27
C MET F 332 -40.16 -19.24 -9.55
N LEU F 333 -41.34 -19.15 -10.16
CA LEU F 333 -41.96 -17.88 -10.54
C LEU F 333 -43.25 -17.68 -9.76
N LEU F 334 -43.46 -16.45 -9.28
CA LEU F 334 -44.63 -16.09 -8.50
C LEU F 334 -45.35 -14.91 -9.13
N LYS F 335 -46.68 -14.98 -9.18
CA LYS F 335 -47.57 -13.86 -9.50
C LYS F 335 -47.32 -13.35 -10.93
N GLY F 336 -47.42 -14.26 -11.89
CA GLY F 336 -47.22 -13.91 -13.28
C GLY F 336 -48.33 -12.99 -13.79
N LYS F 337 -47.95 -11.83 -14.30
CA LYS F 337 -48.91 -10.83 -14.77
C LYS F 337 -49.29 -11.09 -16.23
N GLY F 338 -49.99 -12.21 -16.42
CA GLY F 338 -50.53 -12.58 -17.70
C GLY F 338 -52.04 -12.44 -17.73
N ASP F 339 -52.59 -12.52 -18.94
CA ASP F 339 -54.04 -12.46 -19.10
C ASP F 339 -54.68 -13.73 -18.57
N LYS F 340 -55.73 -13.57 -17.76
CA LYS F 340 -56.43 -14.72 -17.19
C LYS F 340 -57.12 -15.54 -18.28
N ALA F 341 -57.63 -14.86 -19.31
CA ALA F 341 -58.29 -15.56 -20.41
C ALA F 341 -57.29 -16.42 -21.19
N GLN F 342 -56.07 -15.92 -21.40
CA GLN F 342 -55.07 -16.69 -22.13
C GLN F 342 -54.62 -17.91 -21.34
N ILE F 343 -54.47 -17.76 -20.02
CA ILE F 343 -54.14 -18.90 -19.17
C ILE F 343 -55.28 -19.91 -19.18
N GLU F 344 -56.54 -19.44 -19.18
CA GLU F 344 -57.67 -20.36 -19.25
C GLU F 344 -57.71 -21.09 -20.58
N LYS F 345 -57.38 -20.41 -21.67
CA LYS F 345 -57.30 -21.06 -22.98
C LYS F 345 -56.21 -22.12 -23.00
N ARG F 346 -55.06 -21.84 -22.37
CA ARG F 346 -54.01 -22.84 -22.30
C ARG F 346 -54.41 -24.01 -21.39
N ILE F 347 -55.19 -23.76 -20.34
CA ILE F 347 -55.67 -24.85 -19.48
C ILE F 347 -56.63 -25.76 -20.23
N GLN F 348 -57.53 -25.19 -21.03
CA GLN F 348 -58.45 -26.05 -21.78
C GLN F 348 -57.76 -26.72 -22.96
N GLU F 349 -56.70 -26.10 -23.50
CA GLU F 349 -55.86 -26.79 -24.49
C GLU F 349 -55.12 -27.95 -23.86
N ILE F 350 -54.68 -27.78 -22.60
CA ILE F 350 -54.04 -28.86 -21.86
C ILE F 350 -55.02 -30.01 -21.64
N ILE F 351 -56.26 -29.68 -21.28
CA ILE F 351 -57.31 -30.70 -21.09
C ILE F 351 -57.59 -31.45 -22.38
N GLU F 352 -57.73 -30.71 -23.49
CA GLU F 352 -58.02 -31.36 -24.76
C GLU F 352 -56.82 -32.10 -25.35
N GLN F 353 -55.61 -31.79 -24.89
CA GLN F 353 -54.45 -32.61 -25.23
C GLN F 353 -54.38 -33.86 -24.36
N LEU F 354 -54.81 -33.75 -23.10
CA LEU F 354 -54.92 -34.93 -22.24
C LEU F 354 -56.01 -35.88 -22.70
N ASP F 355 -57.00 -35.37 -23.43
CA ASP F 355 -58.09 -36.21 -23.88
C ASP F 355 -57.77 -36.98 -25.16
N VAL F 356 -56.57 -36.81 -25.74
CA VAL F 356 -56.22 -37.49 -26.97
C VAL F 356 -54.88 -38.22 -26.83
N THR F 357 -54.47 -38.50 -25.60
CA THR F 357 -53.20 -39.18 -25.34
C THR F 357 -53.43 -40.42 -24.50
N THR F 358 -52.71 -41.50 -24.83
CA THR F 358 -52.84 -42.75 -24.10
C THR F 358 -51.50 -43.45 -23.88
N SER F 359 -50.38 -42.75 -24.07
CA SER F 359 -49.06 -43.38 -23.94
C SER F 359 -48.58 -43.49 -22.50
N GLU F 360 -49.29 -42.86 -21.55
CA GLU F 360 -49.03 -42.91 -20.11
C GLU F 360 -47.64 -42.38 -19.73
N TYR F 361 -46.98 -41.64 -20.62
CA TYR F 361 -45.77 -40.92 -20.25
C TYR F 361 -45.85 -39.44 -20.61
N GLU F 362 -46.48 -39.11 -21.74
CA GLU F 362 -46.80 -37.71 -22.01
C GLU F 362 -48.00 -37.25 -21.20
N LYS F 363 -48.82 -38.18 -20.72
CA LYS F 363 -49.99 -37.81 -19.92
C LYS F 363 -49.59 -37.24 -18.57
N GLU F 364 -48.53 -37.78 -17.97
CA GLU F 364 -48.08 -37.25 -16.69
C GLU F 364 -47.35 -35.92 -16.88
N LYS F 365 -46.70 -35.73 -18.03
CA LYS F 365 -46.13 -34.42 -18.35
C LYS F 365 -47.21 -33.38 -18.52
N LEU F 366 -48.31 -33.73 -19.20
CA LEU F 366 -49.42 -32.80 -19.36
C LEU F 366 -50.10 -32.51 -18.03
N ASN F 367 -50.22 -33.52 -17.17
CA ASN F 367 -50.80 -33.32 -15.84
C ASN F 367 -49.94 -32.41 -14.99
N GLU F 368 -48.62 -32.62 -15.01
CA GLU F 368 -47.69 -31.72 -14.31
C GLU F 368 -47.77 -30.31 -14.85
N ARG F 369 -47.91 -30.16 -16.17
CA ARG F 369 -48.02 -28.83 -16.77
C ARG F 369 -49.31 -28.15 -16.35
N LEU F 370 -50.40 -28.92 -16.25
CA LEU F 370 -51.67 -28.39 -15.73
C LEU F 370 -51.54 -27.99 -14.27
N ALA F 371 -50.82 -28.77 -13.48
CA ALA F 371 -50.62 -28.43 -12.08
C ALA F 371 -49.76 -27.19 -11.93
N LYS F 372 -48.81 -27.00 -12.84
CA LYS F 372 -48.02 -25.77 -12.83
C LYS F 372 -48.85 -24.56 -13.22
N LEU F 373 -49.84 -24.73 -14.10
CA LEU F 373 -50.67 -23.59 -14.49
C LEU F 373 -51.81 -23.32 -13.51
N SER F 374 -52.33 -24.35 -12.83
CA SER F 374 -53.59 -24.20 -12.12
C SER F 374 -53.54 -24.51 -10.63
N ASP F 375 -52.69 -25.44 -10.20
CA ASP F 375 -52.71 -25.83 -8.79
C ASP F 375 -52.04 -24.78 -7.90
N GLY F 376 -51.09 -24.02 -8.44
CA GLY F 376 -50.48 -22.94 -7.71
C GLY F 376 -49.43 -23.41 -6.70
N VAL F 377 -49.11 -22.52 -5.78
CA VAL F 377 -48.09 -22.76 -4.77
C VAL F 377 -48.70 -22.52 -3.38
N ALA F 378 -47.94 -22.91 -2.36
CA ALA F 378 -48.30 -22.64 -0.97
C ALA F 378 -47.17 -21.86 -0.31
N VAL F 379 -47.54 -20.88 0.51
CA VAL F 379 -46.57 -20.01 1.17
C VAL F 379 -46.86 -20.04 2.67
N LEU F 380 -45.88 -20.48 3.46
CA LEU F 380 -45.96 -20.49 4.91
C LEU F 380 -45.17 -19.31 5.45
N LYS F 381 -45.86 -18.36 6.07
CA LYS F 381 -45.20 -17.24 6.73
C LYS F 381 -45.05 -17.56 8.22
N VAL F 382 -43.84 -17.37 8.73
CA VAL F 382 -43.50 -17.78 10.09
C VAL F 382 -43.60 -16.57 11.00
N GLY F 383 -44.35 -16.71 12.10
CA GLY F 383 -44.53 -15.63 13.03
C GLY F 383 -43.50 -15.62 14.15
N GLY F 384 -43.55 -14.57 14.95
CA GLY F 384 -42.58 -14.38 16.01
C GLY F 384 -42.39 -12.91 16.32
N THR F 385 -41.81 -12.65 17.48
CA THR F 385 -41.65 -11.28 17.97
C THR F 385 -40.33 -10.64 17.55
N SER F 386 -39.40 -11.42 17.00
CA SER F 386 -38.12 -10.91 16.54
C SER F 386 -37.51 -11.93 15.59
N ASP F 387 -36.35 -11.60 15.03
CA ASP F 387 -35.76 -12.45 14.01
C ASP F 387 -35.17 -13.73 14.58
N VAL F 388 -34.83 -13.76 15.87
CA VAL F 388 -34.23 -14.96 16.44
C VAL F 388 -35.27 -16.08 16.58
N GLU F 389 -36.48 -15.75 17.04
CA GLU F 389 -37.53 -16.75 17.13
C GLU F 389 -38.06 -17.11 15.74
N VAL F 390 -38.04 -16.15 14.82
CA VAL F 390 -38.48 -16.44 13.45
C VAL F 390 -37.53 -17.42 12.77
N ASN F 391 -36.22 -17.21 12.92
CA ASN F 391 -35.27 -18.14 12.33
C ASN F 391 -35.28 -19.50 13.04
N GLU F 392 -35.46 -19.49 14.36
CA GLU F 392 -35.50 -20.75 15.11
C GLU F 392 -36.73 -21.57 14.73
N LYS F 393 -37.86 -20.91 14.49
CA LYS F 393 -39.05 -21.61 14.02
C LYS F 393 -38.97 -21.98 12.54
N LYS F 394 -38.26 -21.16 11.74
CA LYS F 394 -38.05 -21.46 10.34
C LYS F 394 -37.26 -22.74 10.15
N ASP F 395 -36.27 -22.98 11.01
CA ASP F 395 -35.51 -24.22 10.95
C ASP F 395 -36.42 -25.42 11.17
N ARG F 396 -37.33 -25.33 12.15
CA ARG F 396 -38.25 -26.43 12.43
C ARG F 396 -39.28 -26.61 11.32
N VAL F 397 -39.74 -25.50 10.73
CA VAL F 397 -40.71 -25.60 9.63
C VAL F 397 -40.07 -26.23 8.41
N THR F 398 -38.82 -25.87 8.11
CA THR F 398 -38.08 -26.49 7.01
C THR F 398 -37.83 -27.97 7.28
N ASP F 399 -37.47 -28.32 8.52
CA ASP F 399 -37.27 -29.73 8.88
C ASP F 399 -38.56 -30.52 8.73
N ALA F 400 -39.69 -29.94 9.16
CA ALA F 400 -40.96 -30.64 9.08
C ALA F 400 -41.41 -30.82 7.64
N LEU F 401 -41.20 -29.80 6.79
CA LEU F 401 -41.53 -29.92 5.38
C LEU F 401 -40.67 -30.97 4.69
N ASN F 402 -39.36 -30.96 4.96
CA ASN F 402 -38.45 -31.94 4.39
C ASN F 402 -38.82 -33.36 4.81
N ALA F 403 -39.06 -33.56 6.11
CA ALA F 403 -39.46 -34.87 6.63
C ALA F 403 -40.79 -35.33 6.06
N THR F 404 -41.78 -34.43 5.96
CA THR F 404 -43.07 -34.81 5.40
C THR F 404 -42.97 -35.17 3.92
N ARG F 405 -42.08 -34.51 3.18
CA ARG F 405 -41.91 -34.85 1.78
C ARG F 405 -41.16 -36.18 1.62
N ALA F 406 -40.22 -36.45 2.53
CA ALA F 406 -39.53 -37.73 2.51
C ALA F 406 -40.46 -38.87 2.92
N ALA F 407 -41.43 -38.58 3.80
CA ALA F 407 -42.38 -39.59 4.21
C ALA F 407 -43.46 -39.83 3.17
N VAL F 408 -43.77 -38.82 2.36
CA VAL F 408 -44.60 -39.04 1.18
C VAL F 408 -43.89 -39.92 0.17
N GLU F 409 -42.63 -39.60 -0.13
CA GLU F 409 -41.95 -40.31 -1.22
C GLU F 409 -41.43 -41.69 -0.82
N GLU F 410 -41.21 -41.96 0.46
CA GLU F 410 -40.60 -43.23 0.86
C GLU F 410 -41.32 -43.99 1.96
N GLY F 411 -42.26 -43.38 2.68
CA GLY F 411 -42.96 -44.07 3.75
C GLY F 411 -42.41 -43.69 5.11
N ILE F 412 -42.95 -44.35 6.15
CA ILE F 412 -42.58 -44.05 7.52
C ILE F 412 -42.16 -45.32 8.24
N VAL F 413 -41.42 -45.12 9.33
CA VAL F 413 -41.06 -46.13 10.30
C VAL F 413 -41.35 -45.59 11.70
N LEU F 414 -41.02 -46.39 12.71
CA LEU F 414 -41.21 -45.94 14.09
C LEU F 414 -40.14 -44.91 14.47
N GLY F 415 -40.56 -43.90 15.21
CA GLY F 415 -39.69 -42.82 15.62
C GLY F 415 -38.84 -43.17 16.83
N GLY F 416 -38.19 -42.14 17.37
CA GLY F 416 -37.51 -42.25 18.64
C GLY F 416 -36.28 -43.11 18.65
N GLY F 417 -35.70 -43.42 17.49
CA GLY F 417 -34.60 -44.34 17.40
C GLY F 417 -34.97 -45.80 17.57
N CYS F 418 -36.26 -46.12 17.59
CA CYS F 418 -36.69 -47.51 17.75
C CYS F 418 -36.63 -48.30 16.45
N ALA F 419 -36.68 -47.64 15.29
CA ALA F 419 -36.56 -48.35 14.03
C ALA F 419 -35.14 -48.85 13.80
N LEU F 420 -34.15 -48.25 14.48
CA LEU F 420 -32.80 -48.82 14.48
C LEU F 420 -32.65 -49.89 15.54
N LEU F 421 -33.44 -49.83 16.61
CA LEU F 421 -33.42 -50.89 17.60
C LEU F 421 -34.06 -52.16 17.07
N ARG F 422 -35.01 -52.04 16.14
CA ARG F 422 -35.68 -53.21 15.59
C ARG F 422 -34.89 -53.89 14.49
N CYS F 423 -33.75 -53.33 14.06
CA CYS F 423 -32.90 -53.94 13.05
C CYS F 423 -31.73 -54.73 13.64
N ILE F 424 -31.64 -54.79 14.97
CA ILE F 424 -30.60 -55.62 15.60
C ILE F 424 -30.74 -57.11 15.29
N PRO F 425 -31.94 -57.72 15.33
CA PRO F 425 -32.01 -59.15 14.91
C PRO F 425 -31.66 -59.40 13.46
N ALA F 426 -31.71 -58.38 12.59
CA ALA F 426 -31.19 -58.53 11.24
C ALA F 426 -29.68 -58.69 11.25
N LEU F 427 -29.00 -57.98 12.15
CA LEU F 427 -27.56 -58.15 12.33
C LEU F 427 -27.21 -59.38 13.14
N ASP F 428 -28.17 -59.96 13.86
CA ASP F 428 -27.97 -61.20 14.59
C ASP F 428 -28.14 -62.45 13.72
N SER F 429 -28.09 -62.30 12.40
CA SER F 429 -28.17 -63.43 11.49
C SER F 429 -27.14 -63.36 10.37
N LEU F 430 -26.33 -62.30 10.31
CA LEU F 430 -25.26 -62.21 9.33
C LEU F 430 -24.13 -63.19 9.68
N THR F 431 -23.48 -63.71 8.64
CA THR F 431 -22.31 -64.56 8.81
C THR F 431 -21.08 -63.80 8.30
N PRO F 432 -20.23 -63.29 9.18
CA PRO F 432 -19.05 -62.54 8.73
C PRO F 432 -18.05 -63.42 8.00
N ALA F 433 -17.37 -62.82 7.02
CA ALA F 433 -16.32 -63.52 6.30
C ALA F 433 -15.13 -63.82 7.21
N ASN F 434 -14.64 -62.81 7.92
CA ASN F 434 -13.48 -62.95 8.79
C ASN F 434 -13.75 -62.23 10.11
N GLU F 435 -12.71 -62.06 10.91
CA GLU F 435 -12.87 -61.50 12.26
C GLU F 435 -13.07 -59.99 12.21
N ASP F 436 -12.40 -59.30 11.28
CA ASP F 436 -12.57 -57.86 11.17
C ASP F 436 -13.96 -57.48 10.67
N GLN F 437 -14.56 -58.29 9.80
CA GLN F 437 -15.94 -58.07 9.40
C GLN F 437 -16.89 -58.29 10.57
N LYS F 438 -16.60 -59.28 11.42
CA LYS F 438 -17.34 -59.46 12.67
C LYS F 438 -17.21 -58.23 13.57
N ILE F 439 -16.02 -57.64 13.60
CA ILE F 439 -15.79 -56.44 14.41
C ILE F 439 -16.63 -55.27 13.89
N GLY F 440 -16.66 -55.10 12.57
CA GLY F 440 -17.48 -54.04 11.99
C GLY F 440 -18.97 -54.24 12.20
N ILE F 441 -19.42 -55.50 12.09
CA ILE F 441 -20.83 -55.82 12.34
C ILE F 441 -21.20 -55.53 13.78
N GLU F 442 -20.32 -55.89 14.73
CA GLU F 442 -20.57 -55.58 16.13
C GLU F 442 -20.53 -54.07 16.40
N ILE F 443 -19.70 -53.33 15.66
CA ILE F 443 -19.65 -51.88 15.79
C ILE F 443 -20.99 -51.27 15.39
N ILE F 444 -21.53 -51.71 14.25
CA ILE F 444 -22.85 -51.22 13.82
C ILE F 444 -23.95 -51.68 14.78
N LYS F 445 -23.82 -52.88 15.32
CA LYS F 445 -24.83 -53.40 16.24
C LYS F 445 -24.85 -52.61 17.55
N ARG F 446 -23.69 -52.15 18.01
CA ARG F 446 -23.66 -51.26 19.17
C ARG F 446 -24.06 -49.84 18.81
N THR F 447 -23.83 -49.43 17.56
CA THR F 447 -24.21 -48.10 17.12
C THR F 447 -25.72 -47.95 17.00
N LEU F 448 -26.44 -49.05 16.74
CA LEU F 448 -27.87 -48.95 16.49
C LEU F 448 -28.69 -48.59 17.72
N LYS F 449 -28.11 -48.59 18.92
CA LYS F 449 -28.82 -48.18 20.12
C LYS F 449 -28.58 -46.73 20.49
N ILE F 450 -27.69 -46.03 19.79
CA ILE F 450 -27.24 -44.68 20.13
C ILE F 450 -28.32 -43.61 20.02
N PRO F 451 -29.13 -43.52 18.93
CA PRO F 451 -30.13 -42.42 18.89
C PRO F 451 -31.18 -42.49 19.98
N ALA F 452 -31.68 -43.68 20.31
CA ALA F 452 -32.64 -43.81 21.41
C ALA F 452 -32.00 -43.47 22.74
N MET F 453 -30.74 -43.86 22.94
CA MET F 453 -30.02 -43.50 24.16
C MET F 453 -29.83 -41.99 24.27
N THR F 454 -29.55 -41.32 23.15
CA THR F 454 -29.37 -39.88 23.18
C THR F 454 -30.68 -39.15 23.48
N ILE F 455 -31.78 -39.60 22.87
CA ILE F 455 -33.10 -39.03 23.15
C ILE F 455 -33.46 -39.22 24.62
N ALA F 456 -33.25 -40.43 25.15
CA ALA F 456 -33.51 -40.67 26.57
C ALA F 456 -32.58 -39.86 27.48
N LYS F 457 -31.32 -39.68 27.08
CA LYS F 457 -30.36 -38.90 27.86
C LYS F 457 -30.77 -37.44 27.94
N ASN F 458 -31.24 -36.87 26.83
CA ASN F 458 -31.72 -35.49 26.86
C ASN F 458 -33.00 -35.34 27.67
N ALA F 459 -33.69 -36.44 27.97
CA ALA F 459 -34.93 -36.42 28.74
C ALA F 459 -34.70 -36.55 30.24
N GLY F 460 -33.45 -36.51 30.69
CA GLY F 460 -33.16 -36.57 32.11
C GLY F 460 -33.17 -37.94 32.72
N VAL F 461 -33.31 -38.99 31.92
CA VAL F 461 -33.30 -40.36 32.40
C VAL F 461 -32.12 -41.09 31.77
N GLU F 462 -31.79 -42.23 32.35
CA GLU F 462 -30.70 -43.06 31.83
C GLU F 462 -31.17 -43.81 30.58
N GLY F 463 -30.32 -43.84 29.57
CA GLY F 463 -30.74 -44.35 28.27
C GLY F 463 -30.63 -45.84 28.09
N SER F 464 -29.78 -46.50 28.87
CA SER F 464 -29.56 -47.93 28.67
C SER F 464 -30.70 -48.76 29.22
N LEU F 465 -31.28 -48.35 30.35
CA LEU F 465 -32.43 -49.07 30.88
C LEU F 465 -33.65 -48.89 30.00
N ILE F 466 -33.84 -47.68 29.46
CA ILE F 466 -34.90 -47.44 28.48
C ILE F 466 -34.71 -48.30 27.24
N VAL F 467 -33.47 -48.37 26.73
CA VAL F 467 -33.22 -49.14 25.51
C VAL F 467 -33.43 -50.63 25.73
N GLU F 468 -33.02 -51.16 26.89
CA GLU F 468 -33.25 -52.57 27.13
C GLU F 468 -34.72 -52.87 27.44
N LYS F 469 -35.45 -51.89 28.00
CA LYS F 469 -36.89 -52.06 28.13
C LYS F 469 -37.59 -52.08 26.77
N ILE F 470 -37.14 -51.25 25.84
CA ILE F 470 -37.72 -51.25 24.50
C ILE F 470 -37.40 -52.56 23.78
N MET F 471 -36.18 -53.08 23.97
CA MET F 471 -35.78 -54.30 23.26
C MET F 471 -36.51 -55.52 23.79
N GLN F 472 -36.89 -55.53 25.07
CA GLN F 472 -37.67 -56.62 25.64
C GLN F 472 -39.16 -56.48 25.39
N SER F 473 -39.61 -55.35 24.86
CA SER F 473 -41.02 -55.12 24.61
C SER F 473 -41.41 -55.68 23.25
N SER F 474 -42.66 -55.43 22.84
CA SER F 474 -43.13 -55.89 21.53
C SER F 474 -42.63 -54.95 20.44
N SER F 475 -42.96 -55.28 19.19
CA SER F 475 -42.43 -54.53 18.06
C SER F 475 -43.06 -53.16 17.91
N GLU F 476 -44.20 -52.93 18.55
CA GLU F 476 -44.91 -51.66 18.46
C GLU F 476 -44.80 -50.81 19.72
N VAL F 477 -43.86 -51.11 20.61
CA VAL F 477 -43.73 -50.41 21.88
C VAL F 477 -42.35 -49.77 21.93
N GLY F 478 -42.34 -48.46 22.15
CA GLY F 478 -41.10 -47.73 22.35
C GLY F 478 -41.28 -46.66 23.40
N TYR F 479 -40.26 -45.82 23.58
CA TYR F 479 -40.28 -44.79 24.61
C TYR F 479 -40.87 -43.51 24.05
N ASP F 480 -41.76 -42.88 24.82
CA ASP F 480 -42.22 -41.52 24.55
C ASP F 480 -41.46 -40.62 25.51
N ALA F 481 -40.42 -39.96 25.01
CA ALA F 481 -39.58 -39.14 25.87
C ALA F 481 -40.25 -37.83 26.26
N MET F 482 -41.28 -37.41 25.52
CA MET F 482 -42.07 -36.27 25.94
C MET F 482 -42.89 -36.59 27.18
N ALA F 483 -43.60 -37.72 27.16
CA ALA F 483 -44.46 -38.11 28.27
C ALA F 483 -43.74 -38.95 29.32
N GLY F 484 -42.57 -39.50 29.00
CA GLY F 484 -41.88 -40.38 29.93
C GLY F 484 -42.57 -41.71 30.15
N ASP F 485 -43.14 -42.29 29.10
CA ASP F 485 -43.89 -43.53 29.21
C ASP F 485 -43.67 -44.38 27.97
N PHE F 486 -43.88 -45.68 28.12
CA PHE F 486 -43.72 -46.63 27.03
C PHE F 486 -45.07 -46.86 26.38
N VAL F 487 -45.20 -46.46 25.11
CA VAL F 487 -46.50 -46.39 24.44
C VAL F 487 -46.44 -47.11 23.10
N ASN F 488 -47.61 -47.21 22.47
CA ASN F 488 -47.71 -47.61 21.06
C ASN F 488 -47.33 -46.41 20.21
N MET F 489 -46.22 -46.53 19.47
CA MET F 489 -45.65 -45.35 18.84
C MET F 489 -46.41 -44.92 17.59
N VAL F 490 -46.99 -45.88 16.87
CA VAL F 490 -47.78 -45.54 15.69
C VAL F 490 -49.09 -44.88 16.11
N GLU F 491 -49.70 -45.38 17.19
CA GLU F 491 -50.97 -44.82 17.65
C GLU F 491 -50.78 -43.45 18.29
N LYS F 492 -49.64 -43.21 18.94
CA LYS F 492 -49.34 -41.90 19.49
C LYS F 492 -48.71 -40.95 18.49
N GLY F 493 -48.37 -41.43 17.29
CA GLY F 493 -47.88 -40.57 16.24
C GLY F 493 -46.40 -40.28 16.24
N ILE F 494 -45.62 -40.96 17.08
CA ILE F 494 -44.18 -40.76 17.07
C ILE F 494 -43.58 -41.62 15.96
N ILE F 495 -43.51 -41.04 14.77
CA ILE F 495 -43.09 -41.76 13.57
C ILE F 495 -42.02 -40.95 12.86
N ASP F 496 -41.16 -41.65 12.12
CA ASP F 496 -40.05 -41.06 11.40
C ASP F 496 -40.11 -41.49 9.94
N PRO F 497 -39.69 -40.61 9.02
CA PRO F 497 -39.55 -41.04 7.63
C PRO F 497 -38.43 -42.06 7.47
N THR F 498 -38.66 -43.05 6.60
CA THR F 498 -37.67 -44.09 6.37
C THR F 498 -36.42 -43.53 5.69
N LYS F 499 -36.62 -42.63 4.73
CA LYS F 499 -35.52 -42.04 3.96
C LYS F 499 -34.55 -41.28 4.86
N VAL F 500 -35.09 -40.52 5.82
CA VAL F 500 -34.26 -39.76 6.75
C VAL F 500 -33.37 -40.70 7.56
N VAL F 501 -33.96 -41.79 8.08
CA VAL F 501 -33.23 -42.72 8.93
C VAL F 501 -32.13 -43.42 8.15
N ARG F 502 -32.45 -43.94 6.97
CA ARG F 502 -31.43 -44.65 6.20
C ARG F 502 -30.36 -43.71 5.65
N THR F 503 -30.75 -42.48 5.28
CA THR F 503 -29.77 -41.49 4.83
C THR F 503 -28.80 -41.13 5.95
N ALA F 504 -29.32 -40.92 7.16
CA ALA F 504 -28.47 -40.59 8.30
C ALA F 504 -27.52 -41.74 8.62
N LEU F 505 -28.03 -42.98 8.61
CA LEU F 505 -27.18 -44.13 8.94
C LEU F 505 -26.10 -44.34 7.89
N LEU F 506 -26.45 -44.27 6.60
CA LEU F 506 -25.48 -44.48 5.54
C LEU F 506 -24.42 -43.38 5.52
N ASP F 507 -24.85 -42.12 5.64
CA ASP F 507 -23.93 -40.99 5.61
C ASP F 507 -23.02 -40.98 6.82
N ALA F 508 -23.50 -41.45 7.98
CA ALA F 508 -22.62 -41.56 9.13
C ALA F 508 -21.62 -42.69 8.94
N ALA F 509 -22.10 -43.84 8.44
CA ALA F 509 -21.28 -45.04 8.38
C ALA F 509 -20.13 -44.90 7.40
N GLY F 510 -20.39 -44.34 6.20
CA GLY F 510 -19.34 -44.23 5.20
C GLY F 510 -18.17 -43.38 5.67
N VAL F 511 -18.48 -42.19 6.20
CA VAL F 511 -17.42 -41.27 6.59
C VAL F 511 -16.73 -41.74 7.87
N ALA F 512 -17.48 -42.32 8.81
CA ALA F 512 -16.85 -42.74 10.06
C ALA F 512 -16.00 -43.98 9.87
N SER F 513 -16.46 -44.93 9.04
CA SER F 513 -15.65 -46.11 8.75
C SER F 513 -14.47 -45.78 7.85
N LEU F 514 -14.52 -44.69 7.08
CA LEU F 514 -13.32 -44.26 6.38
C LEU F 514 -12.36 -43.55 7.33
N LEU F 515 -12.89 -42.83 8.32
CA LEU F 515 -12.05 -42.19 9.33
C LEU F 515 -11.31 -43.21 10.20
N THR F 516 -11.96 -44.34 10.49
CA THR F 516 -11.33 -45.32 11.38
C THR F 516 -10.32 -46.22 10.66
N THR F 517 -9.91 -45.88 9.44
CA THR F 517 -8.89 -46.62 8.71
C THR F 517 -7.57 -45.88 8.62
N ALA F 518 -7.33 -44.92 9.50
CA ALA F 518 -6.22 -43.98 9.35
C ALA F 518 -5.14 -44.24 10.40
N GLU F 519 -3.91 -44.44 9.94
CA GLU F 519 -2.75 -44.54 10.82
C GLU F 519 -1.92 -43.27 10.88
N VAL F 520 -1.91 -42.47 9.82
CA VAL F 520 -1.08 -41.27 9.72
C VAL F 520 -1.98 -40.08 9.40
N VAL F 521 -1.80 -39.00 10.15
CA VAL F 521 -2.53 -37.76 9.93
C VAL F 521 -1.51 -36.65 9.68
N VAL F 522 -1.68 -35.92 8.58
CA VAL F 522 -0.75 -34.87 8.16
C VAL F 522 -1.50 -33.54 8.19
N THR F 523 -0.99 -32.60 8.96
CA THR F 523 -1.56 -31.26 9.08
C THR F 523 -0.50 -30.21 8.76
N GLU F 524 -0.94 -28.96 8.72
CA GLU F 524 -0.04 -27.84 8.46
C GLU F 524 0.43 -27.23 9.76
N ILE F 525 1.66 -26.74 9.75
CA ILE F 525 2.21 -26.03 10.92
C ILE F 525 1.49 -24.70 11.07
N PRO F 526 0.91 -24.41 12.24
CA PRO F 526 0.22 -23.12 12.41
C PRO F 526 1.22 -21.97 12.47
N LYS F 527 0.86 -20.88 11.79
CA LYS F 527 1.73 -19.71 11.71
C LYS F 527 1.27 -18.62 12.67
N GLY G 1 22.77 -15.04 -3.11
CA GLY G 1 22.50 -13.79 -2.41
C GLY G 1 22.13 -14.01 -0.95
N SER G 2 21.27 -14.98 -0.70
CA SER G 2 20.86 -15.28 0.67
C SER G 2 21.96 -16.00 1.42
N ALA G 3 22.01 -15.77 2.74
CA ALA G 3 22.98 -16.45 3.58
C ALA G 3 22.67 -17.94 3.66
N LYS G 4 23.73 -18.74 3.74
CA LYS G 4 23.61 -20.18 3.61
C LYS G 4 24.16 -20.88 4.85
N ASP G 5 23.56 -22.03 5.16
CA ASP G 5 24.05 -22.93 6.20
C ASP G 5 24.66 -24.15 5.51
N VAL G 6 25.87 -24.51 5.92
CA VAL G 6 26.64 -25.57 5.28
C VAL G 6 26.97 -26.62 6.34
N LYS G 7 26.63 -27.88 6.06
CA LYS G 7 26.93 -29.00 6.94
C LYS G 7 27.81 -30.01 6.21
N PHE G 8 28.57 -30.78 7.00
CA PHE G 8 29.56 -31.70 6.48
C PHE G 8 29.34 -33.08 7.07
N GLY G 9 29.77 -34.10 6.33
CA GLY G 9 29.92 -35.43 6.89
C GLY G 9 28.61 -36.11 7.22
N ALA G 10 28.59 -36.80 8.36
CA ALA G 10 27.48 -37.66 8.72
C ALA G 10 26.36 -36.96 9.48
N ASP G 11 26.55 -35.69 9.86
CA ASP G 11 25.45 -34.95 10.49
C ASP G 11 24.41 -34.56 9.46
N ALA G 12 24.85 -34.05 8.32
CA ALA G 12 23.95 -33.74 7.22
C ALA G 12 23.28 -34.99 6.69
N ARG G 13 24.04 -36.07 6.57
CA ARG G 13 23.49 -37.35 6.14
C ARG G 13 22.46 -37.88 7.14
N ALA G 14 22.72 -37.71 8.45
CA ALA G 14 21.77 -38.12 9.48
C ALA G 14 20.47 -37.33 9.39
N LEU G 15 20.57 -36.01 9.18
CA LEU G 15 19.38 -35.18 9.06
C LEU G 15 18.59 -35.51 7.79
N MET G 16 19.30 -35.78 6.69
CA MET G 16 18.66 -36.15 5.44
C MET G 16 17.95 -37.50 5.56
N LEU G 17 18.65 -38.51 6.09
CA LEU G 17 18.04 -39.78 6.45
C LEU G 17 16.83 -39.61 7.37
N GLN G 18 16.86 -38.63 8.28
CA GLN G 18 15.72 -38.39 9.15
C GLN G 18 14.50 -37.93 8.36
N GLY G 19 14.71 -37.01 7.41
CA GLY G 19 13.60 -36.61 6.55
C GLY G 19 13.09 -37.73 5.67
N VAL G 20 14.01 -38.52 5.10
CA VAL G 20 13.66 -39.70 4.30
C VAL G 20 12.86 -40.68 5.14
N ASP G 21 13.28 -40.89 6.39
CA ASP G 21 12.62 -41.85 7.26
C ASP G 21 11.23 -41.37 7.65
N LEU G 22 11.07 -40.05 7.87
CA LEU G 22 9.74 -39.52 8.20
C LEU G 22 8.77 -39.71 7.05
N LEU G 23 9.17 -39.31 5.83
CA LEU G 23 8.26 -39.41 4.70
C LEU G 23 7.98 -40.87 4.34
N ALA G 24 9.01 -41.72 4.39
CA ALA G 24 8.80 -43.12 4.02
C ALA G 24 8.08 -43.90 5.11
N ASP G 25 8.21 -43.51 6.38
CA ASP G 25 7.40 -44.14 7.43
C ASP G 25 5.94 -43.73 7.31
N ALA G 26 5.67 -42.50 6.89
CA ALA G 26 4.28 -42.13 6.62
C ALA G 26 3.72 -42.87 5.41
N VAL G 27 4.57 -43.12 4.41
CA VAL G 27 4.10 -43.79 3.19
C VAL G 27 3.95 -45.30 3.40
N ALA G 28 4.82 -45.92 4.20
CA ALA G 28 4.87 -47.38 4.30
C ALA G 28 3.68 -47.97 5.03
N VAL G 29 2.91 -47.18 5.77
CA VAL G 29 1.72 -47.71 6.43
C VAL G 29 0.61 -48.04 5.44
N THR G 30 0.71 -47.51 4.22
CA THR G 30 -0.31 -47.69 3.19
C THR G 30 -0.11 -48.96 2.36
N MET G 31 0.97 -49.70 2.58
CA MET G 31 1.39 -50.75 1.67
C MET G 31 0.66 -52.06 1.93
N GLY G 32 0.06 -52.60 0.89
CA GLY G 32 -0.43 -53.97 0.88
C GLY G 32 -1.92 -54.09 1.11
N PRO G 33 -2.40 -55.32 1.33
CA PRO G 33 -3.82 -55.51 1.60
C PRO G 33 -4.19 -55.28 3.05
N LYS G 34 -3.20 -55.20 3.94
CA LYS G 34 -3.38 -54.79 5.33
C LYS G 34 -2.92 -53.35 5.55
N GLY G 35 -2.80 -52.59 4.47
CA GLY G 35 -2.40 -51.21 4.59
C GLY G 35 -3.53 -50.32 5.09
N ARG G 36 -3.14 -49.24 5.74
CA ARG G 36 -4.06 -48.28 6.33
C ARG G 36 -3.98 -46.97 5.57
N THR G 37 -4.91 -46.06 5.86
CA THR G 37 -5.00 -44.83 5.09
C THR G 37 -4.29 -43.69 5.80
N VAL G 38 -4.08 -42.60 5.06
CA VAL G 38 -3.44 -41.40 5.57
C VAL G 38 -4.40 -40.24 5.35
N ILE G 39 -4.69 -39.50 6.42
CA ILE G 39 -5.52 -38.32 6.32
C ILE G 39 -4.63 -37.09 6.16
N ILE G 40 -4.89 -36.32 5.10
CA ILE G 40 -4.12 -35.13 4.79
C ILE G 40 -5.03 -33.93 4.92
N GLU G 41 -4.63 -32.97 5.75
CA GLU G 41 -5.43 -31.75 5.95
C GLU G 41 -5.34 -30.86 4.71
N GLN G 42 -6.50 -30.45 4.22
CA GLN G 42 -6.59 -29.56 3.06
C GLN G 42 -6.94 -28.16 3.54
N SER G 43 -6.34 -27.14 2.92
CA SER G 43 -6.51 -25.78 3.39
C SER G 43 -7.90 -25.24 3.09
N TRP G 44 -8.52 -25.66 1.99
CA TRP G 44 -9.81 -25.08 1.63
C TRP G 44 -10.96 -25.73 2.40
N GLY G 45 -11.18 -27.02 2.20
CA GLY G 45 -12.35 -27.67 2.75
C GLY G 45 -12.12 -28.91 3.58
N SER G 46 -12.73 -30.02 3.13
CA SER G 46 -12.67 -31.28 3.85
C SER G 46 -11.31 -31.94 3.66
N PRO G 47 -10.79 -32.62 4.69
CA PRO G 47 -9.49 -33.29 4.55
C PRO G 47 -9.57 -34.50 3.63
N LYS G 48 -8.41 -34.84 3.08
CA LYS G 48 -8.28 -35.93 2.11
C LYS G 48 -7.82 -37.20 2.80
N VAL G 49 -8.52 -38.29 2.55
CA VAL G 49 -8.15 -39.62 3.04
C VAL G 49 -7.66 -40.43 1.86
N THR G 50 -6.44 -40.97 1.98
CA THR G 50 -5.83 -41.65 0.84
C THR G 50 -4.99 -42.83 1.30
N LYS G 51 -4.83 -43.79 0.39
CA LYS G 51 -3.90 -44.89 0.52
C LYS G 51 -2.81 -44.82 -0.54
N ASP G 52 -2.95 -43.92 -1.50
CA ASP G 52 -2.00 -43.78 -2.60
C ASP G 52 -0.70 -43.16 -2.10
N GLY G 53 0.44 -43.77 -2.49
CA GLY G 53 1.71 -43.40 -1.90
C GLY G 53 2.24 -42.04 -2.31
N VAL G 54 2.08 -41.69 -3.59
CA VAL G 54 2.61 -40.41 -4.06
C VAL G 54 1.78 -39.25 -3.53
N THR G 55 0.50 -39.48 -3.19
CA THR G 55 -0.31 -38.44 -2.59
C THR G 55 0.14 -38.16 -1.16
N VAL G 56 0.55 -39.21 -0.44
CA VAL G 56 1.12 -39.03 0.89
C VAL G 56 2.48 -38.35 0.79
N ALA G 57 3.28 -38.73 -0.22
CA ALA G 57 4.62 -38.17 -0.37
C ALA G 57 4.59 -36.69 -0.70
N LYS G 58 3.76 -36.29 -1.68
CA LYS G 58 3.69 -34.89 -2.10
C LYS G 58 3.17 -33.96 -1.01
N SER G 59 2.40 -34.48 -0.06
CA SER G 59 1.78 -33.66 0.96
C SER G 59 2.70 -33.34 2.13
N ILE G 60 3.92 -33.88 2.16
CA ILE G 60 4.79 -33.79 3.33
C ILE G 60 5.96 -32.86 3.01
N ASP G 61 6.06 -31.79 3.78
CA ASP G 61 7.23 -30.90 3.78
C ASP G 61 7.61 -30.62 5.22
N LEU G 62 8.90 -30.34 5.44
CA LEU G 62 9.42 -30.15 6.79
C LEU G 62 10.02 -28.75 6.95
N LYS G 63 9.98 -28.27 8.19
CA LYS G 63 10.62 -27.00 8.52
C LYS G 63 12.14 -27.13 8.47
N ASP G 64 12.68 -28.22 9.00
CA ASP G 64 14.10 -28.50 8.88
C ASP G 64 14.46 -28.73 7.42
N LYS G 65 15.33 -27.89 6.88
CA LYS G 65 15.63 -27.93 5.45
C LYS G 65 16.50 -29.12 5.08
N TYR G 66 17.35 -29.58 6.00
CA TYR G 66 18.14 -30.78 5.75
C TYR G 66 17.27 -32.02 5.67
N LYS G 67 16.25 -32.10 6.52
CA LYS G 67 15.25 -33.15 6.39
C LYS G 67 14.39 -32.96 5.15
N ASN G 68 14.11 -31.71 4.79
CA ASN G 68 13.27 -31.43 3.64
C ASN G 68 13.95 -31.80 2.33
N ILE G 69 15.28 -31.76 2.28
CA ILE G 69 15.99 -32.22 1.08
C ILE G 69 15.76 -33.70 0.83
N GLY G 70 15.87 -34.52 1.89
CA GLY G 70 15.61 -35.93 1.73
C GLY G 70 14.14 -36.22 1.45
N ALA G 71 13.25 -35.43 2.05
CA ALA G 71 11.83 -35.55 1.74
C ALA G 71 11.55 -35.24 0.28
N LYS G 72 12.17 -34.18 -0.26
CA LYS G 72 12.00 -33.83 -1.66
C LYS G 72 12.59 -34.88 -2.59
N LEU G 73 13.70 -35.52 -2.20
CA LEU G 73 14.28 -36.54 -3.05
C LEU G 73 13.39 -37.79 -3.11
N VAL G 74 12.86 -38.22 -1.96
CA VAL G 74 11.93 -39.35 -2.00
C VAL G 74 10.62 -38.96 -2.68
N GLN G 75 10.24 -37.68 -2.59
CA GLN G 75 9.10 -37.18 -3.37
C GLN G 75 9.38 -37.29 -4.86
N ASP G 76 10.61 -37.01 -5.28
CA ASP G 76 10.98 -37.18 -6.68
C ASP G 76 10.90 -38.64 -7.11
N VAL G 77 11.29 -39.55 -6.21
CA VAL G 77 11.15 -40.99 -6.49
C VAL G 77 9.69 -41.36 -6.71
N ALA G 78 8.82 -40.95 -5.77
CA ALA G 78 7.40 -41.29 -5.87
C ALA G 78 6.77 -40.64 -7.09
N ASN G 79 7.16 -39.41 -7.41
CA ASN G 79 6.60 -38.71 -8.55
C ASN G 79 7.04 -39.33 -9.86
N ASN G 80 8.30 -39.76 -9.96
CA ASN G 80 8.75 -40.44 -11.18
C ASN G 80 8.05 -41.78 -11.34
N THR G 81 7.82 -42.50 -10.24
CA THR G 81 7.14 -43.78 -10.35
C THR G 81 5.67 -43.60 -10.73
N ASN G 82 5.03 -42.56 -10.20
CA ASN G 82 3.66 -42.28 -10.60
C ASN G 82 3.58 -41.77 -12.04
N GLU G 83 4.63 -41.13 -12.54
CA GLU G 83 4.60 -40.59 -13.89
C GLU G 83 4.82 -41.68 -14.94
N GLU G 84 5.90 -42.46 -14.83
CA GLU G 84 6.15 -43.47 -15.85
C GLU G 84 5.50 -44.83 -15.56
N ALA G 85 4.80 -45.01 -14.45
CA ALA G 85 4.10 -46.28 -14.26
C ALA G 85 2.65 -46.10 -13.82
N GLY G 86 2.37 -45.04 -13.06
CA GLY G 86 1.05 -44.84 -12.50
C GLY G 86 0.71 -45.71 -11.31
N ASP G 87 1.65 -46.50 -10.83
CA ASP G 87 1.42 -47.43 -9.74
C ASP G 87 2.78 -47.81 -9.14
N GLY G 88 2.75 -48.37 -7.94
CA GLY G 88 3.96 -48.81 -7.30
C GLY G 88 4.79 -47.74 -6.64
N THR G 89 4.16 -46.64 -6.21
CA THR G 89 4.89 -45.54 -5.62
C THR G 89 5.29 -45.81 -4.18
N THR G 90 4.47 -46.55 -3.43
CA THR G 90 4.84 -46.97 -2.08
C THR G 90 6.03 -47.92 -2.10
N THR G 91 6.06 -48.82 -3.09
CA THR G 91 7.19 -49.74 -3.24
C THR G 91 8.46 -48.97 -3.57
N ALA G 92 8.36 -48.00 -4.48
CA ALA G 92 9.50 -47.16 -4.82
C ALA G 92 9.99 -46.37 -3.62
N THR G 93 9.05 -45.88 -2.79
CA THR G 93 9.41 -45.11 -1.61
C THR G 93 10.17 -45.96 -0.59
N VAL G 94 9.68 -47.18 -0.32
CA VAL G 94 10.38 -48.00 0.67
C VAL G 94 11.70 -48.53 0.11
N LEU G 95 11.77 -48.81 -1.19
CA LEU G 95 13.05 -49.20 -1.79
C LEU G 95 14.07 -48.07 -1.72
N ALA G 96 13.63 -46.83 -2.01
CA ALA G 96 14.53 -45.68 -1.93
C ALA G 96 15.00 -45.44 -0.51
N ARG G 97 14.10 -45.58 0.48
CA ARG G 97 14.51 -45.52 1.88
C ARG G 97 15.58 -46.56 2.20
N SER G 98 15.36 -47.80 1.77
CA SER G 98 16.32 -48.86 2.07
C SER G 98 17.68 -48.61 1.44
N ILE G 99 17.70 -48.16 0.17
CA ILE G 99 18.97 -47.88 -0.49
C ILE G 99 19.68 -46.69 0.17
N ALA G 100 18.93 -45.64 0.52
CA ALA G 100 19.53 -44.48 1.16
C ALA G 100 20.09 -44.82 2.53
N LYS G 101 19.36 -45.63 3.31
CA LYS G 101 19.80 -46.00 4.64
C LYS G 101 21.04 -46.91 4.58
N GLU G 102 21.00 -47.94 3.73
CA GLU G 102 22.13 -48.85 3.64
C GLU G 102 23.33 -48.24 2.91
N GLY G 103 23.12 -47.13 2.19
CA GLY G 103 24.24 -46.42 1.61
C GLY G 103 24.86 -45.44 2.58
N PHE G 104 24.04 -44.78 3.40
CA PHE G 104 24.59 -43.94 4.46
C PHE G 104 25.28 -44.78 5.53
N GLU G 105 24.85 -46.03 5.72
CA GLU G 105 25.45 -46.89 6.72
C GLU G 105 26.79 -47.47 6.28
N LYS G 106 27.19 -47.26 5.02
CA LYS G 106 28.36 -47.89 4.44
C LYS G 106 29.42 -46.90 4.01
N ILE G 107 29.26 -45.62 4.33
CA ILE G 107 30.21 -44.59 3.93
C ILE G 107 31.30 -44.49 4.99
N SER G 108 32.55 -44.69 4.57
CA SER G 108 33.71 -44.57 5.44
C SER G 108 34.75 -43.67 4.80
N LYS G 109 35.95 -43.62 5.38
CA LYS G 109 37.00 -42.76 4.83
C LYS G 109 37.55 -43.32 3.53
N GLY G 110 37.81 -44.63 3.48
CA GLY G 110 38.31 -45.28 2.30
C GLY G 110 37.25 -45.68 1.28
N ALA G 111 35.99 -45.34 1.52
CA ALA G 111 34.91 -45.72 0.62
C ALA G 111 34.71 -44.67 -0.47
N ASN G 112 34.40 -45.14 -1.68
CA ASN G 112 34.05 -44.27 -2.79
C ASN G 112 32.57 -44.42 -3.10
N PRO G 113 31.72 -43.49 -2.66
CA PRO G 113 30.27 -43.64 -2.90
C PRO G 113 29.85 -43.58 -4.37
N VAL G 114 30.69 -43.05 -5.26
CA VAL G 114 30.33 -43.05 -6.68
C VAL G 114 30.54 -44.43 -7.29
N GLU G 115 31.57 -45.13 -6.86
CA GLU G 115 31.72 -46.54 -7.26
C GLU G 115 30.65 -47.41 -6.62
N ILE G 116 30.21 -47.05 -5.40
CA ILE G 116 29.08 -47.73 -4.78
C ILE G 116 27.82 -47.52 -5.59
N ARG G 117 27.63 -46.29 -6.12
CA ARG G 117 26.48 -46.02 -6.97
C ARG G 117 26.57 -46.79 -8.28
N ARG G 118 27.78 -46.92 -8.84
CA ARG G 118 27.98 -47.74 -10.03
C ARG G 118 27.60 -49.19 -9.78
N GLY G 119 28.06 -49.75 -8.66
CA GLY G 119 27.64 -51.09 -8.26
C GLY G 119 26.15 -51.24 -8.08
N VAL G 120 25.51 -50.24 -7.44
CA VAL G 120 24.06 -50.24 -7.25
C VAL G 120 23.35 -50.30 -8.58
N MET G 121 23.76 -49.47 -9.54
CA MET G 121 23.07 -49.43 -10.82
C MET G 121 23.33 -50.68 -11.65
N LEU G 122 24.54 -51.25 -11.55
CA LEU G 122 24.82 -52.53 -12.20
C LEU G 122 23.95 -53.65 -11.64
N ALA G 123 23.77 -53.68 -10.32
CA ALA G 123 22.93 -54.70 -9.70
C ALA G 123 21.47 -54.52 -10.07
N VAL G 124 21.01 -53.27 -10.14
CA VAL G 124 19.63 -53.01 -10.56
C VAL G 124 19.42 -53.40 -12.02
N ASP G 125 20.43 -53.20 -12.86
CA ASP G 125 20.35 -53.66 -14.24
C ASP G 125 20.23 -55.18 -14.33
N ALA G 126 21.02 -55.89 -13.51
CA ALA G 126 20.89 -57.34 -13.41
C ALA G 126 19.49 -57.77 -12.97
N VAL G 127 18.95 -57.12 -11.93
CA VAL G 127 17.64 -57.46 -11.40
C VAL G 127 16.54 -57.16 -12.41
N ILE G 128 16.71 -56.09 -13.21
CA ILE G 128 15.68 -55.78 -14.21
C ILE G 128 15.77 -56.75 -15.38
N ALA G 129 16.96 -57.24 -15.70
CA ALA G 129 17.08 -58.31 -16.68
C ALA G 129 16.41 -59.59 -16.20
N GLU G 130 16.57 -59.92 -14.91
CA GLU G 130 15.91 -61.11 -14.37
C GLU G 130 14.39 -60.91 -14.27
N LEU G 131 13.94 -59.67 -14.05
CA LEU G 131 12.51 -59.37 -14.06
C LEU G 131 11.92 -59.54 -15.45
N LYS G 132 12.66 -59.12 -16.47
CA LYS G 132 12.21 -59.33 -17.85
C LYS G 132 12.26 -60.81 -18.22
N LYS G 133 13.14 -61.57 -17.58
CA LYS G 133 13.19 -63.01 -17.81
C LYS G 133 11.99 -63.71 -17.17
N GLN G 134 11.66 -63.36 -15.92
CA GLN G 134 10.58 -64.02 -15.21
C GLN G 134 9.19 -63.63 -15.72
N SER G 135 9.08 -62.52 -16.45
CA SER G 135 7.77 -62.00 -16.84
C SER G 135 7.08 -62.92 -17.84
N LYS G 136 5.75 -62.98 -17.75
CA LYS G 136 4.91 -63.73 -18.66
C LYS G 136 3.80 -62.84 -19.20
N PRO G 137 3.38 -63.06 -20.43
CA PRO G 137 2.36 -62.19 -21.03
C PRO G 137 0.95 -62.55 -20.58
N VAL G 138 0.16 -61.50 -20.37
CA VAL G 138 -1.25 -61.65 -20.00
C VAL G 138 -2.04 -62.11 -21.21
N THR G 139 -2.65 -63.29 -21.12
CA THR G 139 -3.42 -63.85 -22.23
C THR G 139 -4.91 -63.98 -21.94
N THR G 140 -5.32 -64.01 -20.67
CA THR G 140 -6.71 -64.24 -20.32
C THR G 140 -7.29 -63.06 -19.55
N PRO G 141 -8.56 -62.70 -19.80
CA PRO G 141 -9.17 -61.60 -19.04
C PRO G 141 -9.35 -61.89 -17.55
N GLU G 142 -9.28 -63.16 -17.14
CA GLU G 142 -9.23 -63.48 -15.71
C GLU G 142 -8.00 -62.85 -15.07
N GLU G 143 -6.86 -62.89 -15.75
CA GLU G 143 -5.66 -62.24 -15.24
C GLU G 143 -5.80 -60.72 -15.25
N ILE G 144 -6.57 -60.17 -16.19
CA ILE G 144 -6.86 -58.75 -16.21
C ILE G 144 -7.65 -58.35 -14.97
N ALA G 145 -8.70 -59.12 -14.66
CA ALA G 145 -9.50 -58.87 -13.47
C ALA G 145 -8.68 -59.07 -12.20
N GLN G 146 -7.74 -60.02 -12.23
CA GLN G 146 -6.88 -60.26 -11.07
C GLN G 146 -5.93 -59.10 -10.83
N VAL G 147 -5.31 -58.59 -11.89
CA VAL G 147 -4.40 -57.43 -11.77
C VAL G 147 -5.16 -56.22 -11.25
N ALA G 148 -6.34 -55.94 -11.84
CA ALA G 148 -7.09 -54.76 -11.42
C ALA G 148 -7.68 -54.94 -10.02
N THR G 149 -7.93 -56.18 -9.60
CA THR G 149 -8.41 -56.43 -8.24
C THR G 149 -7.29 -56.23 -7.22
N ILE G 150 -6.10 -56.76 -7.52
CA ILE G 150 -4.96 -56.62 -6.61
C ILE G 150 -4.55 -55.15 -6.47
N SER G 151 -4.54 -54.43 -7.59
CA SER G 151 -4.13 -53.03 -7.57
C SER G 151 -5.16 -52.10 -6.94
N ALA G 152 -6.39 -52.56 -6.73
CA ALA G 152 -7.43 -51.76 -6.10
C ALA G 152 -7.73 -52.23 -4.67
N ASN G 153 -6.70 -52.73 -3.98
CA ASN G 153 -6.78 -53.21 -2.60
C ASN G 153 -7.82 -54.33 -2.45
N GLY G 154 -7.69 -55.35 -3.30
CA GLY G 154 -8.54 -56.53 -3.21
C GLY G 154 -10.01 -56.29 -3.46
N ASP G 155 -10.36 -55.26 -4.22
CA ASP G 155 -11.76 -55.00 -4.58
C ASP G 155 -12.08 -55.77 -5.85
N LYS G 156 -12.91 -56.80 -5.72
CA LYS G 156 -13.25 -57.61 -6.88
C LYS G 156 -14.22 -56.89 -7.82
N GLU G 157 -15.01 -55.96 -7.28
CA GLU G 157 -15.95 -55.19 -8.11
C GLU G 157 -15.20 -54.29 -9.08
N ILE G 158 -14.12 -53.64 -8.61
CA ILE G 158 -13.34 -52.77 -9.47
C ILE G 158 -12.61 -53.56 -10.55
N GLY G 159 -12.06 -54.73 -10.17
CA GLY G 159 -11.41 -55.57 -11.15
C GLY G 159 -12.37 -56.12 -12.19
N ASN G 160 -13.56 -56.54 -11.75
CA ASN G 160 -14.57 -57.03 -12.68
C ASN G 160 -15.04 -55.93 -13.61
N ILE G 161 -15.25 -54.71 -13.10
CA ILE G 161 -15.75 -53.65 -13.96
C ILE G 161 -14.68 -53.17 -14.94
N ILE G 162 -13.40 -53.18 -14.54
CA ILE G 162 -12.34 -52.81 -15.46
C ILE G 162 -12.15 -53.88 -16.54
N SER G 163 -12.23 -55.16 -16.14
CA SER G 163 -12.15 -56.25 -17.11
C SER G 163 -13.30 -56.19 -18.10
N ASP G 164 -14.51 -55.89 -17.62
CA ASP G 164 -15.65 -55.73 -18.52
C ASP G 164 -15.49 -54.50 -19.42
N ALA G 165 -14.88 -53.44 -18.88
CA ALA G 165 -14.69 -52.21 -19.65
C ALA G 165 -13.74 -52.43 -20.82
N MET G 166 -12.67 -53.19 -20.62
CA MET G 166 -11.82 -53.49 -21.76
C MET G 166 -12.25 -54.74 -22.54
N LYS G 167 -13.22 -55.50 -22.02
CA LYS G 167 -13.91 -56.48 -22.85
C LYS G 167 -14.81 -55.79 -23.87
N LYS G 168 -15.47 -54.71 -23.45
CA LYS G 168 -16.41 -54.02 -24.34
C LYS G 168 -15.71 -53.07 -25.29
N VAL G 169 -14.59 -52.47 -24.88
CA VAL G 169 -13.93 -51.43 -25.66
C VAL G 169 -12.62 -51.92 -26.27
N GLY G 170 -11.65 -52.25 -25.44
CA GLY G 170 -10.34 -52.64 -25.93
C GLY G 170 -9.33 -52.65 -24.80
N ARG G 171 -8.41 -53.61 -24.86
CA ARG G 171 -7.28 -53.63 -23.93
C ARG G 171 -6.40 -52.41 -24.10
N LYS G 172 -6.32 -51.86 -25.32
CA LYS G 172 -5.67 -50.58 -25.57
C LYS G 172 -6.70 -49.47 -25.79
N GLY G 173 -7.93 -49.66 -25.29
CA GLY G 173 -8.97 -48.67 -25.44
C GLY G 173 -8.84 -47.55 -24.44
N VAL G 174 -9.73 -46.57 -24.58
CA VAL G 174 -9.73 -45.37 -23.75
C VAL G 174 -10.73 -45.56 -22.62
N ILE G 175 -10.24 -45.55 -21.39
CA ILE G 175 -11.05 -45.76 -20.20
C ILE G 175 -10.80 -44.62 -19.23
N THR G 176 -11.87 -43.95 -18.81
CA THR G 176 -11.75 -42.76 -17.96
C THR G 176 -12.58 -42.91 -16.69
N VAL G 177 -12.27 -42.07 -15.70
CA VAL G 177 -12.88 -42.10 -14.37
C VAL G 177 -13.44 -40.73 -14.07
N LYS G 178 -14.64 -40.70 -13.48
CA LYS G 178 -15.22 -39.45 -13.00
C LYS G 178 -16.16 -39.75 -11.83
N ASP G 179 -16.58 -38.68 -11.17
CA ASP G 179 -17.46 -38.80 -10.00
C ASP G 179 -18.83 -39.35 -10.40
N GLY G 180 -19.41 -40.14 -9.49
CA GLY G 180 -20.76 -40.64 -9.67
C GLY G 180 -21.66 -40.16 -8.53
N LYS G 181 -22.92 -39.93 -8.87
CA LYS G 181 -23.90 -39.46 -7.90
C LYS G 181 -24.64 -40.61 -7.21
N THR G 182 -24.37 -41.86 -7.59
CA THR G 182 -25.00 -43.02 -6.99
C THR G 182 -24.09 -43.65 -5.95
N LEU G 183 -24.67 -44.60 -5.20
CA LEU G 183 -23.90 -45.32 -4.19
C LEU G 183 -22.91 -46.31 -4.83
N ASN G 184 -23.33 -46.98 -5.89
CA ASN G 184 -22.54 -48.04 -6.49
C ASN G 184 -21.86 -47.56 -7.77
N ASP G 185 -20.81 -48.28 -8.16
CA ASP G 185 -20.09 -47.95 -9.38
C ASP G 185 -20.87 -48.41 -10.60
N GLU G 186 -20.64 -47.73 -11.72
CA GLU G 186 -21.30 -48.08 -12.96
C GLU G 186 -20.37 -47.80 -14.14
N LEU G 187 -20.62 -48.51 -15.23
CA LEU G 187 -19.82 -48.41 -16.45
C LEU G 187 -20.73 -48.04 -17.62
N GLU G 188 -20.39 -46.96 -18.30
CA GLU G 188 -21.12 -46.52 -19.48
C GLU G 188 -20.16 -46.49 -20.67
N ILE G 189 -20.62 -47.01 -21.80
CA ILE G 189 -19.81 -47.07 -23.01
C ILE G 189 -20.39 -46.04 -23.98
N ILE G 190 -19.64 -44.96 -24.20
CA ILE G 190 -20.12 -43.83 -24.99
C ILE G 190 -19.11 -43.54 -26.09
N GLU G 191 -19.57 -42.82 -27.12
CA GLU G 191 -18.72 -42.47 -28.24
C GLU G 191 -17.76 -41.34 -27.89
N GLY G 192 -16.50 -41.52 -28.24
CA GLY G 192 -15.49 -40.53 -27.95
C GLY G 192 -14.18 -40.89 -28.63
N MET G 193 -13.23 -39.95 -28.54
CA MET G 193 -11.90 -40.13 -29.10
C MET G 193 -10.88 -39.60 -28.11
N LYS G 194 -9.61 -39.90 -28.39
CA LYS G 194 -8.50 -39.48 -27.54
C LYS G 194 -7.20 -39.50 -28.34
N PHE G 195 -6.47 -38.39 -28.31
CA PHE G 195 -5.19 -38.27 -29.01
C PHE G 195 -4.15 -37.74 -28.03
N ASP G 196 -2.87 -37.94 -28.39
CA ASP G 196 -1.76 -37.78 -27.47
C ASP G 196 -1.11 -36.39 -27.53
N ARG G 197 -1.88 -35.35 -27.81
CA ARG G 197 -1.38 -33.98 -27.76
C ARG G 197 -2.09 -33.23 -26.64
N GLY G 198 -1.30 -32.67 -25.72
CA GLY G 198 -1.83 -31.90 -24.60
C GLY G 198 -2.03 -30.45 -24.96
N TYR G 199 -2.20 -29.63 -23.92
CA TYR G 199 -2.34 -28.20 -24.15
C TYR G 199 -0.99 -27.60 -24.51
N ILE G 200 -1.05 -26.39 -25.08
CA ILE G 200 0.16 -25.73 -25.53
C ILE G 200 0.72 -24.76 -24.48
N SER G 201 -0.15 -24.12 -23.71
CA SER G 201 0.27 -23.29 -22.59
C SER G 201 -0.43 -23.76 -21.32
N PRO G 202 0.25 -23.65 -20.17
CA PRO G 202 -0.35 -24.07 -18.90
C PRO G 202 -1.31 -23.07 -18.28
N TYR G 203 -1.54 -21.92 -18.93
CA TYR G 203 -2.50 -20.95 -18.43
C TYR G 203 -3.95 -21.36 -18.66
N PHE G 204 -4.19 -22.39 -19.47
CA PHE G 204 -5.55 -22.79 -19.81
C PHE G 204 -6.23 -23.61 -18.73
N ILE G 205 -5.51 -24.01 -17.68
CA ILE G 205 -6.07 -24.90 -16.68
C ILE G 205 -7.04 -24.12 -15.78
N ASN G 206 -8.26 -24.62 -15.69
CA ASN G 206 -9.27 -24.07 -14.78
C ASN G 206 -9.65 -25.05 -13.68
N THR G 207 -9.13 -26.28 -13.71
CA THR G 207 -9.38 -27.30 -12.70
C THR G 207 -8.02 -27.71 -12.13
N SER G 208 -7.68 -27.17 -10.96
CA SER G 208 -6.38 -27.44 -10.35
C SER G 208 -6.34 -28.74 -9.56
N LYS G 209 -7.34 -29.61 -9.72
CA LYS G 209 -7.32 -30.88 -9.01
C LYS G 209 -6.65 -31.97 -9.83
N GLY G 210 -6.78 -31.94 -11.16
CA GLY G 210 -6.08 -32.88 -12.00
C GLY G 210 -5.22 -32.19 -13.05
N GLN G 211 -4.98 -30.89 -12.85
CA GLN G 211 -4.18 -30.05 -13.76
C GLN G 211 -4.66 -30.18 -15.20
N LYS G 212 -5.97 -30.03 -15.41
CA LYS G 212 -6.56 -30.23 -16.72
C LYS G 212 -7.59 -29.14 -16.98
N CYS G 213 -7.86 -28.91 -18.27
CA CYS G 213 -8.89 -27.97 -18.70
C CYS G 213 -10.14 -28.73 -19.09
N GLU G 214 -11.26 -28.36 -18.49
CA GLU G 214 -12.51 -29.10 -18.65
C GLU G 214 -13.61 -28.15 -19.08
N PHE G 215 -14.16 -28.37 -20.27
CA PHE G 215 -15.31 -27.63 -20.77
C PHE G 215 -16.42 -28.61 -21.13
N GLN G 216 -17.64 -28.08 -21.20
CA GLN G 216 -18.81 -28.85 -21.61
C GLN G 216 -19.60 -28.05 -22.62
N ASP G 217 -20.03 -28.72 -23.70
CA ASP G 217 -20.79 -28.12 -24.80
C ASP G 217 -20.04 -26.93 -25.40
N ALA G 218 -18.87 -27.24 -25.98
CA ALA G 218 -17.96 -26.23 -26.48
C ALA G 218 -17.77 -26.36 -27.99
N TYR G 219 -17.42 -25.25 -28.63
CA TYR G 219 -17.07 -25.28 -30.04
C TYR G 219 -15.69 -25.92 -30.24
N VAL G 220 -15.50 -26.50 -31.42
CA VAL G 220 -14.25 -27.15 -31.78
C VAL G 220 -13.85 -26.65 -33.17
N LEU G 221 -12.62 -26.18 -33.31
CA LEU G 221 -12.16 -25.52 -34.52
C LEU G 221 -11.01 -26.32 -35.12
N LEU G 222 -11.23 -26.89 -36.29
CA LEU G 222 -10.25 -27.69 -37.00
C LEU G 222 -9.62 -26.85 -38.10
N SER G 223 -8.31 -27.05 -38.31
CA SER G 223 -7.64 -26.35 -39.41
C SER G 223 -6.46 -27.15 -39.89
N GLU G 224 -6.27 -27.18 -41.21
CA GLU G 224 -5.09 -27.82 -41.78
C GLU G 224 -3.87 -26.90 -41.71
N LYS G 225 -4.06 -25.59 -41.81
CA LYS G 225 -2.96 -24.65 -41.65
C LYS G 225 -2.93 -24.13 -40.22
N LYS G 226 -1.77 -23.60 -39.82
CA LYS G 226 -1.58 -23.13 -38.45
C LYS G 226 -2.45 -21.91 -38.20
N ILE G 227 -3.32 -22.01 -37.19
CA ILE G 227 -4.19 -20.90 -36.83
C ILE G 227 -3.34 -19.84 -36.16
N SER G 228 -2.90 -18.84 -36.92
CA SER G 228 -1.90 -17.91 -36.44
C SER G 228 -2.39 -16.47 -36.36
N SER G 229 -2.89 -15.91 -37.47
CA SER G 229 -2.96 -14.46 -37.60
C SER G 229 -4.03 -13.86 -36.69
N ILE G 230 -3.91 -12.55 -36.47
CA ILE G 230 -4.89 -11.83 -35.67
C ILE G 230 -6.24 -11.86 -36.37
N GLN G 231 -6.26 -11.68 -37.68
CA GLN G 231 -7.47 -11.86 -38.46
C GLN G 231 -7.78 -13.34 -38.75
N SER G 232 -7.01 -14.27 -38.19
CA SER G 232 -7.34 -15.68 -38.21
C SER G 232 -8.02 -16.15 -36.93
N ILE G 233 -7.88 -15.42 -35.82
CA ILE G 233 -8.38 -15.88 -34.54
C ILE G 233 -9.40 -14.91 -33.95
N VAL G 234 -9.31 -13.63 -34.29
CA VAL G 234 -10.20 -12.63 -33.70
C VAL G 234 -11.61 -12.71 -34.29
N PRO G 235 -11.81 -12.86 -35.61
CA PRO G 235 -13.15 -13.29 -36.06
C PRO G 235 -13.58 -14.63 -35.48
N ALA G 236 -12.64 -15.57 -35.37
CA ALA G 236 -12.95 -16.87 -34.77
C ALA G 236 -13.32 -16.74 -33.30
N LEU G 237 -12.58 -15.91 -32.56
CA LEU G 237 -12.92 -15.67 -31.14
C LEU G 237 -14.26 -14.98 -31.00
N GLU G 238 -14.55 -14.01 -31.88
CA GLU G 238 -15.83 -13.31 -31.83
C GLU G 238 -16.99 -14.27 -32.09
N ILE G 239 -16.85 -15.12 -33.12
CA ILE G 239 -17.91 -16.06 -33.47
C ILE G 239 -18.08 -17.11 -32.37
N ALA G 240 -16.98 -17.60 -31.79
CA ALA G 240 -17.08 -18.65 -30.79
C ALA G 240 -17.60 -18.11 -29.46
N ASN G 241 -16.95 -17.08 -28.91
CA ASN G 241 -17.33 -16.56 -27.60
C ASN G 241 -18.68 -15.85 -27.66
N ALA G 242 -18.97 -15.18 -28.76
CA ALA G 242 -20.24 -14.46 -28.91
C ALA G 242 -21.43 -15.39 -29.06
N HIS G 243 -21.22 -16.67 -29.38
CA HIS G 243 -22.31 -17.62 -29.55
C HIS G 243 -22.77 -18.24 -28.22
N ARG G 244 -22.12 -17.86 -27.11
CA ARG G 244 -22.33 -18.46 -25.78
C ARG G 244 -21.94 -19.93 -25.76
N LYS G 245 -20.81 -20.27 -26.40
CA LYS G 245 -20.28 -21.62 -26.40
C LYS G 245 -18.76 -21.48 -26.29
N PRO G 246 -18.10 -22.26 -25.45
CA PRO G 246 -16.64 -22.18 -25.35
C PRO G 246 -15.98 -22.73 -26.61
N LEU G 247 -14.67 -22.53 -26.70
CA LEU G 247 -13.93 -22.80 -27.94
C LEU G 247 -12.78 -23.75 -27.68
N VAL G 248 -12.69 -24.80 -28.49
CA VAL G 248 -11.53 -25.68 -28.53
C VAL G 248 -10.84 -25.49 -29.87
N ILE G 249 -9.52 -25.33 -29.84
CA ILE G 249 -8.72 -24.98 -31.02
C ILE G 249 -7.77 -26.14 -31.33
N ILE G 250 -7.86 -26.65 -32.55
CA ILE G 250 -6.96 -27.69 -33.05
C ILE G 250 -6.23 -27.12 -34.27
N ALA G 251 -4.90 -27.20 -34.25
CA ALA G 251 -4.06 -26.66 -35.32
C ALA G 251 -2.72 -27.39 -35.28
N GLU G 252 -1.87 -27.10 -36.29
CA GLU G 252 -0.61 -27.83 -36.39
C GLU G 252 0.40 -27.34 -35.36
N ASP G 253 0.82 -26.09 -35.46
CA ASP G 253 1.81 -25.55 -34.54
C ASP G 253 1.41 -24.15 -34.14
N VAL G 254 1.42 -23.91 -32.82
CA VAL G 254 0.87 -22.71 -32.21
C VAL G 254 1.95 -22.17 -31.26
N ASP G 255 2.70 -21.15 -31.69
CA ASP G 255 3.81 -20.62 -30.90
C ASP G 255 4.02 -19.13 -31.21
N GLY G 256 3.99 -18.27 -30.18
CA GLY G 256 4.07 -16.83 -30.41
C GLY G 256 3.12 -15.91 -29.69
N GLU G 257 2.18 -15.27 -30.40
CA GLU G 257 1.37 -14.17 -29.88
C GLU G 257 -0.10 -14.47 -29.61
N ALA G 258 -0.79 -15.16 -30.54
CA ALA G 258 -2.25 -15.26 -30.44
C ALA G 258 -2.69 -16.09 -29.23
N LEU G 259 -1.86 -17.03 -28.78
CA LEU G 259 -2.08 -17.69 -27.50
C LEU G 259 -1.90 -16.72 -26.33
N SER G 260 -1.01 -15.74 -26.45
CA SER G 260 -0.93 -14.72 -25.40
C SER G 260 -2.16 -13.83 -25.41
N THR G 261 -2.76 -13.59 -26.58
CA THR G 261 -4.07 -12.94 -26.63
C THR G 261 -5.13 -13.81 -25.95
N LEU G 262 -5.06 -15.13 -26.17
CA LEU G 262 -5.96 -16.07 -25.50
C LEU G 262 -5.79 -16.03 -23.99
N VAL G 263 -4.54 -15.95 -23.52
CA VAL G 263 -4.27 -15.86 -22.08
C VAL G 263 -4.75 -14.52 -21.53
N LEU G 264 -4.60 -13.44 -22.31
CA LEU G 264 -5.08 -12.13 -21.88
C LEU G 264 -6.60 -12.10 -21.78
N ASN G 265 -7.29 -12.88 -22.61
CA ASN G 265 -8.74 -12.99 -22.45
C ASN G 265 -9.14 -14.02 -21.38
N ARG G 266 -8.26 -14.98 -21.11
CA ARG G 266 -8.53 -16.00 -20.10
C ARG G 266 -8.37 -15.47 -18.67
N LEU G 267 -7.34 -14.66 -18.44
CA LEU G 267 -7.00 -14.25 -17.08
C LEU G 267 -7.64 -12.94 -16.67
N LYS G 268 -7.93 -12.06 -17.62
CA LYS G 268 -8.52 -10.76 -17.29
C LYS G 268 -10.04 -10.83 -17.26
N VAL G 269 -10.66 -11.22 -18.37
CA VAL G 269 -12.11 -11.25 -18.48
C VAL G 269 -12.68 -12.66 -18.40
N GLY G 270 -11.85 -13.70 -18.53
CA GLY G 270 -12.31 -15.07 -18.41
C GLY G 270 -12.95 -15.65 -19.65
N LEU G 271 -12.18 -15.78 -20.72
CA LEU G 271 -12.64 -16.48 -21.92
C LEU G 271 -12.36 -17.98 -21.79
N GLN G 272 -13.39 -18.78 -22.04
CA GLN G 272 -13.28 -20.24 -21.95
C GLN G 272 -12.76 -20.76 -23.28
N VAL G 273 -11.44 -20.89 -23.40
CA VAL G 273 -10.80 -21.31 -24.63
C VAL G 273 -9.64 -22.24 -24.29
N VAL G 274 -9.31 -23.12 -25.23
CA VAL G 274 -8.17 -24.03 -25.10
C VAL G 274 -7.67 -24.35 -26.51
N ALA G 275 -6.36 -24.53 -26.63
CA ALA G 275 -5.71 -24.81 -27.91
C ALA G 275 -4.88 -26.08 -27.80
N VAL G 276 -5.06 -26.99 -28.77
CA VAL G 276 -4.41 -28.29 -28.78
C VAL G 276 -3.71 -28.47 -30.11
N LYS G 277 -2.46 -28.91 -30.08
CA LYS G 277 -1.73 -29.23 -31.30
C LYS G 277 -2.36 -30.43 -32.01
N ALA G 278 -2.24 -30.45 -33.33
CA ALA G 278 -2.82 -31.54 -34.12
C ALA G 278 -1.86 -32.72 -34.17
N PRO G 279 -2.34 -33.94 -33.96
CA PRO G 279 -1.48 -35.12 -34.10
C PRO G 279 -1.28 -35.48 -35.56
N GLY G 280 -0.22 -36.24 -35.81
CA GLY G 280 0.04 -36.71 -37.16
C GLY G 280 1.20 -35.99 -37.80
N PHE G 281 2.11 -36.77 -38.38
CA PHE G 281 3.31 -36.22 -39.01
C PHE G 281 3.27 -36.39 -40.53
N GLY G 282 2.10 -36.20 -41.13
CA GLY G 282 1.97 -36.32 -42.57
C GLY G 282 0.53 -36.31 -43.04
N ASP G 283 0.19 -37.22 -43.96
CA ASP G 283 -1.19 -37.34 -44.41
C ASP G 283 -2.11 -37.88 -43.33
N ASN G 284 -1.55 -38.58 -42.33
CA ASN G 284 -2.36 -39.04 -41.21
C ASN G 284 -2.86 -37.88 -40.37
N ARG G 285 -2.10 -36.78 -40.30
CA ARG G 285 -2.56 -35.57 -39.63
C ARG G 285 -3.84 -35.05 -40.28
N LYS G 286 -3.84 -34.93 -41.61
CA LYS G 286 -5.01 -34.46 -42.33
C LYS G 286 -6.17 -35.45 -42.23
N ASN G 287 -5.86 -36.75 -42.25
CA ASN G 287 -6.90 -37.76 -42.15
C ASN G 287 -7.61 -37.72 -40.80
N GLN G 288 -6.84 -37.65 -39.71
CA GLN G 288 -7.43 -37.55 -38.38
C GLN G 288 -8.14 -36.22 -38.19
N LEU G 289 -7.61 -35.16 -38.80
CA LEU G 289 -8.25 -33.84 -38.76
C LEU G 289 -9.63 -33.89 -39.41
N LYS G 290 -9.72 -34.51 -40.59
CA LYS G 290 -11.00 -34.66 -41.28
C LYS G 290 -11.93 -35.58 -40.51
N ASP G 291 -11.40 -36.61 -39.85
CA ASP G 291 -12.24 -37.50 -39.05
C ASP G 291 -12.85 -36.78 -37.85
N MET G 292 -12.06 -35.96 -37.15
CA MET G 292 -12.61 -35.21 -36.03
C MET G 292 -13.55 -34.11 -36.50
N ALA G 293 -13.31 -33.53 -37.68
CA ALA G 293 -14.24 -32.54 -38.20
C ALA G 293 -15.57 -33.18 -38.62
N ILE G 294 -15.52 -34.42 -39.13
CA ILE G 294 -16.75 -35.13 -39.45
C ILE G 294 -17.50 -35.52 -38.18
N ALA G 295 -16.77 -36.03 -37.18
CA ALA G 295 -17.40 -36.48 -35.95
C ALA G 295 -17.96 -35.32 -35.13
N THR G 296 -17.37 -34.13 -35.24
CA THR G 296 -17.85 -32.98 -34.49
C THR G 296 -18.87 -32.16 -35.25
N GLY G 297 -18.96 -32.31 -36.57
CA GLY G 297 -19.87 -31.54 -37.38
C GLY G 297 -19.26 -30.29 -37.99
N GLY G 298 -18.07 -29.89 -37.55
CA GLY G 298 -17.42 -28.72 -38.08
C GLY G 298 -16.71 -29.01 -39.40
N ALA G 299 -15.95 -28.01 -39.86
CA ALA G 299 -15.23 -28.11 -41.11
C ALA G 299 -13.73 -28.02 -40.88
N VAL G 300 -12.98 -28.08 -41.96
CA VAL G 300 -11.54 -27.95 -41.94
C VAL G 300 -11.17 -26.66 -42.63
N PHE G 301 -10.29 -25.88 -42.01
CA PHE G 301 -9.85 -24.61 -42.57
C PHE G 301 -8.40 -24.70 -43.05
N GLY G 302 -8.04 -23.78 -43.93
CA GLY G 302 -6.69 -23.73 -44.47
C GLY G 302 -6.28 -24.95 -45.25
N GLU G 303 -7.23 -25.60 -45.93
CA GLU G 303 -6.94 -26.83 -46.63
C GLU G 303 -6.39 -26.55 -48.02
N GLU G 304 -5.74 -27.56 -48.60
CA GLU G 304 -5.18 -27.43 -49.94
C GLU G 304 -6.28 -27.45 -51.00
N GLY G 305 -7.25 -28.35 -50.86
CA GLY G 305 -8.27 -28.52 -51.87
C GLY G 305 -9.33 -27.44 -51.90
N LEU G 306 -10.15 -27.34 -50.84
CA LEU G 306 -11.26 -26.40 -50.84
C LEU G 306 -10.81 -24.97 -50.59
N THR G 307 -9.68 -24.79 -49.86
CA THR G 307 -9.13 -23.49 -49.47
C THR G 307 -10.16 -22.64 -48.72
N LEU G 308 -10.60 -23.18 -47.59
CA LEU G 308 -11.50 -22.46 -46.68
C LEU G 308 -10.66 -21.70 -45.66
N ASN G 309 -10.83 -20.38 -45.63
CA ASN G 309 -9.98 -19.51 -44.84
C ASN G 309 -10.58 -19.24 -43.46
N LEU G 310 -9.71 -18.87 -42.54
CA LEU G 310 -10.10 -18.55 -41.16
C LEU G 310 -10.44 -17.08 -40.98
N GLU G 311 -10.47 -16.30 -42.06
CA GLU G 311 -11.02 -14.95 -41.99
C GLU G 311 -12.54 -14.98 -42.09
N ASP G 312 -13.07 -15.68 -43.09
CA ASP G 312 -14.51 -15.81 -43.29
C ASP G 312 -14.99 -17.10 -42.62
N VAL G 313 -15.19 -17.02 -41.31
CA VAL G 313 -15.71 -18.13 -40.51
C VAL G 313 -17.20 -17.91 -40.30
N GLN G 314 -17.94 -19.00 -40.24
CA GLN G 314 -19.37 -18.99 -39.94
C GLN G 314 -19.64 -19.90 -38.76
N PRO G 315 -20.72 -19.63 -38.01
CA PRO G 315 -21.08 -20.51 -36.89
C PRO G 315 -21.38 -21.95 -37.29
N HIS G 316 -21.79 -22.20 -38.53
CA HIS G 316 -22.07 -23.56 -39.00
C HIS G 316 -20.84 -24.26 -39.55
N ASP G 317 -19.64 -23.81 -39.17
CA ASP G 317 -18.40 -24.51 -39.50
C ASP G 317 -17.62 -24.93 -38.27
N LEU G 318 -18.17 -24.71 -37.08
CA LEU G 318 -17.54 -25.08 -35.82
C LEU G 318 -18.21 -26.31 -35.25
N GLY G 319 -17.42 -27.34 -34.95
CA GLY G 319 -17.97 -28.55 -34.40
C GLY G 319 -18.38 -28.39 -32.94
N LYS G 320 -19.32 -29.24 -32.52
CA LYS G 320 -19.87 -29.19 -31.17
C LYS G 320 -19.65 -30.53 -30.49
N VAL G 321 -18.93 -30.52 -29.38
CA VAL G 321 -18.80 -31.70 -28.51
C VAL G 321 -19.66 -31.50 -27.29
N GLY G 322 -19.89 -32.58 -26.55
CA GLY G 322 -20.56 -32.48 -25.26
C GLY G 322 -19.61 -32.33 -24.08
N GLU G 323 -18.38 -32.80 -24.22
CA GLU G 323 -17.37 -32.70 -23.18
C GLU G 323 -15.99 -32.76 -23.82
N VAL G 324 -15.05 -32.00 -23.28
CA VAL G 324 -13.66 -32.04 -23.72
C VAL G 324 -12.76 -32.00 -22.49
N ILE G 325 -11.77 -32.89 -22.46
CA ILE G 325 -10.78 -32.95 -21.39
C ILE G 325 -9.41 -32.77 -22.03
N VAL G 326 -8.69 -31.73 -21.61
CA VAL G 326 -7.36 -31.43 -22.11
C VAL G 326 -6.38 -31.52 -20.94
N THR G 327 -5.49 -32.51 -21.00
CA THR G 327 -4.46 -32.69 -19.99
C THR G 327 -3.13 -32.18 -20.52
N LYS G 328 -2.06 -32.41 -19.76
CA LYS G 328 -0.74 -31.93 -20.16
C LYS G 328 -0.20 -32.71 -21.34
N ASP G 329 -0.47 -34.02 -21.40
CA ASP G 329 0.10 -34.88 -22.43
C ASP G 329 -0.92 -35.40 -23.44
N ASP G 330 -2.22 -35.26 -23.17
CA ASP G 330 -3.22 -35.78 -24.08
C ASP G 330 -4.52 -34.99 -23.93
N ALA G 331 -5.26 -34.90 -25.04
CA ALA G 331 -6.57 -34.27 -25.06
C ALA G 331 -7.57 -35.22 -25.69
N MET G 332 -8.85 -35.00 -25.38
CA MET G 332 -9.89 -35.93 -25.81
C MET G 332 -11.21 -35.20 -25.98
N LEU G 333 -12.02 -35.69 -26.93
CA LEU G 333 -13.33 -35.13 -27.22
C LEU G 333 -14.41 -36.15 -26.91
N LEU G 334 -15.53 -35.68 -26.35
CA LEU G 334 -16.62 -36.54 -25.94
C LEU G 334 -17.94 -36.05 -26.53
N LYS G 335 -18.68 -36.98 -27.16
CA LYS G 335 -20.05 -36.78 -27.63
C LYS G 335 -20.15 -35.60 -28.60
N GLY G 336 -19.48 -35.78 -29.75
CA GLY G 336 -19.57 -34.78 -30.80
C GLY G 336 -20.95 -34.75 -31.43
N LYS G 337 -21.36 -33.56 -31.87
CA LYS G 337 -22.68 -33.34 -32.45
C LYS G 337 -22.68 -33.46 -33.97
N GLY G 338 -21.75 -34.23 -34.53
CA GLY G 338 -21.73 -34.42 -35.97
C GLY G 338 -22.87 -35.31 -36.44
N ASP G 339 -23.12 -35.26 -37.75
CA ASP G 339 -24.17 -36.07 -38.34
C ASP G 339 -23.77 -37.53 -38.36
N LYS G 340 -24.71 -38.41 -38.00
CA LYS G 340 -24.44 -39.84 -37.96
C LYS G 340 -24.22 -40.40 -39.37
N ALA G 341 -24.91 -39.87 -40.37
CA ALA G 341 -24.74 -40.34 -41.74
C ALA G 341 -23.34 -40.03 -42.27
N GLN G 342 -22.83 -38.83 -41.97
CA GLN G 342 -21.47 -38.47 -42.41
C GLN G 342 -20.42 -39.30 -41.69
N ILE G 343 -20.66 -39.59 -40.41
CA ILE G 343 -19.77 -40.47 -39.66
C ILE G 343 -19.76 -41.87 -40.27
N GLU G 344 -20.93 -42.38 -40.65
CA GLU G 344 -21.01 -43.70 -41.28
C GLU G 344 -20.33 -43.70 -42.65
N LYS G 345 -20.45 -42.59 -43.39
CA LYS G 345 -19.75 -42.47 -44.68
C LYS G 345 -18.24 -42.49 -44.49
N ARG G 346 -17.74 -41.80 -43.47
CA ARG G 346 -16.30 -41.84 -43.20
C ARG G 346 -15.85 -43.22 -42.72
N ILE G 347 -16.68 -43.92 -41.94
CA ILE G 347 -16.32 -45.26 -41.50
C ILE G 347 -16.26 -46.21 -42.68
N GLN G 348 -17.20 -46.10 -43.62
CA GLN G 348 -17.16 -46.97 -44.79
C GLN G 348 -16.03 -46.59 -45.74
N GLU G 349 -15.67 -45.31 -45.79
CA GLU G 349 -14.49 -44.91 -46.55
C GLU G 349 -13.21 -45.48 -45.94
N ILE G 350 -13.13 -45.51 -44.61
CA ILE G 350 -11.99 -46.11 -43.94
C ILE G 350 -11.93 -47.61 -44.18
N ILE G 351 -13.09 -48.27 -44.20
CA ILE G 351 -13.15 -49.70 -44.54
C ILE G 351 -12.68 -49.94 -45.98
N GLU G 352 -13.11 -49.08 -46.91
CA GLU G 352 -12.71 -49.26 -48.31
C GLU G 352 -11.25 -48.89 -48.53
N GLN G 353 -10.66 -48.08 -47.65
CA GLN G 353 -9.22 -47.85 -47.70
C GLN G 353 -8.45 -49.01 -47.07
N LEU G 354 -9.03 -49.64 -46.04
CA LEU G 354 -8.43 -50.83 -45.45
C LEU G 354 -8.49 -52.01 -46.42
N ASP G 355 -9.42 -51.98 -47.36
CA ASP G 355 -9.53 -53.06 -48.33
C ASP G 355 -8.54 -52.93 -49.48
N VAL G 356 -7.79 -51.84 -49.56
CA VAL G 356 -6.86 -51.63 -50.69
C VAL G 356 -5.46 -51.30 -50.18
N THR G 357 -5.15 -51.65 -48.94
CA THR G 357 -3.84 -51.38 -48.36
C THR G 357 -3.21 -52.68 -47.85
N THR G 358 -1.91 -52.84 -48.13
CA THR G 358 -1.19 -54.04 -47.70
C THR G 358 0.21 -53.72 -47.21
N SER G 359 0.51 -52.46 -46.89
CA SER G 359 1.85 -52.08 -46.44
C SER G 359 2.10 -52.39 -44.97
N GLU G 360 1.08 -52.84 -44.23
CA GLU G 360 1.14 -53.25 -42.84
C GLU G 360 1.61 -52.16 -41.88
N TYR G 361 1.61 -50.90 -42.32
CA TYR G 361 1.83 -49.78 -41.40
C TYR G 361 0.75 -48.72 -41.52
N GLU G 362 0.24 -48.47 -42.73
CA GLU G 362 -0.94 -47.62 -42.86
C GLU G 362 -2.21 -48.35 -42.45
N LYS G 363 -2.18 -49.69 -42.45
CA LYS G 363 -3.35 -50.47 -42.06
C LYS G 363 -3.65 -50.30 -40.57
N GLU G 364 -2.62 -50.19 -39.74
CA GLU G 364 -2.87 -50.01 -38.32
C GLU G 364 -3.29 -48.56 -38.01
N LYS G 365 -2.83 -47.60 -38.82
CA LYS G 365 -3.33 -46.24 -38.69
C LYS G 365 -4.79 -46.14 -39.08
N LEU G 366 -5.19 -46.83 -40.15
CA LEU G 366 -6.60 -46.86 -40.55
C LEU G 366 -7.44 -47.59 -39.50
N ASN G 367 -6.90 -48.66 -38.92
CA ASN G 367 -7.62 -49.37 -37.86
C ASN G 367 -7.75 -48.52 -36.61
N GLU G 368 -6.74 -47.71 -36.29
CA GLU G 368 -6.84 -46.80 -35.16
C GLU G 368 -7.88 -45.71 -35.42
N ARG G 369 -7.94 -45.19 -36.66
CA ARG G 369 -8.97 -44.22 -37.00
C ARG G 369 -10.36 -44.83 -36.91
N LEU G 370 -10.49 -46.10 -37.33
CA LEU G 370 -11.78 -46.79 -37.24
C LEU G 370 -12.17 -47.03 -35.79
N ALA G 371 -11.20 -47.39 -34.94
CA ALA G 371 -11.49 -47.59 -33.52
C ALA G 371 -11.81 -46.29 -32.83
N LYS G 372 -11.24 -45.17 -33.31
CA LYS G 372 -11.60 -43.86 -32.78
C LYS G 372 -13.02 -43.49 -33.16
N LEU G 373 -13.39 -43.65 -34.44
CA LEU G 373 -14.69 -43.21 -34.92
C LEU G 373 -15.83 -44.17 -34.59
N SER G 374 -15.54 -45.42 -34.24
CA SER G 374 -16.57 -46.46 -34.24
C SER G 374 -16.98 -46.91 -32.85
N ASP G 375 -16.05 -47.39 -32.03
CA ASP G 375 -16.44 -48.07 -30.80
C ASP G 375 -16.51 -47.17 -29.59
N GLY G 376 -15.92 -45.98 -29.63
CA GLY G 376 -16.06 -45.05 -28.54
C GLY G 376 -15.13 -45.35 -27.36
N VAL G 377 -15.53 -44.85 -26.20
CA VAL G 377 -14.70 -44.87 -25.00
C VAL G 377 -15.49 -45.54 -23.88
N ALA G 378 -14.81 -45.73 -22.75
CA ALA G 378 -15.42 -46.24 -21.53
C ALA G 378 -15.27 -45.22 -20.41
N VAL G 379 -16.33 -45.05 -19.61
CA VAL G 379 -16.35 -44.09 -18.52
C VAL G 379 -16.81 -44.82 -17.26
N LEU G 380 -15.94 -44.84 -16.25
CA LEU G 380 -16.29 -45.38 -14.93
C LEU G 380 -16.72 -44.24 -14.03
N LYS G 381 -17.97 -44.31 -13.54
CA LYS G 381 -18.48 -43.37 -12.56
C LYS G 381 -18.42 -44.03 -11.19
N VAL G 382 -17.68 -43.42 -10.28
CA VAL G 382 -17.33 -44.03 -9.00
C VAL G 382 -18.37 -43.65 -7.96
N GLY G 383 -18.90 -44.65 -7.25
CA GLY G 383 -19.95 -44.42 -6.29
C GLY G 383 -19.43 -44.17 -4.88
N GLY G 384 -20.34 -43.76 -4.01
CA GLY G 384 -20.01 -43.39 -2.65
C GLY G 384 -21.01 -42.38 -2.13
N THR G 385 -20.94 -42.14 -0.81
CA THR G 385 -21.91 -41.26 -0.16
C THR G 385 -21.35 -39.89 0.14
N SER G 386 -20.04 -39.76 0.24
CA SER G 386 -19.37 -38.48 0.47
C SER G 386 -18.19 -38.37 -0.50
N ASP G 387 -17.65 -37.15 -0.59
CA ASP G 387 -16.60 -36.89 -1.57
C ASP G 387 -15.28 -37.53 -1.17
N VAL G 388 -15.09 -37.83 0.12
CA VAL G 388 -13.82 -38.41 0.56
C VAL G 388 -13.74 -39.88 0.18
N GLU G 389 -14.86 -40.61 0.34
CA GLU G 389 -14.89 -42.01 -0.08
C GLU G 389 -14.78 -42.12 -1.60
N VAL G 390 -15.44 -41.22 -2.32
CA VAL G 390 -15.35 -41.20 -3.78
C VAL G 390 -13.93 -40.91 -4.22
N ASN G 391 -13.24 -39.99 -3.54
CA ASN G 391 -11.88 -39.64 -3.92
C ASN G 391 -10.91 -40.79 -3.62
N GLU G 392 -11.12 -41.50 -2.52
CA GLU G 392 -10.24 -42.63 -2.17
C GLU G 392 -10.46 -43.80 -3.12
N LYS G 393 -11.72 -44.11 -3.43
CA LYS G 393 -12.01 -45.15 -4.40
C LYS G 393 -11.56 -44.75 -5.80
N LYS G 394 -11.61 -43.46 -6.14
CA LYS G 394 -11.12 -43.00 -7.43
C LYS G 394 -9.61 -43.16 -7.54
N ASP G 395 -8.87 -42.90 -6.46
CA ASP G 395 -7.44 -43.17 -6.46
C ASP G 395 -7.16 -44.66 -6.67
N ARG G 396 -7.95 -45.53 -6.02
CA ARG G 396 -7.77 -46.96 -6.20
C ARG G 396 -8.10 -47.40 -7.63
N VAL G 397 -9.16 -46.83 -8.22
CA VAL G 397 -9.54 -47.18 -9.59
C VAL G 397 -8.49 -46.70 -10.59
N THR G 398 -7.91 -45.52 -10.34
CA THR G 398 -6.83 -45.03 -11.18
C THR G 398 -5.60 -45.93 -11.10
N ASP G 399 -5.25 -46.37 -9.89
CA ASP G 399 -4.14 -47.32 -9.73
C ASP G 399 -4.42 -48.62 -10.47
N ALA G 400 -5.65 -49.11 -10.38
CA ALA G 400 -5.99 -50.38 -11.03
C ALA G 400 -5.97 -50.27 -12.55
N LEU G 401 -6.47 -49.16 -13.10
CA LEU G 401 -6.40 -48.94 -14.54
C LEU G 401 -4.96 -48.81 -15.03
N ASN G 402 -4.13 -48.06 -14.29
CA ASN G 402 -2.73 -47.89 -14.66
C ASN G 402 -1.99 -49.22 -14.65
N ALA G 403 -2.18 -50.00 -13.58
CA ALA G 403 -1.55 -51.32 -13.48
C ALA G 403 -2.04 -52.26 -14.56
N THR G 404 -3.34 -52.25 -14.87
CA THR G 404 -3.86 -53.12 -15.90
C THR G 404 -3.30 -52.76 -17.27
N ARG G 405 -3.15 -51.46 -17.56
CA ARG G 405 -2.52 -51.06 -18.82
C ARG G 405 -1.05 -51.48 -18.87
N ALA G 406 -0.34 -51.36 -17.75
CA ALA G 406 1.06 -51.79 -17.71
C ALA G 406 1.19 -53.30 -17.85
N ALA G 407 0.21 -54.06 -17.36
CA ALA G 407 0.26 -55.50 -17.47
C ALA G 407 -0.14 -55.98 -18.85
N VAL G 408 -1.00 -55.23 -19.54
CA VAL G 408 -1.24 -55.50 -20.96
C VAL G 408 0.02 -55.23 -21.77
N GLU G 409 0.69 -54.11 -21.51
CA GLU G 409 1.78 -53.70 -22.39
C GLU G 409 3.10 -54.42 -22.10
N GLU G 410 3.31 -54.94 -20.89
CA GLU G 410 4.59 -55.57 -20.62
C GLU G 410 4.50 -56.97 -20.01
N GLY G 411 3.40 -57.28 -19.33
CA GLY G 411 3.23 -58.60 -18.76
C GLY G 411 3.13 -58.54 -17.26
N ILE G 412 3.14 -59.71 -16.63
CA ILE G 412 2.97 -59.82 -15.19
C ILE G 412 4.09 -60.65 -14.57
N VAL G 413 4.33 -60.39 -13.29
CA VAL G 413 5.20 -61.18 -12.44
C VAL G 413 4.45 -61.51 -11.16
N LEU G 414 5.13 -62.19 -10.24
CA LEU G 414 4.52 -62.55 -8.97
C LEU G 414 4.39 -61.33 -8.07
N GLY G 415 3.27 -61.25 -7.35
CA GLY G 415 3.00 -60.13 -6.47
C GLY G 415 3.50 -60.35 -5.06
N GLY G 416 3.23 -59.37 -4.21
CA GLY G 416 3.61 -59.44 -2.82
C GLY G 416 5.09 -59.25 -2.54
N GLY G 417 5.82 -58.62 -3.45
CA GLY G 417 7.26 -58.47 -3.30
C GLY G 417 8.06 -59.72 -3.56
N CYS G 418 7.44 -60.77 -4.10
CA CYS G 418 8.15 -62.01 -4.37
C CYS G 418 8.95 -61.97 -5.66
N ALA G 419 8.58 -61.11 -6.61
CA ALA G 419 9.32 -61.02 -7.86
C ALA G 419 10.66 -60.33 -7.66
N LEU G 420 10.79 -59.54 -6.58
CA LEU G 420 12.10 -59.00 -6.21
C LEU G 420 12.88 -59.99 -5.35
N LEU G 421 12.16 -60.85 -4.61
CA LEU G 421 12.84 -61.89 -3.84
C LEU G 421 13.42 -62.97 -4.75
N ARG G 422 12.82 -63.19 -5.91
CA ARG G 422 13.30 -64.22 -6.83
C ARG G 422 14.51 -63.76 -7.65
N CYS G 423 14.90 -62.49 -7.59
CA CYS G 423 16.04 -61.97 -8.32
C CYS G 423 17.32 -61.95 -7.51
N ILE G 424 17.29 -62.46 -6.28
CA ILE G 424 18.52 -62.51 -5.46
C ILE G 424 19.60 -63.40 -6.05
N PRO G 425 19.34 -64.63 -6.55
CA PRO G 425 20.45 -65.41 -7.15
C PRO G 425 21.10 -64.75 -8.35
N ALA G 426 20.37 -63.91 -9.10
CA ALA G 426 20.99 -63.15 -10.18
C ALA G 426 22.05 -62.20 -9.65
N LEU G 427 21.83 -61.65 -8.45
CA LEU G 427 22.88 -60.87 -7.79
C LEU G 427 23.93 -61.78 -7.17
N ASP G 428 23.56 -63.02 -6.83
CA ASP G 428 24.54 -63.97 -6.33
C ASP G 428 25.41 -64.56 -7.42
N SER G 429 25.14 -64.24 -8.68
CA SER G 429 25.99 -64.67 -9.78
C SER G 429 26.81 -63.53 -10.39
N LEU G 430 26.76 -62.35 -9.80
CA LEU G 430 27.52 -61.22 -10.29
C LEU G 430 28.96 -61.26 -9.77
N THR G 431 29.87 -60.68 -10.56
CA THR G 431 31.27 -60.55 -10.17
C THR G 431 31.62 -59.07 -10.08
N PRO G 432 31.76 -58.51 -8.88
CA PRO G 432 32.06 -57.08 -8.76
C PRO G 432 33.45 -56.73 -9.26
N ALA G 433 33.57 -55.52 -9.82
CA ALA G 433 34.87 -55.01 -10.24
C ALA G 433 35.79 -54.78 -9.04
N ASN G 434 35.31 -54.07 -8.02
CA ASN G 434 36.10 -53.77 -6.84
C ASN G 434 35.21 -53.87 -5.61
N GLU G 435 35.70 -53.36 -4.48
CA GLU G 435 35.03 -53.55 -3.20
C GLU G 435 33.80 -52.65 -3.07
N ASP G 436 33.88 -51.42 -3.57
CA ASP G 436 32.75 -50.50 -3.48
C ASP G 436 31.58 -50.96 -4.37
N GLN G 437 31.91 -51.53 -5.53
CA GLN G 437 30.86 -52.11 -6.37
C GLN G 437 30.21 -53.31 -5.68
N LYS G 438 31.00 -54.11 -4.97
CA LYS G 438 30.45 -55.20 -4.18
C LYS G 438 29.55 -54.68 -3.07
N ILE G 439 29.92 -53.55 -2.47
CA ILE G 439 29.09 -52.91 -1.45
C ILE G 439 27.75 -52.48 -2.05
N GLY G 440 27.78 -51.91 -3.25
CA GLY G 440 26.53 -51.52 -3.91
C GLY G 440 25.65 -52.70 -4.27
N ILE G 441 26.27 -53.79 -4.75
CA ILE G 441 25.51 -55.01 -5.05
C ILE G 441 24.88 -55.59 -3.80
N GLU G 442 25.62 -55.62 -2.69
CA GLU G 442 25.06 -56.10 -1.43
C GLU G 442 23.96 -55.18 -0.91
N ILE G 443 24.08 -53.87 -1.15
CA ILE G 443 23.02 -52.93 -0.77
C ILE G 443 21.73 -53.26 -1.52
N ILE G 444 21.84 -53.48 -2.84
CA ILE G 444 20.66 -53.81 -3.62
C ILE G 444 20.10 -55.19 -3.24
N LYS G 445 21.00 -56.12 -2.89
CA LYS G 445 20.58 -57.46 -2.48
C LYS G 445 19.81 -57.43 -1.17
N ARG G 446 20.21 -56.56 -0.24
CA ARG G 446 19.43 -56.40 0.99
C ARG G 446 18.17 -55.59 0.73
N THR G 447 18.19 -54.69 -0.25
CA THR G 447 17.01 -53.90 -0.57
C THR G 447 15.91 -54.74 -1.22
N LEU G 448 16.28 -55.84 -1.87
CA LEU G 448 15.29 -56.65 -2.58
C LEU G 448 14.34 -57.40 -1.66
N LYS G 449 14.61 -57.45 -0.35
CA LYS G 449 13.73 -58.09 0.61
C LYS G 449 12.72 -57.13 1.23
N ILE G 450 12.81 -55.85 0.94
CA ILE G 450 12.09 -54.79 1.64
C ILE G 450 10.58 -54.74 1.33
N PRO G 451 10.11 -54.82 0.06
CA PRO G 451 8.64 -54.73 -0.14
C PRO G 451 7.84 -55.86 0.49
N ALA G 452 8.34 -57.09 0.43
CA ALA G 452 7.67 -58.21 1.09
C ALA G 452 7.68 -58.04 2.60
N MET G 453 8.79 -57.54 3.16
CA MET G 453 8.87 -57.30 4.60
C MET G 453 7.89 -56.21 5.03
N THR G 454 7.75 -55.15 4.23
CA THR G 454 6.80 -54.09 4.56
C THR G 454 5.36 -54.57 4.47
N ILE G 455 5.05 -55.35 3.44
CA ILE G 455 3.71 -55.94 3.28
C ILE G 455 3.38 -56.83 4.48
N ALA G 456 4.30 -57.74 4.84
CA ALA G 456 4.09 -58.60 6.00
C ALA G 456 4.02 -57.83 7.31
N LYS G 457 4.81 -56.75 7.44
CA LYS G 457 4.82 -55.96 8.66
C LYS G 457 3.49 -55.22 8.85
N ASN G 458 2.91 -54.73 7.76
CA ASN G 458 1.58 -54.15 7.84
C ASN G 458 0.51 -55.18 8.17
N ALA G 459 0.80 -56.46 8.00
CA ALA G 459 -0.13 -57.54 8.32
C ALA G 459 0.01 -58.04 9.75
N GLY G 460 0.83 -57.39 10.57
CA GLY G 460 0.93 -57.76 11.96
C GLY G 460 1.80 -58.97 12.26
N VAL G 461 2.64 -59.40 11.32
CA VAL G 461 3.54 -60.51 11.54
C VAL G 461 4.98 -60.03 11.32
N GLU G 462 5.92 -60.86 11.71
CA GLU G 462 7.34 -60.55 11.54
C GLU G 462 7.75 -60.83 10.11
N GLY G 463 8.13 -59.78 9.37
CA GLY G 463 8.39 -59.90 7.95
C GLY G 463 9.64 -60.68 7.60
N SER G 464 10.62 -60.75 8.51
CA SER G 464 11.86 -61.45 8.18
C SER G 464 11.67 -62.96 8.17
N LEU G 465 10.87 -63.47 9.12
CA LEU G 465 10.48 -64.87 9.11
C LEU G 465 9.74 -65.24 7.84
N ILE G 466 8.69 -64.48 7.51
CA ILE G 466 7.95 -64.63 6.26
C ILE G 466 8.88 -64.67 5.05
N VAL G 467 9.80 -63.71 4.96
CA VAL G 467 10.67 -63.61 3.79
C VAL G 467 11.64 -64.78 3.72
N GLU G 468 12.14 -65.22 4.87
CA GLU G 468 12.98 -66.42 4.91
C GLU G 468 12.20 -67.66 4.47
N LYS G 469 10.95 -67.78 4.92
CA LYS G 469 10.10 -68.88 4.48
C LYS G 469 9.82 -68.83 2.97
N ILE G 470 9.73 -67.63 2.40
CA ILE G 470 9.52 -67.50 0.97
C ILE G 470 10.77 -67.91 0.20
N MET G 471 11.95 -67.58 0.72
CA MET G 471 13.17 -67.91 -0.01
C MET G 471 13.48 -69.40 0.04
N GLN G 472 12.94 -70.11 1.03
CA GLN G 472 13.14 -71.55 1.14
C GLN G 472 12.03 -72.36 0.47
N SER G 473 11.01 -71.70 -0.08
CA SER G 473 9.95 -72.38 -0.80
C SER G 473 10.30 -72.50 -2.27
N SER G 474 9.39 -73.06 -3.05
CA SER G 474 9.58 -73.15 -4.49
C SER G 474 9.31 -71.79 -5.14
N SER G 475 9.55 -71.71 -6.45
CA SER G 475 9.52 -70.44 -7.14
C SER G 475 8.11 -69.88 -7.32
N GLU G 476 7.08 -70.71 -7.19
CA GLU G 476 5.71 -70.26 -7.36
C GLU G 476 4.98 -70.01 -6.05
N VAL G 477 5.68 -70.11 -4.91
CA VAL G 477 5.05 -70.02 -3.59
C VAL G 477 5.50 -68.73 -2.94
N GLY G 478 4.54 -67.91 -2.54
CA GLY G 478 4.81 -66.69 -1.81
C GLY G 478 3.82 -66.52 -0.66
N TYR G 479 3.83 -65.37 -0.02
CA TYR G 479 2.96 -65.10 1.12
C TYR G 479 1.70 -64.40 0.66
N ASP G 480 0.55 -64.83 1.21
CA ASP G 480 -0.72 -64.13 1.02
C ASP G 480 -1.00 -63.39 2.31
N ALA G 481 -0.72 -62.07 2.32
CA ALA G 481 -0.91 -61.29 3.53
C ALA G 481 -2.37 -60.99 3.82
N MET G 482 -3.25 -61.12 2.83
CA MET G 482 -4.68 -61.02 3.08
C MET G 482 -5.19 -62.22 3.86
N ALA G 483 -4.76 -63.42 3.48
CA ALA G 483 -5.22 -64.65 4.13
C ALA G 483 -4.29 -65.11 5.24
N GLY G 484 -3.03 -64.69 5.25
CA GLY G 484 -2.10 -65.16 6.25
C GLY G 484 -1.54 -66.55 6.00
N ASP G 485 -1.47 -66.97 4.73
CA ASP G 485 -0.98 -68.30 4.39
C ASP G 485 -0.01 -68.20 3.23
N PHE G 486 0.83 -69.23 3.11
CA PHE G 486 1.79 -69.33 2.01
C PHE G 486 1.15 -70.13 0.89
N VAL G 487 0.92 -69.48 -0.25
CA VAL G 487 0.11 -70.04 -1.33
C VAL G 487 0.84 -69.92 -2.65
N ASN G 488 0.32 -70.61 -3.66
CA ASN G 488 0.72 -70.39 -5.04
C ASN G 488 0.18 -69.03 -5.50
N MET G 489 1.09 -68.13 -5.85
CA MET G 489 0.69 -66.74 -6.09
C MET G 489 -0.03 -66.56 -7.42
N VAL G 490 0.27 -67.40 -8.40
CA VAL G 490 -0.32 -67.22 -9.74
C VAL G 490 -1.76 -67.71 -9.75
N GLU G 491 -2.04 -68.87 -9.15
CA GLU G 491 -3.39 -69.41 -9.17
C GLU G 491 -4.32 -68.70 -8.19
N LYS G 492 -3.77 -68.00 -7.21
CA LYS G 492 -4.57 -67.18 -6.30
C LYS G 492 -4.74 -65.75 -6.81
N GLY G 493 -4.04 -65.37 -7.87
CA GLY G 493 -4.24 -64.08 -8.50
C GLY G 493 -3.41 -62.94 -7.96
N ILE G 494 -2.49 -63.20 -7.03
CA ILE G 494 -1.67 -62.12 -6.48
C ILE G 494 -0.51 -61.89 -7.43
N ILE G 495 -0.70 -61.01 -8.40
CA ILE G 495 0.26 -60.75 -9.45
C ILE G 495 0.44 -59.24 -9.61
N ASP G 496 1.62 -58.84 -10.08
CA ASP G 496 1.97 -57.46 -10.31
C ASP G 496 2.43 -57.27 -11.74
N PRO G 497 2.23 -56.09 -12.33
CA PRO G 497 2.84 -55.80 -13.63
C PRO G 497 4.34 -55.69 -13.51
N THR G 498 5.04 -56.20 -14.53
CA THR G 498 6.50 -56.16 -14.53
C THR G 498 7.01 -54.72 -14.67
N LYS G 499 6.32 -53.92 -15.48
CA LYS G 499 6.72 -52.53 -15.72
C LYS G 499 6.66 -51.71 -14.44
N VAL G 500 5.64 -51.93 -13.60
CA VAL G 500 5.50 -51.20 -12.35
C VAL G 500 6.66 -51.53 -11.42
N VAL G 501 7.01 -52.81 -11.30
CA VAL G 501 8.06 -53.25 -10.39
C VAL G 501 9.41 -52.72 -10.84
N ARG G 502 9.72 -52.84 -12.13
CA ARG G 502 11.02 -52.36 -12.62
C ARG G 502 11.10 -50.83 -12.59
N THR G 503 9.99 -50.13 -12.82
CA THR G 503 9.97 -48.68 -12.73
C THR G 503 10.22 -48.20 -11.31
N ALA G 504 9.56 -48.85 -10.34
CA ALA G 504 9.76 -48.50 -8.94
C ALA G 504 11.20 -48.74 -8.51
N LEU G 505 11.77 -49.90 -8.90
CA LEU G 505 13.13 -50.21 -8.52
C LEU G 505 14.15 -49.25 -9.14
N LEU G 506 13.99 -48.94 -10.43
CA LEU G 506 14.93 -48.05 -11.10
C LEU G 506 14.85 -46.63 -10.56
N ASP G 507 13.63 -46.12 -10.38
CA ASP G 507 13.46 -44.75 -9.89
C ASP G 507 13.87 -44.62 -8.43
N ALA G 508 13.76 -45.69 -7.64
CA ALA G 508 14.30 -45.65 -6.29
C ALA G 508 15.81 -45.65 -6.31
N ALA G 509 16.40 -46.55 -7.11
CA ALA G 509 17.84 -46.77 -7.07
C ALA G 509 18.62 -45.56 -7.55
N GLY G 510 18.18 -44.93 -8.64
CA GLY G 510 18.93 -43.80 -9.18
C GLY G 510 19.04 -42.65 -8.21
N VAL G 511 17.90 -42.20 -7.69
CA VAL G 511 17.87 -41.06 -6.78
C VAL G 511 18.52 -41.40 -5.45
N ALA G 512 18.29 -42.61 -4.93
CA ALA G 512 18.85 -42.94 -3.62
C ALA G 512 20.37 -43.13 -3.68
N SER G 513 20.89 -43.74 -4.75
CA SER G 513 22.32 -43.88 -4.89
C SER G 513 22.99 -42.54 -5.24
N LEU G 514 22.26 -41.61 -5.85
CA LEU G 514 22.81 -40.27 -6.01
C LEU G 514 22.83 -39.53 -4.67
N LEU G 515 21.83 -39.76 -3.82
CA LEU G 515 21.79 -39.16 -2.50
C LEU G 515 22.92 -39.68 -1.61
N THR G 516 23.27 -40.97 -1.77
CA THR G 516 24.34 -41.56 -0.97
C THR G 516 25.69 -40.91 -1.22
N THR G 517 25.93 -40.41 -2.45
CA THR G 517 27.22 -39.84 -2.83
C THR G 517 27.53 -38.50 -2.17
N ALA G 518 26.62 -37.91 -1.39
CA ALA G 518 26.81 -36.57 -0.87
C ALA G 518 27.76 -36.56 0.33
N GLU G 519 28.49 -35.44 0.46
CA GLU G 519 29.37 -35.21 1.59
C GLU G 519 29.06 -33.87 2.24
N VAL G 520 28.66 -32.90 1.42
CA VAL G 520 28.37 -31.54 1.87
C VAL G 520 26.95 -31.19 1.46
N VAL G 521 26.18 -30.62 2.40
CA VAL G 521 24.81 -30.19 2.13
C VAL G 521 24.71 -28.71 2.46
N VAL G 522 24.18 -27.94 1.50
CA VAL G 522 24.07 -26.48 1.63
C VAL G 522 22.59 -26.12 1.61
N THR G 523 22.13 -25.48 2.69
CA THR G 523 20.76 -24.99 2.80
C THR G 523 20.76 -23.49 3.05
N GLU G 524 19.60 -22.88 2.91
CA GLU G 524 19.44 -21.47 3.19
C GLU G 524 19.15 -21.25 4.67
N ILE G 525 19.58 -20.10 5.17
CA ILE G 525 19.27 -19.73 6.56
C ILE G 525 17.79 -19.42 6.68
N PRO G 526 17.06 -20.05 7.59
CA PRO G 526 15.63 -19.73 7.74
C PRO G 526 15.42 -18.35 8.32
N LYS G 527 14.47 -17.62 7.74
CA LYS G 527 14.20 -16.25 8.12
C LYS G 527 13.08 -16.17 9.17
#